data_5X29
#
_entry.id   5X29
#
_entity_poly.entity_id   1
_entity_poly.type   'polypeptide(L)'
_entity_poly.pdbx_seq_one_letter_code
;MHHHHHHSSGVDLGTENLYFQSMETGTLIVNSVLLFLAFVVFLLVTLAILTALRLAAYAANIVNVSLVKPTVYVYSRVKN
L
;
_entity_poly.pdbx_strand_id   A,B,C,D,E
#
# COMPACT_ATOMS: atom_id res chain seq x y z
N GLU A 24 6.73 -26.77 7.78
CA GLU A 24 7.89 -26.01 7.22
C GLU A 24 8.94 -26.98 6.67
N THR A 25 8.59 -28.25 6.60
CA THR A 25 9.51 -29.27 6.10
C THR A 25 9.40 -29.39 4.58
N GLY A 26 10.14 -28.54 3.86
CA GLY A 26 10.12 -28.56 2.42
C GLY A 26 8.87 -27.92 1.84
N THR A 27 8.24 -27.04 2.62
CA THR A 27 7.02 -26.38 2.17
C THR A 27 7.27 -24.89 1.89
N LEU A 28 7.44 -24.56 0.62
CA LEU A 28 7.66 -23.18 0.21
C LEU A 28 6.32 -22.50 -0.11
N ILE A 29 5.25 -23.28 -0.03
CA ILE A 29 3.90 -22.79 -0.31
C ILE A 29 3.36 -21.93 0.84
N VAL A 30 4.17 -21.76 1.89
CA VAL A 30 3.77 -20.96 3.03
C VAL A 30 4.04 -19.47 2.74
N ASN A 31 4.77 -19.22 1.65
CA ASN A 31 5.10 -17.86 1.23
C ASN A 31 3.89 -17.18 0.60
N SER A 32 2.81 -17.94 0.44
CA SER A 32 1.60 -17.41 -0.15
C SER A 32 0.49 -17.34 0.87
N VAL A 33 0.71 -18.04 1.98
CA VAL A 33 -0.25 -18.05 3.09
C VAL A 33 -0.21 -16.71 3.79
N LEU A 34 0.99 -16.13 3.85
CA LEU A 34 1.19 -14.82 4.47
C LEU A 34 0.68 -13.71 3.55
N LEU A 35 0.62 -14.02 2.26
CA LEU A 35 0.14 -13.07 1.26
C LEU A 35 -1.38 -13.05 1.24
N PHE A 36 -1.99 -14.20 1.58
CA PHE A 36 -3.44 -14.31 1.63
C PHE A 36 -3.95 -13.57 2.87
N LEU A 37 -3.10 -13.46 3.87
CA LEU A 37 -3.42 -12.75 5.10
C LEU A 37 -3.28 -11.24 4.88
N ALA A 38 -2.55 -10.89 3.83
CA ALA A 38 -2.33 -9.49 3.47
C ALA A 38 -3.43 -8.98 2.55
N PHE A 39 -4.30 -9.90 2.11
CA PHE A 39 -5.42 -9.55 1.23
C PHE A 39 -6.69 -9.35 2.03
N VAL A 40 -6.87 -10.18 3.06
CA VAL A 40 -8.04 -10.10 3.92
C VAL A 40 -7.99 -8.84 4.80
N VAL A 41 -6.79 -8.28 4.94
CA VAL A 41 -6.60 -7.07 5.74
C VAL A 41 -6.86 -5.82 4.92
N PHE A 42 -6.56 -5.87 3.61
CA PHE A 42 -6.82 -4.71 2.75
C PHE A 42 -8.31 -4.59 2.46
N LEU A 43 -9.05 -5.63 2.81
CA LEU A 43 -10.49 -5.65 2.63
C LEU A 43 -11.15 -4.69 3.61
N LEU A 44 -10.53 -4.52 4.78
CA LEU A 44 -11.05 -3.62 5.81
C LEU A 44 -10.75 -2.17 5.43
N VAL A 45 -9.75 -1.97 4.58
CA VAL A 45 -9.34 -0.64 4.15
C VAL A 45 -10.17 -0.17 2.94
N THR A 46 -10.21 -1.00 1.90
CA THR A 46 -10.95 -0.67 0.68
C THR A 46 -12.46 -0.58 0.93
N LEU A 47 -12.97 -1.38 1.87
CA LEU A 47 -14.40 -1.37 2.20
C LEU A 47 -14.77 -0.08 2.93
N ALA A 48 -13.80 0.46 3.66
CA ALA A 48 -13.98 1.68 4.43
C ALA A 48 -14.14 2.88 3.51
N ILE A 49 -13.67 2.75 2.27
CA ILE A 49 -13.76 3.83 1.29
C ILE A 49 -15.10 3.83 0.56
N LEU A 50 -15.50 2.67 0.05
CA LEU A 50 -16.77 2.57 -0.68
C LEU A 50 -17.98 2.75 0.24
N THR A 51 -17.82 2.43 1.52
CA THR A 51 -18.90 2.58 2.49
C THR A 51 -19.03 4.05 2.93
N ALA A 52 -17.92 4.78 2.86
CA ALA A 52 -17.91 6.19 3.25
C ALA A 52 -18.48 7.09 2.15
N LEU A 53 -18.54 6.55 0.94
CA LEU A 53 -19.07 7.28 -0.21
C LEU A 53 -20.52 6.88 -0.46
N ARG A 54 -21.02 5.98 0.41
CA ARG A 54 -22.40 5.48 0.34
C ARG A 54 -22.67 4.76 -0.99
N LEU A 55 -22.14 3.55 -1.11
CA LEU A 55 -22.34 2.75 -2.31
C LEU A 55 -22.09 1.28 -2.02
N ALA A 56 -22.12 0.93 -0.73
CA ALA A 56 -21.90 -0.44 -0.30
C ALA A 56 -23.07 -1.32 -0.70
N ALA A 57 -24.17 -0.69 -1.08
CA ALA A 57 -25.36 -1.41 -1.52
C ALA A 57 -25.16 -2.03 -2.90
N TYR A 58 -24.23 -1.47 -3.66
CA TYR A 58 -23.94 -1.96 -5.00
C TYR A 58 -22.73 -2.88 -4.98
N ALA A 59 -21.87 -2.71 -3.99
CA ALA A 59 -20.67 -3.53 -3.86
C ALA A 59 -20.98 -4.83 -3.13
N ALA A 60 -22.08 -4.85 -2.39
CA ALA A 60 -22.49 -6.04 -1.65
C ALA A 60 -22.60 -7.25 -2.56
N ASN A 61 -23.42 -7.13 -3.62
CA ASN A 61 -23.64 -8.23 -4.55
C ASN A 61 -22.32 -8.72 -5.16
N ILE A 62 -21.29 -7.89 -5.13
CA ILE A 62 -19.98 -8.29 -5.67
C ILE A 62 -19.26 -9.25 -4.71
N VAL A 63 -19.48 -9.07 -3.40
CA VAL A 63 -18.87 -9.92 -2.39
C VAL A 63 -19.58 -11.28 -2.34
N ASN A 64 -20.77 -11.32 -2.93
CA ASN A 64 -21.56 -12.54 -2.98
C ASN A 64 -21.15 -13.41 -4.17
N VAL A 65 -19.99 -13.09 -4.74
CA VAL A 65 -19.43 -13.82 -5.89
C VAL A 65 -20.25 -13.60 -7.16
N SER A 66 -19.80 -12.67 -7.98
CA SER A 66 -20.47 -12.36 -9.24
C SER A 66 -19.54 -12.62 -10.41
N LEU A 67 -18.61 -13.55 -10.23
CA LEU A 67 -17.65 -13.91 -11.26
C LEU A 67 -18.23 -14.95 -12.21
N VAL A 68 -19.03 -14.49 -13.16
CA VAL A 68 -19.65 -15.37 -14.15
C VAL A 68 -19.31 -14.92 -15.56
N LYS A 69 -19.34 -13.62 -15.78
CA LYS A 69 -19.02 -13.04 -17.08
C LYS A 69 -17.58 -12.52 -17.12
N PRO A 70 -17.15 -11.68 -16.13
CA PRO A 70 -15.79 -11.16 -16.08
C PRO A 70 -14.81 -12.13 -15.42
N THR A 71 -15.26 -13.36 -15.20
CA THR A 71 -14.46 -14.40 -14.57
C THR A 71 -13.37 -14.90 -15.51
N VAL A 72 -13.54 -14.62 -16.80
CA VAL A 72 -12.54 -15.02 -17.80
C VAL A 72 -11.25 -14.21 -17.65
N TYR A 73 -11.24 -13.27 -16.71
CA TYR A 73 -10.07 -12.43 -16.45
C TYR A 73 -8.91 -13.28 -15.90
N VAL A 74 -9.21 -14.49 -15.42
CA VAL A 74 -8.17 -15.36 -14.91
C VAL A 74 -7.34 -15.93 -16.05
N TYR A 75 -8.00 -16.22 -17.19
CA TYR A 75 -7.31 -16.77 -18.35
C TYR A 75 -6.36 -15.75 -18.95
N SER A 76 -6.59 -14.46 -18.66
CA SER A 76 -5.74 -13.39 -19.17
C SER A 76 -4.47 -13.25 -18.35
N ARG A 77 -4.31 -14.13 -17.37
CA ARG A 77 -3.13 -14.12 -16.50
C ARG A 77 -2.29 -15.38 -16.75
N VAL A 78 -2.94 -16.42 -17.27
CA VAL A 78 -2.26 -17.68 -17.54
C VAL A 78 -1.33 -17.56 -18.76
N LYS A 79 -1.64 -16.60 -19.63
CA LYS A 79 -0.82 -16.37 -20.83
C LYS A 79 0.48 -15.65 -20.48
N ASN A 80 0.51 -15.00 -19.31
CA ASN A 80 1.70 -14.27 -18.86
C ASN A 80 2.69 -15.22 -18.18
N LEU A 81 2.16 -16.27 -17.58
CA LEU A 81 3.00 -17.25 -16.90
C LEU A 81 2.58 -18.68 -17.25
N GLU B 24 12.27 -23.73 -1.40
CA GLU B 24 12.77 -23.17 -0.12
C GLU B 24 14.18 -23.67 0.18
N THR B 25 14.66 -24.59 -0.65
CA THR B 25 15.99 -25.16 -0.46
C THR B 25 17.05 -24.30 -1.14
N GLY B 26 17.48 -23.25 -0.43
CA GLY B 26 18.50 -22.36 -0.95
C GLY B 26 17.94 -21.40 -2.00
N THR B 27 16.61 -21.29 -2.05
CA THR B 27 15.96 -20.41 -3.02
C THR B 27 15.34 -19.19 -2.33
N LEU B 28 15.92 -18.04 -2.58
CA LEU B 28 15.43 -16.78 -2.03
C LEU B 28 14.50 -16.07 -3.01
N ILE B 29 14.59 -16.46 -4.28
CA ILE B 29 13.76 -15.89 -5.35
C ILE B 29 12.25 -16.08 -5.11
N VAL B 30 11.88 -16.86 -4.09
CA VAL B 30 10.48 -17.08 -3.77
C VAL B 30 9.88 -15.82 -3.13
N ASN B 31 10.77 -14.94 -2.67
CA ASN B 31 10.38 -13.67 -2.05
C ASN B 31 9.76 -12.73 -3.09
N SER B 32 10.23 -12.82 -4.34
CA SER B 32 9.71 -11.99 -5.42
C SER B 32 8.45 -12.61 -6.02
N VAL B 33 8.22 -13.89 -5.72
CA VAL B 33 7.05 -14.60 -6.22
C VAL B 33 5.79 -14.15 -5.49
N LEU B 34 5.93 -13.93 -4.17
CA LEU B 34 4.80 -13.49 -3.36
C LEU B 34 4.48 -12.02 -3.64
N LEU B 35 5.48 -11.29 -4.16
CA LEU B 35 5.29 -9.88 -4.49
C LEU B 35 4.48 -9.75 -5.78
N PHE B 36 4.57 -10.77 -6.63
CA PHE B 36 3.82 -10.81 -7.88
C PHE B 36 2.36 -11.12 -7.61
N LEU B 37 2.09 -11.77 -6.49
CA LEU B 37 0.73 -12.11 -6.10
C LEU B 37 0.01 -10.88 -5.54
N ALA B 38 0.80 -9.92 -5.06
CA ALA B 38 0.25 -8.69 -4.50
C ALA B 38 -0.07 -7.70 -5.63
N PHE B 39 0.53 -7.95 -6.80
CA PHE B 39 0.33 -7.10 -7.96
C PHE B 39 -0.84 -7.60 -8.80
N VAL B 40 -1.18 -8.88 -8.63
CA VAL B 40 -2.26 -9.47 -9.39
C VAL B 40 -3.64 -9.14 -8.78
N VAL B 41 -3.68 -8.94 -7.47
CA VAL B 41 -4.93 -8.61 -6.79
C VAL B 41 -5.17 -7.11 -6.78
N PHE B 42 -4.08 -6.34 -6.88
CA PHE B 42 -4.17 -4.89 -6.90
C PHE B 42 -4.69 -4.45 -8.26
N LEU B 43 -4.68 -5.41 -9.20
CA LEU B 43 -5.16 -5.16 -10.55
C LEU B 43 -6.68 -5.15 -10.55
N LEU B 44 -7.29 -5.75 -9.53
CA LEU B 44 -8.74 -5.80 -9.43
C LEU B 44 -9.30 -4.51 -8.84
N VAL B 45 -8.52 -3.89 -7.95
CA VAL B 45 -8.93 -2.64 -7.32
C VAL B 45 -8.72 -1.48 -8.30
N THR B 46 -7.53 -1.44 -8.89
CA THR B 46 -7.16 -0.40 -9.86
C THR B 46 -8.06 -0.43 -11.12
N LEU B 47 -8.58 -1.61 -11.47
CA LEU B 47 -9.42 -1.79 -12.65
C LEU B 47 -10.85 -1.35 -12.37
N ALA B 48 -11.26 -1.46 -11.10
CA ALA B 48 -12.61 -1.07 -10.68
C ALA B 48 -12.79 0.44 -10.71
N ILE B 49 -11.68 1.17 -10.71
CA ILE B 49 -11.73 2.63 -10.75
C ILE B 49 -11.90 3.13 -12.18
N LEU B 50 -10.97 2.74 -13.06
CA LEU B 50 -10.99 3.17 -14.45
C LEU B 50 -12.25 2.69 -15.18
N THR B 51 -12.78 1.55 -14.74
CA THR B 51 -13.98 0.99 -15.34
C THR B 51 -15.22 1.71 -14.80
N ALA B 52 -15.12 2.21 -13.56
CA ALA B 52 -16.23 2.93 -12.93
C ALA B 52 -16.39 4.35 -13.48
N LEU B 53 -15.30 4.88 -14.02
CA LEU B 53 -15.29 6.21 -14.60
C LEU B 53 -15.59 6.18 -16.10
N ARG B 54 -15.76 4.95 -16.62
CA ARG B 54 -16.07 4.73 -18.04
C ARG B 54 -14.92 5.15 -18.95
N LEU B 55 -13.86 4.35 -18.97
CA LEU B 55 -12.70 4.62 -19.82
C LEU B 55 -11.91 3.34 -20.05
N ALA B 56 -12.62 2.21 -20.00
CA ALA B 56 -12.02 0.89 -20.20
C ALA B 56 -11.65 0.67 -21.66
N ALA B 57 -12.15 1.54 -22.53
CA ALA B 57 -11.88 1.45 -23.96
C ALA B 57 -10.49 2.00 -24.29
N TYR B 58 -9.97 2.85 -23.42
CA TYR B 58 -8.66 3.45 -23.61
C TYR B 58 -7.60 2.69 -22.83
N ALA B 59 -8.05 1.90 -21.85
CA ALA B 59 -7.16 1.10 -21.03
C ALA B 59 -6.96 -0.29 -21.63
N ALA B 60 -7.86 -0.68 -22.52
CA ALA B 60 -7.78 -1.98 -23.17
C ALA B 60 -6.44 -2.15 -23.89
N ASN B 61 -6.10 -1.20 -24.76
CA ASN B 61 -4.86 -1.26 -25.53
C ASN B 61 -3.62 -1.29 -24.62
N ILE B 62 -3.74 -0.74 -23.43
CA ILE B 62 -2.63 -0.71 -22.47
C ILE B 62 -2.34 -2.13 -21.94
N VAL B 63 -3.39 -2.92 -21.76
CA VAL B 63 -3.25 -4.29 -21.25
C VAL B 63 -2.83 -5.24 -22.37
N ASN B 64 -3.02 -4.81 -23.62
CA ASN B 64 -2.64 -5.61 -24.79
C ASN B 64 -1.16 -5.41 -25.13
N VAL B 65 -0.43 -4.80 -24.18
CA VAL B 65 1.01 -4.54 -24.34
C VAL B 65 1.27 -3.46 -25.38
N SER B 66 1.54 -2.24 -24.91
CA SER B 66 1.84 -1.12 -25.79
C SER B 66 3.20 -0.54 -25.46
N LEU B 67 4.10 -1.40 -24.98
CA LEU B 67 5.44 -0.98 -24.61
C LEU B 67 6.39 -1.04 -25.81
N VAL B 68 6.33 0.00 -26.65
CA VAL B 68 7.18 0.09 -27.82
C VAL B 68 7.99 1.38 -27.81
N LYS B 69 7.35 2.45 -27.32
CA LYS B 69 7.99 3.76 -27.22
C LYS B 69 8.39 4.07 -25.77
N PRO B 70 7.45 3.96 -24.79
CA PRO B 70 7.76 4.23 -23.38
C PRO B 70 8.37 3.02 -22.68
N THR B 71 8.79 2.03 -23.47
CA THR B 71 9.39 0.80 -22.95
C THR B 71 10.80 1.06 -22.44
N VAL B 72 11.40 2.16 -22.91
CA VAL B 72 12.76 2.54 -22.51
C VAL B 72 12.80 3.02 -21.04
N TYR B 73 11.63 3.02 -20.38
CA TYR B 73 11.54 3.45 -18.98
C TYR B 73 12.24 2.46 -18.04
N VAL B 74 12.52 1.26 -18.54
CA VAL B 74 13.20 0.24 -17.74
C VAL B 74 14.69 0.53 -17.64
N TYR B 75 15.20 1.31 -18.60
CA TYR B 75 16.61 1.68 -18.63
C TYR B 75 16.91 2.77 -17.61
N SER B 76 15.89 3.56 -17.29
CA SER B 76 16.05 4.63 -16.31
C SER B 76 15.99 4.08 -14.89
N ARG B 77 15.75 2.77 -14.79
CA ARG B 77 15.69 2.09 -13.51
C ARG B 77 17.02 1.38 -13.22
N VAL B 78 17.74 1.03 -14.29
CA VAL B 78 19.03 0.34 -14.18
C VAL B 78 20.13 1.30 -13.76
N LYS B 79 19.92 2.59 -14.02
CA LYS B 79 20.90 3.59 -13.66
C LYS B 79 20.92 3.83 -12.15
N ASN B 80 19.74 3.94 -11.55
CA ASN B 80 19.64 4.13 -10.10
C ASN B 80 20.19 2.94 -9.33
N LEU B 81 19.89 1.73 -9.81
CA LEU B 81 20.37 0.51 -9.16
C LEU B 81 21.10 -0.39 -10.16
N GLU C 24 23.94 -13.23 5.99
CA GLU C 24 22.99 -13.39 7.11
C GLU C 24 23.74 -13.68 8.42
N THR C 25 25.07 -13.63 8.36
CA THR C 25 25.89 -13.88 9.54
C THR C 25 26.09 -12.60 10.35
N GLY C 26 25.14 -12.33 11.24
CA GLY C 26 25.22 -11.15 12.08
C GLY C 26 24.86 -9.88 11.32
N THR C 27 24.24 -10.03 10.16
CA THR C 27 23.86 -8.89 9.33
C THR C 27 22.35 -8.74 9.26
N LEU C 28 21.83 -7.73 9.96
CA LEU C 28 20.39 -7.46 9.96
C LEU C 28 20.06 -6.38 8.94
N ILE C 29 21.10 -5.88 8.25
CA ILE C 29 20.91 -4.87 7.21
C ILE C 29 20.23 -5.45 5.98
N VAL C 30 19.93 -6.75 6.02
CA VAL C 30 19.26 -7.41 4.90
C VAL C 30 17.74 -7.15 4.94
N ASN C 31 17.25 -6.72 6.10
CA ASN C 31 15.83 -6.44 6.28
C ASN C 31 15.41 -5.18 5.51
N SER C 32 16.40 -4.37 5.12
CA SER C 32 16.14 -3.14 4.39
C SER C 32 16.34 -3.35 2.89
N VAL C 33 17.00 -4.45 2.54
CA VAL C 33 17.26 -4.80 1.14
C VAL C 33 15.98 -5.27 0.47
N LEU C 34 15.16 -5.99 1.24
CA LEU C 34 13.88 -6.49 0.73
C LEU C 34 12.87 -5.36 0.62
N LEU C 35 13.13 -4.27 1.34
CA LEU C 35 12.26 -3.10 1.31
C LEU C 35 12.53 -2.29 0.04
N PHE C 36 13.79 -2.30 -0.41
CA PHE C 36 14.18 -1.60 -1.62
C PHE C 36 13.60 -2.30 -2.84
N LEU C 37 13.33 -3.60 -2.69
CA LEU C 37 12.76 -4.39 -3.77
C LEU C 37 11.26 -4.13 -3.88
N ALA C 38 10.68 -3.58 -2.80
CA ALA C 38 9.26 -3.28 -2.77
C ALA C 38 8.99 -1.87 -3.31
N PHE C 39 10.05 -1.09 -3.49
CA PHE C 39 9.94 0.27 -4.02
C PHE C 39 10.15 0.29 -5.53
N VAL C 40 11.07 -0.55 -6.00
CA VAL C 40 11.38 -0.64 -7.42
C VAL C 40 10.21 -1.29 -8.18
N VAL C 41 9.40 -2.10 -7.48
CA VAL C 41 8.25 -2.75 -8.09
C VAL C 41 7.03 -1.84 -8.04
N PHE C 42 6.99 -0.95 -7.05
CA PHE C 42 5.87 0.00 -6.92
C PHE C 42 6.00 1.10 -7.96
N LEU C 43 7.18 1.17 -8.58
CA LEU C 43 7.44 2.16 -9.61
C LEU C 43 6.67 1.84 -10.89
N LEU C 44 6.31 0.57 -11.07
CA LEU C 44 5.56 0.15 -12.26
C LEU C 44 4.09 0.55 -12.14
N VAL C 45 3.63 0.67 -10.90
CA VAL C 45 2.24 1.04 -10.63
C VAL C 45 2.05 2.56 -10.77
N THR C 46 2.77 3.32 -9.94
CA THR C 46 2.71 4.78 -9.98
C THR C 46 3.05 5.35 -11.36
N LEU C 47 3.94 4.68 -12.11
CA LEU C 47 4.30 5.16 -13.44
C LEU C 47 3.15 4.96 -14.41
N ALA C 48 2.35 3.92 -14.16
CA ALA C 48 1.19 3.61 -14.98
C ALA C 48 0.08 4.63 -14.75
N ILE C 49 0.23 5.45 -13.72
CA ILE C 49 -0.76 6.47 -13.39
C ILE C 49 -0.47 7.79 -14.10
N LEU C 50 0.77 8.27 -14.00
CA LEU C 50 1.17 9.52 -14.64
C LEU C 50 1.22 9.38 -16.16
N THR C 51 1.43 8.15 -16.64
CA THR C 51 1.47 7.89 -18.07
C THR C 51 0.04 7.72 -18.61
N ALA C 52 -0.87 7.36 -17.71
CA ALA C 52 -2.28 7.17 -18.06
C ALA C 52 -2.99 8.52 -18.22
N LEU C 53 -2.42 9.54 -17.58
CA LEU C 53 -2.99 10.88 -17.63
C LEU C 53 -2.24 11.76 -18.63
N ARG C 54 -1.25 11.16 -19.31
CA ARG C 54 -0.42 11.85 -20.30
C ARG C 54 0.33 13.04 -19.71
N LEU C 55 1.35 12.75 -18.91
CA LEU C 55 2.19 13.79 -18.30
C LEU C 55 3.57 13.23 -17.99
N ALA C 56 3.95 12.19 -18.71
CA ALA C 56 5.26 11.57 -18.53
C ALA C 56 6.39 12.48 -19.03
N ALA C 57 6.01 13.53 -19.76
CA ALA C 57 6.97 14.48 -20.30
C ALA C 57 7.47 15.42 -19.21
N TYR C 58 6.69 15.58 -18.15
CA TYR C 58 7.06 16.45 -17.04
C TYR C 58 7.67 15.65 -15.91
N ALA C 59 7.36 14.36 -15.87
CA ALA C 59 7.90 13.48 -14.84
C ALA C 59 9.20 12.82 -15.30
N ALA C 60 9.58 13.06 -16.55
CA ALA C 60 10.80 12.50 -17.12
C ALA C 60 12.03 13.14 -16.50
N ASN C 61 12.01 14.46 -16.38
CA ASN C 61 13.12 15.21 -15.80
C ASN C 61 13.27 14.89 -14.31
N ILE C 62 12.26 14.28 -13.72
CA ILE C 62 12.31 13.91 -12.31
C ILE C 62 13.17 12.65 -12.06
N VAL C 63 13.14 11.68 -12.99
CA VAL C 63 13.93 10.45 -12.84
C VAL C 63 15.41 10.70 -13.14
N ASN C 64 15.70 11.81 -13.82
CA ASN C 64 17.07 12.18 -14.15
C ASN C 64 17.76 12.84 -12.96
N VAL C 65 17.07 12.82 -11.81
CA VAL C 65 17.57 13.40 -10.57
C VAL C 65 17.58 14.92 -10.63
N SER C 66 16.60 15.53 -9.97
CA SER C 66 16.47 16.98 -9.92
C SER C 66 16.52 17.46 -8.47
N LEU C 67 17.26 16.72 -7.65
CA LEU C 67 17.40 17.05 -6.23
C LEU C 67 18.54 18.04 -6.00
N VAL C 68 18.29 19.30 -6.29
CA VAL C 68 19.27 20.37 -6.11
C VAL C 68 18.74 21.42 -5.14
N LYS C 69 17.43 21.64 -5.19
CA LYS C 69 16.77 22.62 -4.34
C LYS C 69 15.91 21.92 -3.27
N PRO C 70 15.01 20.97 -3.65
CA PRO C 70 14.19 20.26 -2.68
C PRO C 70 14.91 19.07 -2.04
N THR C 71 16.22 19.01 -2.26
CA THR C 71 17.06 17.94 -1.73
C THR C 71 17.25 18.09 -0.22
N VAL C 72 17.00 19.29 0.29
CA VAL C 72 17.12 19.59 1.70
C VAL C 72 15.98 18.95 2.52
N TYR C 73 15.07 18.26 1.83
CA TYR C 73 13.94 17.60 2.49
C TYR C 73 14.41 16.43 3.35
N VAL C 74 15.64 15.98 3.14
CA VAL C 74 16.19 14.87 3.93
C VAL C 74 16.65 15.34 5.30
N TYR C 75 16.78 16.66 5.46
CA TYR C 75 17.20 17.24 6.73
C TYR C 75 16.02 17.35 7.68
N SER C 76 14.81 17.33 7.13
CA SER C 76 13.60 17.41 7.94
C SER C 76 13.25 16.03 8.52
N ARG C 77 14.05 15.03 8.15
CA ARG C 77 13.86 13.66 8.63
C ARG C 77 14.85 13.33 9.73
N VAL C 78 15.94 14.09 9.77
CA VAL C 78 16.98 13.89 10.79
C VAL C 78 16.53 14.41 12.15
N LYS C 79 15.58 15.32 12.14
CA LYS C 79 15.06 15.89 13.37
C LYS C 79 14.03 14.96 14.01
N ASN C 80 13.15 14.38 13.19
CA ASN C 80 12.14 13.43 13.68
C ASN C 80 12.80 12.16 14.23
N LEU C 81 13.95 11.78 13.67
CA LEU C 81 14.66 10.59 14.12
C LEU C 81 16.18 10.83 14.09
N GLU D 24 19.46 -10.25 15.03
CA GLU D 24 18.33 -11.19 14.83
C GLU D 24 18.38 -12.31 15.87
N THR D 25 18.92 -11.99 17.04
CA THR D 25 19.04 -12.95 18.13
C THR D 25 17.93 -12.74 19.16
N GLY D 26 16.73 -13.18 18.80
CA GLY D 26 15.59 -13.06 19.70
C GLY D 26 14.91 -11.71 19.59
N THR D 27 15.34 -10.93 18.60
CA THR D 27 14.76 -9.61 18.39
C THR D 27 13.61 -9.65 17.39
N LEU D 28 12.39 -9.66 17.92
CA LEU D 28 11.20 -9.68 17.09
C LEU D 28 10.71 -8.26 16.81
N ILE D 29 11.44 -7.29 17.34
CA ILE D 29 11.09 -5.88 17.17
C ILE D 29 11.63 -5.31 15.87
N VAL D 30 12.27 -6.16 15.06
CA VAL D 30 12.82 -5.75 13.77
C VAL D 30 11.73 -5.74 12.70
N ASN D 31 10.58 -6.33 13.01
CA ASN D 31 9.46 -6.38 12.08
C ASN D 31 8.80 -5.01 11.95
N SER D 32 9.00 -4.17 12.97
CA SER D 32 8.44 -2.83 12.96
C SER D 32 9.42 -1.85 12.33
N VAL D 33 10.69 -2.26 12.25
CA VAL D 33 11.74 -1.43 11.65
C VAL D 33 11.55 -1.34 10.14
N LEU D 34 11.17 -2.45 9.53
CA LEU D 34 10.95 -2.50 8.09
C LEU D 34 9.66 -1.78 7.72
N LEU D 35 8.78 -1.61 8.70
CA LEU D 35 7.50 -0.91 8.47
C LEU D 35 7.73 0.59 8.47
N PHE D 36 8.76 1.02 9.21
CA PHE D 36 9.11 2.43 9.29
C PHE D 36 9.80 2.89 8.01
N LEU D 37 10.41 1.93 7.31
CA LEU D 37 11.11 2.22 6.05
C LEU D 37 10.12 2.39 4.91
N ALA D 38 8.92 1.83 5.08
CA ALA D 38 7.87 1.93 4.08
C ALA D 38 7.06 3.20 4.28
N PHE D 39 7.33 3.90 5.39
CA PHE D 39 6.63 5.14 5.71
C PHE D 39 7.44 6.34 5.27
N VAL D 40 8.76 6.23 5.38
CA VAL D 40 9.64 7.32 5.00
C VAL D 40 9.65 7.52 3.49
N VAL D 41 9.40 6.45 2.74
CA VAL D 41 9.36 6.53 1.28
C VAL D 41 7.98 6.96 0.81
N PHE D 42 6.96 6.70 1.64
CA PHE D 42 5.59 7.08 1.33
C PHE D 42 5.44 8.57 1.52
N LEU D 43 6.42 9.17 2.20
CA LEU D 43 6.43 10.60 2.45
C LEU D 43 6.73 11.36 1.14
N LEU D 44 7.44 10.69 0.22
CA LEU D 44 7.78 11.30 -1.06
C LEU D 44 6.56 11.31 -1.97
N VAL D 45 5.64 10.38 -1.73
CA VAL D 45 4.42 10.27 -2.52
C VAL D 45 3.37 11.26 -2.04
N THR D 46 3.12 11.28 -0.73
CA THR D 46 2.13 12.19 -0.14
C THR D 46 2.54 13.66 -0.24
N LEU D 47 3.85 13.94 -0.14
CA LEU D 47 4.36 15.32 -0.23
C LEU D 47 4.24 15.86 -1.65
N ALA D 48 4.37 14.97 -2.62
CA ALA D 48 4.28 15.33 -4.04
C ALA D 48 2.85 15.69 -4.43
N ILE D 49 1.91 15.50 -3.51
CA ILE D 49 0.50 15.82 -3.77
C ILE D 49 0.16 17.20 -3.25
N LEU D 50 0.56 17.48 -2.00
CA LEU D 50 0.29 18.78 -1.37
C LEU D 50 1.17 19.87 -1.99
N THR D 51 2.30 19.47 -2.55
CA THR D 51 3.22 20.40 -3.19
C THR D 51 2.79 20.68 -4.64
N ALA D 52 2.17 19.68 -5.27
CA ALA D 52 1.70 19.81 -6.65
C ALA D 52 0.45 20.68 -6.73
N LEU D 53 -0.25 20.79 -5.61
CA LEU D 53 -1.47 21.59 -5.53
C LEU D 53 -1.18 22.98 -4.96
N ARG D 54 0.10 23.21 -4.62
CA ARG D 54 0.56 24.48 -4.07
C ARG D 54 -0.08 24.80 -2.71
N LEU D 55 0.42 24.13 -1.67
CA LEU D 55 -0.07 24.35 -0.31
C LEU D 55 0.94 23.84 0.70
N ALA D 56 2.22 23.86 0.29
CA ALA D 56 3.32 23.41 1.14
C ALA D 56 3.60 24.41 2.26
N ALA D 57 2.98 25.59 2.16
CA ALA D 57 3.14 26.63 3.18
C ALA D 57 2.32 26.31 4.42
N TYR D 58 1.24 25.55 4.22
CA TYR D 58 0.37 25.17 5.32
C TYR D 58 0.80 23.82 5.90
N ALA D 59 1.56 23.05 5.12
CA ALA D 59 2.05 21.75 5.55
C ALA D 59 3.40 21.89 6.23
N ALA D 60 4.09 22.99 5.97
CA ALA D 60 5.41 23.23 6.56
C ALA D 60 5.35 23.15 8.08
N ASN D 61 4.42 23.88 8.69
CA ASN D 61 4.28 23.89 10.14
C ASN D 61 3.92 22.51 10.72
N ILE D 62 3.48 21.59 9.87
CA ILE D 62 3.10 20.24 10.32
C ILE D 62 4.33 19.34 10.50
N VAL D 63 5.37 19.55 9.69
CA VAL D 63 6.60 18.76 9.79
C VAL D 63 7.44 19.23 10.98
N ASN D 64 7.13 20.43 11.47
CA ASN D 64 7.82 21.02 12.60
C ASN D 64 7.24 20.48 13.90
N VAL D 65 6.29 19.54 13.78
CA VAL D 65 5.62 18.91 14.92
C VAL D 65 4.72 19.89 15.66
N SER D 66 3.42 19.83 15.35
CA SER D 66 2.43 20.69 15.99
C SER D 66 1.46 19.85 16.81
N LEU D 67 1.97 18.75 17.36
CA LEU D 67 1.16 17.86 18.17
C LEU D 67 1.10 18.32 19.63
N VAL D 68 0.19 19.24 19.90
CA VAL D 68 0.02 19.78 21.25
C VAL D 68 -1.45 19.68 21.68
N LYS D 69 -2.33 19.95 20.73
CA LYS D 69 -3.77 19.90 20.98
C LYS D 69 -4.37 18.60 20.42
N PRO D 70 -4.09 18.23 19.14
CA PRO D 70 -4.61 16.99 18.55
C PRO D 70 -3.71 15.79 18.84
N THR D 71 -2.76 15.97 19.76
CA THR D 71 -1.83 14.92 20.14
C THR D 71 -2.53 13.84 20.95
N VAL D 72 -3.69 14.19 21.53
CA VAL D 72 -4.48 13.26 22.35
C VAL D 72 -5.11 12.15 21.49
N TYR D 73 -4.87 12.20 20.18
CA TYR D 73 -5.41 11.19 19.26
C TYR D 73 -4.73 9.84 19.50
N VAL D 74 -3.62 9.84 20.23
CA VAL D 74 -2.91 8.60 20.52
C VAL D 74 -3.54 7.86 21.69
N TYR D 75 -4.45 8.54 22.40
CA TYR D 75 -5.13 7.94 23.53
C TYR D 75 -6.36 7.15 23.09
N SER D 76 -6.87 7.46 21.90
CA SER D 76 -8.03 6.76 21.36
C SER D 76 -7.61 5.44 20.71
N ARG D 77 -6.31 5.17 20.76
CA ARG D 77 -5.75 3.93 20.21
C ARG D 77 -5.45 2.93 21.33
N VAL D 78 -5.26 3.47 22.54
CA VAL D 78 -4.96 2.64 23.71
C VAL D 78 -6.20 1.89 24.20
N LYS D 79 -7.38 2.45 23.93
CA LYS D 79 -8.63 1.84 24.34
C LYS D 79 -8.98 0.63 23.47
N ASN D 80 -8.65 0.70 22.19
CA ASN D 80 -8.93 -0.39 21.25
C ASN D 80 -7.97 -1.56 21.47
N LEU D 81 -6.71 -1.23 21.75
CA LEU D 81 -5.70 -2.27 21.98
C LEU D 81 -4.92 -1.99 23.28
N GLU E 24 8.75 -19.60 20.64
CA GLU E 24 8.76 -20.07 19.26
C GLU E 24 8.71 -21.59 19.19
N THR E 25 7.98 -22.19 20.13
CA THR E 25 7.85 -23.63 20.18
C THR E 25 6.54 -24.09 19.55
N GLY E 26 6.46 -23.97 18.22
CA GLY E 26 5.26 -24.37 17.51
C GLY E 26 4.21 -23.28 17.48
N THR E 27 4.65 -22.04 17.68
CA THR E 27 3.75 -20.89 17.67
C THR E 27 3.64 -20.30 16.27
N LEU E 28 2.86 -20.94 15.42
CA LEU E 28 2.67 -20.46 14.04
C LEU E 28 1.72 -19.26 14.01
N ILE E 29 0.93 -19.11 15.07
CA ILE E 29 -0.02 -18.00 15.16
C ILE E 29 0.65 -16.62 15.34
N VAL E 30 1.99 -16.60 15.32
CA VAL E 30 2.73 -15.35 15.47
C VAL E 30 2.85 -14.63 14.12
N ASN E 31 2.45 -15.32 13.05
CA ASN E 31 2.50 -14.74 11.70
C ASN E 31 1.46 -13.63 11.55
N SER E 32 0.45 -13.63 12.42
CA SER E 32 -0.60 -12.62 12.38
C SER E 32 -0.26 -11.47 13.32
N VAL E 33 0.69 -11.70 14.22
CA VAL E 33 1.13 -10.68 15.18
C VAL E 33 1.91 -9.58 14.46
N LEU E 34 2.75 -9.97 13.50
CA LEU E 34 3.52 -9.02 12.73
C LEU E 34 2.63 -8.27 11.74
N LEU E 35 1.50 -8.90 11.38
CA LEU E 35 0.54 -8.29 10.46
C LEU E 35 -0.31 -7.26 11.22
N PHE E 36 -0.48 -7.49 12.51
CA PHE E 36 -1.25 -6.59 13.36
C PHE E 36 -0.43 -5.33 13.67
N LEU E 37 0.90 -5.49 13.67
CA LEU E 37 1.79 -4.37 13.94
C LEU E 37 1.94 -3.52 12.68
N ALA E 38 1.67 -4.12 11.53
CA ALA E 38 1.74 -3.43 10.25
C ALA E 38 0.40 -2.75 9.95
N PHE E 39 -0.54 -2.92 10.88
CA PHE E 39 -1.87 -2.35 10.74
C PHE E 39 -2.04 -1.13 11.65
N VAL E 40 -1.36 -1.16 12.79
CA VAL E 40 -1.43 -0.06 13.74
C VAL E 40 -0.61 1.13 13.24
N VAL E 41 0.40 0.84 12.42
CA VAL E 41 1.24 1.89 11.87
C VAL E 41 0.58 2.54 10.67
N PHE E 42 -0.17 1.74 9.90
CA PHE E 42 -0.87 2.24 8.71
C PHE E 42 -2.00 3.19 9.11
N LEU E 43 -2.32 3.21 10.40
CA LEU E 43 -3.37 4.07 10.92
C LEU E 43 -2.91 5.52 10.93
N LEU E 44 -1.58 5.73 10.95
CA LEU E 44 -1.02 7.06 10.96
C LEU E 44 -1.03 7.65 9.55
N VAL E 45 -1.15 6.79 8.56
CA VAL E 45 -1.16 7.23 7.17
C VAL E 45 -2.57 7.66 6.75
N THR E 46 -3.55 6.78 7.01
CA THR E 46 -4.94 7.06 6.67
C THR E 46 -5.48 8.25 7.46
N LEU E 47 -5.07 8.38 8.73
CA LEU E 47 -5.50 9.49 9.57
C LEU E 47 -4.92 10.81 9.10
N ALA E 48 -3.71 10.74 8.54
CA ALA E 48 -3.02 11.92 8.03
C ALA E 48 -3.72 12.46 6.79
N ILE E 49 -4.49 11.61 6.13
CA ILE E 49 -5.22 11.99 4.93
C ILE E 49 -6.56 12.66 5.25
N LEU E 50 -7.36 12.00 6.10
CA LEU E 50 -8.67 12.54 6.48
C LEU E 50 -8.55 13.79 7.35
N THR E 51 -7.45 13.89 8.10
CA THR E 51 -7.24 15.05 8.96
C THR E 51 -6.78 16.25 8.13
N ALA E 52 -6.10 15.98 7.02
CA ALA E 52 -5.63 17.06 6.13
C ALA E 52 -6.77 17.64 5.30
N LEU E 53 -7.85 16.89 5.17
CA LEU E 53 -9.02 17.32 4.41
C LEU E 53 -10.07 17.93 5.33
N ARG E 54 -9.76 17.96 6.63
CA ARG E 54 -10.63 18.51 7.66
C ARG E 54 -11.96 17.77 7.75
N LEU E 55 -11.92 16.57 8.32
CA LEU E 55 -13.11 15.75 8.50
C LEU E 55 -12.92 14.76 9.63
N ALA E 56 -12.04 15.11 10.57
CA ALA E 56 -11.74 14.26 11.73
C ALA E 56 -12.92 14.25 12.70
N ALA E 57 -13.88 15.14 12.46
CA ALA E 57 -15.06 15.24 13.31
C ALA E 57 -16.05 14.11 13.02
N TYR E 58 -15.95 13.54 11.83
CA TYR E 58 -16.82 12.45 11.42
C TYR E 58 -16.15 11.10 11.64
N ALA E 59 -14.82 11.10 11.63
CA ALA E 59 -14.05 9.88 11.81
C ALA E 59 -13.87 9.57 13.30
N ALA E 60 -14.03 10.59 14.13
CA ALA E 60 -13.87 10.43 15.57
C ALA E 60 -14.79 9.33 16.10
N ASN E 61 -16.10 9.47 15.83
CA ASN E 61 -17.08 8.50 16.30
C ASN E 61 -16.81 7.10 15.76
N ILE E 62 -16.10 7.01 14.64
CA ILE E 62 -15.77 5.71 14.05
C ILE E 62 -14.72 4.98 14.90
N VAL E 63 -13.83 5.75 15.51
CA VAL E 63 -12.77 5.19 16.36
C VAL E 63 -13.33 4.72 17.70
N ASN E 64 -14.50 5.25 18.06
CA ASN E 64 -15.17 4.86 19.32
C ASN E 64 -15.97 3.57 19.14
N VAL E 65 -15.77 2.92 17.99
CA VAL E 65 -16.45 1.66 17.65
C VAL E 65 -17.95 1.88 17.40
N SER E 66 -18.33 1.88 16.13
CA SER E 66 -19.72 2.06 15.74
C SER E 66 -20.22 0.86 14.95
N LEU E 67 -19.69 -0.32 15.30
CA LEU E 67 -20.06 -1.56 14.62
C LEU E 67 -21.28 -2.20 15.29
N VAL E 68 -22.46 -1.72 14.92
CA VAL E 68 -23.71 -2.25 15.45
C VAL E 68 -24.65 -2.65 14.32
N LYS E 69 -24.64 -1.86 13.25
CA LYS E 69 -25.46 -2.13 12.08
C LYS E 69 -24.62 -2.73 10.93
N PRO E 70 -23.46 -2.12 10.56
CA PRO E 70 -22.61 -2.66 9.50
C PRO E 70 -21.65 -3.72 10.01
N THR E 71 -21.87 -4.17 11.25
CA THR E 71 -21.04 -5.20 11.88
C THR E 71 -21.27 -6.56 11.24
N VAL E 72 -22.41 -6.71 10.54
CA VAL E 72 -22.74 -7.97 9.87
C VAL E 72 -21.84 -8.22 8.64
N TYR E 73 -20.94 -7.26 8.34
CA TYR E 73 -20.03 -7.40 7.19
C TYR E 73 -18.99 -8.50 7.41
N VAL E 74 -18.87 -8.96 8.66
CA VAL E 74 -17.91 -10.02 8.98
C VAL E 74 -18.47 -11.39 8.61
N TYR E 75 -19.79 -11.47 8.47
CA TYR E 75 -20.46 -12.72 8.12
C TYR E 75 -20.31 -13.02 6.63
N SER E 76 -20.10 -11.97 5.83
CA SER E 76 -19.93 -12.14 4.39
C SER E 76 -18.49 -12.54 4.08
N ARG E 77 -17.70 -12.72 5.12
CA ARG E 77 -16.31 -13.13 4.98
C ARG E 77 -16.15 -14.62 5.34
N VAL E 78 -17.04 -15.09 6.22
CA VAL E 78 -17.02 -16.48 6.68
C VAL E 78 -17.50 -17.42 5.58
N LYS E 79 -18.30 -16.90 4.65
CA LYS E 79 -18.82 -17.72 3.55
C LYS E 79 -17.71 -18.05 2.56
N ASN E 80 -16.87 -17.06 2.25
CA ASN E 80 -15.75 -17.26 1.32
C ASN E 80 -14.73 -18.26 1.89
N LEU E 81 -14.45 -18.17 3.18
CA LEU E 81 -13.48 -19.06 3.83
C LEU E 81 -14.14 -19.83 4.98
N GLU A 24 5.26 -27.82 10.35
CA GLU A 24 6.52 -27.24 9.81
C GLU A 24 7.50 -28.33 9.42
N THR A 25 6.98 -29.50 9.05
CA THR A 25 7.81 -30.62 8.66
C THR A 25 7.97 -30.69 7.13
N GLY A 26 8.92 -29.93 6.61
CA GLY A 26 9.16 -29.91 5.17
C GLY A 26 8.09 -29.16 4.40
N THR A 27 7.39 -28.26 5.09
CA THR A 27 6.33 -27.48 4.45
C THR A 27 6.79 -26.05 4.19
N LEU A 28 6.99 -25.74 2.90
CA LEU A 28 7.42 -24.40 2.50
C LEU A 28 6.24 -23.60 1.97
N ILE A 29 5.04 -24.16 2.12
CA ILE A 29 3.82 -23.51 1.65
C ILE A 29 3.29 -22.50 2.68
N VAL A 30 4.08 -22.26 3.72
CA VAL A 30 3.70 -21.32 4.78
C VAL A 30 4.01 -19.88 4.36
N ASN A 31 4.71 -19.74 3.22
CA ASN A 31 5.08 -18.43 2.70
C ASN A 31 3.87 -17.72 2.10
N SER A 32 2.83 -18.49 1.77
CA SER A 32 1.61 -17.94 1.20
C SER A 32 0.56 -17.71 2.27
N VAL A 33 0.82 -18.22 3.47
CA VAL A 33 -0.11 -18.06 4.59
C VAL A 33 0.01 -16.67 5.22
N LEU A 34 1.24 -16.16 5.29
CA LEU A 34 1.48 -14.84 5.87
C LEU A 34 0.96 -13.73 4.95
N LEU A 35 0.81 -14.06 3.67
CA LEU A 35 0.33 -13.10 2.69
C LEU A 35 -1.19 -13.18 2.52
N PHE A 36 -1.76 -14.31 2.91
CA PHE A 36 -3.20 -14.52 2.79
C PHE A 36 -3.96 -13.69 3.82
N LEU A 37 -3.38 -13.54 5.01
CA LEU A 37 -4.01 -12.76 6.06
C LEU A 37 -3.66 -11.27 5.87
N ALA A 38 -2.65 -11.01 5.05
CA ALA A 38 -2.23 -9.64 4.77
C ALA A 38 -3.24 -8.94 3.86
N PHE A 39 -4.08 -9.75 3.22
CA PHE A 39 -5.09 -9.23 2.31
C PHE A 39 -6.48 -9.30 2.93
N VAL A 40 -6.61 -10.02 4.04
CA VAL A 40 -7.90 -10.13 4.71
C VAL A 40 -8.14 -8.90 5.59
N VAL A 41 -7.05 -8.22 5.96
CA VAL A 41 -7.13 -7.02 6.76
C VAL A 41 -7.15 -5.77 5.88
N PHE A 42 -6.52 -5.89 4.71
CA PHE A 42 -6.46 -4.79 3.75
C PHE A 42 -7.79 -4.64 3.02
N LEU A 43 -8.63 -5.67 3.15
CA LEU A 43 -9.95 -5.66 2.52
C LEU A 43 -10.88 -4.68 3.24
N LEU A 44 -10.56 -4.39 4.50
CA LEU A 44 -11.36 -3.46 5.30
C LEU A 44 -10.96 -2.02 4.99
N VAL A 45 -9.76 -1.84 4.44
CA VAL A 45 -9.25 -0.52 4.11
C VAL A 45 -9.74 -0.09 2.73
N THR A 46 -9.69 -1.00 1.76
CA THR A 46 -10.12 -0.69 0.40
C THR A 46 -11.64 -0.52 0.32
N LEU A 47 -12.38 -1.28 1.13
CA LEU A 47 -13.84 -1.18 1.15
C LEU A 47 -14.27 0.12 1.84
N ALA A 48 -13.42 0.60 2.74
CA ALA A 48 -13.66 1.84 3.47
C ALA A 48 -13.59 3.05 2.54
N ILE A 49 -12.90 2.88 1.42
CA ILE A 49 -12.76 3.97 0.45
C ILE A 49 -14.03 4.14 -0.37
N LEU A 50 -14.54 3.04 -0.92
CA LEU A 50 -15.73 3.06 -1.76
C LEU A 50 -17.01 3.29 -0.94
N THR A 51 -16.95 3.01 0.36
CA THR A 51 -18.10 3.20 1.24
C THR A 51 -18.24 4.67 1.64
N ALA A 52 -17.10 5.34 1.80
CA ALA A 52 -17.09 6.75 2.18
C ALA A 52 -17.44 7.68 1.02
N LEU A 53 -17.29 7.15 -0.19
CA LEU A 53 -17.59 7.92 -1.41
C LEU A 53 -19.01 7.61 -1.90
N ARG A 54 -19.66 6.64 -1.25
CA ARG A 54 -21.02 6.22 -1.57
C ARG A 54 -21.13 5.64 -2.99
N LEU A 55 -20.85 4.35 -3.11
CA LEU A 55 -20.92 3.67 -4.39
C LEU A 55 -20.98 2.16 -4.19
N ALA A 56 -21.64 1.75 -3.10
CA ALA A 56 -21.78 0.34 -2.76
C ALA A 56 -22.75 -0.37 -3.71
N ALA A 57 -23.48 0.41 -4.50
CA ALA A 57 -24.43 -0.13 -5.46
C ALA A 57 -23.71 -0.68 -6.68
N TYR A 58 -22.53 -0.12 -6.97
CA TYR A 58 -21.73 -0.55 -8.10
C TYR A 58 -20.77 -1.66 -7.70
N ALA A 59 -20.45 -1.71 -6.41
CA ALA A 59 -19.56 -2.72 -5.87
C ALA A 59 -20.32 -3.98 -5.49
N ALA A 60 -21.63 -3.84 -5.29
CA ALA A 60 -22.48 -4.97 -4.92
C ALA A 60 -22.34 -6.10 -5.93
N ASN A 61 -22.52 -5.80 -7.21
CA ASN A 61 -22.43 -6.81 -8.27
C ASN A 61 -21.02 -7.42 -8.36
N ILE A 62 -20.00 -6.66 -7.93
CA ILE A 62 -18.63 -7.15 -7.95
C ILE A 62 -18.42 -8.23 -6.89
N VAL A 63 -19.24 -8.18 -5.84
CA VAL A 63 -19.17 -9.16 -4.75
C VAL A 63 -19.79 -10.49 -5.22
N ASN A 64 -20.58 -10.44 -6.27
CA ASN A 64 -21.22 -11.63 -6.82
C ASN A 64 -20.48 -12.12 -8.07
N VAL A 65 -19.30 -11.54 -8.32
CA VAL A 65 -18.46 -11.88 -9.46
C VAL A 65 -19.10 -11.45 -10.79
N SER A 66 -18.54 -10.38 -11.37
CA SER A 66 -19.04 -9.86 -12.64
C SER A 66 -18.04 -10.16 -13.77
N LEU A 67 -17.06 -10.99 -13.47
CA LEU A 67 -16.04 -11.36 -14.45
C LEU A 67 -16.43 -12.62 -15.21
N VAL A 68 -17.12 -12.43 -16.33
CA VAL A 68 -17.56 -13.54 -17.17
C VAL A 68 -17.04 -13.39 -18.59
N LYS A 69 -17.08 -12.15 -19.09
CA LYS A 69 -16.59 -11.84 -20.42
C LYS A 69 -15.18 -11.26 -20.36
N PRO A 70 -14.93 -10.20 -19.54
CA PRO A 70 -13.60 -9.60 -19.42
C PRO A 70 -12.68 -10.37 -18.46
N THR A 71 -13.12 -11.56 -18.06
CA THR A 71 -12.36 -12.41 -17.14
C THR A 71 -11.12 -12.97 -17.82
N VAL A 72 -11.10 -12.93 -19.16
CA VAL A 72 -9.97 -13.41 -19.94
C VAL A 72 -8.74 -12.48 -19.85
N TYR A 73 -8.87 -11.36 -19.12
CA TYR A 73 -7.77 -10.40 -18.97
C TYR A 73 -6.62 -11.01 -18.17
N VAL A 74 -6.90 -12.10 -17.45
CA VAL A 74 -5.88 -12.78 -16.64
C VAL A 74 -4.95 -13.62 -17.52
N TYR A 75 -5.44 -14.02 -18.69
CA TYR A 75 -4.65 -14.82 -19.61
C TYR A 75 -3.63 -13.96 -20.35
N SER A 76 -3.94 -12.68 -20.47
CA SER A 76 -3.05 -11.74 -21.16
C SER A 76 -2.04 -11.15 -20.17
N ARG A 77 -2.07 -11.64 -18.93
CA ARG A 77 -1.16 -11.17 -17.89
C ARG A 77 -0.09 -12.22 -17.62
N VAL A 78 -0.34 -13.45 -18.06
CA VAL A 78 0.60 -14.56 -17.86
C VAL A 78 1.80 -14.44 -18.82
N LYS A 79 1.60 -13.68 -19.89
CA LYS A 79 2.65 -13.47 -20.88
C LYS A 79 3.70 -12.47 -20.38
N ASN A 80 3.30 -11.62 -19.42
CA ASN A 80 4.20 -10.64 -18.84
C ASN A 80 5.01 -11.24 -17.70
N LEU A 81 4.44 -12.25 -17.05
CA LEU A 81 5.13 -12.93 -15.95
C LEU A 81 4.89 -14.43 -16.00
N GLU B 24 12.69 -27.23 -0.28
CA GLU B 24 13.40 -26.46 0.77
C GLU B 24 14.78 -27.06 1.05
N THR B 25 15.49 -27.40 -0.02
CA THR B 25 16.82 -28.00 0.12
C THR B 25 17.90 -27.06 -0.39
N GLY B 26 18.15 -25.98 0.36
CA GLY B 26 19.16 -25.02 -0.02
C GLY B 26 18.65 -23.98 -0.99
N THR B 27 17.33 -23.79 -1.01
CA THR B 27 16.71 -22.81 -1.90
C THR B 27 16.23 -21.59 -1.13
N LEU B 28 16.95 -20.49 -1.26
CA LEU B 28 16.59 -19.24 -0.59
C LEU B 28 15.71 -18.38 -1.51
N ILE B 29 15.50 -18.88 -2.74
CA ILE B 29 14.69 -18.17 -3.74
C ILE B 29 13.20 -18.21 -3.41
N VAL B 30 12.84 -18.75 -2.25
CA VAL B 30 11.44 -18.81 -1.83
C VAL B 30 10.97 -17.45 -1.31
N ASN B 31 11.93 -16.56 -1.05
CA ASN B 31 11.64 -15.23 -0.54
C ASN B 31 10.98 -14.37 -1.63
N SER B 32 11.19 -14.74 -2.90
CA SER B 32 10.60 -14.01 -4.01
C SER B 32 9.28 -14.63 -4.44
N VAL B 33 8.98 -15.81 -3.91
CA VAL B 33 7.75 -16.52 -4.23
C VAL B 33 6.57 -15.88 -3.50
N LEU B 34 6.80 -15.47 -2.26
CA LEU B 34 5.77 -14.84 -1.45
C LEU B 34 5.50 -13.41 -1.91
N LEU B 35 6.45 -12.86 -2.67
CA LEU B 35 6.31 -11.50 -3.19
C LEU B 35 5.51 -11.51 -4.49
N PHE B 36 5.60 -12.63 -5.22
CA PHE B 36 4.86 -12.77 -6.48
C PHE B 36 3.37 -12.98 -6.19
N LEU B 37 3.09 -13.58 -5.04
CA LEU B 37 1.72 -13.84 -4.61
C LEU B 37 1.04 -12.54 -4.19
N ALA B 38 1.84 -11.60 -3.69
CA ALA B 38 1.33 -10.30 -3.25
C ALA B 38 1.06 -9.38 -4.43
N PHE B 39 1.64 -9.70 -5.58
CA PHE B 39 1.49 -8.89 -6.78
C PHE B 39 0.30 -9.34 -7.62
N VAL B 40 -0.04 -10.63 -7.55
CA VAL B 40 -1.16 -11.17 -8.31
C VAL B 40 -2.50 -10.80 -7.67
N VAL B 41 -2.50 -10.58 -6.36
CA VAL B 41 -3.71 -10.20 -5.64
C VAL B 41 -3.88 -8.69 -5.62
N PHE B 42 -2.77 -7.96 -5.67
CA PHE B 42 -2.79 -6.50 -5.65
C PHE B 42 -3.14 -5.96 -7.04
N LEU B 43 -3.07 -6.85 -8.04
CA LEU B 43 -3.40 -6.49 -9.41
C LEU B 43 -4.89 -6.21 -9.55
N LEU B 44 -5.70 -6.81 -8.68
CA LEU B 44 -7.13 -6.62 -8.70
C LEU B 44 -7.52 -5.29 -8.06
N VAL B 45 -6.64 -4.80 -7.18
CA VAL B 45 -6.89 -3.54 -6.48
C VAL B 45 -6.57 -2.35 -7.37
N THR B 46 -5.41 -2.40 -8.03
CA THR B 46 -4.99 -1.32 -8.93
C THR B 46 -5.87 -1.26 -10.20
N LEU B 47 -6.40 -2.41 -10.61
CA LEU B 47 -7.26 -2.48 -11.79
C LEU B 47 -8.65 -1.96 -11.45
N ALA B 48 -9.04 -2.10 -10.18
CA ALA B 48 -10.34 -1.64 -9.73
C ALA B 48 -10.44 -0.12 -9.75
N ILE B 49 -9.29 0.55 -9.71
CA ILE B 49 -9.25 2.00 -9.73
C ILE B 49 -9.50 2.54 -11.13
N LEU B 50 -8.69 2.11 -12.09
CA LEU B 50 -8.80 2.57 -13.47
C LEU B 50 -10.14 2.16 -14.10
N THR B 51 -10.72 1.07 -13.62
CA THR B 51 -12.00 0.59 -14.14
C THR B 51 -13.16 1.41 -13.58
N ALA B 52 -13.02 1.85 -12.32
CA ALA B 52 -14.07 2.65 -11.67
C ALA B 52 -14.10 4.07 -12.22
N LEU B 53 -12.95 4.53 -12.72
CA LEU B 53 -12.86 5.87 -13.28
C LEU B 53 -13.13 5.84 -14.78
N ARG B 54 -13.41 4.64 -15.30
CA ARG B 54 -13.71 4.41 -16.71
C ARG B 54 -12.58 4.88 -17.63
N LEU B 55 -11.55 4.05 -17.75
CA LEU B 55 -10.41 4.37 -18.62
C LEU B 55 -9.69 3.09 -19.03
N ALA B 56 -10.48 2.02 -19.14
CA ALA B 56 -9.95 0.72 -19.53
C ALA B 56 -9.53 0.72 -21.00
N ALA B 57 -9.94 1.76 -21.74
CA ALA B 57 -9.60 1.89 -23.14
C ALA B 57 -8.15 2.34 -23.32
N TYR B 58 -7.60 2.98 -22.29
CA TYR B 58 -6.22 3.45 -22.34
C TYR B 58 -5.28 2.47 -21.66
N ALA B 59 -5.83 1.63 -20.78
CA ALA B 59 -5.05 0.63 -20.06
C ALA B 59 -4.93 -0.65 -20.87
N ALA B 60 -5.81 -0.77 -21.85
CA ALA B 60 -5.85 -1.94 -22.73
C ALA B 60 -4.52 -2.18 -23.42
N ASN B 61 -3.96 -1.13 -24.02
CA ASN B 61 -2.68 -1.23 -24.73
C ASN B 61 -1.52 -1.48 -23.77
N ILE B 62 -1.70 -1.16 -22.50
CA ILE B 62 -0.67 -1.36 -21.49
C ILE B 62 -0.50 -2.85 -21.17
N VAL B 63 -1.60 -3.60 -21.26
CA VAL B 63 -1.57 -5.05 -21.01
C VAL B 63 -0.84 -5.77 -22.15
N ASN B 64 -0.78 -5.10 -23.30
CA ASN B 64 -0.11 -5.65 -24.48
C ASN B 64 1.32 -5.10 -24.60
N VAL B 65 1.75 -4.37 -23.57
CA VAL B 65 3.08 -3.76 -23.51
C VAL B 65 3.23 -2.61 -24.51
N SER B 66 3.23 -1.39 -23.99
CA SER B 66 3.39 -0.20 -24.81
C SER B 66 4.76 0.43 -24.61
N LEU B 67 5.60 -0.25 -23.82
CA LEU B 67 6.94 0.21 -23.53
C LEU B 67 7.93 -0.27 -24.58
N VAL B 68 8.15 0.57 -25.58
CA VAL B 68 9.09 0.24 -26.67
C VAL B 68 10.16 1.31 -26.80
N LYS B 69 9.74 2.57 -26.71
CA LYS B 69 10.67 3.69 -26.80
C LYS B 69 11.05 4.17 -25.39
N PRO B 70 10.07 4.46 -24.50
CA PRO B 70 10.35 4.92 -23.14
C PRO B 70 10.60 3.75 -22.18
N THR B 71 10.83 2.55 -22.74
CA THR B 71 11.09 1.36 -21.96
C THR B 71 12.48 1.40 -21.35
N VAL B 72 13.33 2.26 -21.91
CA VAL B 72 14.71 2.42 -21.44
C VAL B 72 14.77 3.13 -20.07
N TYR B 73 13.59 3.49 -19.53
CA TYR B 73 13.52 4.16 -18.23
C TYR B 73 14.00 3.24 -17.12
N VAL B 74 13.99 1.93 -17.38
CA VAL B 74 14.44 0.94 -16.40
C VAL B 74 15.95 0.99 -16.22
N TYR B 75 16.66 1.51 -17.22
CA TYR B 75 18.11 1.61 -17.16
C TYR B 75 18.53 2.80 -16.30
N SER B 76 17.75 3.89 -16.37
CA SER B 76 18.05 5.09 -15.60
C SER B 76 17.71 4.91 -14.11
N ARG B 77 17.18 3.73 -13.77
CA ARG B 77 16.82 3.42 -12.39
C ARG B 77 17.87 2.51 -11.76
N VAL B 78 18.72 1.91 -12.60
CA VAL B 78 19.75 1.00 -12.14
C VAL B 78 20.87 1.75 -11.41
N LYS B 79 21.02 3.03 -11.75
CA LYS B 79 22.05 3.87 -11.13
C LYS B 79 21.61 4.33 -9.76
N ASN B 80 20.29 4.36 -9.52
CA ASN B 80 19.74 4.78 -8.24
C ASN B 80 19.82 3.67 -7.21
N LEU B 81 19.77 2.43 -7.70
CA LEU B 81 19.83 1.26 -6.82
C LEU B 81 20.66 0.15 -7.46
N GLU C 24 21.64 -16.24 2.33
CA GLU C 24 20.75 -16.42 3.50
C GLU C 24 21.54 -16.94 4.71
N THR C 25 22.82 -16.58 4.77
CA THR C 25 23.69 -17.01 5.86
C THR C 25 23.84 -15.90 6.91
N GLY C 26 22.85 -15.80 7.79
CA GLY C 26 22.89 -14.79 8.84
C GLY C 26 22.58 -13.40 8.32
N THR C 27 21.92 -13.32 7.17
CA THR C 27 21.58 -12.04 6.56
C THR C 27 20.11 -11.70 6.78
N LEU C 28 19.86 -10.68 7.60
CA LEU C 28 18.49 -10.25 7.88
C LEU C 28 18.14 -9.02 7.04
N ILE C 29 19.07 -8.62 6.17
CA ILE C 29 18.86 -7.46 5.31
C ILE C 29 18.08 -7.81 4.05
N VAL C 30 17.55 -9.04 4.00
CA VAL C 30 16.77 -9.48 2.86
C VAL C 30 15.34 -8.92 2.95
N ASN C 31 15.00 -8.43 4.15
CA ASN C 31 13.68 -7.85 4.41
C ASN C 31 13.56 -6.45 3.80
N SER C 32 14.71 -5.86 3.45
CA SER C 32 14.73 -4.52 2.85
C SER C 32 14.83 -4.61 1.33
N VAL C 33 15.16 -5.80 0.82
CA VAL C 33 15.29 -6.01 -0.62
C VAL C 33 13.91 -6.18 -1.25
N LEU C 34 13.00 -6.80 -0.51
CA LEU C 34 11.65 -7.04 -1.00
C LEU C 34 10.82 -5.75 -0.98
N LEU C 35 11.28 -4.77 -0.19
CA LEU C 35 10.57 -3.49 -0.09
C LEU C 35 11.00 -2.55 -1.21
N PHE C 36 12.23 -2.75 -1.72
CA PHE C 36 12.73 -1.94 -2.82
C PHE C 36 12.06 -2.35 -4.13
N LEU C 37 11.52 -3.58 -4.14
CA LEU C 37 10.83 -4.13 -5.30
C LEU C 37 9.43 -3.52 -5.42
N ALA C 38 8.88 -3.10 -4.28
CA ALA C 38 7.55 -2.49 -4.25
C ALA C 38 7.63 -0.99 -4.54
N PHE C 39 8.84 -0.46 -4.55
CA PHE C 39 9.07 0.95 -4.82
C PHE C 39 9.25 1.22 -6.31
N VAL C 40 9.85 0.25 -7.00
CA VAL C 40 10.10 0.38 -8.44
C VAL C 40 8.82 0.20 -9.25
N VAL C 41 7.84 -0.53 -8.70
CA VAL C 41 6.57 -0.74 -9.39
C VAL C 41 5.57 0.36 -9.07
N PHE C 42 5.63 0.90 -7.85
CA PHE C 42 4.74 1.98 -7.44
C PHE C 42 5.17 3.28 -8.07
N LEU C 43 6.39 3.30 -8.60
CA LEU C 43 6.93 4.48 -9.26
C LEU C 43 6.18 4.74 -10.55
N LEU C 44 5.68 3.67 -11.18
CA LEU C 44 4.93 3.80 -12.41
C LEU C 44 3.50 4.25 -12.12
N VAL C 45 3.04 3.98 -10.90
CA VAL C 45 1.69 4.36 -10.48
C VAL C 45 1.62 5.85 -10.20
N THR C 46 2.56 6.35 -9.40
CA THR C 46 2.61 7.77 -9.06
C THR C 46 2.98 8.62 -10.29
N LEU C 47 3.78 8.05 -11.20
CA LEU C 47 4.19 8.77 -12.41
C LEU C 47 3.02 8.89 -13.39
N ALA C 48 2.11 7.92 -13.34
CA ALA C 48 0.96 7.90 -14.22
C ALA C 48 -0.07 8.94 -13.82
N ILE C 49 0.04 9.45 -12.59
CA ILE C 49 -0.89 10.46 -12.09
C ILE C 49 -0.47 11.86 -12.55
N LEU C 50 0.82 12.19 -12.35
CA LEU C 50 1.35 13.49 -12.74
C LEU C 50 1.43 13.66 -14.25
N THR C 51 1.55 12.53 -14.97
CA THR C 51 1.63 12.57 -16.42
C THR C 51 0.23 12.66 -17.02
N ALA C 52 -0.75 12.06 -16.35
CA ALA C 52 -2.15 12.09 -16.81
C ALA C 52 -2.77 13.47 -16.61
N LEU C 53 -2.22 14.23 -15.67
CA LEU C 53 -2.72 15.57 -15.38
C LEU C 53 -1.94 16.63 -16.15
N ARG C 54 -0.93 16.17 -16.92
CA ARG C 54 -0.08 17.04 -17.73
C ARG C 54 0.71 18.04 -16.88
N LEU C 55 1.72 17.55 -16.16
CA LEU C 55 2.56 18.41 -15.34
C LEU C 55 3.96 17.81 -15.20
N ALA C 56 4.39 17.12 -16.26
CA ALA C 56 5.70 16.50 -16.30
C ALA C 56 6.81 17.54 -16.42
N ALA C 57 6.43 18.79 -16.66
CA ALA C 57 7.39 19.88 -16.81
C ALA C 57 7.89 20.34 -15.44
N TYR C 58 7.09 20.09 -14.40
CA TYR C 58 7.45 20.49 -13.05
C TYR C 58 8.08 19.32 -12.29
N ALA C 59 7.75 18.11 -12.71
CA ALA C 59 8.28 16.91 -12.07
C ALA C 59 9.65 16.55 -12.63
N ALA C 60 9.95 17.06 -13.82
CA ALA C 60 11.22 16.79 -14.47
C ALA C 60 12.39 17.17 -13.57
N ASN C 61 12.38 18.41 -13.06
CA ASN C 61 13.46 18.89 -12.19
C ASN C 61 13.53 18.12 -10.86
N ILE C 62 12.42 17.49 -10.47
CA ILE C 62 12.38 16.72 -9.23
C ILE C 62 13.26 15.46 -9.33
N VAL C 63 13.30 14.85 -10.51
CA VAL C 63 14.11 13.66 -10.74
C VAL C 63 15.60 14.01 -10.69
N ASN C 64 15.90 15.26 -11.00
CA ASN C 64 17.28 15.75 -10.98
C ASN C 64 17.65 16.30 -9.60
N VAL C 65 16.76 16.07 -8.63
CA VAL C 65 16.94 16.50 -7.25
C VAL C 65 16.86 18.03 -7.11
N SER C 66 15.72 18.50 -6.61
CA SER C 66 15.50 19.94 -6.41
C SER C 66 15.57 20.27 -4.92
N LEU C 67 15.90 19.25 -4.13
CA LEU C 67 16.00 19.41 -2.68
C LEU C 67 17.41 19.84 -2.28
N VAL C 68 17.61 21.16 -2.23
CA VAL C 68 18.91 21.72 -1.86
C VAL C 68 18.79 22.56 -0.59
N LYS C 69 17.71 23.33 -0.50
CA LYS C 69 17.45 24.17 0.66
C LYS C 69 16.45 23.51 1.60
N PRO C 70 15.26 23.07 1.11
CA PRO C 70 14.25 22.41 1.95
C PRO C 70 14.53 20.92 2.15
N THR C 71 15.73 20.49 1.76
CA THR C 71 16.17 19.11 1.90
C THR C 71 16.39 18.75 3.37
N VAL C 72 16.58 19.78 4.19
CA VAL C 72 16.80 19.61 5.63
C VAL C 72 15.50 19.17 6.34
N TYR C 73 14.43 19.00 5.56
CA TYR C 73 13.15 18.57 6.11
C TYR C 73 13.23 17.13 6.62
N VAL C 74 14.27 16.41 6.19
CA VAL C 74 14.47 15.03 6.62
C VAL C 74 15.02 14.97 8.04
N TYR C 75 15.55 16.09 8.52
CA TYR C 75 16.09 16.17 9.87
C TYR C 75 15.00 16.50 10.87
N SER C 76 13.96 17.20 10.40
CA SER C 76 12.84 17.57 11.26
C SER C 76 11.87 16.40 11.43
N ARG C 77 12.10 15.33 10.67
CA ARG C 77 11.27 14.13 10.73
C ARG C 77 11.90 13.09 11.64
N VAL C 78 13.16 13.31 12.00
CA VAL C 78 13.89 12.39 12.87
C VAL C 78 13.37 12.45 14.30
N LYS C 79 12.83 13.61 14.68
CA LYS C 79 12.28 13.79 16.02
C LYS C 79 10.93 13.09 16.15
N ASN C 80 10.12 13.13 15.08
CA ASN C 80 8.82 12.46 15.09
C ASN C 80 8.97 10.95 15.17
N LEU C 81 10.01 10.42 14.53
CA LEU C 81 10.27 8.98 14.54
C LEU C 81 11.75 8.68 14.75
N GLU D 24 19.26 -11.44 12.84
CA GLU D 24 18.19 -12.43 12.59
C GLU D 24 18.19 -13.52 13.67
N THR D 25 18.81 -13.21 14.80
CA THR D 25 18.89 -14.16 15.91
C THR D 25 17.70 -14.00 16.86
N GLY D 26 16.58 -14.60 16.50
CA GLY D 26 15.38 -14.53 17.31
C GLY D 26 14.70 -13.18 17.26
N THR D 27 14.98 -12.41 16.21
CA THR D 27 14.40 -11.09 16.04
C THR D 27 13.21 -11.13 15.09
N LEU D 28 12.03 -10.84 15.64
CA LEU D 28 10.80 -10.84 14.85
C LEU D 28 10.28 -9.41 14.66
N ILE D 29 11.07 -8.44 15.11
CA ILE D 29 10.70 -7.03 15.00
C ILE D 29 11.25 -6.42 13.72
N VAL D 30 11.68 -7.26 12.79
CA VAL D 30 12.23 -6.79 11.52
C VAL D 30 11.11 -6.54 10.50
N ASN D 31 9.88 -6.87 10.90
CA ASN D 31 8.71 -6.68 10.05
C ASN D 31 8.26 -5.22 10.04
N SER D 32 8.59 -4.49 11.10
CA SER D 32 8.22 -3.09 11.22
C SER D 32 9.26 -2.21 10.54
N VAL D 33 10.45 -2.79 10.33
CA VAL D 33 11.54 -2.07 9.68
C VAL D 33 11.26 -1.87 8.19
N LEU D 34 10.69 -2.90 7.57
CA LEU D 34 10.36 -2.83 6.15
C LEU D 34 9.13 -1.95 5.91
N LEU D 35 8.25 -1.86 6.91
CA LEU D 35 7.04 -1.04 6.78
C LEU D 35 7.38 0.43 7.00
N PHE D 36 8.48 0.69 7.70
CA PHE D 36 8.92 2.06 7.97
C PHE D 36 9.53 2.67 6.71
N LEU D 37 10.02 1.78 5.83
CA LEU D 37 10.63 2.20 4.58
C LEU D 37 9.55 2.63 3.58
N ALA D 38 8.38 2.03 3.69
CA ALA D 38 7.25 2.34 2.81
C ALA D 38 6.67 3.72 3.14
N PHE D 39 6.98 4.22 4.32
CA PHE D 39 6.48 5.52 4.77
C PHE D 39 7.49 6.63 4.49
N VAL D 40 8.70 6.26 4.09
CA VAL D 40 9.75 7.24 3.81
C VAL D 40 9.65 7.76 2.38
N VAL D 41 9.09 6.96 1.47
CA VAL D 41 8.95 7.37 0.08
C VAL D 41 7.54 7.89 -0.21
N PHE D 42 6.55 7.37 0.51
CA PHE D 42 5.17 7.80 0.34
C PHE D 42 4.98 9.18 0.93
N LEU D 43 5.94 9.60 1.75
CA LEU D 43 5.91 10.90 2.38
C LEU D 43 6.16 11.98 1.33
N LEU D 44 6.85 11.61 0.25
CA LEU D 44 7.13 12.55 -0.83
C LEU D 44 5.95 12.65 -1.78
N VAL D 45 5.15 11.59 -1.82
CA VAL D 45 3.97 11.56 -2.69
C VAL D 45 2.85 12.40 -2.09
N THR D 46 2.59 12.20 -0.80
CA THR D 46 1.55 12.94 -0.09
C THR D 46 1.90 14.44 0.03
N LEU D 47 3.19 14.76 0.06
CA LEU D 47 3.65 16.15 0.17
C LEU D 47 3.55 16.86 -1.18
N ALA D 48 3.70 16.10 -2.26
CA ALA D 48 3.64 16.65 -3.61
C ALA D 48 2.25 17.16 -3.98
N ILE D 49 1.25 16.73 -3.22
CA ILE D 49 -0.13 17.13 -3.47
C ILE D 49 -0.44 18.48 -2.85
N LEU D 50 -0.22 18.59 -1.54
CA LEU D 50 -0.50 19.84 -0.80
C LEU D 50 0.38 20.99 -1.29
N THR D 51 1.56 20.65 -1.79
CA THR D 51 2.49 21.66 -2.30
C THR D 51 2.04 22.16 -3.69
N ALA D 52 1.51 21.24 -4.50
CA ALA D 52 1.04 21.59 -5.85
C ALA D 52 -0.26 22.38 -5.80
N LEU D 53 -1.01 22.24 -4.71
CA LEU D 53 -2.26 22.94 -4.54
C LEU D 53 -2.04 24.27 -3.80
N ARG D 54 -0.78 24.52 -3.44
CA ARG D 54 -0.37 25.74 -2.74
C ARG D 54 -1.09 25.91 -1.39
N LEU D 55 -0.60 25.17 -0.38
CA LEU D 55 -1.17 25.25 0.96
C LEU D 55 -0.14 24.78 1.98
N ALA D 56 1.13 25.03 1.68
CA ALA D 56 2.24 24.65 2.55
C ALA D 56 2.28 25.51 3.82
N ALA D 57 1.47 26.57 3.82
CA ALA D 57 1.42 27.47 4.98
C ALA D 57 0.56 26.88 6.09
N TYR D 58 -0.36 25.98 5.71
CA TYR D 58 -1.24 25.33 6.67
C TYR D 58 -0.65 23.99 7.13
N ALA D 59 0.25 23.44 6.32
CA ALA D 59 0.89 22.18 6.64
C ALA D 59 2.16 22.39 7.44
N ALA D 60 2.71 23.61 7.37
CA ALA D 60 3.93 23.94 8.09
C ALA D 60 3.79 23.65 9.58
N ASN D 61 2.71 24.16 10.18
CA ASN D 61 2.47 23.96 11.61
C ASN D 61 2.19 22.49 11.97
N ILE D 62 1.86 21.66 10.99
CA ILE D 62 1.58 20.24 11.23
C ILE D 62 2.85 19.45 11.56
N VAL D 63 3.99 19.82 10.94
CA VAL D 63 5.26 19.14 11.19
C VAL D 63 5.74 19.46 12.60
N ASN D 64 5.34 20.63 13.11
CA ASN D 64 5.70 21.06 14.46
C ASN D 64 4.73 20.48 15.48
N VAL D 65 3.77 19.69 14.98
CA VAL D 65 2.75 19.03 15.80
C VAL D 65 1.73 20.03 16.34
N SER D 66 0.53 20.02 15.74
CA SER D 66 -0.55 20.90 16.15
C SER D 66 -1.58 20.12 16.97
N LEU D 67 -1.27 18.86 17.24
CA LEU D 67 -2.15 17.98 18.00
C LEU D 67 -1.90 18.13 19.50
N VAL D 68 -2.64 19.04 20.12
CA VAL D 68 -2.52 19.28 21.56
C VAL D 68 -3.84 18.98 22.27
N LYS D 69 -4.94 19.42 21.68
CA LYS D 69 -6.27 19.19 22.25
C LYS D 69 -6.94 17.98 21.59
N PRO D 70 -7.04 17.92 20.24
CA PRO D 70 -7.66 16.79 19.54
C PRO D 70 -6.68 15.63 19.34
N THR D 71 -5.59 15.66 20.10
CA THR D 71 -4.56 14.63 20.04
C THR D 71 -5.02 13.36 20.74
N VAL D 72 -6.03 13.51 21.61
CA VAL D 72 -6.59 12.38 22.36
C VAL D 72 -7.47 11.48 21.47
N TYR D 73 -7.51 11.79 20.17
CA TYR D 73 -8.30 11.01 19.22
C TYR D 73 -7.70 9.62 18.99
N VAL D 74 -6.49 9.42 19.48
CA VAL D 74 -5.81 8.13 19.34
C VAL D 74 -6.37 7.11 20.34
N TYR D 75 -6.97 7.60 21.42
CA TYR D 75 -7.55 6.75 22.44
C TYR D 75 -8.95 6.27 22.04
N SER D 76 -9.61 7.04 21.19
CA SER D 76 -10.95 6.69 20.73
C SER D 76 -10.90 5.65 19.61
N ARG D 77 -9.70 5.44 19.08
CA ARG D 77 -9.50 4.46 18.01
C ARG D 77 -9.03 3.13 18.57
N VAL D 78 -8.72 3.11 19.86
CA VAL D 78 -8.25 1.90 20.53
C VAL D 78 -9.41 0.91 20.77
N LYS D 79 -10.62 1.45 20.93
CA LYS D 79 -11.80 0.62 21.16
C LYS D 79 -12.23 -0.10 19.88
N ASN D 80 -11.72 0.36 18.75
CA ASN D 80 -12.05 -0.25 17.46
C ASN D 80 -11.10 -1.40 17.13
N LEU D 81 -9.82 -1.18 17.41
CA LEU D 81 -8.79 -2.18 17.16
C LEU D 81 -7.89 -2.36 18.38
N GLU E 24 8.78 -19.16 19.52
CA GLU E 24 9.11 -19.78 18.22
C GLU E 24 9.14 -21.30 18.34
N THR E 25 8.57 -21.81 19.43
CA THR E 25 8.53 -23.26 19.66
C THR E 25 7.25 -23.86 19.06
N GLY E 26 7.30 -24.14 17.76
CA GLY E 26 6.15 -24.72 17.08
C GLY E 26 5.03 -23.72 16.88
N THR E 27 5.38 -22.43 16.91
CA THR E 27 4.40 -21.36 16.74
C THR E 27 4.50 -20.73 15.35
N LEU E 28 3.51 -20.99 14.52
CA LEU E 28 3.48 -20.44 13.17
C LEU E 28 2.48 -19.28 13.10
N ILE E 29 1.92 -18.92 14.25
CA ILE E 29 0.95 -17.83 14.34
C ILE E 29 1.64 -16.47 14.44
N VAL E 30 2.96 -16.46 14.26
CA VAL E 30 3.74 -15.23 14.30
C VAL E 30 3.62 -14.47 12.97
N ASN E 31 3.02 -15.14 11.98
CA ASN E 31 2.83 -14.56 10.65
C ASN E 31 1.76 -13.47 10.67
N SER E 32 0.90 -13.50 11.67
CA SER E 32 -0.17 -12.51 11.80
C SER E 32 0.27 -11.35 12.70
N VAL E 33 1.30 -11.59 13.49
CA VAL E 33 1.83 -10.56 14.40
C VAL E 33 2.55 -9.48 13.62
N LEU E 34 3.23 -9.90 12.54
CA LEU E 34 3.97 -8.96 11.70
C LEU E 34 3.03 -8.12 10.84
N LEU E 35 1.80 -8.61 10.65
CA LEU E 35 0.81 -7.89 9.86
C LEU E 35 0.02 -6.90 10.72
N PHE E 36 0.00 -7.15 12.02
CA PHE E 36 -0.70 -6.27 12.95
C PHE E 36 0.08 -4.98 13.16
N LEU E 37 1.39 -5.07 13.02
CA LEU E 37 2.28 -3.91 13.18
C LEU E 37 2.23 -3.01 11.96
N ALA E 38 1.81 -3.57 10.83
CA ALA E 38 1.72 -2.82 9.58
C ALA E 38 0.43 -2.00 9.53
N PHE E 39 -0.52 -2.33 10.41
CA PHE E 39 -1.80 -1.62 10.45
C PHE E 39 -1.86 -0.61 11.59
N VAL E 40 -0.89 -0.68 12.50
CA VAL E 40 -0.85 0.25 13.62
C VAL E 40 -0.24 1.59 13.20
N VAL E 41 0.60 1.56 12.16
CA VAL E 41 1.25 2.76 11.66
C VAL E 41 0.49 3.37 10.48
N PHE E 42 -0.19 2.52 9.71
CA PHE E 42 -0.97 2.98 8.56
C PHE E 42 -2.25 3.67 9.01
N LEU E 43 -2.60 3.47 10.28
CA LEU E 43 -3.80 4.08 10.85
C LEU E 43 -3.61 5.58 11.05
N LEU E 44 -2.36 6.00 11.20
CA LEU E 44 -2.06 7.42 11.39
C LEU E 44 -2.06 8.16 10.05
N VAL E 45 -1.84 7.42 8.97
CA VAL E 45 -1.81 8.00 7.63
C VAL E 45 -3.22 8.25 7.10
N THR E 46 -4.06 7.20 7.17
CA THR E 46 -5.45 7.29 6.71
C THR E 46 -6.25 8.35 7.49
N LEU E 47 -5.93 8.52 8.78
CA LEU E 47 -6.64 9.50 9.61
C LEU E 47 -6.17 10.92 9.28
N ALA E 48 -4.90 11.05 8.92
CA ALA E 48 -4.31 12.33 8.55
C ALA E 48 -4.95 12.88 7.28
N ILE E 49 -5.56 12.01 6.49
CA ILE E 49 -6.23 12.41 5.25
C ILE E 49 -7.60 13.02 5.54
N LEU E 50 -8.41 12.34 6.33
CA LEU E 50 -9.76 12.82 6.65
C LEU E 50 -9.73 14.01 7.61
N THR E 51 -8.64 14.15 8.37
CA THR E 51 -8.49 15.26 9.31
C THR E 51 -8.15 16.55 8.57
N ALA E 52 -7.41 16.43 7.48
CA ALA E 52 -7.02 17.57 6.68
C ALA E 52 -8.16 18.02 5.76
N LEU E 53 -9.11 17.13 5.52
CA LEU E 53 -10.25 17.44 4.67
C LEU E 53 -11.43 17.95 5.50
N ARG E 54 -11.24 17.94 6.83
CA ARG E 54 -12.25 18.41 7.78
C ARG E 54 -13.56 17.63 7.70
N LEU E 55 -13.58 16.46 8.33
CA LEU E 55 -14.77 15.61 8.36
C LEU E 55 -14.72 14.68 9.57
N ALA E 56 -14.15 15.20 10.67
CA ALA E 56 -14.02 14.45 11.91
C ALA E 56 -15.37 14.23 12.58
N ALA E 57 -16.37 15.00 12.16
CA ALA E 57 -17.72 14.89 12.71
C ALA E 57 -18.41 13.63 12.19
N TYR E 58 -18.06 13.25 10.96
CA TYR E 58 -18.63 12.05 10.34
C TYR E 58 -17.82 10.82 10.73
N ALA E 59 -16.56 11.06 11.09
CA ALA E 59 -15.68 9.98 11.51
C ALA E 59 -15.83 9.69 12.99
N ALA E 60 -16.61 10.55 13.67
CA ALA E 60 -16.85 10.40 15.11
C ALA E 60 -17.66 9.14 15.41
N ASN E 61 -18.80 9.01 14.73
CA ASN E 61 -19.68 7.86 14.92
C ASN E 61 -19.05 6.55 14.47
N ILE E 62 -18.11 6.62 13.51
CA ILE E 62 -17.44 5.43 13.00
C ILE E 62 -16.51 4.84 14.08
N VAL E 63 -16.06 5.70 14.98
CA VAL E 63 -15.18 5.27 16.07
C VAL E 63 -15.96 4.48 17.12
N ASN E 64 -17.27 4.75 17.22
CA ASN E 64 -18.12 4.07 18.19
C ASN E 64 -18.82 2.87 17.55
N VAL E 65 -18.41 2.54 16.32
CA VAL E 65 -18.97 1.41 15.56
C VAL E 65 -20.42 1.69 15.13
N SER E 66 -20.60 1.94 13.83
CA SER E 66 -21.93 2.22 13.27
C SER E 66 -22.44 1.03 12.47
N LEU E 67 -21.77 -0.12 12.62
CA LEU E 67 -22.15 -1.33 11.90
C LEU E 67 -23.12 -2.17 12.74
N VAL E 68 -24.41 -1.90 12.57
CA VAL E 68 -25.46 -2.64 13.27
C VAL E 68 -26.41 -3.30 12.28
N LYS E 69 -26.70 -2.59 11.20
CA LYS E 69 -27.59 -3.10 10.16
C LYS E 69 -26.78 -3.59 8.94
N PRO E 70 -25.88 -2.74 8.36
CA PRO E 70 -25.07 -3.15 7.21
C PRO E 70 -23.83 -3.96 7.60
N THR E 71 -23.81 -4.43 8.85
CA THR E 71 -22.71 -5.23 9.37
C THR E 71 -22.72 -6.64 8.79
N VAL E 72 -23.88 -7.05 8.26
CA VAL E 72 -24.05 -8.38 7.66
C VAL E 72 -23.35 -8.46 6.29
N TYR E 73 -22.71 -7.37 5.87
CA TYR E 73 -22.01 -7.35 4.59
C TYR E 73 -20.76 -8.22 4.62
N VAL E 74 -20.39 -8.70 5.82
CA VAL E 74 -19.21 -9.55 5.96
C VAL E 74 -19.56 -11.01 5.69
N TYR E 75 -20.84 -11.33 5.64
CA TYR E 75 -21.28 -12.68 5.36
C TYR E 75 -21.39 -12.93 3.86
N SER E 76 -21.52 -11.84 3.10
CA SER E 76 -21.63 -11.94 1.65
C SER E 76 -20.25 -11.91 0.98
N ARG E 77 -19.20 -11.71 1.78
CA ARG E 77 -17.85 -11.66 1.27
C ARG E 77 -17.13 -12.99 1.46
N VAL E 78 -17.74 -13.88 2.26
CA VAL E 78 -17.16 -15.19 2.54
C VAL E 78 -17.35 -16.15 1.37
N LYS E 79 -18.39 -15.90 0.56
CA LYS E 79 -18.68 -16.73 -0.60
C LYS E 79 -17.66 -16.53 -1.72
N ASN E 80 -16.85 -15.48 -1.61
CA ASN E 80 -15.82 -15.19 -2.61
C ASN E 80 -14.48 -15.78 -2.19
N LEU E 81 -14.22 -15.75 -0.89
CA LEU E 81 -12.97 -16.27 -0.35
C LEU E 81 -13.24 -17.14 0.88
N GLU A 24 4.95 -26.39 9.21
CA GLU A 24 6.13 -25.64 8.72
C GLU A 24 7.24 -26.61 8.29
N THR A 25 6.86 -27.87 8.07
CA THR A 25 7.82 -28.89 7.66
C THR A 25 7.93 -28.97 6.14
N GLY A 26 8.84 -28.19 5.57
CA GLY A 26 9.03 -28.19 4.13
C GLY A 26 7.89 -27.51 3.38
N THR A 27 7.26 -26.54 4.01
CA THR A 27 6.16 -25.81 3.40
C THR A 27 6.50 -24.34 3.19
N LEU A 28 6.72 -23.97 1.93
CA LEU A 28 7.05 -22.59 1.58
C LEU A 28 5.84 -21.88 1.00
N ILE A 29 4.67 -22.50 1.14
CA ILE A 29 3.42 -21.94 0.63
C ILE A 29 2.70 -21.13 1.71
N VAL A 30 3.36 -20.95 2.86
CA VAL A 30 2.79 -20.20 3.97
C VAL A 30 2.99 -18.69 3.77
N ASN A 31 3.82 -18.35 2.78
CA ASN A 31 4.12 -16.96 2.46
C ASN A 31 2.95 -16.28 1.75
N SER A 32 2.02 -17.09 1.24
CA SER A 32 0.86 -16.58 0.54
C SER A 32 -0.36 -16.58 1.46
N VAL A 33 -0.26 -17.33 2.56
CA VAL A 33 -1.34 -17.43 3.54
C VAL A 33 -1.44 -16.15 4.38
N LEU A 34 -0.28 -15.55 4.67
CA LEU A 34 -0.24 -14.33 5.46
C LEU A 34 -0.72 -13.13 4.65
N LEU A 35 -0.78 -13.31 3.33
CA LEU A 35 -1.23 -12.25 2.43
C LEU A 35 -2.76 -12.12 2.48
N PHE A 36 -3.42 -13.20 2.91
CA PHE A 36 -4.88 -13.20 3.03
C PHE A 36 -5.32 -12.33 4.20
N LEU A 37 -4.47 -12.26 5.24
CA LEU A 37 -4.75 -11.45 6.41
C LEU A 37 -4.53 -9.97 6.09
N ALA A 38 -3.57 -9.70 5.21
CA ALA A 38 -3.26 -8.33 4.81
C ALA A 38 -4.20 -7.87 3.69
N PHE A 39 -5.00 -8.78 3.18
CA PHE A 39 -5.94 -8.47 2.11
C PHE A 39 -7.35 -8.26 2.67
N VAL A 40 -7.63 -8.89 3.81
CA VAL A 40 -8.94 -8.75 4.43
C VAL A 40 -9.02 -7.48 5.27
N VAL A 41 -7.86 -6.95 5.68
CA VAL A 41 -7.81 -5.73 6.47
C VAL A 41 -7.96 -4.50 5.58
N PHE A 42 -7.46 -4.58 4.35
CA PHE A 42 -7.58 -3.48 3.41
C PHE A 42 -8.95 -3.52 2.74
N LEU A 43 -9.63 -4.65 2.92
CA LEU A 43 -10.96 -4.84 2.36
C LEU A 43 -11.95 -3.96 3.10
N LEU A 44 -11.70 -3.73 4.39
CA LEU A 44 -12.57 -2.89 5.21
C LEU A 44 -12.37 -1.41 4.91
N VAL A 45 -11.15 -1.06 4.49
CA VAL A 45 -10.82 0.32 4.17
C VAL A 45 -11.41 0.71 2.80
N THR A 46 -11.16 -0.13 1.80
CA THR A 46 -11.68 0.11 0.45
C THR A 46 -13.21 -0.03 0.39
N LEU A 47 -13.79 -0.79 1.34
CA LEU A 47 -15.24 -0.99 1.38
C LEU A 47 -15.95 0.23 1.93
N ALA A 48 -15.30 0.92 2.87
CA ALA A 48 -15.87 2.11 3.50
C ALA A 48 -15.98 3.28 2.50
N ILE A 49 -15.34 3.14 1.35
CA ILE A 49 -15.38 4.18 0.32
C ILE A 49 -16.63 4.06 -0.53
N LEU A 50 -16.90 2.86 -1.04
CA LEU A 50 -18.07 2.62 -1.88
C LEU A 50 -19.36 2.60 -1.07
N THR A 51 -19.24 2.28 0.22
CA THR A 51 -20.40 2.23 1.10
C THR A 51 -20.82 3.65 1.51
N ALA A 52 -19.84 4.54 1.65
CA ALA A 52 -20.10 5.93 2.03
C ALA A 52 -20.62 6.74 0.84
N LEU A 53 -20.34 6.26 -0.36
CA LEU A 53 -20.79 6.95 -1.58
C LEU A 53 -22.15 6.41 -2.02
N ARG A 54 -22.54 5.28 -1.44
CA ARG A 54 -23.83 4.63 -1.74
C ARG A 54 -23.92 4.21 -3.21
N LEU A 55 -23.26 3.10 -3.54
CA LEU A 55 -23.28 2.58 -4.90
C LEU A 55 -23.36 1.06 -4.90
N ALA A 56 -23.87 0.52 -3.79
CA ALA A 56 -24.02 -0.93 -3.64
C ALA A 56 -25.17 -1.46 -4.49
N ALA A 57 -25.94 -0.53 -5.04
CA ALA A 57 -27.09 -0.89 -5.88
C ALA A 57 -26.62 -1.33 -7.26
N TYR A 58 -25.43 -0.90 -7.65
CA TYR A 58 -24.86 -1.26 -8.94
C TYR A 58 -23.86 -2.41 -8.78
N ALA A 59 -23.45 -2.65 -7.54
CA ALA A 59 -22.50 -3.71 -7.24
C ALA A 59 -23.22 -5.01 -6.85
N ALA A 60 -24.53 -4.91 -6.67
CA ALA A 60 -25.35 -6.06 -6.29
C ALA A 60 -25.34 -7.12 -7.38
N ASN A 61 -25.70 -6.74 -8.60
CA ASN A 61 -25.76 -7.67 -9.74
C ASN A 61 -24.40 -8.31 -10.00
N ILE A 62 -23.32 -7.58 -9.71
CA ILE A 62 -21.97 -8.10 -9.91
C ILE A 62 -21.68 -9.26 -8.94
N VAL A 63 -22.27 -9.19 -7.74
CA VAL A 63 -22.09 -10.23 -6.72
C VAL A 63 -22.80 -11.52 -7.14
N ASN A 64 -23.92 -11.38 -7.86
CA ASN A 64 -24.70 -12.53 -8.33
C ASN A 64 -24.13 -13.08 -9.64
N VAL A 65 -22.91 -12.62 -9.99
CA VAL A 65 -22.22 -13.05 -11.20
C VAL A 65 -22.91 -12.53 -12.47
N SER A 66 -22.37 -11.46 -13.03
CA SER A 66 -22.91 -10.87 -14.25
C SER A 66 -21.89 -10.94 -15.38
N LEU A 67 -20.78 -11.61 -15.12
CA LEU A 67 -19.72 -11.76 -16.11
C LEU A 67 -19.86 -13.06 -16.89
N VAL A 68 -20.67 -13.00 -17.95
CA VAL A 68 -20.90 -14.17 -18.81
C VAL A 68 -20.48 -13.89 -20.24
N LYS A 69 -20.66 -12.64 -20.67
CA LYS A 69 -20.30 -12.21 -22.01
C LYS A 69 -18.97 -11.41 -21.99
N PRO A 70 -18.85 -10.34 -21.17
CA PRO A 70 -17.63 -9.55 -21.11
C PRO A 70 -16.63 -10.10 -20.09
N THR A 71 -16.72 -11.39 -19.83
CA THR A 71 -15.82 -12.07 -18.88
C THR A 71 -14.52 -12.44 -19.56
N VAL A 72 -14.47 -12.25 -20.88
CA VAL A 72 -13.28 -12.57 -21.65
C VAL A 72 -12.21 -11.48 -21.49
N TYR A 73 -12.54 -10.43 -20.72
CA TYR A 73 -11.63 -9.32 -20.49
C TYR A 73 -10.48 -9.74 -19.57
N VAL A 74 -10.61 -10.90 -18.91
CA VAL A 74 -9.56 -11.37 -18.02
C VAL A 74 -8.51 -12.15 -18.81
N TYR A 75 -8.87 -12.59 -20.02
CA TYR A 75 -7.95 -13.35 -20.85
C TYR A 75 -7.06 -12.43 -21.68
N SER A 76 -7.46 -11.16 -21.78
CA SER A 76 -6.69 -10.18 -22.53
C SER A 76 -5.63 -9.52 -21.64
N ARG A 77 -5.51 -10.01 -20.41
CA ARG A 77 -4.53 -9.47 -19.46
C ARG A 77 -3.40 -10.48 -19.23
N VAL A 78 -3.64 -11.74 -19.59
CA VAL A 78 -2.65 -12.80 -19.42
C VAL A 78 -1.61 -12.74 -20.53
N LYS A 79 -1.94 -12.07 -21.64
CA LYS A 79 -1.02 -11.94 -22.77
C LYS A 79 0.09 -10.93 -22.47
N ASN A 80 -0.08 -10.18 -21.38
CA ASN A 80 0.92 -9.18 -20.98
C ASN A 80 1.75 -9.71 -19.82
N LEU A 81 1.08 -10.42 -18.91
CA LEU A 81 1.76 -10.98 -17.74
C LEU A 81 1.32 -12.42 -17.51
N GLU B 24 13.65 -24.71 -1.49
CA GLU B 24 14.12 -23.82 -0.40
C GLU B 24 15.54 -24.19 0.02
N THR B 25 16.25 -24.90 -0.85
CA THR B 25 17.61 -25.33 -0.57
C THR B 25 18.62 -24.35 -1.15
N GLY B 26 19.02 -23.36 -0.33
CA GLY B 26 19.97 -22.37 -0.78
C GLY B 26 19.38 -21.41 -1.80
N THR B 27 18.08 -21.18 -1.71
CA THR B 27 17.39 -20.30 -2.63
C THR B 27 16.78 -19.10 -1.90
N LEU B 28 17.40 -17.94 -2.07
CA LEU B 28 16.91 -16.71 -1.44
C LEU B 28 16.16 -15.85 -2.44
N ILE B 29 15.82 -16.44 -3.59
CA ILE B 29 15.10 -15.73 -4.64
C ILE B 29 13.58 -15.95 -4.53
N VAL B 30 13.17 -16.61 -3.44
CA VAL B 30 11.74 -16.89 -3.20
C VAL B 30 11.06 -15.66 -2.58
N ASN B 31 11.88 -14.71 -2.15
CA ASN B 31 11.39 -13.47 -1.53
C ASN B 31 10.73 -12.56 -2.56
N SER B 32 10.96 -12.84 -3.84
CA SER B 32 10.39 -12.06 -4.93
C SER B 32 9.19 -12.77 -5.54
N VAL B 33 9.06 -14.06 -5.24
CA VAL B 33 7.95 -14.86 -5.76
C VAL B 33 6.65 -14.54 -5.04
N LEU B 34 6.76 -14.25 -3.75
CA LEU B 34 5.59 -13.91 -2.94
C LEU B 34 5.06 -12.52 -3.29
N LEU B 35 5.93 -11.72 -3.92
CA LEU B 35 5.56 -10.37 -4.33
C LEU B 35 4.64 -10.40 -5.54
N PHE B 36 4.72 -11.48 -6.31
CA PHE B 36 3.88 -11.65 -7.50
C PHE B 36 2.42 -11.86 -7.10
N LEU B 37 2.23 -12.50 -5.95
CA LEU B 37 0.88 -12.75 -5.44
C LEU B 37 0.28 -11.46 -4.88
N ALA B 38 1.15 -10.62 -4.32
CA ALA B 38 0.72 -9.34 -3.75
C ALA B 38 0.55 -8.28 -4.85
N PHE B 39 1.07 -8.57 -6.04
CA PHE B 39 0.97 -7.63 -7.16
C PHE B 39 -0.25 -7.94 -8.00
N VAL B 40 -0.67 -9.21 -8.03
CA VAL B 40 -1.82 -9.63 -8.81
C VAL B 40 -3.13 -9.34 -8.06
N VAL B 41 -3.07 -9.25 -6.74
CA VAL B 41 -4.26 -8.97 -5.93
C VAL B 41 -4.62 -7.49 -5.97
N PHE B 42 -3.59 -6.63 -6.02
CA PHE B 42 -3.82 -5.18 -6.09
C PHE B 42 -4.12 -4.80 -7.53
N LEU B 43 -3.86 -5.74 -8.45
CA LEU B 43 -4.12 -5.52 -9.87
C LEU B 43 -5.61 -5.46 -10.12
N LEU B 44 -6.38 -6.21 -9.34
CA LEU B 44 -7.84 -6.22 -9.48
C LEU B 44 -8.47 -4.97 -8.88
N VAL B 45 -7.82 -4.41 -7.86
CA VAL B 45 -8.31 -3.20 -7.21
C VAL B 45 -8.07 -1.98 -8.08
N THR B 46 -6.85 -1.86 -8.59
CA THR B 46 -6.49 -0.74 -9.48
C THR B 46 -7.18 -0.86 -10.84
N LEU B 47 -7.57 -2.09 -11.21
CA LEU B 47 -8.26 -2.32 -12.48
C LEU B 47 -9.71 -1.89 -12.41
N ALA B 48 -10.28 -1.96 -11.21
CA ALA B 48 -11.68 -1.59 -11.00
C ALA B 48 -11.90 -0.08 -11.09
N ILE B 49 -10.81 0.68 -11.14
CA ILE B 49 -10.87 2.13 -11.22
C ILE B 49 -10.96 2.59 -12.67
N LEU B 50 -10.06 2.08 -13.51
CA LEU B 50 -10.03 2.46 -14.92
C LEU B 50 -11.20 1.83 -15.70
N THR B 51 -11.68 0.68 -15.22
CA THR B 51 -12.80 0.00 -15.86
C THR B 51 -14.12 0.68 -15.51
N ALA B 52 -14.18 1.25 -14.31
CA ALA B 52 -15.38 1.95 -13.83
C ALA B 52 -15.55 3.32 -14.48
N LEU B 53 -14.42 3.88 -14.91
CA LEU B 53 -14.43 5.20 -15.57
C LEU B 53 -14.59 5.05 -17.07
N ARG B 54 -14.46 3.80 -17.55
CA ARG B 54 -14.58 3.46 -18.97
C ARG B 54 -13.53 4.18 -19.82
N LEU B 55 -12.30 3.69 -19.76
CA LEU B 55 -11.21 4.27 -20.53
C LEU B 55 -10.32 3.16 -21.11
N ALA B 56 -10.91 1.98 -21.26
CA ALA B 56 -10.19 0.83 -21.81
C ALA B 56 -9.99 0.96 -23.31
N ALA B 57 -10.63 1.97 -23.90
CA ALA B 57 -10.53 2.23 -25.33
C ALA B 57 -9.20 2.90 -25.68
N TYR B 58 -8.61 3.55 -24.68
CA TYR B 58 -7.34 4.23 -24.84
C TYR B 58 -6.19 3.37 -24.30
N ALA B 59 -6.55 2.40 -23.46
CA ALA B 59 -5.57 1.50 -22.86
C ALA B 59 -5.35 0.27 -23.74
N ALA B 60 -6.25 0.07 -24.70
CA ALA B 60 -6.20 -1.05 -25.62
C ALA B 60 -4.95 -0.99 -26.50
N ASN B 61 -4.78 0.13 -27.20
CA ASN B 61 -3.64 0.32 -28.10
C ASN B 61 -2.31 0.15 -27.37
N ILE B 62 -2.32 0.37 -26.05
CA ILE B 62 -1.12 0.23 -25.23
C ILE B 62 -0.81 -1.24 -24.98
N VAL B 63 -1.87 -2.05 -24.90
CA VAL B 63 -1.74 -3.50 -24.67
C VAL B 63 -1.09 -4.16 -25.89
N ASN B 64 -1.34 -3.58 -27.07
CA ASN B 64 -0.79 -4.11 -28.31
C ASN B 64 0.61 -3.56 -28.58
N VAL B 65 1.20 -2.94 -27.54
CA VAL B 65 2.54 -2.36 -27.61
C VAL B 65 2.60 -1.15 -28.56
N SER B 66 2.47 0.04 -27.98
CA SER B 66 2.54 1.28 -28.75
C SER B 66 3.79 2.06 -28.37
N LEU B 67 4.60 1.48 -27.49
CA LEU B 67 5.82 2.12 -27.03
C LEU B 67 7.00 1.74 -27.93
N VAL B 68 7.19 2.50 -29.00
CA VAL B 68 8.27 2.25 -29.94
C VAL B 68 9.16 3.48 -30.07
N LYS B 69 8.53 4.65 -30.13
CA LYS B 69 9.25 5.92 -30.24
C LYS B 69 9.46 6.56 -28.85
N PRO B 70 8.39 6.72 -28.03
CA PRO B 70 8.50 7.30 -26.70
C PRO B 70 8.80 6.24 -25.63
N THR B 71 9.35 5.12 -26.05
CA THR B 71 9.68 4.03 -25.13
C THR B 71 11.00 4.33 -24.42
N VAL B 72 11.67 5.41 -24.85
CA VAL B 72 12.93 5.80 -24.26
C VAL B 72 12.72 6.48 -22.90
N TYR B 73 11.45 6.66 -22.52
CA TYR B 73 11.12 7.29 -21.25
C TYR B 73 11.47 6.37 -20.08
N VAL B 74 11.73 5.09 -20.37
CA VAL B 74 12.10 4.16 -19.31
C VAL B 74 13.59 4.20 -19.04
N TYR B 75 14.35 4.78 -19.98
CA TYR B 75 15.80 4.90 -19.82
C TYR B 75 16.16 6.19 -19.08
N SER B 76 15.19 7.08 -18.90
CA SER B 76 15.42 8.34 -18.21
C SER B 76 15.14 8.20 -16.71
N ARG B 77 14.84 6.98 -16.29
CA ARG B 77 14.57 6.70 -14.88
C ARG B 77 15.68 5.89 -14.25
N VAL B 78 16.51 5.29 -15.11
CA VAL B 78 17.63 4.47 -14.65
C VAL B 78 18.78 5.34 -14.14
N LYS B 79 18.80 6.59 -14.60
CA LYS B 79 19.83 7.55 -14.20
C LYS B 79 19.57 8.08 -12.79
N ASN B 80 18.35 7.85 -12.28
CA ASN B 80 17.98 8.30 -10.95
C ASN B 80 18.10 7.15 -9.95
N LEU B 81 17.72 5.96 -10.39
CA LEU B 81 17.78 4.77 -9.55
C LEU B 81 18.37 3.59 -10.32
N GLU C 24 23.91 -15.78 2.20
CA GLU C 24 22.94 -15.79 3.32
C GLU C 24 23.62 -16.20 4.62
N THR C 25 24.95 -16.11 4.64
CA THR C 25 25.74 -16.46 5.80
C THR C 25 25.94 -15.25 6.72
N GLY C 26 25.04 -15.11 7.70
CA GLY C 26 25.11 -14.00 8.63
C GLY C 26 24.79 -12.67 7.97
N THR C 27 23.88 -12.69 7.00
CA THR C 27 23.48 -11.47 6.32
C THR C 27 22.00 -11.17 6.54
N LEU C 28 21.73 -10.23 7.45
CA LEU C 28 20.36 -9.84 7.75
C LEU C 28 19.98 -8.56 7.02
N ILE C 29 20.85 -8.13 6.10
CA ILE C 29 20.61 -6.93 5.32
C ILE C 29 19.86 -7.24 4.01
N VAL C 30 19.44 -8.49 3.87
CA VAL C 30 18.71 -8.93 2.68
C VAL C 30 17.23 -8.55 2.80
N ASN C 31 16.82 -8.16 4.00
CA ASN C 31 15.44 -7.78 4.27
C ASN C 31 15.11 -6.42 3.63
N SER C 32 16.14 -5.71 3.20
CA SER C 32 15.96 -4.41 2.57
C SER C 32 16.11 -4.50 1.06
N VAL C 33 16.68 -5.62 0.60
CA VAL C 33 16.89 -5.86 -0.83
C VAL C 33 15.57 -6.22 -1.51
N LEU C 34 14.70 -6.93 -0.79
CA LEU C 34 13.41 -7.32 -1.33
C LEU C 34 12.47 -6.11 -1.42
N LEU C 35 12.80 -5.05 -0.68
CA LEU C 35 12.01 -3.82 -0.69
C LEU C 35 12.22 -3.06 -1.99
N PHE C 36 13.41 -3.24 -2.59
CA PHE C 36 13.74 -2.58 -3.85
C PHE C 36 12.89 -3.14 -4.99
N LEU C 37 12.57 -4.44 -4.91
CA LEU C 37 11.76 -5.10 -5.93
C LEU C 37 10.30 -4.65 -5.80
N ALA C 38 9.86 -4.43 -4.56
CA ALA C 38 8.50 -3.99 -4.29
C ALA C 38 8.35 -2.49 -4.53
N PHE C 39 9.48 -1.81 -4.67
CA PHE C 39 9.48 -0.38 -4.89
C PHE C 39 9.49 -0.04 -6.38
N VAL C 40 10.18 -0.86 -7.17
CA VAL C 40 10.28 -0.65 -8.60
C VAL C 40 8.97 -1.06 -9.31
N VAL C 41 8.17 -1.90 -8.66
CA VAL C 41 6.91 -2.35 -9.24
C VAL C 41 5.81 -1.32 -9.03
N PHE C 42 5.81 -0.66 -7.86
CA PHE C 42 4.80 0.36 -7.57
C PHE C 42 5.19 1.66 -8.26
N LEU C 43 6.44 1.71 -8.73
CA LEU C 43 6.95 2.86 -9.44
C LEU C 43 6.27 2.97 -10.80
N LEU C 44 5.82 1.83 -11.32
CA LEU C 44 5.14 1.78 -12.62
C LEU C 44 3.68 2.20 -12.48
N VAL C 45 3.10 1.93 -11.33
CA VAL C 45 1.70 2.28 -11.07
C VAL C 45 1.56 3.77 -10.81
N THR C 46 2.41 4.31 -9.92
CA THR C 46 2.40 5.73 -9.60
C THR C 46 2.88 6.60 -10.77
N LEU C 47 3.64 5.99 -11.69
CA LEU C 47 4.17 6.70 -12.87
C LEU C 47 3.07 6.94 -13.91
N ALA C 48 2.17 5.95 -14.03
CA ALA C 48 1.07 6.02 -14.98
C ALA C 48 0.06 7.10 -14.62
N ILE C 49 0.16 7.63 -13.41
CA ILE C 49 -0.76 8.67 -12.95
C ILE C 49 -0.27 10.05 -13.41
N LEU C 50 1.01 10.34 -13.18
CA LEU C 50 1.58 11.62 -13.57
C LEU C 50 1.76 11.71 -15.08
N THR C 51 1.94 10.55 -15.72
CA THR C 51 2.11 10.50 -17.16
C THR C 51 0.76 10.64 -17.86
N ALA C 52 -0.30 10.17 -17.21
CA ALA C 52 -1.65 10.24 -17.77
C ALA C 52 -2.20 11.66 -17.69
N LEU C 53 -1.69 12.44 -16.74
CA LEU C 53 -2.13 13.82 -16.57
C LEU C 53 -1.26 14.78 -17.36
N ARG C 54 -0.14 14.25 -17.89
CA ARG C 54 0.80 15.03 -18.69
C ARG C 54 1.40 16.20 -17.92
N LEU C 55 2.30 15.87 -16.99
CA LEU C 55 2.96 16.90 -16.19
C LEU C 55 4.46 16.62 -16.07
N ALA C 56 4.98 15.87 -17.04
CA ALA C 56 6.39 15.52 -17.08
C ALA C 56 7.26 16.71 -17.45
N ALA C 57 6.61 17.78 -17.91
CA ALA C 57 7.31 19.00 -18.30
C ALA C 57 7.77 19.78 -17.07
N TYR C 58 7.09 19.54 -15.95
CA TYR C 58 7.42 20.20 -14.69
C TYR C 58 8.26 19.29 -13.81
N ALA C 59 8.22 17.99 -14.10
CA ALA C 59 8.97 17.00 -13.34
C ALA C 59 10.37 16.79 -13.94
N ALA C 60 10.55 17.30 -15.15
CA ALA C 60 11.82 17.18 -15.86
C ALA C 60 12.93 17.93 -15.13
N ASN C 61 12.70 19.22 -14.87
CA ASN C 61 13.69 20.06 -14.19
C ASN C 61 14.07 19.49 -12.83
N ILE C 62 13.19 18.67 -12.24
CA ILE C 62 13.46 18.06 -10.94
C ILE C 62 14.43 16.89 -11.09
N VAL C 63 14.37 16.21 -12.25
CA VAL C 63 15.25 15.09 -12.53
C VAL C 63 16.70 15.54 -12.68
N ASN C 64 16.88 16.77 -13.18
CA ASN C 64 18.20 17.32 -13.37
C ASN C 64 18.72 17.99 -12.10
N VAL C 65 18.10 17.63 -10.97
CA VAL C 65 18.46 18.16 -9.65
C VAL C 65 18.20 19.67 -9.56
N SER C 66 17.00 20.02 -9.11
CA SER C 66 16.62 21.42 -8.96
C SER C 66 16.55 21.79 -7.48
N LEU C 67 16.95 20.84 -6.63
CA LEU C 67 16.95 21.05 -5.19
C LEU C 67 18.30 21.53 -4.70
N VAL C 68 18.50 22.84 -4.74
CA VAL C 68 19.75 23.45 -4.28
C VAL C 68 19.49 24.40 -3.12
N LYS C 69 18.36 25.08 -3.16
CA LYS C 69 17.96 26.01 -2.11
C LYS C 69 16.88 25.38 -1.22
N PRO C 70 15.75 24.87 -1.81
CA PRO C 70 14.69 24.25 -1.01
C PRO C 70 14.98 22.79 -0.65
N THR C 71 16.21 22.36 -0.92
CA THR C 71 16.65 21.00 -0.62
C THR C 71 16.74 20.77 0.88
N VAL C 72 16.81 21.86 1.65
CA VAL C 72 16.89 21.79 3.11
C VAL C 72 15.57 21.32 3.75
N TYR C 73 14.55 21.07 2.93
CA TYR C 73 13.24 20.62 3.43
C TYR C 73 13.30 19.18 3.94
N VAL C 74 14.36 18.45 3.60
CA VAL C 74 14.52 17.07 4.04
C VAL C 74 15.11 17.02 5.44
N TYR C 75 15.70 18.13 5.88
CA TYR C 75 16.30 18.21 7.20
C TYR C 75 15.26 18.59 8.26
N SER C 76 14.12 19.10 7.81
CA SER C 76 13.05 19.48 8.72
C SER C 76 12.14 18.29 9.03
N ARG C 77 12.51 17.13 8.50
CA ARG C 77 11.75 15.90 8.72
C ARG C 77 12.51 14.96 9.64
N VAL C 78 13.81 15.20 9.79
CA VAL C 78 14.66 14.37 10.64
C VAL C 78 14.41 14.67 12.13
N LYS C 79 13.90 15.87 12.40
CA LYS C 79 13.60 16.27 13.77
C LYS C 79 12.37 15.55 14.29
N ASN C 80 11.49 15.13 13.38
CA ASN C 80 10.27 14.41 13.76
C ASN C 80 10.56 12.92 13.87
N LEU C 81 11.28 12.38 12.88
CA LEU C 81 11.62 10.97 12.86
C LEU C 81 13.12 10.77 12.62
N GLU D 24 21.14 -11.31 15.60
CA GLU D 24 20.13 -12.31 15.18
C GLU D 24 20.13 -13.50 16.15
N THR D 25 20.76 -13.33 17.30
CA THR D 25 20.83 -14.39 18.29
C THR D 25 19.62 -14.33 19.22
N GLY D 26 18.54 -15.00 18.81
CA GLY D 26 17.32 -15.03 19.59
C GLY D 26 16.57 -13.70 19.58
N THR D 27 16.66 -12.99 18.47
CA THR D 27 15.98 -11.70 18.33
C THR D 27 14.90 -11.75 17.26
N LEU D 28 13.64 -11.70 17.69
CA LEU D 28 12.51 -11.74 16.78
C LEU D 28 11.91 -10.34 16.61
N ILE D 29 12.59 -9.33 17.15
CA ILE D 29 12.12 -7.96 17.07
C ILE D 29 12.69 -7.24 15.84
N VAL D 30 13.36 -8.00 14.98
CA VAL D 30 13.95 -7.45 13.76
C VAL D 30 12.89 -7.30 12.67
N ASN D 31 11.75 -7.96 12.86
CA ASN D 31 10.65 -7.93 11.90
C ASN D 31 9.97 -6.56 11.87
N SER D 32 10.21 -5.75 12.90
CA SER D 32 9.63 -4.43 12.99
C SER D 32 10.63 -3.36 12.57
N VAL D 33 11.90 -3.73 12.51
CA VAL D 33 12.96 -2.81 12.12
C VAL D 33 12.94 -2.56 10.61
N LEU D 34 12.58 -3.59 9.84
CA LEU D 34 12.51 -3.48 8.40
C LEU D 34 11.29 -2.65 7.97
N LEU D 35 10.34 -2.49 8.89
CA LEU D 35 9.13 -1.72 8.62
C LEU D 35 9.45 -0.23 8.59
N PHE D 36 10.50 0.16 9.32
CA PHE D 36 10.93 1.56 9.37
C PHE D 36 11.51 1.99 8.03
N LEU D 37 12.11 1.04 7.32
CA LEU D 37 12.69 1.32 6.01
C LEU D 37 11.58 1.50 4.97
N ALA D 38 10.46 0.83 5.21
CA ALA D 38 9.31 0.91 4.31
C ALA D 38 8.48 2.16 4.59
N PHE D 39 8.69 2.76 5.76
CA PHE D 39 7.97 3.98 6.14
C PHE D 39 8.66 5.21 5.62
N VAL D 40 9.98 5.24 5.72
CA VAL D 40 10.77 6.38 5.28
C VAL D 40 10.75 6.54 3.76
N VAL D 41 10.56 5.43 3.04
CA VAL D 41 10.51 5.48 1.58
C VAL D 41 9.13 5.93 1.10
N PHE D 42 8.09 5.58 1.86
CA PHE D 42 6.72 5.98 1.51
C PHE D 42 6.44 7.37 2.04
N LEU D 43 7.31 7.84 2.93
CA LEU D 43 7.18 9.16 3.52
C LEU D 43 7.44 10.22 2.45
N LEU D 44 8.30 9.89 1.49
CA LEU D 44 8.63 10.81 0.41
C LEU D 44 7.53 10.86 -0.64
N VAL D 45 6.77 9.76 -0.74
CA VAL D 45 5.67 9.69 -1.71
C VAL D 45 4.50 10.55 -1.21
N THR D 46 4.04 10.25 0.01
CA THR D 46 2.94 10.99 0.64
C THR D 46 3.29 12.47 0.90
N LEU D 47 4.59 12.77 1.07
CA LEU D 47 5.03 14.15 1.33
C LEU D 47 4.92 15.02 0.08
N ALA D 48 5.22 14.40 -1.05
CA ALA D 48 5.19 15.06 -2.36
C ALA D 48 3.77 15.46 -2.75
N ILE D 49 2.79 15.03 -1.97
CA ILE D 49 1.38 15.35 -2.24
C ILE D 49 0.98 16.62 -1.51
N LEU D 50 1.29 16.70 -0.21
CA LEU D 50 0.96 17.86 0.59
C LEU D 50 1.85 19.04 0.22
N THR D 51 3.07 18.75 -0.23
CA THR D 51 4.00 19.78 -0.63
C THR D 51 3.65 20.33 -2.01
N ALA D 52 3.03 19.48 -2.83
CA ALA D 52 2.63 19.89 -4.19
C ALA D 52 1.37 20.75 -4.16
N LEU D 53 0.62 20.63 -3.08
CA LEU D 53 -0.62 21.41 -2.91
C LEU D 53 -0.36 22.69 -2.12
N ARG D 54 0.84 22.76 -1.52
CA ARG D 54 1.26 23.91 -0.72
C ARG D 54 0.34 24.13 0.48
N LEU D 55 0.47 23.28 1.49
CA LEU D 55 -0.33 23.39 2.70
C LEU D 55 0.54 23.20 3.94
N ALA D 56 1.83 23.50 3.79
CA ALA D 56 2.79 23.37 4.88
C ALA D 56 2.60 24.47 5.93
N ALA D 57 1.77 25.45 5.60
CA ALA D 57 1.48 26.56 6.50
C ALA D 57 0.54 26.13 7.62
N TYR D 58 -0.23 25.07 7.36
CA TYR D 58 -1.18 24.54 8.32
C TYR D 58 -0.61 23.31 9.02
N ALA D 59 0.45 22.75 8.44
CA ALA D 59 1.11 21.57 9.00
C ALA D 59 2.25 21.98 9.92
N ALA D 60 2.65 23.24 9.82
CA ALA D 60 3.74 23.80 10.61
C ALA D 60 3.39 23.77 12.10
N ASN D 61 2.26 24.37 12.46
CA ASN D 61 1.82 24.41 13.85
C ASN D 61 1.68 23.00 14.42
N ILE D 62 1.31 22.04 13.57
CA ILE D 62 1.15 20.66 14.01
C ILE D 62 2.51 20.05 14.40
N VAL D 63 3.56 20.40 13.65
CA VAL D 63 4.90 19.89 13.89
C VAL D 63 5.45 20.40 15.23
N ASN D 64 5.07 21.63 15.60
CA ASN D 64 5.51 22.23 16.86
C ASN D 64 4.63 21.77 18.03
N VAL D 65 3.89 20.67 17.80
CA VAL D 65 3.01 20.09 18.81
C VAL D 65 1.83 21.01 19.16
N SER D 66 0.72 20.81 18.46
CA SER D 66 -0.49 21.59 18.72
C SER D 66 -1.58 20.71 19.31
N LEU D 67 -1.21 19.47 19.60
CA LEU D 67 -2.14 18.51 20.17
C LEU D 67 -2.04 18.52 21.70
N VAL D 68 -2.76 19.45 22.32
CA VAL D 68 -2.77 19.57 23.77
C VAL D 68 -4.17 19.29 24.32
N LYS D 69 -5.18 19.69 23.55
CA LYS D 69 -6.57 19.48 23.94
C LYS D 69 -7.21 18.35 23.12
N PRO D 70 -7.15 18.40 21.76
CA PRO D 70 -7.72 17.36 20.91
C PRO D 70 -6.79 16.15 20.76
N THR D 71 -5.74 16.12 21.59
CA THR D 71 -4.77 15.04 21.59
C THR D 71 -5.37 13.75 22.12
N VAL D 72 -6.48 13.88 22.86
CA VAL D 72 -7.16 12.73 23.45
C VAL D 72 -7.90 11.88 22.39
N TYR D 73 -7.82 12.28 21.13
CA TYR D 73 -8.50 11.56 20.04
C TYR D 73 -7.81 10.22 19.76
N VAL D 74 -6.60 10.03 20.30
CA VAL D 74 -5.87 8.78 20.10
C VAL D 74 -6.33 7.72 21.08
N TYR D 75 -6.98 8.16 22.16
CA TYR D 75 -7.49 7.24 23.18
C TYR D 75 -8.86 6.68 22.79
N SER D 76 -9.52 7.35 21.86
CA SER D 76 -10.82 6.91 21.39
C SER D 76 -10.67 5.87 20.28
N ARG D 77 -9.42 5.51 19.98
CA ARG D 77 -9.13 4.52 18.95
C ARG D 77 -8.67 3.21 19.58
N VAL D 78 -8.21 3.28 20.82
CA VAL D 78 -7.75 2.11 21.55
C VAL D 78 -8.91 1.22 21.99
N LYS D 79 -10.09 1.83 22.15
CA LYS D 79 -11.29 1.11 22.56
C LYS D 79 -11.77 0.17 21.45
N ASN D 80 -11.42 0.50 20.21
CA ASN D 80 -11.82 -0.31 19.06
C ASN D 80 -10.78 -1.39 18.78
N LEU D 81 -9.51 -1.03 18.91
CA LEU D 81 -8.41 -1.96 18.66
C LEU D 81 -7.37 -1.88 19.78
N GLU E 24 9.45 -17.34 19.67
CA GLU E 24 9.70 -17.78 18.27
C GLU E 24 9.88 -19.30 18.19
N THR E 25 9.39 -19.98 19.20
CA THR E 25 9.50 -21.44 19.26
C THR E 25 8.24 -22.10 18.70
N GLY E 26 8.28 -22.44 17.42
CA GLY E 26 7.14 -23.06 16.77
C GLY E 26 5.95 -22.13 16.66
N THR E 27 6.22 -20.84 16.48
CA THR E 27 5.16 -19.84 16.36
C THR E 27 5.18 -19.19 14.99
N LEU E 28 4.23 -19.57 14.14
CA LEU E 28 4.13 -19.01 12.80
C LEU E 28 3.03 -17.95 12.75
N ILE E 29 2.55 -17.54 13.91
CA ILE E 29 1.52 -16.53 14.01
C ILE E 29 2.11 -15.15 14.28
N VAL E 30 3.43 -15.03 14.10
CA VAL E 30 4.13 -13.77 14.32
C VAL E 30 4.06 -12.90 13.06
N ASN E 31 3.72 -13.52 11.94
CA ASN E 31 3.62 -12.81 10.67
C ASN E 31 2.38 -11.91 10.63
N SER E 32 1.46 -12.13 11.56
CA SER E 32 0.24 -11.34 11.65
C SER E 32 0.38 -10.24 12.69
N VAL E 33 1.36 -10.39 13.57
CA VAL E 33 1.61 -9.42 14.63
C VAL E 33 2.31 -8.18 14.07
N LEU E 34 3.19 -8.38 13.09
CA LEU E 34 3.91 -7.28 12.45
C LEU E 34 2.98 -6.46 11.55
N LEU E 35 1.81 -7.04 11.23
CA LEU E 35 0.83 -6.36 10.40
C LEU E 35 0.11 -5.27 11.18
N PHE E 36 0.10 -5.41 12.51
CA PHE E 36 -0.54 -4.44 13.39
C PHE E 36 0.28 -3.15 13.45
N LEU E 37 1.59 -3.29 13.24
CA LEU E 37 2.51 -2.14 13.25
C LEU E 37 2.36 -1.33 11.97
N ALA E 38 2.06 -2.02 10.88
CA ALA E 38 1.88 -1.38 9.58
C ALA E 38 0.45 -0.90 9.40
N PHE E 39 -0.40 -1.24 10.37
CA PHE E 39 -1.80 -0.84 10.32
C PHE E 39 -2.06 0.38 11.21
N VAL E 40 -1.23 0.54 12.23
CA VAL E 40 -1.37 1.66 13.15
C VAL E 40 -0.76 2.94 12.57
N VAL E 41 0.16 2.78 11.62
CA VAL E 41 0.81 3.92 10.99
C VAL E 41 -0.05 4.49 9.86
N PHE E 42 -0.71 3.61 9.11
CA PHE E 42 -1.58 4.05 8.03
C PHE E 42 -2.87 4.60 8.60
N LEU E 43 -3.07 4.34 9.89
CA LEU E 43 -4.24 4.82 10.61
C LEU E 43 -4.11 6.33 10.78
N LEU E 44 -2.88 6.80 10.95
CA LEU E 44 -2.61 8.23 11.12
C LEU E 44 -2.70 8.95 9.78
N VAL E 45 -2.44 8.21 8.71
CA VAL E 45 -2.49 8.76 7.36
C VAL E 45 -3.94 8.93 6.90
N THR E 46 -4.74 7.88 7.07
CA THR E 46 -6.15 7.90 6.69
C THR E 46 -6.98 8.78 7.65
N LEU E 47 -6.45 9.07 8.85
CA LEU E 47 -7.15 9.91 9.83
C LEU E 47 -6.97 11.39 9.50
N ALA E 48 -5.82 11.72 8.92
CA ALA E 48 -5.49 13.10 8.54
C ALA E 48 -6.35 13.58 7.37
N ILE E 49 -7.16 12.68 6.81
CA ILE E 49 -8.03 13.01 5.70
C ILE E 49 -9.43 13.37 6.18
N LEU E 50 -10.00 12.51 7.02
CA LEU E 50 -11.35 12.74 7.55
C LEU E 50 -11.35 13.88 8.57
N THR E 51 -10.21 14.09 9.22
CA THR E 51 -10.07 15.16 10.21
C THR E 51 -9.85 16.50 9.51
N ALA E 52 -9.20 16.43 8.34
CA ALA E 52 -8.92 17.63 7.56
C ALA E 52 -10.19 18.16 6.90
N LEU E 53 -11.18 17.28 6.74
CA LEU E 53 -12.44 17.65 6.11
C LEU E 53 -13.51 17.96 7.16
N ARG E 54 -13.22 17.60 8.41
CA ARG E 54 -14.13 17.82 9.54
C ARG E 54 -15.45 17.07 9.37
N LEU E 55 -15.39 15.76 9.53
CA LEU E 55 -16.58 14.92 9.41
C LEU E 55 -16.65 13.91 10.55
N ALA E 56 -15.98 14.26 11.65
CA ALA E 56 -15.95 13.41 12.84
C ALA E 56 -17.29 13.45 13.59
N ALA E 57 -18.16 14.36 13.17
CA ALA E 57 -19.48 14.52 13.77
C ALA E 57 -20.43 13.41 13.32
N TYR E 58 -20.12 12.83 12.16
CA TYR E 58 -20.92 11.74 11.60
C TYR E 58 -20.28 10.39 11.90
N ALA E 59 -19.00 10.41 12.22
CA ALA E 59 -18.26 9.20 12.53
C ALA E 59 -18.34 8.86 14.02
N ALA E 60 -18.78 9.84 14.80
CA ALA E 60 -18.91 9.69 16.25
C ALA E 60 -19.94 8.63 16.61
N ASN E 61 -21.15 8.78 16.07
CA ASN E 61 -22.24 7.84 16.34
C ASN E 61 -21.86 6.41 15.94
N ILE E 62 -20.90 6.29 15.01
CA ILE E 62 -20.45 4.98 14.54
C ILE E 62 -19.52 4.33 15.57
N VAL E 63 -18.70 5.13 16.23
CA VAL E 63 -17.76 4.63 17.25
C VAL E 63 -18.51 4.08 18.45
N ASN E 64 -19.71 4.63 18.70
CA ASN E 64 -20.54 4.18 19.82
C ASN E 64 -21.39 2.98 19.42
N VAL E 65 -21.00 2.33 18.32
CA VAL E 65 -21.70 1.16 17.79
C VAL E 65 -23.10 1.52 17.29
N SER E 66 -23.21 1.77 15.99
CA SER E 66 -24.48 2.12 15.37
C SER E 66 -24.91 1.03 14.41
N LEU E 67 -24.13 -0.06 14.35
CA LEU E 67 -24.43 -1.17 13.47
C LEU E 67 -25.22 -2.25 14.19
N VAL E 68 -26.54 -2.11 14.18
CA VAL E 68 -27.43 -3.08 14.82
C VAL E 68 -28.37 -3.73 13.80
N LYS E 69 -28.79 -2.94 12.84
CA LYS E 69 -29.69 -3.42 11.78
C LYS E 69 -28.92 -3.67 10.48
N PRO E 70 -28.13 -2.68 9.98
CA PRO E 70 -27.37 -2.86 8.74
C PRO E 70 -26.01 -3.53 8.97
N THR E 71 -25.85 -4.14 10.15
CA THR E 71 -24.62 -4.82 10.53
C THR E 71 -24.48 -6.15 9.78
N VAL E 72 -25.61 -6.64 9.25
CA VAL E 72 -25.62 -7.91 8.50
C VAL E 72 -24.94 -7.77 7.13
N TYR E 73 -24.45 -6.58 6.81
CA TYR E 73 -23.79 -6.34 5.53
C TYR E 73 -22.41 -7.01 5.48
N VAL E 74 -21.97 -7.55 6.63
CA VAL E 74 -20.68 -8.22 6.69
C VAL E 74 -20.80 -9.69 6.33
N TYR E 75 -22.03 -10.21 6.38
CA TYR E 75 -22.29 -11.60 6.05
C TYR E 75 -22.48 -11.78 4.55
N SER E 76 -22.72 -10.68 3.85
CA SER E 76 -22.92 -10.72 2.40
C SER E 76 -21.58 -10.60 1.68
N ARG E 77 -20.49 -10.59 2.44
CA ARG E 77 -19.15 -10.49 1.88
C ARG E 77 -18.41 -11.80 2.03
N VAL E 78 -18.88 -12.64 2.96
CA VAL E 78 -18.28 -13.94 3.22
C VAL E 78 -18.69 -14.95 2.15
N LYS E 79 -19.78 -14.66 1.45
CA LYS E 79 -20.29 -15.54 0.40
C LYS E 79 -19.39 -15.46 -0.84
N ASN E 80 -18.62 -14.38 -0.94
CA ASN E 80 -17.72 -14.19 -2.07
C ASN E 80 -16.32 -14.68 -1.74
N LEU E 81 -15.90 -14.45 -0.50
CA LEU E 81 -14.58 -14.87 -0.05
C LEU E 81 -14.65 -15.45 1.37
N GLU A 24 4.92 -27.95 7.39
CA GLU A 24 5.99 -27.14 6.81
C GLU A 24 7.00 -28.03 6.07
N THR A 25 6.50 -29.09 5.46
CA THR A 25 7.35 -30.01 4.72
C THR A 25 7.33 -29.70 3.22
N GLY A 26 7.93 -28.59 2.84
CA GLY A 26 7.97 -28.20 1.44
C GLY A 26 6.73 -27.43 1.02
N THR A 27 6.04 -26.85 2.00
CA THR A 27 4.83 -26.09 1.71
C THR A 27 5.15 -24.62 1.50
N LEU A 28 5.64 -24.28 0.32
CA LEU A 28 5.98 -22.90 -0.02
C LEU A 28 4.74 -22.08 -0.30
N ILE A 29 3.63 -22.78 -0.53
CA ILE A 29 2.34 -22.14 -0.81
C ILE A 29 1.81 -21.35 0.42
N VAL A 30 2.50 -21.43 1.56
CA VAL A 30 2.07 -20.71 2.76
C VAL A 30 2.38 -19.21 2.63
N ASN A 31 3.29 -18.87 1.71
CA ASN A 31 3.66 -17.49 1.47
C ASN A 31 2.50 -16.72 0.84
N SER A 32 1.54 -17.46 0.27
CA SER A 32 0.37 -16.86 -0.35
C SER A 32 -0.78 -16.78 0.66
N VAL A 33 -0.70 -17.61 1.70
CA VAL A 33 -1.72 -17.64 2.75
C VAL A 33 -1.63 -16.39 3.63
N LEU A 34 -0.40 -15.92 3.83
CA LEU A 34 -0.17 -14.73 4.64
C LEU A 34 -0.54 -13.47 3.86
N LEU A 35 -0.61 -13.61 2.53
CA LEU A 35 -0.98 -12.50 1.66
C LEU A 35 -2.50 -12.27 1.71
N PHE A 36 -3.24 -13.34 2.01
CA PHE A 36 -4.69 -13.27 2.12
C PHE A 36 -5.11 -12.47 3.35
N LEU A 37 -4.23 -12.46 4.37
CA LEU A 37 -4.49 -11.74 5.59
C LEU A 37 -4.23 -10.24 5.39
N ALA A 38 -3.22 -9.93 4.58
CA ALA A 38 -2.87 -8.54 4.28
C ALA A 38 -3.85 -7.95 3.28
N PHE A 39 -4.61 -8.83 2.63
CA PHE A 39 -5.59 -8.43 1.63
C PHE A 39 -6.97 -8.28 2.26
N VAL A 40 -7.25 -9.11 3.26
CA VAL A 40 -8.55 -9.09 3.94
C VAL A 40 -8.67 -7.87 4.87
N VAL A 41 -7.53 -7.42 5.41
CA VAL A 41 -7.54 -6.26 6.30
C VAL A 41 -7.75 -4.98 5.49
N PHE A 42 -7.18 -4.96 4.27
CA PHE A 42 -7.30 -3.81 3.38
C PHE A 42 -8.75 -3.58 2.97
N LEU A 43 -9.58 -4.60 3.18
CA LEU A 43 -10.99 -4.54 2.84
C LEU A 43 -11.78 -3.70 3.85
N LEU A 44 -11.18 -3.41 5.01
CA LEU A 44 -11.88 -2.62 6.02
C LEU A 44 -11.62 -1.14 5.78
N VAL A 45 -10.61 -0.84 4.97
CA VAL A 45 -10.25 0.54 4.64
C VAL A 45 -10.94 0.99 3.36
N THR A 46 -10.91 0.13 2.35
CA THR A 46 -11.50 0.44 1.05
C THR A 46 -13.02 0.50 1.12
N LEU A 47 -13.62 -0.30 2.01
CA LEU A 47 -15.06 -0.30 2.19
C LEU A 47 -15.49 0.91 3.02
N ALA A 48 -14.61 1.35 3.91
CA ALA A 48 -14.89 2.50 4.76
C ALA A 48 -14.89 3.80 3.96
N ILE A 49 -14.32 3.76 2.76
CA ILE A 49 -14.26 4.95 1.92
C ILE A 49 -15.57 5.16 1.17
N LEU A 50 -16.04 4.11 0.50
CA LEU A 50 -17.30 4.18 -0.26
C LEU A 50 -18.52 4.29 0.66
N THR A 51 -18.37 3.93 1.93
CA THR A 51 -19.48 4.00 2.88
C THR A 51 -19.66 5.42 3.40
N ALA A 52 -18.55 6.13 3.62
CA ALA A 52 -18.58 7.50 4.11
C ALA A 52 -18.94 8.47 2.97
N LEU A 53 -18.86 7.97 1.74
CA LEU A 53 -19.18 8.76 0.55
C LEU A 53 -20.59 8.45 0.07
N ARG A 54 -21.26 7.53 0.76
CA ARG A 54 -22.63 7.12 0.46
C ARG A 54 -22.75 6.51 -0.95
N LEU A 55 -22.31 5.27 -1.08
CA LEU A 55 -22.38 4.54 -2.34
C LEU A 55 -22.14 3.07 -2.11
N ALA A 56 -22.53 2.62 -0.91
CA ALA A 56 -22.39 1.22 -0.52
C ALA A 56 -23.48 0.37 -1.16
N ALA A 57 -24.28 0.99 -2.02
CA ALA A 57 -25.37 0.30 -2.70
C ALA A 57 -24.86 -0.47 -3.93
N TYR A 58 -23.73 -0.03 -4.46
CA TYR A 58 -23.14 -0.66 -5.63
C TYR A 58 -22.04 -1.65 -5.23
N ALA A 59 -21.46 -1.43 -4.05
CA ALA A 59 -20.40 -2.29 -3.55
C ALA A 59 -20.99 -3.50 -2.82
N ALA A 60 -22.24 -3.39 -2.41
CA ALA A 60 -22.92 -4.47 -1.70
C ALA A 60 -22.88 -5.76 -2.51
N ASN A 61 -23.27 -5.68 -3.79
CA ASN A 61 -23.28 -6.86 -4.66
C ASN A 61 -21.87 -7.41 -4.96
N ILE A 62 -20.83 -6.65 -4.62
CA ILE A 62 -19.46 -7.10 -4.88
C ILE A 62 -18.96 -8.02 -3.75
N VAL A 63 -19.50 -7.87 -2.54
CA VAL A 63 -19.11 -8.70 -1.41
C VAL A 63 -19.91 -10.01 -1.42
N ASN A 64 -21.07 -9.97 -2.09
CA ASN A 64 -21.92 -11.16 -2.21
C ASN A 64 -21.51 -11.99 -3.42
N VAL A 65 -20.55 -11.46 -4.20
CA VAL A 65 -20.03 -12.12 -5.39
C VAL A 65 -21.04 -12.11 -6.55
N SER A 66 -20.75 -11.31 -7.57
CA SER A 66 -21.60 -11.20 -8.74
C SER A 66 -20.78 -11.47 -10.01
N LEU A 67 -19.76 -12.32 -9.87
CA LEU A 67 -18.89 -12.66 -10.99
C LEU A 67 -19.52 -13.76 -11.85
N VAL A 68 -20.31 -13.34 -12.82
CA VAL A 68 -20.97 -14.28 -13.74
C VAL A 68 -20.57 -13.99 -15.19
N LYS A 69 -20.53 -12.71 -15.54
CA LYS A 69 -20.15 -12.30 -16.89
C LYS A 69 -18.69 -11.84 -16.92
N PRO A 70 -18.27 -10.90 -16.04
CA PRO A 70 -16.89 -10.41 -16.00
C PRO A 70 -15.96 -11.36 -15.23
N THR A 71 -16.44 -12.57 -14.95
CA THR A 71 -15.67 -13.57 -14.22
C THR A 71 -14.55 -14.13 -15.08
N VAL A 72 -14.65 -13.92 -16.40
CA VAL A 72 -13.65 -14.41 -17.34
C VAL A 72 -12.33 -13.60 -17.27
N TYR A 73 -12.29 -12.56 -16.42
CA TYR A 73 -11.10 -11.74 -16.28
C TYR A 73 -9.96 -12.51 -15.60
N VAL A 74 -10.27 -13.70 -15.10
CA VAL A 74 -9.27 -14.54 -14.42
C VAL A 74 -8.49 -15.35 -15.45
N TYR A 75 -9.09 -15.56 -16.63
CA TYR A 75 -8.45 -16.31 -17.70
C TYR A 75 -7.46 -15.44 -18.45
N SER A 76 -7.62 -14.12 -18.33
CA SER A 76 -6.73 -13.18 -19.00
C SER A 76 -5.44 -13.01 -18.17
N ARG A 77 -5.40 -13.69 -17.04
CA ARG A 77 -4.24 -13.65 -16.16
C ARG A 77 -3.40 -14.90 -16.32
N VAL A 78 -4.05 -15.98 -16.76
CA VAL A 78 -3.38 -17.26 -16.96
C VAL A 78 -2.42 -17.22 -18.14
N LYS A 79 -2.69 -16.33 -19.10
CA LYS A 79 -1.83 -16.20 -20.26
C LYS A 79 -0.52 -15.49 -19.89
N ASN A 80 -0.62 -14.39 -19.12
CA ASN A 80 0.58 -13.67 -18.65
C ASN A 80 1.54 -14.59 -17.88
N LEU A 81 1.01 -15.63 -17.23
CA LEU A 81 1.85 -16.56 -16.47
C LEU A 81 1.58 -18.01 -16.87
N GLU B 24 16.64 -24.40 -3.00
CA GLU B 24 16.97 -23.48 -1.92
C GLU B 24 18.46 -23.58 -1.57
N THR B 25 19.28 -23.81 -2.58
CA THR B 25 20.72 -23.92 -2.38
C THR B 25 21.43 -22.61 -2.70
N GLY B 26 21.23 -21.61 -1.86
CA GLY B 26 21.85 -20.31 -2.08
C GLY B 26 21.04 -19.43 -3.01
N THR B 27 19.74 -19.71 -3.12
CA THR B 27 18.87 -18.93 -3.98
C THR B 27 18.18 -17.83 -3.18
N LEU B 28 18.73 -16.61 -3.25
CA LEU B 28 18.14 -15.48 -2.54
C LEU B 28 17.12 -14.76 -3.42
N ILE B 29 16.94 -15.29 -4.63
CA ILE B 29 15.99 -14.75 -5.59
C ILE B 29 14.55 -15.14 -5.25
N VAL B 30 14.36 -15.99 -4.24
CA VAL B 30 13.02 -16.41 -3.84
C VAL B 30 12.26 -15.24 -3.21
N ASN B 31 12.99 -14.20 -2.79
CA ASN B 31 12.38 -13.02 -2.18
C ASN B 31 11.70 -12.15 -3.23
N SER B 32 12.00 -12.39 -4.51
CA SER B 32 11.41 -11.63 -5.60
C SER B 32 10.23 -12.38 -6.18
N VAL B 33 10.20 -13.69 -5.95
CA VAL B 33 9.12 -14.53 -6.43
C VAL B 33 7.86 -14.28 -5.62
N LEU B 34 8.03 -14.07 -4.32
CA LEU B 34 6.91 -13.80 -3.43
C LEU B 34 6.38 -12.38 -3.65
N LEU B 35 7.25 -11.52 -4.21
CA LEU B 35 6.87 -10.14 -4.50
C LEU B 35 5.95 -10.09 -5.71
N PHE B 36 6.14 -11.04 -6.63
CA PHE B 36 5.31 -11.12 -7.83
C PHE B 36 3.88 -11.52 -7.45
N LEU B 37 3.75 -12.24 -6.33
CA LEU B 37 2.45 -12.67 -5.83
C LEU B 37 1.71 -11.50 -5.20
N ALA B 38 2.46 -10.64 -4.51
CA ALA B 38 1.88 -9.46 -3.85
C ALA B 38 1.60 -8.35 -4.85
N PHE B 39 2.19 -8.46 -6.04
CA PHE B 39 2.00 -7.45 -7.08
C PHE B 39 0.90 -7.87 -8.05
N VAL B 40 0.66 -9.18 -8.16
CA VAL B 40 -0.36 -9.68 -9.07
C VAL B 40 -1.74 -9.61 -8.42
N VAL B 41 -1.79 -9.63 -7.09
CA VAL B 41 -3.06 -9.54 -6.36
C VAL B 41 -3.53 -8.10 -6.30
N PHE B 42 -2.58 -7.17 -6.39
CA PHE B 42 -2.89 -5.74 -6.37
C PHE B 42 -3.51 -5.32 -7.69
N LEU B 43 -3.31 -6.16 -8.71
CA LEU B 43 -3.84 -5.91 -10.05
C LEU B 43 -5.34 -6.16 -10.10
N LEU B 44 -5.88 -6.84 -9.09
CA LEU B 44 -7.30 -7.14 -9.04
C LEU B 44 -8.07 -5.96 -8.46
N VAL B 45 -7.39 -5.16 -7.64
CA VAL B 45 -8.00 -3.99 -7.01
C VAL B 45 -7.88 -2.76 -7.90
N THR B 46 -6.66 -2.50 -8.38
CA THR B 46 -6.39 -1.36 -9.25
C THR B 46 -7.19 -1.43 -10.56
N LEU B 47 -7.49 -2.65 -11.02
CA LEU B 47 -8.28 -2.82 -12.24
C LEU B 47 -9.76 -2.67 -11.96
N ALA B 48 -10.17 -3.01 -10.74
CA ALA B 48 -11.57 -2.92 -10.34
C ALA B 48 -12.00 -1.48 -10.18
N ILE B 49 -11.04 -0.60 -9.88
CA ILE B 49 -11.34 0.82 -9.69
C ILE B 49 -11.70 1.48 -11.02
N LEU B 50 -10.81 1.36 -12.00
CA LEU B 50 -11.03 1.96 -13.31
C LEU B 50 -12.23 1.36 -14.04
N THR B 51 -12.51 0.08 -13.78
CA THR B 51 -13.65 -0.60 -14.42
C THR B 51 -14.98 -0.07 -13.88
N ALA B 52 -14.98 0.28 -12.59
CA ALA B 52 -16.18 0.80 -11.94
C ALA B 52 -16.41 2.26 -12.32
N LEU B 53 -15.35 2.91 -12.81
CA LEU B 53 -15.42 4.29 -13.21
C LEU B 53 -15.62 4.41 -14.73
N ARG B 54 -15.78 3.25 -15.38
CA ARG B 54 -16.00 3.15 -16.82
C ARG B 54 -14.85 3.77 -17.62
N LEU B 55 -13.75 3.02 -17.74
CA LEU B 55 -12.59 3.48 -18.50
C LEU B 55 -11.61 2.33 -18.70
N ALA B 56 -12.18 1.12 -18.83
CA ALA B 56 -11.38 -0.08 -19.03
C ALA B 56 -10.93 -0.19 -20.49
N ALA B 57 -11.35 0.77 -21.31
CA ALA B 57 -10.99 0.80 -22.72
C ALA B 57 -9.56 1.29 -22.88
N TYR B 58 -9.11 2.10 -21.94
CA TYR B 58 -7.75 2.64 -21.97
C TYR B 58 -6.80 1.72 -21.21
N ALA B 59 -7.36 0.91 -20.32
CA ALA B 59 -6.56 -0.04 -19.54
C ALA B 59 -6.49 -1.40 -20.24
N ALA B 60 -7.24 -1.55 -21.32
CA ALA B 60 -7.27 -2.79 -22.07
C ALA B 60 -5.94 -3.04 -22.78
N ASN B 61 -5.38 -1.98 -23.39
CA ASN B 61 -4.11 -2.10 -24.10
C ASN B 61 -2.93 -2.26 -23.15
N ILE B 62 -3.16 -2.07 -21.84
CA ILE B 62 -2.10 -2.19 -20.85
C ILE B 62 -1.86 -3.66 -20.45
N VAL B 63 -2.91 -4.48 -20.50
CA VAL B 63 -2.80 -5.89 -20.13
C VAL B 63 -2.27 -6.69 -21.32
N ASN B 64 -2.49 -6.15 -22.52
CA ASN B 64 -2.04 -6.80 -23.76
C ASN B 64 -0.59 -6.42 -24.06
N VAL B 65 -0.04 -5.49 -23.26
CA VAL B 65 1.34 -5.02 -23.39
C VAL B 65 1.54 -4.19 -24.65
N SER B 66 1.67 -2.87 -24.47
CA SER B 66 1.87 -1.96 -25.59
C SER B 66 3.17 -1.18 -25.39
N LEU B 67 4.19 -1.86 -24.87
CA LEU B 67 5.48 -1.24 -24.63
C LEU B 67 6.39 -1.33 -25.86
N VAL B 68 6.29 -0.33 -26.73
CA VAL B 68 7.10 -0.27 -27.94
C VAL B 68 7.89 1.04 -27.98
N LYS B 69 7.30 2.09 -27.42
CA LYS B 69 7.92 3.40 -27.37
C LYS B 69 8.35 3.76 -25.93
N PRO B 70 7.43 3.69 -24.93
CA PRO B 70 7.78 4.00 -23.54
C PRO B 70 8.43 2.82 -22.81
N THR B 71 8.86 1.83 -23.59
CA THR B 71 9.52 0.63 -23.07
C THR B 71 10.94 0.94 -22.61
N VAL B 72 11.50 2.05 -23.11
CA VAL B 72 12.86 2.46 -22.76
C VAL B 72 12.95 2.98 -21.31
N TYR B 73 11.81 3.04 -20.61
CA TYR B 73 11.79 3.52 -19.23
C TYR B 73 12.45 2.51 -18.29
N VAL B 74 12.74 1.32 -18.80
CA VAL B 74 13.38 0.28 -17.99
C VAL B 74 14.89 0.48 -17.94
N TYR B 75 15.41 1.19 -18.94
CA TYR B 75 16.84 1.47 -19.04
C TYR B 75 17.24 2.64 -18.17
N SER B 76 16.27 3.52 -17.89
CA SER B 76 16.51 4.69 -17.05
C SER B 76 16.49 4.32 -15.57
N ARG B 77 16.28 3.02 -15.30
CA ARG B 77 16.23 2.52 -13.93
C ARG B 77 17.54 1.78 -13.60
N VAL B 78 18.20 1.27 -14.65
CA VAL B 78 19.45 0.53 -14.49
C VAL B 78 20.61 1.46 -14.14
N LYS B 79 20.47 2.75 -14.49
CA LYS B 79 21.51 3.72 -14.21
C LYS B 79 21.61 4.02 -12.72
N ASN B 80 20.48 3.92 -12.01
CA ASN B 80 20.46 4.17 -10.57
C ASN B 80 21.08 3.02 -9.80
N LEU B 81 20.84 1.80 -10.26
CA LEU B 81 21.39 0.62 -9.60
C LEU B 81 22.34 -0.14 -10.54
N GLU C 24 25.55 -13.78 3.63
CA GLU C 24 24.57 -13.82 4.72
C GLU C 24 25.27 -13.95 6.07
N THR C 25 26.43 -13.33 6.20
CA THR C 25 27.20 -13.38 7.44
C THR C 25 26.98 -12.13 8.27
N GLY C 26 25.77 -12.00 8.83
CA GLY C 26 25.46 -10.84 9.65
C GLY C 26 24.97 -9.67 8.82
N THR C 27 24.51 -9.94 7.61
CA THR C 27 24.02 -8.88 6.74
C THR C 27 22.50 -8.77 6.83
N LEU C 28 22.02 -8.09 7.86
CA LEU C 28 20.58 -7.91 8.02
C LEU C 28 20.09 -6.76 7.14
N ILE C 29 21.02 -6.21 6.36
CA ILE C 29 20.71 -5.11 5.46
C ILE C 29 20.06 -5.61 4.16
N VAL C 30 19.85 -6.92 4.07
CA VAL C 30 19.21 -7.50 2.89
C VAL C 30 17.70 -7.28 2.98
N ASN C 31 17.25 -6.92 4.18
CA ASN C 31 15.85 -6.62 4.43
C ASN C 31 15.49 -5.28 3.79
N SER C 32 16.49 -4.43 3.58
CA SER C 32 16.29 -3.12 2.97
C SER C 32 16.41 -3.23 1.45
N VAL C 33 17.12 -4.26 0.99
CA VAL C 33 17.30 -4.50 -0.43
C VAL C 33 16.00 -4.99 -1.07
N LEU C 34 15.27 -5.83 -0.33
CA LEU C 34 14.01 -6.36 -0.82
C LEU C 34 12.92 -5.29 -0.78
N LEU C 35 13.14 -4.26 0.04
CA LEU C 35 12.18 -3.17 0.15
C LEU C 35 12.30 -2.25 -1.08
N PHE C 36 13.50 -2.18 -1.63
CA PHE C 36 13.76 -1.37 -2.82
C PHE C 36 13.06 -2.01 -4.02
N LEU C 37 12.89 -3.33 -3.96
CA LEU C 37 12.22 -4.10 -5.01
C LEU C 37 10.71 -3.87 -4.96
N ALA C 38 10.18 -3.75 -3.74
CA ALA C 38 8.75 -3.53 -3.54
C ALA C 38 8.37 -2.06 -3.68
N PHE C 39 9.38 -1.19 -3.68
CA PHE C 39 9.14 0.24 -3.80
C PHE C 39 9.34 0.72 -5.22
N VAL C 40 10.18 0.02 -5.98
CA VAL C 40 10.43 0.42 -7.36
C VAL C 40 9.30 -0.08 -8.27
N VAL C 41 8.66 -1.19 -7.90
CA VAL C 41 7.55 -1.74 -8.68
C VAL C 41 6.30 -0.88 -8.48
N PHE C 42 6.24 -0.22 -7.33
CA PHE C 42 5.11 0.65 -7.00
C PHE C 42 5.18 1.92 -7.84
N LEU C 43 6.37 2.20 -8.36
CA LEU C 43 6.61 3.38 -9.20
C LEU C 43 5.97 3.20 -10.58
N LEU C 44 5.64 1.96 -10.93
CA LEU C 44 5.03 1.66 -12.22
C LEU C 44 3.56 2.08 -12.23
N VAL C 45 2.88 1.84 -11.11
CA VAL C 45 1.47 2.15 -10.98
C VAL C 45 1.24 3.63 -10.69
N THR C 46 2.06 4.19 -9.80
CA THR C 46 1.96 5.60 -9.40
C THR C 46 2.29 6.54 -10.56
N LEU C 47 3.15 6.10 -11.49
CA LEU C 47 3.51 6.92 -12.65
C LEU C 47 2.48 6.80 -13.76
N ALA C 48 1.80 5.66 -13.80
CA ALA C 48 0.79 5.42 -14.83
C ALA C 48 -0.46 6.25 -14.59
N ILE C 49 -0.69 6.64 -13.32
CA ILE C 49 -1.86 7.45 -12.99
C ILE C 49 -1.75 8.84 -13.60
N LEU C 50 -0.65 9.54 -13.28
CA LEU C 50 -0.44 10.91 -13.77
C LEU C 50 -0.32 10.96 -15.29
N THR C 51 0.19 9.88 -15.89
CA THR C 51 0.36 9.82 -17.35
C THR C 51 -1.00 9.69 -18.05
N ALA C 52 -1.93 8.98 -17.42
CA ALA C 52 -3.26 8.79 -17.98
C ALA C 52 -4.12 10.03 -17.76
N LEU C 53 -3.72 10.87 -16.82
CA LEU C 53 -4.44 12.09 -16.52
C LEU C 53 -3.81 13.28 -17.24
N ARG C 54 -2.79 12.98 -18.05
CA ARG C 54 -2.06 13.98 -18.84
C ARG C 54 -1.44 15.07 -17.97
N LEU C 55 -0.32 14.73 -17.32
CA LEU C 55 0.41 15.67 -16.47
C LEU C 55 1.78 15.10 -16.14
N ALA C 56 2.34 14.36 -17.10
CA ALA C 56 3.66 13.74 -16.94
C ALA C 56 4.77 14.76 -17.15
N ALA C 57 4.40 15.99 -17.49
CA ALA C 57 5.36 17.06 -17.71
C ALA C 57 5.89 17.59 -16.39
N TYR C 58 5.09 17.44 -15.33
CA TYR C 58 5.47 17.90 -14.01
C TYR C 58 6.15 16.77 -13.23
N ALA C 59 5.88 15.53 -13.63
CA ALA C 59 6.48 14.38 -12.97
C ALA C 59 7.81 14.01 -13.62
N ALA C 60 8.04 14.51 -14.83
CA ALA C 60 9.26 14.23 -15.59
C ALA C 60 10.52 14.65 -14.84
N ASN C 61 10.51 15.87 -14.30
CA ASN C 61 11.67 16.41 -13.58
C ASN C 61 11.90 15.68 -12.25
N ILE C 62 10.88 15.01 -11.76
CA ILE C 62 10.97 14.27 -10.50
C ILE C 62 11.77 12.97 -10.71
N VAL C 63 11.62 12.36 -11.89
CA VAL C 63 12.32 11.13 -12.20
C VAL C 63 13.78 11.42 -12.60
N ASN C 64 14.01 12.64 -13.08
CA ASN C 64 15.35 13.06 -13.49
C ASN C 64 16.15 13.59 -12.30
N VAL C 65 15.49 13.61 -11.12
CA VAL C 65 16.10 14.08 -9.88
C VAL C 65 16.34 15.59 -9.90
N SER C 66 15.44 16.33 -9.27
CA SER C 66 15.55 17.78 -9.19
C SER C 66 15.65 18.23 -7.73
N LEU C 67 16.27 17.39 -6.92
CA LEU C 67 16.43 17.66 -5.50
C LEU C 67 17.65 18.57 -5.24
N VAL C 68 17.41 19.88 -5.25
CA VAL C 68 18.46 20.86 -5.01
C VAL C 68 18.08 21.78 -3.85
N LYS C 69 16.81 22.16 -3.82
CA LYS C 69 16.30 23.02 -2.76
C LYS C 69 15.52 22.21 -1.71
N PRO C 70 14.54 21.38 -2.13
CA PRO C 70 13.75 20.56 -1.20
C PRO C 70 14.47 19.25 -0.84
N THR C 71 15.74 19.16 -1.22
CA THR C 71 16.57 17.99 -0.95
C THR C 71 16.91 17.89 0.53
N VAL C 72 16.77 19.00 1.25
CA VAL C 72 17.07 19.03 2.69
C VAL C 72 16.01 18.28 3.53
N TYR C 73 14.97 17.76 2.89
CA TYR C 73 13.91 17.03 3.60
C TYR C 73 14.42 15.69 4.17
N VAL C 74 15.63 15.29 3.75
CA VAL C 74 16.22 14.05 4.23
C VAL C 74 16.88 14.25 5.60
N TYR C 75 17.29 15.50 5.88
CA TYR C 75 17.92 15.84 7.14
C TYR C 75 16.88 16.00 8.24
N SER C 76 15.65 16.30 7.84
CA SER C 76 14.56 16.47 8.79
C SER C 76 13.95 15.11 9.17
N ARG C 77 14.58 14.04 8.67
CA ARG C 77 14.14 12.69 8.97
C ARG C 77 15.16 11.99 9.87
N VAL C 78 16.40 12.50 9.84
CA VAL C 78 17.48 11.95 10.66
C VAL C 78 17.30 12.31 12.13
N LYS C 79 16.57 13.41 12.37
CA LYS C 79 16.31 13.86 13.73
C LYS C 79 15.31 12.94 14.43
N ASN C 80 14.46 12.27 13.64
CA ASN C 80 13.47 11.35 14.18
C ASN C 80 14.11 10.03 14.58
N LEU C 81 15.20 9.66 13.90
CA LEU C 81 15.90 8.42 14.20
C LEU C 81 17.40 8.66 14.35
N GLU D 24 20.58 -11.66 18.09
CA GLU D 24 19.47 -12.52 17.72
C GLU D 24 19.25 -13.62 18.75
N THR D 25 19.51 -13.29 20.02
CA THR D 25 19.35 -14.24 21.10
C THR D 25 18.02 -14.05 21.81
N GLY D 26 16.93 -14.41 21.12
CA GLY D 26 15.61 -14.27 21.70
C GLY D 26 15.03 -12.88 21.50
N THR D 27 15.46 -12.20 20.44
CA THR D 27 14.94 -10.87 20.14
C THR D 27 14.03 -10.88 18.92
N LEU D 28 12.71 -10.91 19.14
CA LEU D 28 11.76 -10.90 18.02
C LEU D 28 11.38 -9.46 17.68
N ILE D 29 12.08 -8.50 18.32
CA ILE D 29 11.83 -7.08 18.10
C ILE D 29 12.46 -6.57 16.80
N VAL D 30 13.18 -7.44 16.08
CA VAL D 30 13.81 -7.04 14.81
C VAL D 30 12.75 -6.98 13.70
N ASN D 31 11.60 -7.59 13.95
CA ASN D 31 10.51 -7.60 12.99
C ASN D 31 9.90 -6.20 12.86
N SER D 32 10.03 -5.40 13.92
CA SER D 32 9.50 -4.04 13.91
C SER D 32 10.57 -3.06 13.42
N VAL D 33 11.82 -3.48 13.48
CA VAL D 33 12.95 -2.65 13.03
C VAL D 33 12.99 -2.62 11.51
N LEU D 34 12.68 -3.76 10.89
CA LEU D 34 12.66 -3.86 9.43
C LEU D 34 11.43 -3.15 8.88
N LEU D 35 10.42 -2.97 9.74
CA LEU D 35 9.19 -2.30 9.36
C LEU D 35 9.40 -0.79 9.35
N PHE D 36 10.40 -0.33 10.13
CA PHE D 36 10.73 1.08 10.18
C PHE D 36 11.34 1.55 8.87
N LEU D 37 11.97 0.62 8.17
CA LEU D 37 12.58 0.92 6.88
C LEU D 37 11.51 0.97 5.78
N ALA D 38 10.50 0.11 5.92
CA ALA D 38 9.41 0.06 4.95
C ALA D 38 8.53 1.30 5.07
N PHE D 39 8.59 1.93 6.23
CA PHE D 39 7.81 3.14 6.49
C PHE D 39 8.61 4.39 6.17
N VAL D 40 9.94 4.30 6.29
CA VAL D 40 10.81 5.44 6.03
C VAL D 40 10.97 5.68 4.53
N VAL D 41 10.91 4.60 3.73
CA VAL D 41 11.05 4.72 2.28
C VAL D 41 9.74 5.20 1.67
N PHE D 42 8.63 4.85 2.32
CA PHE D 42 7.30 5.25 1.86
C PHE D 42 7.12 6.75 2.03
N LEU D 43 7.99 7.33 2.84
CA LEU D 43 7.95 8.76 3.10
C LEU D 43 8.57 9.55 1.95
N LEU D 44 9.06 8.87 0.91
CA LEU D 44 9.65 9.57 -0.22
C LEU D 44 8.63 9.81 -1.31
N VAL D 45 7.62 8.96 -1.38
CA VAL D 45 6.57 9.10 -2.38
C VAL D 45 5.44 10.00 -1.88
N THR D 46 5.02 9.78 -0.63
CA THR D 46 3.96 10.56 -0.01
C THR D 46 4.37 12.04 0.11
N LEU D 47 5.66 12.31 0.26
CA LEU D 47 6.15 13.68 0.35
C LEU D 47 6.34 14.26 -1.05
N ALA D 48 6.54 13.39 -2.04
CA ALA D 48 6.73 13.81 -3.42
C ALA D 48 5.43 14.27 -4.05
N ILE D 49 4.32 13.94 -3.40
CA ILE D 49 3.00 14.31 -3.88
C ILE D 49 2.66 15.74 -3.48
N LEU D 50 2.72 16.02 -2.18
CA LEU D 50 2.40 17.36 -1.67
C LEU D 50 3.36 18.42 -2.20
N THR D 51 4.56 18.01 -2.58
CA THR D 51 5.55 18.93 -3.13
C THR D 51 5.23 19.22 -4.60
N ALA D 52 4.60 18.26 -5.27
CA ALA D 52 4.23 18.39 -6.67
C ALA D 52 2.98 19.24 -6.84
N LEU D 53 2.19 19.33 -5.77
CA LEU D 53 0.95 20.10 -5.79
C LEU D 53 1.14 21.46 -5.10
N ARG D 54 2.38 21.74 -4.71
CA ARG D 54 2.75 22.99 -4.03
C ARG D 54 1.93 23.22 -2.76
N LEU D 55 2.26 22.46 -1.71
CA LEU D 55 1.57 22.58 -0.43
C LEU D 55 2.39 21.94 0.68
N ALA D 56 3.71 21.85 0.45
CA ALA D 56 4.61 21.27 1.42
C ALA D 56 4.90 22.24 2.56
N ALA D 57 4.32 23.45 2.46
CA ALA D 57 4.48 24.47 3.47
C ALA D 57 3.75 24.10 4.77
N TYR D 58 2.75 23.24 4.64
CA TYR D 58 1.96 22.80 5.79
C TYR D 58 2.47 21.46 6.31
N ALA D 59 3.10 20.69 5.43
CA ALA D 59 3.64 19.38 5.80
C ALA D 59 5.02 19.51 6.42
N ALA D 60 5.68 20.64 6.16
CA ALA D 60 7.01 20.88 6.69
C ALA D 60 7.03 20.75 8.22
N ASN D 61 6.12 21.46 8.89
CA ASN D 61 6.06 21.41 10.36
C ASN D 61 5.77 20.01 10.88
N ILE D 62 5.18 19.15 10.05
CA ILE D 62 4.88 17.78 10.43
C ILE D 62 6.15 16.94 10.49
N VAL D 63 7.09 17.23 9.58
CA VAL D 63 8.37 16.53 9.52
C VAL D 63 9.30 17.03 10.64
N ASN D 64 9.00 18.24 11.13
CA ASN D 64 9.78 18.86 12.20
C ASN D 64 9.24 18.49 13.57
N VAL D 65 8.16 17.69 13.58
CA VAL D 65 7.52 17.24 14.82
C VAL D 65 6.83 18.40 15.56
N SER D 66 5.51 18.46 15.43
CA SER D 66 4.70 19.48 16.08
C SER D 66 3.63 18.84 16.95
N LEU D 67 3.98 17.70 17.55
CA LEU D 67 3.06 16.96 18.40
C LEU D 67 3.08 17.48 19.83
N VAL D 68 2.16 18.40 20.13
CA VAL D 68 2.05 18.97 21.48
C VAL D 68 0.61 18.85 21.99
N LYS D 69 -0.33 19.24 21.15
CA LYS D 69 -1.75 19.15 21.49
C LYS D 69 -2.35 17.85 20.96
N PRO D 70 -2.16 17.51 19.66
CA PRO D 70 -2.69 16.27 19.09
C PRO D 70 -1.75 15.09 19.35
N THR D 71 -0.82 15.26 20.28
CA THR D 71 0.13 14.22 20.63
C THR D 71 -0.52 13.13 21.46
N VAL D 72 -1.67 13.44 22.06
CA VAL D 72 -2.42 12.48 22.88
C VAL D 72 -3.07 11.38 22.04
N TYR D 73 -2.91 11.46 20.71
CA TYR D 73 -3.49 10.45 19.81
C TYR D 73 -2.77 9.11 19.95
N VAL D 74 -1.66 9.09 20.69
CA VAL D 74 -0.91 7.86 20.90
C VAL D 74 -1.46 7.10 22.12
N TYR D 75 -2.10 7.83 23.05
CA TYR D 75 -2.66 7.20 24.23
C TYR D 75 -4.00 6.53 23.91
N SER D 76 -4.61 6.95 22.82
CA SER D 76 -5.90 6.39 22.39
C SER D 76 -5.69 5.12 21.56
N ARG D 77 -4.43 4.66 21.49
CA ARG D 77 -4.10 3.45 20.74
C ARG D 77 -3.69 2.34 21.69
N VAL D 78 -3.14 2.72 22.84
CA VAL D 78 -2.70 1.76 23.86
C VAL D 78 -3.90 1.11 24.54
N LYS D 79 -5.07 1.72 24.38
CA LYS D 79 -6.30 1.20 24.98
C LYS D 79 -6.79 -0.02 24.23
N ASN D 80 -6.56 -0.04 22.91
CA ASN D 80 -6.98 -1.15 22.06
C ASN D 80 -6.10 -2.37 22.27
N LEU D 81 -4.83 -2.13 22.60
CA LEU D 81 -3.87 -3.20 22.83
C LEU D 81 -3.21 -3.06 24.20
N GLU E 24 6.61 -19.64 19.57
CA GLU E 24 6.94 -19.96 18.18
C GLU E 24 7.05 -21.47 17.97
N THR E 25 6.22 -22.22 18.68
CA THR E 25 6.22 -23.67 18.58
C THR E 25 5.11 -24.15 17.66
N GLY E 26 5.27 -23.89 16.37
CA GLY E 26 4.28 -24.31 15.39
C GLY E 26 3.16 -23.30 15.24
N THR E 27 3.43 -22.08 15.68
CA THR E 27 2.46 -21.00 15.63
C THR E 27 2.72 -20.08 14.44
N LEU E 28 2.06 -20.36 13.33
CA LEU E 28 2.23 -19.56 12.13
C LEU E 28 1.31 -18.34 12.16
N ILE E 29 0.64 -18.14 13.30
CA ILE E 29 -0.29 -17.03 13.45
C ILE E 29 0.43 -15.74 13.86
N VAL E 30 1.77 -15.77 13.94
CA VAL E 30 2.54 -14.58 14.29
C VAL E 30 2.63 -13.64 13.08
N ASN E 31 2.39 -14.20 11.90
CA ASN E 31 2.40 -13.43 10.66
C ASN E 31 1.18 -12.51 10.59
N SER E 32 0.12 -12.87 11.30
CA SER E 32 -1.09 -12.07 11.32
C SER E 32 -1.01 -10.98 12.37
N VAL E 33 -0.17 -11.21 13.38
CA VAL E 33 0.01 -10.24 14.46
C VAL E 33 0.81 -9.04 13.97
N LEU E 34 1.84 -9.30 13.17
CA LEU E 34 2.69 -8.23 12.64
C LEU E 34 1.95 -7.42 11.58
N LEU E 35 0.88 -7.99 11.03
CA LEU E 35 0.09 -7.30 10.02
C LEU E 35 -0.80 -6.25 10.69
N PHE E 36 -1.12 -6.47 11.96
CA PHE E 36 -1.93 -5.53 12.73
C PHE E 36 -1.10 -4.28 13.04
N LEU E 37 0.22 -4.45 13.02
CA LEU E 37 1.14 -3.36 13.29
C LEU E 37 1.22 -2.42 12.08
N ALA E 38 1.23 -3.00 10.89
CA ALA E 38 1.29 -2.22 9.65
C ALA E 38 -0.08 -1.70 9.25
N PHE E 39 -1.12 -2.22 9.90
CA PHE E 39 -2.49 -1.81 9.61
C PHE E 39 -2.95 -0.71 10.56
N VAL E 40 -2.40 -0.70 11.78
CA VAL E 40 -2.78 0.30 12.77
C VAL E 40 -2.07 1.63 12.50
N VAL E 41 -0.88 1.55 11.88
CA VAL E 41 -0.10 2.76 11.56
C VAL E 41 -0.69 3.44 10.34
N PHE E 42 -1.44 2.67 9.54
CA PHE E 42 -2.08 3.19 8.35
C PHE E 42 -3.35 3.95 8.73
N LEU E 43 -3.83 3.67 9.95
CA LEU E 43 -5.02 4.33 10.47
C LEU E 43 -4.70 5.76 10.91
N LEU E 44 -3.41 6.08 10.98
CA LEU E 44 -2.97 7.40 11.38
C LEU E 44 -2.79 8.31 10.17
N VAL E 45 -2.79 7.72 8.99
CA VAL E 45 -2.63 8.49 7.75
C VAL E 45 -3.99 8.81 7.15
N THR E 46 -4.88 7.81 7.14
CA THR E 46 -6.23 7.99 6.60
C THR E 46 -7.06 8.97 7.45
N LEU E 47 -6.84 8.97 8.77
CA LEU E 47 -7.57 9.86 9.67
C LEU E 47 -7.09 11.31 9.52
N ALA E 48 -5.81 11.47 9.18
CA ALA E 48 -5.21 12.78 8.99
C ALA E 48 -5.78 13.47 7.76
N ILE E 49 -6.41 12.69 6.89
CA ILE E 49 -7.00 13.24 5.66
C ILE E 49 -8.39 13.81 5.94
N LEU E 50 -9.27 12.99 6.51
CA LEU E 50 -10.64 13.43 6.79
C LEU E 50 -10.69 14.52 7.85
N THR E 51 -9.66 14.61 8.67
CA THR E 51 -9.59 15.63 9.71
C THR E 51 -9.22 16.99 9.11
N ALA E 52 -8.36 16.97 8.09
CA ALA E 52 -7.92 18.19 7.42
C ALA E 52 -8.99 18.75 6.49
N LEU E 53 -9.93 17.90 6.11
CA LEU E 53 -11.01 18.29 5.21
C LEU E 53 -12.28 18.64 6.01
N ARG E 54 -12.18 18.50 7.34
CA ARG E 54 -13.28 18.80 8.25
C ARG E 54 -14.49 17.91 8.01
N LEU E 55 -14.37 16.64 8.42
CA LEU E 55 -15.45 15.67 8.27
C LEU E 55 -15.20 14.48 9.20
N ALA E 56 -14.51 14.77 10.31
CA ALA E 56 -14.18 13.75 11.30
C ALA E 56 -15.38 13.42 12.19
N ALA E 57 -16.50 14.08 11.94
CA ALA E 57 -17.72 13.86 12.71
C ALA E 57 -18.42 12.58 12.26
N TYR E 58 -18.23 12.21 10.99
CA TYR E 58 -18.84 11.02 10.44
C TYR E 58 -17.94 9.81 10.65
N ALA E 59 -16.65 10.06 10.87
CA ALA E 59 -15.68 8.99 11.10
C ALA E 59 -15.57 8.68 12.59
N ALA E 60 -16.01 9.62 13.43
CA ALA E 60 -15.95 9.43 14.88
C ALA E 60 -16.69 8.16 15.30
N ASN E 61 -17.93 8.00 14.83
CA ASN E 61 -18.74 6.83 15.18
C ASN E 61 -18.14 5.53 14.62
N ILE E 62 -17.29 5.64 13.60
CA ILE E 62 -16.68 4.45 13.00
C ILE E 62 -15.58 3.88 13.91
N VAL E 63 -14.84 4.76 14.59
CA VAL E 63 -13.78 4.33 15.49
C VAL E 63 -14.37 3.79 16.79
N ASN E 64 -15.57 4.26 17.13
CA ASN E 64 -16.25 3.82 18.35
C ASN E 64 -16.98 2.50 18.12
N VAL E 65 -16.94 2.02 16.87
CA VAL E 65 -17.57 0.76 16.47
C VAL E 65 -19.10 0.87 16.45
N SER E 66 -19.66 0.94 15.25
CA SER E 66 -21.10 1.04 15.07
C SER E 66 -21.61 -0.10 14.18
N LEU E 67 -20.98 -1.26 14.33
CA LEU E 67 -21.34 -2.44 13.54
C LEU E 67 -22.47 -3.22 14.18
N VAL E 68 -23.71 -2.84 13.82
CA VAL E 68 -24.90 -3.51 14.35
C VAL E 68 -25.76 -4.03 13.20
N LYS E 69 -25.84 -3.26 12.13
CA LYS E 69 -26.61 -3.63 10.95
C LYS E 69 -25.70 -4.09 9.81
N PRO E 70 -24.67 -3.29 9.42
CA PRO E 70 -23.75 -3.66 8.34
C PRO E 70 -22.62 -4.58 8.84
N THR E 71 -22.82 -5.19 10.01
CA THR E 71 -21.86 -6.09 10.61
C THR E 71 -21.89 -7.46 9.93
N VAL E 72 -22.98 -7.74 9.22
CA VAL E 72 -23.13 -9.01 8.50
C VAL E 72 -22.20 -9.10 7.28
N TYR E 73 -21.44 -8.03 7.01
CA TYR E 73 -20.52 -7.99 5.87
C TYR E 73 -19.33 -8.93 6.08
N VAL E 74 -19.17 -9.45 7.31
CA VAL E 74 -18.09 -10.37 7.62
C VAL E 74 -18.47 -11.80 7.25
N TYR E 75 -19.77 -12.07 7.22
CA TYR E 75 -20.27 -13.40 6.87
C TYR E 75 -20.22 -13.63 5.38
N SER E 76 -20.30 -12.54 4.61
CA SER E 76 -20.24 -12.61 3.17
C SER E 76 -18.80 -12.78 2.69
N ARG E 77 -17.87 -12.83 3.65
CA ARG E 77 -16.46 -13.02 3.35
C ARG E 77 -16.05 -14.47 3.65
N VAL E 78 -16.81 -15.11 4.54
CA VAL E 78 -16.54 -16.50 4.95
C VAL E 78 -16.92 -17.48 3.83
N LYS E 79 -17.80 -17.04 2.94
CA LYS E 79 -18.24 -17.88 1.84
C LYS E 79 -17.15 -18.01 0.79
N ASN E 80 -16.42 -16.93 0.53
CA ASN E 80 -15.32 -16.95 -0.45
C ASN E 80 -14.23 -17.93 -0.02
N LEU E 81 -13.91 -17.92 1.27
CA LEU E 81 -12.88 -18.81 1.82
C LEU E 81 -13.49 -19.78 2.84
N GLU A 24 8.04 -25.87 9.97
CA GLU A 24 9.14 -25.18 9.23
C GLU A 24 10.22 -26.18 8.83
N THR A 25 9.91 -27.47 8.95
CA THR A 25 10.86 -28.52 8.60
C THR A 25 10.75 -28.89 7.13
N GLY A 26 11.48 -28.16 6.29
CA GLY A 26 11.46 -28.43 4.86
C GLY A 26 10.24 -27.87 4.16
N THR A 27 9.48 -27.05 4.87
CA THR A 27 8.27 -26.43 4.31
C THR A 27 8.54 -25.00 3.86
N LEU A 28 8.57 -24.82 2.55
CA LEU A 28 8.80 -23.49 1.98
C LEU A 28 7.47 -22.87 1.52
N ILE A 29 6.38 -23.61 1.71
CA ILE A 29 5.06 -23.16 1.32
C ILE A 29 4.51 -22.10 2.29
N VAL A 30 5.29 -21.76 3.32
CA VAL A 30 4.90 -20.76 4.31
C VAL A 30 4.97 -19.36 3.71
N ASN A 31 5.69 -19.23 2.60
CA ASN A 31 5.86 -17.96 1.92
C ASN A 31 4.56 -17.48 1.29
N SER A 32 3.68 -18.43 0.99
CA SER A 32 2.38 -18.12 0.39
C SER A 32 1.27 -18.12 1.44
N VAL A 33 1.61 -18.55 2.66
CA VAL A 33 0.64 -18.57 3.76
C VAL A 33 0.47 -17.16 4.32
N LEU A 34 1.56 -16.39 4.33
CA LEU A 34 1.53 -15.02 4.81
C LEU A 34 0.87 -14.10 3.79
N LEU A 35 0.67 -14.63 2.57
CA LEU A 35 0.03 -13.88 1.50
C LEU A 35 -1.47 -13.78 1.74
N PHE A 36 -2.03 -14.80 2.37
CA PHE A 36 -3.46 -14.83 2.69
C PHE A 36 -3.75 -13.86 3.84
N LEU A 37 -2.72 -13.59 4.63
CA LEU A 37 -2.82 -12.67 5.76
C LEU A 37 -2.79 -11.23 5.27
N ALA A 38 -2.10 -11.00 4.15
CA ALA A 38 -2.00 -9.68 3.56
C ALA A 38 -3.13 -9.45 2.56
N PHE A 39 -3.88 -10.53 2.28
CA PHE A 39 -5.00 -10.47 1.36
C PHE A 39 -6.28 -10.09 2.08
N VAL A 40 -6.44 -10.59 3.31
CA VAL A 40 -7.64 -10.33 4.10
C VAL A 40 -7.60 -8.95 4.76
N VAL A 41 -6.40 -8.42 5.04
CA VAL A 41 -6.28 -7.11 5.67
C VAL A 41 -6.51 -5.99 4.66
N PHE A 42 -6.20 -6.26 3.39
CA PHE A 42 -6.41 -5.28 2.33
C PHE A 42 -7.86 -5.33 1.86
N LEU A 43 -8.55 -6.40 2.26
CA LEU A 43 -9.95 -6.58 1.92
C LEU A 43 -10.82 -5.64 2.74
N LEU A 44 -10.32 -5.25 3.90
CA LEU A 44 -11.05 -4.33 4.79
C LEU A 44 -11.03 -2.91 4.22
N VAL A 45 -9.99 -2.61 3.45
CA VAL A 45 -9.84 -1.29 2.84
C VAL A 45 -10.67 -1.15 1.57
N THR A 46 -10.59 -2.15 0.70
CA THR A 46 -11.34 -2.13 -0.56
C THR A 46 -12.86 -2.22 -0.33
N LEU A 47 -13.26 -2.91 0.73
CA LEU A 47 -14.68 -3.05 1.08
C LEU A 47 -15.22 -1.72 1.60
N ALA A 48 -14.31 -0.89 2.13
CA ALA A 48 -14.69 0.41 2.67
C ALA A 48 -14.91 1.43 1.56
N ILE A 49 -14.63 1.02 0.32
CA ILE A 49 -14.83 1.89 -0.83
C ILE A 49 -16.18 1.65 -1.48
N LEU A 50 -16.50 0.38 -1.74
CA LEU A 50 -17.77 0.02 -2.35
C LEU A 50 -18.94 0.24 -1.39
N THR A 51 -18.68 0.06 -0.09
CA THR A 51 -19.70 0.27 0.93
C THR A 51 -19.91 1.76 1.17
N ALA A 52 -18.86 2.54 0.94
CA ALA A 52 -18.92 3.99 1.14
C ALA A 52 -19.65 4.67 -0.01
N LEU A 53 -19.69 4.00 -1.16
CA LEU A 53 -20.36 4.54 -2.33
C LEU A 53 -21.75 3.93 -2.49
N ARG A 54 -22.09 3.03 -1.56
CA ARG A 54 -23.38 2.33 -1.54
C ARG A 54 -23.61 1.54 -2.83
N LEU A 55 -22.98 0.38 -2.92
CA LEU A 55 -23.13 -0.47 -4.10
C LEU A 55 -22.85 -1.93 -3.73
N ALA A 56 -23.10 -2.24 -2.45
CA ALA A 56 -22.89 -3.58 -1.94
C ALA A 56 -23.91 -4.57 -2.51
N ALA A 57 -24.96 -4.05 -3.13
CA ALA A 57 -26.00 -4.89 -3.73
C ALA A 57 -25.55 -5.34 -5.12
N TYR A 58 -24.64 -4.55 -5.72
CA TYR A 58 -24.11 -4.86 -7.03
C TYR A 58 -22.80 -5.63 -6.90
N ALA A 59 -22.16 -5.52 -5.74
CA ALA A 59 -20.90 -6.21 -5.50
C ALA A 59 -21.13 -7.55 -4.80
N ALA A 60 -22.38 -7.80 -4.43
CA ALA A 60 -22.75 -9.03 -3.74
C ALA A 60 -22.72 -10.23 -4.70
N ASN A 61 -23.19 -10.01 -5.92
CA ASN A 61 -23.21 -11.07 -6.93
C ASN A 61 -21.80 -11.37 -7.44
N ILE A 62 -20.90 -10.40 -7.25
CA ILE A 62 -19.51 -10.56 -7.68
C ILE A 62 -18.76 -11.52 -6.76
N VAL A 63 -19.06 -11.46 -5.47
CA VAL A 63 -18.43 -12.34 -4.49
C VAL A 63 -19.08 -13.72 -4.51
N ASN A 64 -20.34 -13.76 -4.94
CA ASN A 64 -21.09 -15.01 -4.99
C ASN A 64 -21.03 -15.63 -6.39
N VAL A 65 -19.88 -16.24 -6.70
CA VAL A 65 -19.66 -16.90 -8.00
C VAL A 65 -19.85 -15.94 -9.18
N SER A 66 -18.76 -15.32 -9.61
CA SER A 66 -18.80 -14.39 -10.73
C SER A 66 -17.55 -14.54 -11.60
N LEU A 67 -16.57 -15.29 -11.08
CA LEU A 67 -15.32 -15.52 -11.80
C LEU A 67 -15.42 -16.77 -12.65
N VAL A 68 -16.32 -16.74 -13.63
CA VAL A 68 -16.53 -17.88 -14.53
C VAL A 68 -16.40 -17.42 -15.98
N LYS A 69 -16.73 -16.16 -16.23
CA LYS A 69 -16.66 -15.59 -17.57
C LYS A 69 -15.42 -14.69 -17.71
N PRO A 70 -15.20 -13.70 -16.81
CA PRO A 70 -14.03 -12.81 -16.87
C PRO A 70 -12.82 -13.40 -16.15
N THR A 71 -12.94 -14.66 -15.72
CA THR A 71 -11.88 -15.37 -15.03
C THR A 71 -10.70 -15.65 -15.95
N VAL A 72 -10.96 -15.59 -17.26
CA VAL A 72 -9.93 -15.81 -18.26
C VAL A 72 -8.82 -14.75 -18.15
N TYR A 73 -9.06 -13.73 -17.32
CA TYR A 73 -8.08 -12.67 -17.10
C TYR A 73 -6.84 -13.20 -16.36
N VAL A 74 -7.00 -14.35 -15.69
CA VAL A 74 -5.87 -14.97 -14.98
C VAL A 74 -4.87 -15.55 -15.96
N TYR A 75 -5.37 -16.12 -17.07
CA TYR A 75 -4.53 -16.75 -18.08
C TYR A 75 -3.95 -15.72 -19.06
N SER A 76 -4.61 -14.57 -19.18
CA SER A 76 -4.13 -13.51 -20.07
C SER A 76 -2.84 -12.88 -19.53
N ARG A 77 -2.46 -13.26 -18.31
CA ARG A 77 -1.25 -12.75 -17.67
C ARG A 77 -0.14 -13.81 -17.68
N VAL A 78 -0.54 -15.07 -17.82
CA VAL A 78 0.40 -16.18 -17.83
C VAL A 78 1.19 -16.23 -19.14
N LYS A 79 0.62 -15.65 -20.20
CA LYS A 79 1.28 -15.62 -21.50
C LYS A 79 2.51 -14.70 -21.47
N ASN A 80 2.53 -13.76 -20.53
CA ASN A 80 3.64 -12.84 -20.39
C ASN A 80 4.71 -13.40 -19.44
N LEU A 81 4.25 -14.10 -18.40
CA LEU A 81 5.16 -14.68 -17.41
C LEU A 81 4.88 -16.17 -17.22
N GLU B 24 9.90 -20.37 1.71
CA GLU B 24 10.49 -19.60 2.83
C GLU B 24 11.81 -20.24 3.29
N THR B 25 12.11 -21.42 2.75
CA THR B 25 13.35 -22.13 3.09
C THR B 25 14.49 -21.70 2.17
N GLY B 26 15.17 -20.62 2.55
CA GLY B 26 16.27 -20.12 1.76
C GLY B 26 15.82 -19.35 0.52
N THR B 27 14.57 -18.91 0.54
CA THR B 27 14.00 -18.17 -0.58
C THR B 27 13.57 -16.78 -0.16
N LEU B 28 14.05 -15.77 -0.88
CA LEU B 28 13.72 -14.38 -0.58
C LEU B 28 12.92 -13.76 -1.71
N ILE B 29 12.41 -14.61 -2.59
CA ILE B 29 11.60 -14.15 -3.71
C ILE B 29 10.14 -13.99 -3.29
N VAL B 30 9.91 -14.05 -1.98
CA VAL B 30 8.57 -13.90 -1.42
C VAL B 30 8.10 -12.46 -1.52
N ASN B 31 9.07 -11.54 -1.57
CA ASN B 31 8.77 -10.11 -1.66
C ASN B 31 8.28 -9.73 -3.07
N SER B 32 8.40 -10.65 -4.03
CA SER B 32 7.96 -10.38 -5.39
C SER B 32 6.63 -11.09 -5.66
N VAL B 33 6.25 -11.96 -4.72
CA VAL B 33 5.00 -12.72 -4.84
C VAL B 33 3.84 -11.93 -4.23
N LEU B 34 4.11 -11.25 -3.12
CA LEU B 34 3.09 -10.46 -2.43
C LEU B 34 2.82 -9.14 -3.15
N LEU B 35 3.75 -8.74 -4.04
CA LEU B 35 3.59 -7.50 -4.77
C LEU B 35 2.66 -7.70 -5.96
N PHE B 36 2.53 -8.95 -6.41
CA PHE B 36 1.64 -9.28 -7.52
C PHE B 36 0.20 -9.23 -7.02
N LEU B 37 0.05 -9.40 -5.70
CA LEU B 37 -1.23 -9.37 -5.03
C LEU B 37 -1.67 -7.92 -4.82
N ALA B 38 -0.70 -7.06 -4.49
CA ALA B 38 -0.98 -5.65 -4.28
C ALA B 38 -1.16 -4.91 -5.61
N PHE B 39 -0.84 -5.60 -6.70
CA PHE B 39 -0.98 -5.03 -8.04
C PHE B 39 -2.30 -5.43 -8.68
N VAL B 40 -2.83 -6.59 -8.28
CA VAL B 40 -4.09 -7.08 -8.82
C VAL B 40 -5.29 -6.46 -8.11
N VAL B 41 -5.12 -6.11 -6.83
CA VAL B 41 -6.20 -5.50 -6.06
C VAL B 41 -6.38 -4.04 -6.45
N PHE B 42 -5.30 -3.41 -6.91
CA PHE B 42 -5.34 -2.02 -7.35
C PHE B 42 -5.78 -1.94 -8.80
N LEU B 43 -5.82 -3.11 -9.45
CA LEU B 43 -6.24 -3.19 -10.84
C LEU B 43 -7.75 -3.06 -10.95
N LEU B 44 -8.45 -3.37 -9.86
CA LEU B 44 -9.91 -3.27 -9.83
C LEU B 44 -10.35 -1.83 -9.56
N VAL B 45 -9.40 -0.98 -9.20
CA VAL B 45 -9.68 0.42 -8.93
C VAL B 45 -9.49 1.28 -10.19
N THR B 46 -8.42 0.99 -10.93
CA THR B 46 -8.11 1.72 -12.16
C THR B 46 -9.15 1.43 -13.24
N LEU B 47 -9.50 0.13 -13.38
CA LEU B 47 -10.47 -0.31 -14.37
C LEU B 47 -11.82 0.35 -14.15
N ALA B 48 -12.15 0.61 -12.90
CA ALA B 48 -13.41 1.24 -12.57
C ALA B 48 -13.47 2.69 -13.06
N ILE B 49 -12.31 3.36 -13.18
CA ILE B 49 -12.29 4.73 -13.66
C ILE B 49 -12.53 4.79 -15.17
N LEU B 50 -11.69 4.08 -15.93
CA LEU B 50 -11.79 4.06 -17.39
C LEU B 50 -13.11 3.47 -17.87
N THR B 51 -13.65 2.53 -17.10
CA THR B 51 -14.92 1.90 -17.44
C THR B 51 -16.07 2.83 -17.06
N ALA B 52 -15.83 3.70 -16.06
CA ALA B 52 -16.86 4.62 -15.61
C ALA B 52 -16.98 5.81 -16.56
N LEU B 53 -15.91 6.07 -17.31
CA LEU B 53 -15.89 7.18 -18.25
C LEU B 53 -16.20 6.71 -19.66
N ARG B 54 -16.40 5.41 -19.82
CA ARG B 54 -16.72 4.78 -21.10
C ARG B 54 -15.61 4.99 -22.13
N LEU B 55 -14.45 4.36 -21.89
CA LEU B 55 -13.32 4.45 -22.80
C LEU B 55 -12.59 3.11 -22.84
N ALA B 56 -13.35 2.05 -22.59
CA ALA B 56 -12.82 0.69 -22.60
C ALA B 56 -12.49 0.25 -24.01
N ALA B 57 -13.00 0.98 -25.00
CA ALA B 57 -12.75 0.65 -26.40
C ALA B 57 -11.39 1.18 -26.85
N TYR B 58 -10.89 2.19 -26.16
CA TYR B 58 -9.61 2.79 -26.50
C TYR B 58 -8.50 2.23 -25.62
N ALA B 59 -8.88 1.75 -24.44
CA ALA B 59 -7.91 1.17 -23.51
C ALA B 59 -7.65 -0.30 -23.82
N ALA B 60 -8.57 -0.91 -24.56
CA ALA B 60 -8.42 -2.31 -24.93
C ALA B 60 -7.10 -2.57 -25.65
N ASN B 61 -6.86 -1.81 -26.72
CA ASN B 61 -5.63 -1.95 -27.49
C ASN B 61 -4.41 -1.84 -26.59
N ILE B 62 -4.46 -0.94 -25.61
CA ILE B 62 -3.35 -0.73 -24.68
C ILE B 62 -3.00 -2.00 -23.91
N VAL B 63 -4.02 -2.75 -23.51
CA VAL B 63 -3.82 -3.99 -22.76
C VAL B 63 -3.35 -5.11 -23.69
N ASN B 64 -3.81 -5.06 -24.94
CA ASN B 64 -3.45 -6.08 -25.93
C ASN B 64 -2.19 -5.67 -26.71
N VAL B 65 -1.03 -5.81 -26.06
CA VAL B 65 0.27 -5.49 -26.67
C VAL B 65 0.35 -4.02 -27.12
N SER B 66 0.91 -3.18 -26.26
CA SER B 66 1.07 -1.76 -26.56
C SER B 66 2.39 -1.24 -25.99
N LEU B 67 3.04 -2.07 -25.18
CA LEU B 67 4.30 -1.70 -24.56
C LEU B 67 5.47 -2.15 -25.44
N VAL B 68 5.57 -1.54 -26.62
CA VAL B 68 6.63 -1.85 -27.57
C VAL B 68 7.38 -0.59 -27.96
N LYS B 69 6.66 0.53 -28.03
CA LYS B 69 7.24 1.82 -28.37
C LYS B 69 7.51 2.65 -27.10
N PRO B 70 6.50 2.85 -26.23
CA PRO B 70 6.68 3.61 -24.99
C PRO B 70 7.17 2.73 -23.84
N THR B 71 7.61 1.52 -24.18
CA THR B 71 8.11 0.56 -23.19
C THR B 71 9.48 0.99 -22.67
N VAL B 72 10.16 1.85 -23.43
CA VAL B 72 11.49 2.34 -23.04
C VAL B 72 11.42 3.28 -21.82
N TYR B 73 10.21 3.52 -21.30
CA TYR B 73 10.02 4.39 -20.14
C TYR B 73 10.56 3.75 -18.86
N VAL B 74 10.80 2.44 -18.90
CA VAL B 74 11.34 1.73 -17.74
C VAL B 74 12.84 1.91 -17.64
N TYR B 75 13.49 2.14 -18.78
CA TYR B 75 14.93 2.32 -18.84
C TYR B 75 15.33 3.75 -18.49
N SER B 76 14.36 4.66 -18.52
CA SER B 76 14.61 6.07 -18.20
C SER B 76 14.60 6.26 -16.69
N ARG B 77 14.38 5.18 -15.96
CA ARG B 77 14.36 5.21 -14.50
C ARG B 77 15.56 4.47 -13.93
N VAL B 78 16.12 3.56 -14.72
CA VAL B 78 17.29 2.78 -14.31
C VAL B 78 18.56 3.62 -14.35
N LYS B 79 18.52 4.71 -15.13
CA LYS B 79 19.68 5.60 -15.26
C LYS B 79 19.89 6.42 -13.99
N ASN B 80 18.94 6.33 -13.05
CA ASN B 80 19.03 7.07 -11.80
C ASN B 80 19.22 6.12 -10.63
N LEU B 81 18.58 4.95 -10.71
CA LEU B 81 18.68 3.94 -9.66
C LEU B 81 19.00 2.57 -10.25
N GLU C 24 21.49 -14.33 4.90
CA GLU C 24 20.81 -14.67 6.18
C GLU C 24 21.84 -15.11 7.22
N THR C 25 23.09 -15.27 6.79
CA THR C 25 24.16 -15.69 7.68
C THR C 25 24.79 -14.48 8.36
N GLY C 26 24.16 -14.02 9.44
CA GLY C 26 24.68 -12.87 10.17
C GLY C 26 24.35 -11.56 9.47
N THR C 27 23.44 -11.60 8.50
CA THR C 27 23.05 -10.42 7.75
C THR C 27 21.57 -10.10 7.95
N LEU C 28 21.30 -8.94 8.55
CA LEU C 28 19.93 -8.51 8.79
C LEU C 28 19.58 -7.36 7.85
N ILE C 29 20.46 -7.12 6.87
CA ILE C 29 20.25 -6.05 5.89
C ILE C 29 19.32 -6.49 4.75
N VAL C 30 18.70 -7.65 4.91
CA VAL C 30 17.79 -8.17 3.89
C VAL C 30 16.48 -7.39 3.91
N ASN C 31 16.19 -6.74 5.05
CA ASN C 31 14.99 -5.94 5.21
C ASN C 31 15.05 -4.66 4.39
N SER C 32 16.26 -4.32 3.94
CA SER C 32 16.47 -3.14 3.13
C SER C 32 16.44 -3.49 1.64
N VAL C 33 16.75 -4.75 1.33
CA VAL C 33 16.77 -5.23 -0.05
C VAL C 33 15.35 -5.45 -0.57
N LEU C 34 14.48 -5.97 0.29
CA LEU C 34 13.09 -6.23 -0.10
C LEU C 34 12.31 -4.93 -0.24
N LEU C 35 12.78 -3.87 0.42
CA LEU C 35 12.12 -2.57 0.36
C LEU C 35 12.42 -1.87 -0.96
N PHE C 36 13.51 -2.28 -1.61
CA PHE C 36 13.91 -1.71 -2.89
C PHE C 36 12.98 -2.24 -3.99
N LEU C 37 12.46 -3.45 -3.78
CA LEU C 37 11.56 -4.08 -4.73
C LEU C 37 10.14 -3.56 -4.55
N ALA C 38 9.81 -3.12 -3.34
CA ALA C 38 8.49 -2.58 -3.05
C ALA C 38 8.39 -1.11 -3.45
N PHE C 39 9.53 -0.52 -3.79
CA PHE C 39 9.58 0.88 -4.19
C PHE C 39 9.70 1.00 -5.70
N VAL C 40 10.16 -0.05 -6.36
CA VAL C 40 10.33 -0.04 -7.80
C VAL C 40 9.03 -0.42 -8.52
N VAL C 41 8.17 -1.18 -7.85
CA VAL C 41 6.89 -1.60 -8.44
C VAL C 41 5.88 -0.45 -8.38
N PHE C 42 6.05 0.42 -7.39
CA PHE C 42 5.17 1.57 -7.23
C PHE C 42 5.57 2.68 -8.20
N LEU C 43 6.75 2.52 -8.79
CA LEU C 43 7.28 3.49 -9.75
C LEU C 43 6.54 3.37 -11.07
N LEU C 44 5.84 2.25 -11.27
CA LEU C 44 5.08 2.03 -12.50
C LEU C 44 3.69 2.63 -12.37
N VAL C 45 3.25 2.85 -11.13
CA VAL C 45 1.93 3.41 -10.86
C VAL C 45 1.97 4.94 -10.94
N THR C 46 2.81 5.55 -10.09
CA THR C 46 2.99 7.00 -10.07
C THR C 46 3.43 7.55 -11.44
N LEU C 47 4.16 6.74 -12.21
CA LEU C 47 4.64 7.16 -13.53
C LEU C 47 3.50 7.23 -14.54
N ALA C 48 2.54 6.32 -14.42
CA ALA C 48 1.39 6.28 -15.32
C ALA C 48 0.47 7.49 -15.13
N ILE C 49 0.68 8.22 -14.02
CA ILE C 49 -0.13 9.40 -13.73
C ILE C 49 0.42 10.63 -14.44
N LEU C 50 1.73 10.86 -14.33
CA LEU C 50 2.36 12.02 -14.95
C LEU C 50 2.47 11.85 -16.48
N THR C 51 2.50 10.60 -16.94
CA THR C 51 2.58 10.33 -18.37
C THR C 51 1.21 10.47 -19.02
N ALA C 52 0.16 10.26 -18.22
CA ALA C 52 -1.21 10.35 -18.71
C ALA C 52 -1.64 11.82 -18.82
N LEU C 53 -0.98 12.69 -18.08
CA LEU C 53 -1.29 14.10 -18.08
C LEU C 53 -0.38 14.86 -19.05
N ARG C 54 0.57 14.13 -19.65
CA ARG C 54 1.52 14.69 -20.61
C ARG C 54 2.40 15.79 -20.00
N LEU C 55 3.33 15.38 -19.14
CA LEU C 55 4.24 16.32 -18.50
C LEU C 55 5.61 15.68 -18.30
N ALA C 56 5.95 14.76 -19.20
CA ALA C 56 7.23 14.05 -19.16
C ALA C 56 8.39 14.99 -19.48
N ALA C 57 8.08 16.11 -20.14
CA ALA C 57 9.08 17.10 -20.51
C ALA C 57 9.45 17.98 -19.31
N TYR C 58 8.55 18.07 -18.34
CA TYR C 58 8.78 18.88 -17.15
C TYR C 58 9.29 18.01 -16.00
N ALA C 59 9.11 16.71 -16.13
CA ALA C 59 9.55 15.77 -15.11
C ALA C 59 10.92 15.18 -15.47
N ALA C 60 11.36 15.42 -16.70
CA ALA C 60 12.65 14.92 -17.18
C ALA C 60 13.80 15.56 -16.42
N ASN C 61 13.70 16.89 -16.20
CA ASN C 61 14.74 17.62 -15.49
C ASN C 61 14.73 17.29 -13.99
N ILE C 62 13.57 16.84 -13.49
CA ILE C 62 13.44 16.49 -12.08
C ILE C 62 14.15 15.17 -11.77
N VAL C 63 14.02 14.21 -12.69
CA VAL C 63 14.65 12.91 -12.52
C VAL C 63 16.15 12.97 -12.81
N ASN C 64 16.52 13.85 -13.74
CA ASN C 64 17.93 14.01 -14.12
C ASN C 64 18.61 15.06 -13.25
N VAL C 65 19.03 14.65 -12.05
CA VAL C 65 19.71 15.51 -11.09
C VAL C 65 18.92 16.77 -10.76
N SER C 66 18.13 16.71 -9.69
CA SER C 66 17.32 17.85 -9.27
C SER C 66 17.27 17.94 -7.75
N LEU C 67 17.80 16.91 -7.08
CA LEU C 67 17.83 16.86 -5.63
C LEU C 67 19.12 17.47 -5.10
N VAL C 68 19.31 18.76 -5.35
CA VAL C 68 20.48 19.48 -4.90
C VAL C 68 20.10 20.65 -4.01
N LYS C 69 18.96 21.27 -4.32
CA LYS C 69 18.46 22.40 -3.54
C LYS C 69 17.35 21.95 -2.57
N PRO C 70 16.29 21.25 -3.05
CA PRO C 70 15.22 20.78 -2.19
C PRO C 70 15.53 19.43 -1.54
N THR C 71 16.80 19.02 -1.64
CA THR C 71 17.26 17.76 -1.08
C THR C 71 17.31 17.82 0.45
N VAL C 72 17.35 19.04 0.99
CA VAL C 72 17.40 19.24 2.43
C VAL C 72 16.07 18.89 3.12
N TYR C 73 15.10 18.41 2.34
CA TYR C 73 13.79 18.05 2.89
C TYR C 73 13.88 16.77 3.73
N VAL C 74 14.98 16.02 3.58
CA VAL C 74 15.17 14.79 4.34
C VAL C 74 15.78 15.09 5.70
N TYR C 75 16.48 16.23 5.79
CA TYR C 75 17.13 16.64 7.03
C TYR C 75 16.11 17.26 7.98
N SER C 76 14.97 17.69 7.44
CA SER C 76 13.91 18.29 8.24
C SER C 76 13.03 17.20 8.85
N ARG C 77 13.40 15.95 8.62
CA ARG C 77 12.68 14.80 9.14
C ARG C 77 13.48 14.10 10.23
N VAL C 78 14.81 14.14 10.09
CA VAL C 78 15.71 13.49 11.05
C VAL C 78 15.75 14.26 12.38
N LYS C 79 15.37 15.54 12.34
CA LYS C 79 15.36 16.37 13.55
C LYS C 79 14.20 16.00 14.48
N ASN C 80 13.35 15.07 14.03
CA ASN C 80 12.21 14.64 14.83
C ASN C 80 12.34 13.17 15.20
N LEU C 81 13.00 12.41 14.34
CA LEU C 81 13.20 10.98 14.57
C LEU C 81 14.63 10.57 14.23
N GLU D 24 20.33 -13.09 15.02
CA GLU D 24 19.22 -14.06 14.92
C GLU D 24 19.32 -15.11 16.02
N THR D 25 20.15 -14.82 17.03
CA THR D 25 20.34 -15.73 18.15
C THR D 25 19.38 -15.43 19.29
N GLY D 26 18.14 -15.89 19.15
CA GLY D 26 17.13 -15.65 20.17
C GLY D 26 16.51 -14.27 20.08
N THR D 27 16.76 -13.58 18.97
CA THR D 27 16.22 -12.24 18.76
C THR D 27 14.99 -12.29 17.86
N LEU D 28 13.82 -12.11 18.47
CA LEU D 28 12.56 -12.13 17.73
C LEU D 28 12.08 -10.70 17.48
N ILE D 29 12.93 -9.72 17.77
CA ILE D 29 12.60 -8.31 17.59
C ILE D 29 13.02 -7.80 16.21
N VAL D 30 13.34 -8.71 15.29
CA VAL D 30 13.76 -8.34 13.94
C VAL D 30 12.54 -8.03 13.07
N ASN D 31 11.36 -8.46 13.54
CA ASN D 31 10.12 -8.22 12.80
C ASN D 31 9.71 -6.74 12.86
N SER D 32 10.20 -6.03 13.88
CA SER D 32 9.91 -4.61 14.04
C SER D 32 10.96 -3.76 13.34
N VAL D 33 12.10 -4.38 13.02
CA VAL D 33 13.19 -3.69 12.34
C VAL D 33 12.87 -3.52 10.85
N LEU D 34 12.27 -4.55 10.25
CA LEU D 34 11.92 -4.50 8.85
C LEU D 34 10.72 -3.58 8.60
N LEU D 35 9.94 -3.35 9.66
CA LEU D 35 8.78 -2.47 9.57
C LEU D 35 9.21 -1.01 9.57
N PHE D 36 10.38 -0.73 10.15
CA PHE D 36 10.93 0.61 10.20
C PHE D 36 11.36 1.05 8.81
N LEU D 37 11.79 0.10 7.99
CA LEU D 37 12.23 0.37 6.63
C LEU D 37 11.04 0.37 5.67
N ALA D 38 9.95 -0.27 6.10
CA ALA D 38 8.74 -0.34 5.28
C ALA D 38 7.91 0.94 5.44
N PHE D 39 8.23 1.71 6.47
CA PHE D 39 7.53 2.96 6.74
C PHE D 39 8.35 4.16 6.26
N VAL D 40 9.62 3.93 5.96
CA VAL D 40 10.50 5.01 5.51
C VAL D 40 10.37 5.23 3.99
N VAL D 41 9.98 4.19 3.26
CA VAL D 41 9.82 4.29 1.81
C VAL D 41 8.49 4.93 1.45
N PHE D 42 7.47 4.72 2.30
CA PHE D 42 6.15 5.29 2.06
C PHE D 42 6.16 6.77 2.40
N LEU D 43 7.23 7.21 3.07
CA LEU D 43 7.38 8.61 3.45
C LEU D 43 7.75 9.45 2.24
N LEU D 44 8.30 8.81 1.21
CA LEU D 44 8.70 9.52 -0.01
C LEU D 44 7.53 9.65 -0.96
N VAL D 45 6.52 8.82 -0.76
CA VAL D 45 5.32 8.83 -1.61
C VAL D 45 4.27 9.80 -1.06
N THR D 46 4.04 9.73 0.25
CA THR D 46 3.06 10.58 0.89
C THR D 46 3.53 12.05 0.96
N LEU D 47 4.86 12.26 1.03
CA LEU D 47 5.43 13.61 1.09
C LEU D 47 5.29 14.31 -0.26
N ALA D 48 5.40 13.52 -1.33
CA ALA D 48 5.29 13.99 -2.69
C ALA D 48 3.91 14.59 -2.96
N ILE D 49 2.93 14.20 -2.14
CA ILE D 49 1.57 14.70 -2.29
C ILE D 49 1.40 16.09 -1.70
N LEU D 50 1.84 16.26 -0.45
CA LEU D 50 1.71 17.56 0.22
C LEU D 50 2.70 18.59 -0.33
N THR D 51 3.83 18.10 -0.87
CA THR D 51 4.84 18.98 -1.44
C THR D 51 4.37 19.48 -2.80
N ALA D 52 3.57 18.66 -3.49
CA ALA D 52 3.06 19.03 -4.81
C ALA D 52 1.91 20.03 -4.71
N LEU D 53 1.28 20.08 -3.54
CA LEU D 53 0.16 21.00 -3.32
C LEU D 53 0.63 22.29 -2.66
N ARG D 54 1.93 22.33 -2.33
CA ARG D 54 2.56 23.50 -1.71
C ARG D 54 1.96 23.81 -0.34
N LEU D 55 2.38 23.05 0.66
CA LEU D 55 1.90 23.26 2.03
C LEU D 55 2.94 22.77 3.04
N ALA D 56 4.21 22.85 2.64
CA ALA D 56 5.32 22.43 3.50
C ALA D 56 5.48 23.36 4.68
N ALA D 57 4.99 24.58 4.53
CA ALA D 57 5.06 25.59 5.59
C ALA D 57 4.05 25.29 6.69
N TYR D 58 2.98 24.59 6.33
CA TYR D 58 1.94 24.24 7.30
C TYR D 58 2.19 22.87 7.91
N ALA D 59 3.04 22.08 7.24
CA ALA D 59 3.37 20.74 7.71
C ALA D 59 4.69 20.75 8.48
N ALA D 60 5.34 21.89 8.52
CA ALA D 60 6.61 22.03 9.23
C ALA D 60 6.41 21.96 10.75
N ASN D 61 5.34 22.60 11.21
CA ASN D 61 5.00 22.61 12.64
C ASN D 61 4.33 21.31 13.06
N ILE D 62 3.74 20.60 12.11
CA ILE D 62 3.09 19.32 12.39
C ILE D 62 4.12 18.23 12.69
N VAL D 63 5.25 18.30 11.99
CA VAL D 63 6.31 17.32 12.17
C VAL D 63 7.22 17.73 13.33
N ASN D 64 7.38 19.04 13.52
CA ASN D 64 8.23 19.57 14.59
C ASN D 64 7.43 19.70 15.89
N VAL D 65 7.33 18.58 16.61
CA VAL D 65 6.61 18.52 17.90
C VAL D 65 5.18 19.03 17.79
N SER D 66 4.25 18.12 17.50
CA SER D 66 2.85 18.47 17.38
C SER D 66 1.97 17.37 17.96
N LEU D 67 2.58 16.23 18.27
CA LEU D 67 1.85 15.11 18.85
C LEU D 67 1.85 15.18 20.37
N VAL D 68 1.27 16.27 20.89
CA VAL D 68 1.19 16.48 22.33
C VAL D 68 -0.28 16.56 22.78
N LYS D 69 -1.12 17.09 21.90
CA LYS D 69 -2.55 17.22 22.19
C LYS D 69 -3.37 16.12 21.50
N PRO D 70 -3.24 15.94 20.16
CA PRO D 70 -3.98 14.91 19.44
C PRO D 70 -3.29 13.55 19.49
N THR D 71 -2.28 13.43 20.34
CA THR D 71 -1.51 12.20 20.50
C THR D 71 -2.35 11.12 21.17
N VAL D 72 -3.42 11.53 21.85
CA VAL D 72 -4.33 10.61 22.53
C VAL D 72 -5.13 9.73 21.54
N TYR D 73 -4.93 9.95 20.25
CA TYR D 73 -5.63 9.17 19.22
C TYR D 73 -5.19 7.71 19.22
N VAL D 74 -4.03 7.43 19.81
CA VAL D 74 -3.52 6.05 19.88
C VAL D 74 -4.09 5.32 21.10
N TYR D 75 -4.48 6.09 22.12
CA TYR D 75 -5.04 5.52 23.33
C TYR D 75 -6.48 5.07 23.12
N SER D 76 -7.13 5.67 22.12
CA SER D 76 -8.50 5.32 21.79
C SER D 76 -8.55 4.11 20.86
N ARG D 77 -7.36 3.56 20.56
CA ARG D 77 -7.24 2.40 19.70
C ARG D 77 -6.92 1.15 20.52
N VAL D 78 -6.19 1.35 21.61
CA VAL D 78 -5.79 0.25 22.48
C VAL D 78 -6.98 -0.28 23.30
N LYS D 79 -8.01 0.55 23.44
CA LYS D 79 -9.20 0.15 24.19
C LYS D 79 -9.99 -0.92 23.43
N ASN D 80 -9.85 -0.96 22.11
CA ASN D 80 -10.54 -1.94 21.29
C ASN D 80 -9.69 -3.21 21.13
N LEU D 81 -8.39 -3.04 21.04
CA LEU D 81 -7.47 -4.17 20.87
C LEU D 81 -6.38 -4.16 21.96
N GLU E 24 11.50 -18.01 20.19
CA GLU E 24 11.25 -18.61 18.86
C GLU E 24 11.20 -20.14 18.95
N THR E 25 10.80 -20.66 20.12
CA THR E 25 10.72 -22.09 20.31
C THR E 25 9.34 -22.63 19.95
N GLY E 26 9.07 -22.71 18.65
CA GLY E 26 7.80 -23.22 18.19
C GLY E 26 6.71 -22.16 18.22
N THR E 27 7.12 -20.90 18.24
CA THR E 27 6.18 -19.81 18.28
C THR E 27 5.90 -19.28 16.87
N LEU E 28 4.94 -19.93 16.22
CA LEU E 28 4.53 -19.55 14.87
C LEU E 28 3.47 -18.46 14.93
N ILE E 29 3.10 -18.06 16.14
CA ILE E 29 2.10 -17.02 16.35
C ILE E 29 2.70 -15.62 16.22
N VAL E 30 3.99 -15.56 15.87
CA VAL E 30 4.69 -14.29 15.70
C VAL E 30 4.38 -13.67 14.34
N ASN E 31 3.79 -14.47 13.45
CA ASN E 31 3.44 -14.01 12.11
C ASN E 31 2.30 -12.99 12.17
N SER E 32 1.54 -13.02 13.27
CA SER E 32 0.44 -12.09 13.45
C SER E 32 0.84 -10.90 14.32
N VAL E 33 2.01 -11.03 14.97
CA VAL E 33 2.53 -9.97 15.82
C VAL E 33 3.07 -8.83 14.96
N LEU E 34 3.69 -9.19 13.84
CA LEU E 34 4.25 -8.22 12.92
C LEU E 34 3.13 -7.52 12.15
N LEU E 35 1.96 -8.17 12.10
CA LEU E 35 0.80 -7.62 11.41
C LEU E 35 0.20 -6.48 12.22
N PHE E 36 0.36 -6.55 13.54
CA PHE E 36 -0.15 -5.50 14.43
C PHE E 36 0.65 -4.22 14.26
N LEU E 37 1.91 -4.39 13.87
CA LEU E 37 2.81 -3.26 13.66
C LEU E 37 2.59 -2.65 12.27
N ALA E 38 2.03 -3.46 11.37
CA ALA E 38 1.75 -3.00 10.00
C ALA E 38 0.37 -2.35 9.93
N PHE E 39 -0.45 -2.60 10.93
CA PHE E 39 -1.80 -2.04 10.99
C PHE E 39 -1.80 -0.70 11.70
N VAL E 40 -0.83 -0.51 12.60
CA VAL E 40 -0.72 0.74 13.37
C VAL E 40 -0.02 1.84 12.57
N VAL E 41 0.89 1.46 11.67
CA VAL E 41 1.61 2.42 10.87
C VAL E 41 0.72 2.96 9.73
N PHE E 42 -0.20 2.12 9.26
CA PHE E 42 -1.11 2.50 8.19
C PHE E 42 -2.25 3.34 8.75
N LEU E 43 -2.36 3.36 10.08
CA LEU E 43 -3.41 4.12 10.76
C LEU E 43 -3.07 5.61 10.75
N LEU E 44 -1.79 5.93 10.58
CA LEU E 44 -1.35 7.32 10.56
C LEU E 44 -1.67 7.98 9.21
N VAL E 45 -1.72 7.17 8.16
CA VAL E 45 -2.00 7.68 6.83
C VAL E 45 -3.51 7.80 6.58
N THR E 46 -4.26 6.81 7.06
CA THR E 46 -5.72 6.81 6.90
C THR E 46 -6.39 7.91 7.75
N LEU E 47 -5.82 8.20 8.92
CA LEU E 47 -6.37 9.24 9.80
C LEU E 47 -6.07 10.63 9.24
N ALA E 48 -5.01 10.70 8.45
CA ALA E 48 -4.57 11.92 7.80
C ALA E 48 -5.61 12.41 6.79
N ILE E 49 -6.46 11.49 6.33
CA ILE E 49 -7.49 11.81 5.37
C ILE E 49 -8.75 12.36 6.04
N LEU E 50 -9.25 11.65 7.05
CA LEU E 50 -10.46 12.06 7.76
C LEU E 50 -10.22 13.31 8.62
N THR E 51 -8.98 13.51 9.07
CA THR E 51 -8.65 14.67 9.89
C THR E 51 -8.49 15.91 9.02
N ALA E 52 -7.92 15.75 7.83
CA ALA E 52 -7.71 16.86 6.90
C ALA E 52 -9.02 17.31 6.24
N LEU E 53 -10.02 16.45 6.29
CA LEU E 53 -11.34 16.76 5.72
C LEU E 53 -12.25 17.32 6.80
N ARG E 54 -11.76 17.32 8.04
CA ARG E 54 -12.50 17.82 9.20
C ARG E 54 -13.78 17.03 9.47
N LEU E 55 -13.64 15.88 10.11
CA LEU E 55 -14.79 15.04 10.43
C LEU E 55 -14.47 14.14 11.62
N ALA E 56 -13.59 14.63 12.49
CA ALA E 56 -13.18 13.89 13.68
C ALA E 56 -14.33 13.82 14.69
N ALA E 57 -15.30 14.73 14.55
CA ALA E 57 -16.46 14.75 15.43
C ALA E 57 -17.45 13.65 15.09
N TYR E 58 -17.39 13.18 13.85
CA TYR E 58 -18.28 12.12 13.39
C TYR E 58 -17.60 10.76 13.45
N ALA E 59 -16.27 10.78 13.39
CA ALA E 59 -15.49 9.54 13.44
C ALA E 59 -15.24 9.11 14.89
N ALA E 60 -15.39 10.06 15.81
CA ALA E 60 -15.18 9.77 17.23
C ALA E 60 -16.07 8.63 17.69
N ASN E 61 -17.38 8.73 17.44
CA ASN E 61 -18.34 7.71 17.84
C ASN E 61 -18.09 6.37 17.15
N ILE E 62 -17.39 6.39 16.01
CA ILE E 62 -17.07 5.16 15.29
C ILE E 62 -15.94 4.40 16.00
N VAL E 63 -15.03 5.16 16.62
CA VAL E 63 -13.91 4.60 17.35
C VAL E 63 -14.33 4.15 18.74
N ASN E 64 -15.29 4.89 19.32
CA ASN E 64 -15.79 4.59 20.65
C ASN E 64 -16.97 3.62 20.61
N VAL E 65 -16.67 2.34 20.43
CA VAL E 65 -17.67 1.27 20.39
C VAL E 65 -18.77 1.54 19.34
N SER E 66 -18.55 1.03 18.14
CA SER E 66 -19.52 1.21 17.06
C SER E 66 -19.68 -0.07 16.24
N LEU E 67 -18.83 -1.05 16.52
CA LEU E 67 -18.87 -2.34 15.83
C LEU E 67 -19.77 -3.33 16.57
N VAL E 68 -21.04 -2.97 16.71
CA VAL E 68 -22.02 -3.81 17.40
C VAL E 68 -23.17 -4.17 16.45
N LYS E 69 -23.42 -3.31 15.48
CA LYS E 69 -24.49 -3.54 14.50
C LYS E 69 -23.91 -3.94 13.14
N PRO E 70 -22.97 -3.16 12.56
CA PRO E 70 -22.38 -3.48 11.26
C PRO E 70 -21.17 -4.42 11.39
N THR E 71 -20.99 -4.97 12.59
CA THR E 71 -19.90 -5.89 12.88
C THR E 71 -20.09 -7.23 12.16
N VAL E 72 -21.34 -7.49 11.75
CA VAL E 72 -21.69 -8.73 11.05
C VAL E 72 -21.06 -8.80 9.64
N TYR E 73 -20.38 -7.72 9.21
CA TYR E 73 -19.75 -7.70 7.89
C TYR E 73 -18.57 -8.68 7.82
N VAL E 74 -18.10 -9.13 8.98
CA VAL E 74 -16.99 -10.09 9.03
C VAL E 74 -17.51 -11.51 8.87
N TYR E 75 -18.76 -11.73 9.27
CA TYR E 75 -19.38 -13.04 9.17
C TYR E 75 -19.82 -13.33 7.75
N SER E 76 -20.01 -12.26 6.96
CA SER E 76 -20.42 -12.39 5.57
C SER E 76 -19.20 -12.64 4.69
N ARG E 77 -18.04 -12.75 5.32
CA ARG E 77 -16.79 -13.00 4.61
C ARG E 77 -16.31 -14.43 4.86
N VAL E 78 -16.68 -14.97 6.02
CA VAL E 78 -16.30 -16.33 6.40
C VAL E 78 -17.07 -17.37 5.59
N LYS E 79 -18.20 -16.96 5.02
CA LYS E 79 -19.03 -17.85 4.22
C LYS E 79 -18.35 -18.17 2.89
N ASN E 80 -17.51 -17.24 2.41
CA ASN E 80 -16.80 -17.44 1.15
C ASN E 80 -15.49 -18.20 1.38
N LEU E 81 -14.83 -17.91 2.50
CA LEU E 81 -13.58 -18.57 2.84
C LEU E 81 -13.67 -19.27 4.18
N GLU A 24 6.21 -26.84 8.40
CA GLU A 24 7.12 -26.09 7.54
C GLU A 24 8.34 -26.94 7.19
N THR A 25 8.19 -27.75 6.14
CA THR A 25 9.25 -28.63 5.69
C THR A 25 9.30 -28.69 4.16
N GLY A 26 10.10 -27.82 3.55
CA GLY A 26 10.22 -27.78 2.11
C GLY A 26 9.05 -27.09 1.44
N THR A 27 8.33 -26.27 2.20
CA THR A 27 7.18 -25.54 1.67
C THR A 27 7.55 -24.08 1.40
N LEU A 28 7.45 -23.67 0.14
CA LEU A 28 7.77 -22.30 -0.24
C LEU A 28 6.51 -21.48 -0.50
N ILE A 29 5.38 -22.05 -0.14
CA ILE A 29 4.08 -21.40 -0.28
C ILE A 29 3.62 -20.80 1.05
N VAL A 30 4.57 -20.51 1.93
CA VAL A 30 4.25 -19.92 3.23
C VAL A 30 4.12 -18.40 3.10
N ASN A 31 4.85 -17.85 2.13
CA ASN A 31 4.84 -16.42 1.88
C ASN A 31 3.57 -15.99 1.13
N SER A 32 2.83 -16.98 0.60
CA SER A 32 1.59 -16.70 -0.12
C SER A 32 0.41 -16.68 0.83
N VAL A 33 0.59 -17.26 2.01
CA VAL A 33 -0.46 -17.33 3.02
C VAL A 33 -0.60 -16.00 3.75
N LEU A 34 0.54 -15.35 4.01
CA LEU A 34 0.55 -14.07 4.71
C LEU A 34 0.02 -12.95 3.82
N LEU A 35 -0.08 -13.23 2.51
CA LEU A 35 -0.60 -12.27 1.56
C LEU A 35 -2.12 -12.18 1.67
N PHE A 36 -2.75 -13.30 2.00
CA PHE A 36 -4.20 -13.35 2.17
C PHE A 36 -4.60 -12.66 3.47
N LEU A 37 -3.64 -12.56 4.38
CA LEU A 37 -3.87 -11.92 5.67
C LEU A 37 -3.66 -10.41 5.55
N ALA A 38 -2.83 -10.02 4.59
CA ALA A 38 -2.56 -8.61 4.35
C ALA A 38 -3.56 -8.02 3.38
N PHE A 39 -4.38 -8.90 2.80
CA PHE A 39 -5.40 -8.49 1.85
C PHE A 39 -6.77 -8.43 2.53
N VAL A 40 -6.94 -9.23 3.58
CA VAL A 40 -8.20 -9.27 4.32
C VAL A 40 -8.31 -8.05 5.26
N VAL A 41 -7.18 -7.47 5.62
CA VAL A 41 -7.18 -6.30 6.51
C VAL A 41 -7.51 -5.03 5.71
N PHE A 42 -7.04 -4.98 4.47
CA PHE A 42 -7.31 -3.84 3.61
C PHE A 42 -8.74 -3.88 3.09
N LEU A 43 -9.40 -5.03 3.31
CA LEU A 43 -10.78 -5.22 2.91
C LEU A 43 -11.70 -4.37 3.79
N LEU A 44 -11.24 -4.12 5.02
CA LEU A 44 -12.01 -3.32 5.97
C LEU A 44 -11.88 -1.84 5.65
N VAL A 45 -10.80 -1.49 4.96
CA VAL A 45 -10.55 -0.10 4.58
C VAL A 45 -11.29 0.28 3.30
N THR A 46 -11.02 -0.47 2.22
CA THR A 46 -11.68 -0.23 0.93
C THR A 46 -13.22 -0.28 1.04
N LEU A 47 -13.76 -1.19 1.86
CA LEU A 47 -15.22 -1.30 2.04
C LEU A 47 -15.78 -0.09 2.78
N ALA A 48 -14.98 0.43 3.70
CA ALA A 48 -15.33 1.59 4.51
C ALA A 48 -15.52 2.83 3.65
N ILE A 49 -14.95 2.80 2.45
CA ILE A 49 -15.07 3.92 1.53
C ILE A 49 -16.37 3.84 0.72
N LEU A 50 -16.58 2.71 0.03
CA LEU A 50 -17.76 2.52 -0.79
C LEU A 50 -19.04 2.51 0.03
N THR A 51 -18.94 2.04 1.27
CA THR A 51 -20.10 2.00 2.16
C THR A 51 -20.42 3.39 2.69
N ALA A 52 -19.37 4.20 2.89
CA ALA A 52 -19.53 5.56 3.40
C ALA A 52 -20.07 6.52 2.34
N LEU A 53 -19.89 6.16 1.08
CA LEU A 53 -20.36 6.99 -0.02
C LEU A 53 -21.71 6.47 -0.54
N ARG A 54 -22.15 5.36 0.02
CA ARG A 54 -23.43 4.72 -0.35
C ARG A 54 -23.44 4.31 -1.81
N LEU A 55 -22.72 3.24 -2.13
CA LEU A 55 -22.66 2.72 -3.49
C LEU A 55 -22.43 1.22 -3.48
N ALA A 56 -22.66 0.61 -2.32
CA ALA A 56 -22.47 -0.83 -2.16
C ALA A 56 -23.62 -1.59 -2.83
N ALA A 57 -24.59 -0.85 -3.34
CA ALA A 57 -25.74 -1.44 -4.02
C ALA A 57 -25.35 -1.96 -5.39
N TYR A 58 -24.27 -1.43 -5.94
CA TYR A 58 -23.79 -1.84 -7.26
C TYR A 58 -22.67 -2.86 -7.13
N ALA A 59 -22.01 -2.87 -5.98
CA ALA A 59 -20.94 -3.81 -5.72
C ALA A 59 -21.46 -5.03 -4.97
N ALA A 60 -22.78 -5.08 -4.78
CA ALA A 60 -23.42 -6.19 -4.08
C ALA A 60 -23.60 -7.39 -4.99
N ASN A 61 -23.85 -7.12 -6.28
CA ASN A 61 -24.03 -8.18 -7.26
C ASN A 61 -22.69 -8.75 -7.69
N ILE A 62 -21.63 -7.95 -7.54
CA ILE A 62 -20.29 -8.37 -7.91
C ILE A 62 -19.82 -9.51 -7.00
N VAL A 63 -20.16 -9.40 -5.71
CA VAL A 63 -19.79 -10.42 -4.74
C VAL A 63 -20.71 -11.64 -4.86
N ASN A 64 -21.88 -11.44 -5.45
CA ASN A 64 -22.84 -12.52 -5.65
C ASN A 64 -22.67 -13.14 -7.03
N VAL A 65 -21.42 -13.31 -7.45
CA VAL A 65 -21.07 -13.89 -8.75
C VAL A 65 -21.43 -12.95 -9.91
N SER A 66 -20.41 -12.33 -10.50
CA SER A 66 -20.58 -11.43 -11.63
C SER A 66 -19.55 -11.71 -12.71
N LEU A 67 -18.48 -12.39 -12.31
CA LEU A 67 -17.41 -12.74 -13.22
C LEU A 67 -17.68 -14.07 -13.89
N VAL A 68 -18.53 -14.05 -14.91
CA VAL A 68 -18.88 -15.26 -15.65
C VAL A 68 -18.47 -15.13 -17.12
N LYS A 69 -18.70 -13.95 -17.68
CA LYS A 69 -18.34 -13.68 -19.07
C LYS A 69 -17.01 -12.92 -19.16
N PRO A 70 -16.85 -11.78 -18.41
CA PRO A 70 -15.61 -11.01 -18.43
C PRO A 70 -14.58 -11.52 -17.40
N THR A 71 -14.73 -12.78 -17.00
CA THR A 71 -13.81 -13.38 -16.03
C THR A 71 -12.54 -13.85 -16.73
N VAL A 72 -12.54 -13.77 -18.05
CA VAL A 72 -11.39 -14.17 -18.84
C VAL A 72 -10.34 -13.05 -18.91
N TYR A 73 -10.60 -11.95 -18.18
CA TYR A 73 -9.69 -10.81 -18.15
C TYR A 73 -8.40 -11.15 -17.39
N VAL A 74 -8.42 -12.26 -16.65
CA VAL A 74 -7.25 -12.70 -15.90
C VAL A 74 -6.37 -13.60 -16.77
N TYR A 75 -7.00 -14.29 -17.72
CA TYR A 75 -6.27 -15.18 -18.63
C TYR A 75 -5.56 -14.36 -19.70
N SER A 76 -6.08 -13.17 -19.97
CA SER A 76 -5.49 -12.29 -20.96
C SER A 76 -4.32 -11.51 -20.36
N ARG A 77 -4.02 -11.78 -19.09
CA ARG A 77 -2.92 -11.12 -18.39
C ARG A 77 -1.73 -12.06 -18.25
N VAL A 78 -1.98 -13.36 -18.37
CA VAL A 78 -0.93 -14.36 -18.24
C VAL A 78 -0.06 -14.40 -19.50
N LYS A 79 -0.59 -13.90 -20.61
CA LYS A 79 0.14 -13.85 -21.87
C LYS A 79 1.22 -12.76 -21.83
N ASN A 80 1.10 -11.86 -20.86
CA ASN A 80 2.06 -10.77 -20.71
C ASN A 80 3.17 -11.16 -19.73
N LEU A 81 2.80 -11.96 -18.73
CA LEU A 81 3.75 -12.41 -17.72
C LEU A 81 3.57 -13.90 -17.42
N GLU B 24 14.27 -25.22 -1.54
CA GLU B 24 14.91 -24.15 -0.76
C GLU B 24 16.38 -24.49 -0.48
N THR B 25 17.11 -24.88 -1.52
CA THR B 25 18.51 -25.23 -1.38
C THR B 25 19.40 -24.19 -2.06
N GLY B 26 19.78 -23.17 -1.31
CA GLY B 26 20.63 -22.11 -1.85
C GLY B 26 19.88 -21.17 -2.75
N THR B 27 18.56 -21.09 -2.59
CA THR B 27 17.73 -20.21 -3.40
C THR B 27 17.28 -18.99 -2.61
N LEU B 28 17.69 -17.80 -3.05
CA LEU B 28 17.31 -16.55 -2.39
C LEU B 28 16.36 -15.75 -3.27
N ILE B 29 15.75 -16.43 -4.23
CA ILE B 29 14.80 -15.80 -5.14
C ILE B 29 13.37 -16.08 -4.69
N VAL B 30 13.23 -16.62 -3.48
CA VAL B 30 11.92 -16.95 -2.91
C VAL B 30 11.16 -15.69 -2.48
N ASN B 31 11.90 -14.68 -2.05
CA ASN B 31 11.30 -13.41 -1.62
C ASN B 31 10.78 -12.62 -2.82
N SER B 32 11.18 -13.05 -4.01
CA SER B 32 10.76 -12.39 -5.24
C SER B 32 9.47 -13.02 -5.76
N VAL B 33 9.24 -14.27 -5.38
CA VAL B 33 8.04 -15.00 -5.81
C VAL B 33 6.79 -14.46 -5.11
N LEU B 34 6.95 -14.08 -3.84
CA LEU B 34 5.82 -13.54 -3.07
C LEU B 34 5.41 -12.16 -3.57
N LEU B 35 6.33 -11.48 -4.26
CA LEU B 35 6.07 -10.16 -4.80
C LEU B 35 5.09 -10.27 -5.98
N PHE B 36 5.16 -11.40 -6.69
CA PHE B 36 4.29 -11.65 -7.82
C PHE B 36 2.87 -11.94 -7.36
N LEU B 37 2.75 -12.58 -6.18
CA LEU B 37 1.44 -12.91 -5.63
C LEU B 37 0.85 -11.68 -4.94
N ALA B 38 1.71 -10.72 -4.61
CA ALA B 38 1.27 -9.48 -3.99
C ALA B 38 0.77 -8.50 -5.04
N PHE B 39 1.16 -8.77 -6.29
CA PHE B 39 0.75 -7.93 -7.41
C PHE B 39 -0.48 -8.50 -8.08
N VAL B 40 -0.65 -9.82 -7.99
CA VAL B 40 -1.80 -10.49 -8.62
C VAL B 40 -3.08 -10.22 -7.83
N VAL B 41 -2.95 -9.99 -6.52
CA VAL B 41 -4.10 -9.72 -5.68
C VAL B 41 -4.58 -8.28 -5.86
N PHE B 42 -3.62 -7.35 -5.90
CA PHE B 42 -3.93 -5.93 -6.09
C PHE B 42 -4.39 -5.65 -7.51
N LEU B 43 -4.20 -6.64 -8.39
CA LEU B 43 -4.62 -6.52 -9.78
C LEU B 43 -6.14 -6.54 -9.87
N LEU B 44 -6.79 -7.07 -8.82
CA LEU B 44 -8.25 -7.14 -8.78
C LEU B 44 -8.82 -5.84 -8.22
N VAL B 45 -8.00 -5.12 -7.46
CA VAL B 45 -8.41 -3.86 -6.85
C VAL B 45 -8.29 -2.70 -7.85
N THR B 46 -7.06 -2.49 -8.34
CA THR B 46 -6.78 -1.43 -9.31
C THR B 46 -7.65 -1.56 -10.58
N LEU B 47 -7.97 -2.80 -10.98
CA LEU B 47 -8.78 -3.05 -12.17
C LEU B 47 -10.25 -2.75 -11.92
N ALA B 48 -10.69 -2.95 -10.68
CA ALA B 48 -12.08 -2.70 -10.31
C ALA B 48 -12.38 -1.20 -10.26
N ILE B 49 -11.35 -0.39 -10.47
CA ILE B 49 -11.50 1.07 -10.46
C ILE B 49 -11.70 1.60 -11.87
N LEU B 50 -10.83 1.18 -12.80
CA LEU B 50 -10.91 1.62 -14.19
C LEU B 50 -12.10 0.99 -14.90
N THR B 51 -12.54 -0.17 -14.41
CA THR B 51 -13.68 -0.87 -14.98
C THR B 51 -14.98 -0.28 -14.46
N ALA B 52 -14.95 0.24 -13.23
CA ALA B 52 -16.13 0.85 -12.60
C ALA B 52 -16.42 2.24 -13.18
N LEU B 53 -15.38 2.88 -13.70
CA LEU B 53 -15.51 4.20 -14.28
C LEU B 53 -15.71 4.12 -15.80
N ARG B 54 -15.64 2.89 -16.32
CA ARG B 54 -15.82 2.61 -17.75
C ARG B 54 -14.74 3.27 -18.60
N LEU B 55 -13.57 2.64 -18.65
CA LEU B 55 -12.46 3.14 -19.44
C LEU B 55 -11.50 2.00 -19.78
N ALA B 56 -12.02 0.78 -19.71
CA ALA B 56 -11.24 -0.41 -20.00
C ALA B 56 -11.02 -0.56 -21.51
N ALA B 57 -11.67 0.31 -22.28
CA ALA B 57 -11.56 0.29 -23.73
C ALA B 57 -10.23 0.89 -24.18
N TYR B 58 -9.65 1.72 -23.32
CA TYR B 58 -8.36 2.36 -23.59
C TYR B 58 -7.22 1.55 -23.01
N ALA B 59 -7.57 0.66 -22.07
CA ALA B 59 -6.58 -0.19 -21.41
C ALA B 59 -6.48 -1.55 -22.11
N ALA B 60 -7.40 -1.80 -23.04
CA ALA B 60 -7.45 -3.05 -23.78
C ALA B 60 -6.22 -3.20 -24.68
N ASN B 61 -5.96 -2.18 -25.49
CA ASN B 61 -4.81 -2.18 -26.41
C ASN B 61 -3.49 -2.37 -25.66
N ILE B 62 -3.41 -1.87 -24.43
CA ILE B 62 -2.21 -1.99 -23.62
C ILE B 62 -1.95 -3.46 -23.28
N VAL B 63 -3.04 -4.21 -23.06
CA VAL B 63 -2.95 -5.62 -22.73
C VAL B 63 -2.54 -6.44 -23.97
N ASN B 64 -2.90 -5.92 -25.14
CA ASN B 64 -2.58 -6.59 -26.40
C ASN B 64 -1.28 -6.05 -27.01
N VAL B 65 -0.29 -5.83 -26.15
CA VAL B 65 1.02 -5.31 -26.57
C VAL B 65 0.95 -3.87 -27.05
N SER B 66 1.59 -2.98 -26.28
CA SER B 66 1.62 -1.56 -26.63
C SER B 66 3.01 -0.98 -26.38
N LEU B 67 3.84 -1.73 -25.65
CA LEU B 67 5.19 -1.31 -25.33
C LEU B 67 6.18 -1.84 -26.35
N VAL B 68 6.28 -1.15 -27.48
CA VAL B 68 7.19 -1.53 -28.55
C VAL B 68 8.22 -0.44 -28.80
N LYS B 69 7.77 0.82 -28.69
CA LYS B 69 8.64 1.97 -28.88
C LYS B 69 8.99 2.63 -27.55
N PRO B 70 7.99 2.98 -26.70
CA PRO B 70 8.27 3.60 -25.39
C PRO B 70 8.56 2.58 -24.31
N THR B 71 8.88 1.35 -24.73
CA THR B 71 9.19 0.26 -23.81
C THR B 71 10.58 0.42 -23.21
N VAL B 72 11.40 1.24 -23.87
CA VAL B 72 12.76 1.51 -23.43
C VAL B 72 12.80 2.41 -22.18
N TYR B 73 11.61 2.80 -21.67
CA TYR B 73 11.53 3.64 -20.47
C TYR B 73 12.05 2.89 -19.24
N VAL B 74 12.16 1.56 -19.35
CA VAL B 74 12.65 0.74 -18.26
C VAL B 74 14.18 0.71 -18.24
N TYR B 75 14.81 0.93 -19.40
CA TYR B 75 16.26 0.93 -19.49
C TYR B 75 16.83 2.26 -19.01
N SER B 76 16.10 3.33 -19.29
CA SER B 76 16.50 4.68 -18.89
C SER B 76 16.35 4.88 -17.38
N ARG B 77 15.88 3.85 -16.70
CA ARG B 77 15.71 3.89 -15.25
C ARG B 77 16.84 3.13 -14.57
N VAL B 78 17.51 2.27 -15.33
CA VAL B 78 18.60 1.46 -14.81
C VAL B 78 19.86 2.30 -14.62
N LYS B 79 19.98 3.39 -15.37
CA LYS B 79 21.13 4.27 -15.29
C LYS B 79 21.17 4.99 -13.93
N ASN B 80 20.00 5.24 -13.37
CA ASN B 80 19.90 5.91 -12.07
C ASN B 80 20.17 4.93 -10.93
N LEU B 81 19.62 3.73 -11.05
CA LEU B 81 19.81 2.71 -10.02
C LEU B 81 20.41 1.43 -10.61
N GLU C 24 23.65 -15.87 3.65
CA GLU C 24 22.84 -16.15 4.83
C GLU C 24 23.70 -16.67 5.97
N THR C 25 24.97 -16.30 5.97
CA THR C 25 25.90 -16.72 7.00
C THR C 25 26.08 -15.65 8.06
N GLY C 26 25.03 -15.43 8.86
CA GLY C 26 25.08 -14.42 9.90
C GLY C 26 24.73 -13.04 9.40
N THR C 27 24.00 -12.99 8.28
CA THR C 27 23.61 -11.73 7.69
C THR C 27 22.14 -11.43 7.98
N LEU C 28 21.89 -10.35 8.73
CA LEU C 28 20.53 -9.96 9.07
C LEU C 28 20.08 -8.76 8.21
N ILE C 29 20.73 -8.60 7.06
CA ILE C 29 20.40 -7.52 6.14
C ILE C 29 19.68 -8.03 4.91
N VAL C 30 19.23 -9.28 4.95
CA VAL C 30 18.52 -9.89 3.83
C VAL C 30 17.10 -9.33 3.71
N ASN C 31 16.53 -8.92 4.84
CA ASN C 31 15.18 -8.37 4.85
C ASN C 31 15.14 -6.94 4.32
N SER C 32 16.31 -6.29 4.25
CA SER C 32 16.39 -4.92 3.75
C SER C 32 16.59 -4.92 2.23
N VAL C 33 16.97 -6.08 1.70
CA VAL C 33 17.20 -6.23 0.26
C VAL C 33 15.89 -6.42 -0.49
N LEU C 34 14.95 -7.14 0.13
CA LEU C 34 13.65 -7.40 -0.50
C LEU C 34 12.79 -6.14 -0.51
N LEU C 35 13.19 -5.13 0.26
CA LEU C 35 12.46 -3.86 0.31
C LEU C 35 12.80 -3.02 -0.91
N PHE C 36 13.98 -3.26 -1.49
CA PHE C 36 14.41 -2.54 -2.68
C PHE C 36 13.67 -3.09 -3.91
N LEU C 37 13.29 -4.37 -3.83
CA LEU C 37 12.56 -5.03 -4.90
C LEU C 37 11.07 -4.68 -4.82
N ALA C 38 10.62 -4.28 -3.64
CA ALA C 38 9.24 -3.90 -3.42
C ALA C 38 9.02 -2.45 -3.79
N PHE C 39 10.12 -1.72 -3.95
CA PHE C 39 10.07 -0.31 -4.32
C PHE C 39 10.24 -0.13 -5.82
N VAL C 40 10.92 -1.10 -6.44
CA VAL C 40 11.15 -1.04 -7.89
C VAL C 40 9.89 -1.42 -8.67
N VAL C 41 9.03 -2.25 -8.08
CA VAL C 41 7.80 -2.67 -8.72
C VAL C 41 6.74 -1.58 -8.64
N PHE C 42 6.74 -0.84 -7.52
CA PHE C 42 5.77 0.25 -7.32
C PHE C 42 6.26 1.52 -8.00
N LEU C 43 7.52 1.50 -8.44
CA LEU C 43 8.12 2.63 -9.12
C LEU C 43 7.47 2.84 -10.47
N LEU C 44 7.04 1.74 -11.08
CA LEU C 44 6.39 1.81 -12.40
C LEU C 44 4.92 2.18 -12.27
N VAL C 45 4.35 1.93 -11.09
CA VAL C 45 2.95 2.26 -10.84
C VAL C 45 2.77 3.77 -10.72
N THR C 46 3.38 4.36 -9.70
CA THR C 46 3.33 5.80 -9.48
C THR C 46 3.84 6.60 -10.70
N LEU C 47 4.77 6.02 -11.47
CA LEU C 47 5.32 6.69 -12.66
C LEU C 47 4.27 6.78 -13.77
N ALA C 48 3.42 5.77 -13.85
CA ALA C 48 2.35 5.71 -14.84
C ALA C 48 1.22 6.71 -14.54
N ILE C 49 1.34 7.39 -13.40
CA ILE C 49 0.33 8.37 -13.00
C ILE C 49 0.77 9.78 -13.37
N LEU C 50 2.03 10.12 -13.07
CA LEU C 50 2.57 11.44 -13.37
C LEU C 50 2.82 11.61 -14.86
N THR C 51 3.03 10.49 -15.57
CA THR C 51 3.26 10.53 -17.00
C THR C 51 1.94 10.59 -17.76
N ALA C 52 0.91 9.96 -17.20
CA ALA C 52 -0.42 9.93 -17.82
C ALA C 52 -1.11 11.29 -17.71
N LEU C 53 -0.67 12.07 -16.73
CA LEU C 53 -1.23 13.40 -16.49
C LEU C 53 -0.34 14.47 -17.13
N ARG C 54 0.81 14.01 -17.67
CA ARG C 54 1.79 14.88 -18.32
C ARG C 54 2.39 15.90 -17.35
N LEU C 55 3.41 15.47 -16.62
CA LEU C 55 4.08 16.36 -15.67
C LEU C 55 5.46 15.80 -15.32
N ALA C 56 5.97 14.97 -16.23
CA ALA C 56 7.28 14.36 -16.05
C ALA C 56 8.39 15.37 -16.34
N ALA C 57 8.01 16.58 -16.75
CA ALA C 57 8.99 17.62 -17.05
C ALA C 57 9.53 18.24 -15.77
N TYR C 58 8.72 18.22 -14.72
CA TYR C 58 9.13 18.79 -13.44
C TYR C 58 9.86 17.75 -12.59
N ALA C 59 9.59 16.48 -12.85
CA ALA C 59 10.22 15.39 -12.12
C ALA C 59 11.47 14.89 -12.84
N ALA C 60 11.79 15.54 -13.97
CA ALA C 60 12.95 15.16 -14.77
C ALA C 60 14.24 15.69 -14.15
N ASN C 61 14.18 16.88 -13.55
CA ASN C 61 15.34 17.49 -12.93
C ASN C 61 15.63 16.84 -11.57
N ILE C 62 14.61 16.23 -10.97
CA ILE C 62 14.75 15.56 -9.69
C ILE C 62 15.69 14.35 -9.82
N VAL C 63 15.56 13.61 -10.92
CA VAL C 63 16.39 12.45 -11.17
C VAL C 63 17.81 12.87 -11.58
N ASN C 64 17.93 14.11 -12.03
CA ASN C 64 19.22 14.66 -12.46
C ASN C 64 19.89 15.41 -11.30
N VAL C 65 19.67 14.92 -10.08
CA VAL C 65 20.23 15.51 -8.86
C VAL C 65 19.55 16.84 -8.52
N SER C 66 18.78 16.84 -7.44
CA SER C 66 18.08 18.04 -6.98
C SER C 66 18.19 18.17 -5.47
N LEU C 67 18.68 17.12 -4.82
CA LEU C 67 18.83 17.11 -3.38
C LEU C 67 20.26 17.49 -2.97
N VAL C 68 20.52 18.81 -2.95
CA VAL C 68 21.83 19.33 -2.58
C VAL C 68 21.71 20.27 -1.38
N LYS C 69 20.57 20.94 -1.29
CA LYS C 69 20.30 21.87 -0.20
C LYS C 69 19.25 21.32 0.77
N PRO C 70 18.06 20.87 0.27
CA PRO C 70 17.02 20.33 1.14
C PRO C 70 17.18 18.83 1.42
N THR C 71 18.35 18.31 1.11
CA THR C 71 18.69 16.91 1.30
C THR C 71 18.93 16.60 2.77
N VAL C 72 19.20 17.64 3.56
CA VAL C 72 19.43 17.51 4.99
C VAL C 72 18.15 17.08 5.72
N TYR C 73 17.04 16.97 4.96
CA TYR C 73 15.76 16.56 5.53
C TYR C 73 15.80 15.11 6.01
N VAL C 74 16.75 14.32 5.47
CA VAL C 74 16.89 12.92 5.87
C VAL C 74 17.54 12.82 7.24
N TYR C 75 18.47 13.74 7.54
CA TYR C 75 19.13 13.76 8.84
C TYR C 75 18.25 14.43 9.89
N SER C 76 17.49 15.44 9.49
CA SER C 76 16.59 16.15 10.41
C SER C 76 15.42 15.25 10.82
N ARG C 77 15.37 14.04 10.26
CA ARG C 77 14.32 13.09 10.57
C ARG C 77 14.81 12.01 11.53
N VAL C 78 16.13 11.77 11.54
CA VAL C 78 16.70 10.76 12.42
C VAL C 78 16.73 11.25 13.87
N LYS C 79 16.77 12.56 14.04
CA LYS C 79 16.80 13.16 15.37
C LYS C 79 15.65 12.64 16.23
N ASN C 80 14.51 12.35 15.60
CA ASN C 80 13.34 11.87 16.33
C ASN C 80 13.38 10.36 16.53
N LEU C 81 13.78 9.63 15.50
CA LEU C 81 13.86 8.17 15.56
C LEU C 81 15.31 7.70 15.51
N GLU D 24 18.78 -10.49 14.33
CA GLU D 24 17.70 -11.49 14.12
C GLU D 24 17.75 -12.57 15.19
N THR D 25 18.36 -12.25 16.33
CA THR D 25 18.49 -13.18 17.44
C THR D 25 17.40 -12.93 18.47
N GLY D 26 16.23 -13.51 18.22
CA GLY D 26 15.10 -13.34 19.13
C GLY D 26 14.46 -11.97 19.03
N THR D 27 14.58 -11.34 17.85
CA THR D 27 14.00 -10.02 17.63
C THR D 27 12.86 -10.09 16.63
N LEU D 28 11.65 -9.83 17.10
CA LEU D 28 10.46 -9.87 16.24
C LEU D 28 10.01 -8.45 15.90
N ILE D 29 10.86 -7.46 16.17
CA ILE D 29 10.54 -6.07 15.88
C ILE D 29 11.14 -5.63 14.54
N VAL D 30 11.65 -6.59 13.78
CA VAL D 30 12.27 -6.31 12.48
C VAL D 30 11.20 -5.98 11.44
N ASN D 31 9.99 -6.52 11.64
CA ASN D 31 8.88 -6.29 10.72
C ASN D 31 8.34 -4.87 10.87
N SER D 32 8.77 -4.19 11.94
CA SER D 32 8.33 -2.83 12.21
C SER D 32 9.31 -1.82 11.61
N VAL D 33 10.56 -2.26 11.44
CA VAL D 33 11.60 -1.41 10.89
C VAL D 33 11.43 -1.21 9.39
N LEU D 34 10.96 -2.26 8.69
CA LEU D 34 10.75 -2.17 7.25
C LEU D 34 9.54 -1.30 6.90
N LEU D 35 8.69 -1.05 7.89
CA LEU D 35 7.51 -0.20 7.68
C LEU D 35 7.90 1.27 7.60
N PHE D 36 9.01 1.62 8.27
CA PHE D 36 9.52 2.99 8.24
C PHE D 36 10.08 3.31 6.87
N LEU D 37 10.51 2.26 6.16
CA LEU D 37 11.05 2.41 4.81
C LEU D 37 9.90 2.57 3.82
N ALA D 38 8.78 1.91 4.10
CA ALA D 38 7.60 2.00 3.23
C ALA D 38 6.90 3.34 3.42
N PHE D 39 7.26 4.04 4.48
CA PHE D 39 6.68 5.35 4.79
C PHE D 39 7.56 6.47 4.27
N VAL D 40 8.84 6.16 4.02
CA VAL D 40 9.79 7.16 3.54
C VAL D 40 9.59 7.47 2.05
N VAL D 41 9.07 6.49 1.30
CA VAL D 41 8.85 6.68 -0.13
C VAL D 41 7.53 7.39 -0.39
N PHE D 42 6.52 7.13 0.44
CA PHE D 42 5.22 7.78 0.27
C PHE D 42 5.29 9.21 0.79
N LEU D 43 6.38 9.53 1.49
CA LEU D 43 6.59 10.86 2.03
C LEU D 43 6.92 11.84 0.90
N LEU D 44 7.66 11.36 -0.09
CA LEU D 44 8.04 12.19 -1.23
C LEU D 44 6.90 12.32 -2.24
N VAL D 45 6.01 11.33 -2.23
CA VAL D 45 4.86 11.33 -3.14
C VAL D 45 3.75 12.24 -2.61
N THR D 46 3.48 12.14 -1.31
CA THR D 46 2.44 12.96 -0.68
C THR D 46 2.87 14.43 -0.54
N LEU D 47 4.18 14.67 -0.42
CA LEU D 47 4.71 16.04 -0.28
C LEU D 47 4.56 16.82 -1.58
N ALA D 48 4.83 16.14 -2.69
CA ALA D 48 4.72 16.74 -4.02
C ALA D 48 3.30 17.25 -4.29
N ILE D 49 2.28 16.61 -3.70
CA ILE D 49 0.91 17.05 -3.93
C ILE D 49 0.65 18.39 -3.26
N LEU D 50 0.92 18.46 -1.95
CA LEU D 50 0.69 19.69 -1.18
C LEU D 50 1.60 20.84 -1.62
N THR D 51 2.76 20.51 -2.19
CA THR D 51 3.70 21.52 -2.65
C THR D 51 3.29 22.08 -4.02
N ALA D 52 2.81 21.19 -4.90
CA ALA D 52 2.38 21.59 -6.24
C ALA D 52 1.09 22.41 -6.20
N LEU D 53 0.32 22.23 -5.14
CA LEU D 53 -0.93 22.96 -4.97
C LEU D 53 -0.69 24.27 -4.23
N ARG D 54 0.56 24.46 -3.79
CA ARG D 54 0.99 25.65 -3.05
C ARG D 54 0.21 25.83 -1.76
N LEU D 55 0.50 24.98 -0.78
CA LEU D 55 -0.15 25.06 0.53
C LEU D 55 0.81 24.57 1.62
N ALA D 56 2.10 24.58 1.27
CA ALA D 56 3.14 24.15 2.21
C ALA D 56 3.41 25.23 3.25
N ALA D 57 2.72 26.37 3.12
CA ALA D 57 2.89 27.47 4.07
C ALA D 57 2.16 27.20 5.37
N TYR D 58 1.15 26.33 5.31
CA TYR D 58 0.36 25.98 6.49
C TYR D 58 0.86 24.69 7.11
N ALA D 59 1.49 23.85 6.30
CA ALA D 59 2.02 22.57 6.77
C ALA D 59 3.41 22.74 7.39
N ALA D 60 4.06 23.85 7.04
CA ALA D 60 5.41 24.13 7.56
C ALA D 60 5.42 24.12 9.09
N ASN D 61 4.54 24.91 9.69
CA ASN D 61 4.46 25.01 11.15
C ASN D 61 4.19 23.65 11.80
N ILE D 62 3.58 22.73 11.05
CA ILE D 62 3.27 21.40 11.58
C ILE D 62 4.56 20.63 11.88
N VAL D 63 5.51 20.70 10.97
CA VAL D 63 6.80 20.01 11.12
C VAL D 63 7.65 20.71 12.18
N ASN D 64 7.35 21.99 12.43
CA ASN D 64 8.07 22.77 13.42
C ASN D 64 7.40 22.68 14.79
N VAL D 65 6.90 21.49 15.11
CA VAL D 65 6.22 21.21 16.38
C VAL D 65 4.88 21.94 16.48
N SER D 66 3.80 21.20 16.32
CA SER D 66 2.45 21.75 16.41
C SER D 66 1.57 20.86 17.28
N LEU D 67 2.03 19.64 17.51
CA LEU D 67 1.29 18.69 18.32
C LEU D 67 1.70 18.80 19.78
N VAL D 68 1.08 19.74 20.49
CA VAL D 68 1.35 19.95 21.90
C VAL D 68 0.07 19.86 22.72
N LYS D 69 -0.99 20.47 22.20
CA LYS D 69 -2.30 20.44 22.86
C LYS D 69 -3.18 19.33 22.27
N PRO D 70 -3.34 19.27 20.91
CA PRO D 70 -4.15 18.24 20.27
C PRO D 70 -3.35 16.96 20.02
N THR D 71 -2.15 16.88 20.61
CA THR D 71 -1.29 15.73 20.46
C THR D 71 -1.85 14.52 21.20
N VAL D 72 -2.76 14.77 22.15
CA VAL D 72 -3.36 13.69 22.93
C VAL D 72 -4.37 12.85 22.12
N TYR D 73 -4.48 13.13 20.82
CA TYR D 73 -5.40 12.39 19.96
C TYR D 73 -4.91 10.95 19.73
N VAL D 74 -3.64 10.70 20.03
CA VAL D 74 -3.08 9.36 19.87
C VAL D 74 -3.39 8.50 21.09
N TYR D 75 -3.61 9.16 22.23
CA TYR D 75 -3.92 8.47 23.48
C TYR D 75 -5.42 8.14 23.54
N SER D 76 -6.20 8.82 22.71
CA SER D 76 -7.64 8.60 22.68
C SER D 76 -7.99 7.49 21.69
N ARG D 77 -6.96 6.86 21.11
CA ARG D 77 -7.17 5.78 20.17
C ARG D 77 -6.72 4.45 20.77
N VAL D 78 -5.90 4.53 21.82
CA VAL D 78 -5.40 3.33 22.49
C VAL D 78 -6.48 2.71 23.38
N LYS D 79 -7.50 3.49 23.71
CA LYS D 79 -8.61 3.01 24.54
C LYS D 79 -9.56 2.14 23.73
N ASN D 80 -9.33 2.06 22.43
CA ASN D 80 -10.18 1.25 21.55
C ASN D 80 -9.43 0.04 21.05
N LEU D 81 -8.10 0.11 21.11
CA LEU D 81 -7.25 -1.00 20.68
C LEU D 81 -6.05 -1.16 21.60
N GLU E 24 7.41 -19.66 18.99
CA GLU E 24 7.74 -20.36 17.73
C GLU E 24 7.73 -21.88 17.93
N THR E 25 6.96 -22.35 18.94
CA THR E 25 6.89 -23.78 19.20
C THR E 25 5.60 -24.38 18.65
N GLY E 26 5.51 -24.45 17.33
CA GLY E 26 4.32 -25.01 16.70
C GLY E 26 3.23 -23.98 16.51
N THR E 27 3.62 -22.70 16.51
CA THR E 27 2.66 -21.61 16.34
C THR E 27 2.91 -20.85 15.05
N LEU E 28 1.99 -20.97 14.11
CA LEU E 28 2.11 -20.29 12.83
C LEU E 28 1.27 -19.01 12.80
N ILE E 29 0.58 -18.74 13.90
CA ILE E 29 -0.26 -17.54 14.01
C ILE E 29 0.58 -16.30 14.32
N VAL E 30 1.90 -16.44 14.25
CA VAL E 30 2.81 -15.33 14.52
C VAL E 30 2.92 -14.40 13.30
N ASN E 31 2.57 -14.93 12.13
CA ASN E 31 2.63 -14.16 10.89
C ASN E 31 1.49 -13.14 10.81
N SER E 32 0.48 -13.32 11.65
CA SER E 32 -0.65 -12.41 11.68
C SER E 32 -0.48 -11.36 12.77
N VAL E 33 0.39 -11.64 13.74
CA VAL E 33 0.64 -10.71 14.84
C VAL E 33 1.43 -9.50 14.32
N LEU E 34 2.34 -9.75 13.38
CA LEU E 34 3.14 -8.68 12.79
C LEU E 34 2.28 -7.83 11.84
N LEU E 35 1.16 -8.40 11.41
CA LEU E 35 0.25 -7.70 10.51
C LEU E 35 -0.49 -6.60 11.27
N PHE E 36 -0.63 -6.78 12.58
CA PHE E 36 -1.28 -5.81 13.43
C PHE E 36 -0.38 -4.60 13.65
N LEU E 37 0.93 -4.82 13.57
CA LEU E 37 1.91 -3.75 13.73
C LEU E 37 2.01 -2.92 12.45
N ALA E 38 1.62 -3.53 11.34
CA ALA E 38 1.65 -2.85 10.05
C ALA E 38 0.31 -2.18 9.78
N PHE E 39 -0.67 -2.49 10.62
CA PHE E 39 -2.00 -1.92 10.50
C PHE E 39 -2.18 -0.77 11.48
N VAL E 40 -1.27 -0.67 12.44
CA VAL E 40 -1.33 0.38 13.45
C VAL E 40 -0.57 1.63 13.00
N VAL E 41 0.40 1.44 12.11
CA VAL E 41 1.19 2.57 11.60
C VAL E 41 0.40 3.35 10.56
N PHE E 42 -0.47 2.65 9.84
CA PHE E 42 -1.31 3.28 8.83
C PHE E 42 -2.49 3.96 9.49
N LEU E 43 -2.71 3.62 10.76
CA LEU E 43 -3.80 4.19 11.53
C LEU E 43 -3.52 5.65 11.88
N LEU E 44 -2.23 6.01 11.93
CA LEU E 44 -1.84 7.38 12.23
C LEU E 44 -1.87 8.24 10.97
N VAL E 45 -1.82 7.58 9.82
CA VAL E 45 -1.86 8.27 8.53
C VAL E 45 -3.30 8.58 8.13
N THR E 46 -4.12 7.53 8.08
CA THR E 46 -5.54 7.66 7.75
C THR E 46 -6.26 8.62 8.70
N LEU E 47 -5.80 8.70 9.95
CA LEU E 47 -6.40 9.58 10.96
C LEU E 47 -6.06 11.03 10.70
N ALA E 48 -4.83 11.28 10.24
CA ALA E 48 -4.37 12.63 9.96
C ALA E 48 -5.14 13.26 8.80
N ILE E 49 -5.74 12.42 7.96
CA ILE E 49 -6.51 12.88 6.82
C ILE E 49 -7.88 13.42 7.25
N LEU E 50 -8.57 12.67 8.10
CA LEU E 50 -9.90 13.07 8.57
C LEU E 50 -9.84 14.18 9.63
N THR E 51 -8.69 14.32 10.29
CA THR E 51 -8.52 15.35 11.31
C THR E 51 -8.21 16.70 10.66
N ALA E 52 -7.45 16.64 9.56
CA ALA E 52 -7.07 17.84 8.81
C ALA E 52 -8.23 18.41 8.01
N LEU E 53 -9.18 17.55 7.64
CA LEU E 53 -10.34 17.96 6.88
C LEU E 53 -11.50 18.33 7.80
N ARG E 54 -11.31 18.06 9.10
CA ARG E 54 -12.31 18.36 10.14
C ARG E 54 -13.61 17.59 9.91
N LEU E 55 -13.57 16.30 10.21
CA LEU E 55 -14.76 15.44 10.06
C LEU E 55 -14.71 14.31 11.09
N ALA E 56 -13.90 14.49 12.13
CA ALA E 56 -13.76 13.50 13.19
C ALA E 56 -14.98 13.48 14.09
N ALA E 57 -15.85 14.47 13.91
CA ALA E 57 -17.08 14.57 14.70
C ALA E 57 -18.08 13.49 14.30
N TYR E 58 -17.94 12.98 13.08
CA TYR E 58 -18.84 11.94 12.58
C TYR E 58 -18.22 10.57 12.75
N ALA E 59 -16.90 10.54 12.88
CA ALA E 59 -16.17 9.29 13.08
C ALA E 59 -15.99 8.98 14.57
N ALA E 60 -16.42 9.92 15.42
CA ALA E 60 -16.31 9.76 16.87
C ALA E 60 -17.29 8.73 17.40
N ASN E 61 -18.53 8.78 16.90
CA ASN E 61 -19.58 7.85 17.30
C ASN E 61 -19.31 6.43 16.77
N ILE E 62 -18.49 6.35 15.73
CA ILE E 62 -18.14 5.07 15.15
C ILE E 62 -17.23 4.27 16.08
N VAL E 63 -16.26 4.96 16.68
CA VAL E 63 -15.32 4.32 17.60
C VAL E 63 -15.96 4.10 18.97
N ASN E 64 -17.07 4.79 19.22
CA ASN E 64 -17.79 4.66 20.48
C ASN E 64 -18.94 3.68 20.33
N VAL E 65 -18.69 2.58 19.60
CA VAL E 65 -19.67 1.53 19.36
C VAL E 65 -20.78 2.00 18.41
N SER E 66 -20.72 1.54 17.17
CA SER E 66 -21.72 1.90 16.16
C SER E 66 -22.14 0.66 15.37
N LEU E 67 -21.32 -0.38 15.46
CA LEU E 67 -21.58 -1.62 14.75
C LEU E 67 -22.41 -2.57 15.62
N VAL E 68 -23.72 -2.35 15.61
CA VAL E 68 -24.65 -3.17 16.38
C VAL E 68 -25.69 -3.81 15.46
N LYS E 69 -26.16 -3.01 14.50
CA LYS E 69 -27.15 -3.49 13.53
C LYS E 69 -26.47 -3.84 12.20
N PRO E 70 -25.68 -2.91 11.60
CA PRO E 70 -24.99 -3.18 10.33
C PRO E 70 -23.67 -3.92 10.53
N THR E 71 -23.47 -4.44 11.74
CA THR E 71 -22.26 -5.18 12.10
C THR E 71 -22.24 -6.54 11.44
N VAL E 72 -23.41 -7.00 11.00
CA VAL E 72 -23.53 -8.31 10.34
C VAL E 72 -22.94 -8.31 8.91
N TYR E 73 -22.36 -7.18 8.50
CA TYR E 73 -21.77 -7.06 7.16
C TYR E 73 -20.51 -7.92 7.03
N VAL E 74 -19.96 -8.36 8.17
CA VAL E 74 -18.77 -9.20 8.16
C VAL E 74 -19.15 -10.66 7.99
N TYR E 75 -20.36 -11.00 8.43
CA TYR E 75 -20.85 -12.37 8.32
C TYR E 75 -21.33 -12.66 6.90
N SER E 76 -21.60 -11.60 6.15
CA SER E 76 -22.05 -11.73 4.77
C SER E 76 -20.87 -11.79 3.81
N ARG E 77 -19.66 -11.80 4.38
CA ARG E 77 -18.44 -11.86 3.58
C ARG E 77 -17.80 -13.24 3.67
N VAL E 78 -18.15 -13.99 4.72
CA VAL E 78 -17.62 -15.33 4.95
C VAL E 78 -18.28 -16.35 4.03
N LYS E 79 -19.47 -16.00 3.51
CA LYS E 79 -20.20 -16.90 2.62
C LYS E 79 -19.57 -16.94 1.23
N ASN E 80 -18.66 -16.01 0.96
CA ASN E 80 -17.99 -15.95 -0.34
C ASN E 80 -16.59 -16.54 -0.24
N LEU E 81 -16.03 -16.54 0.96
CA LEU E 81 -14.70 -17.08 1.21
C LEU E 81 -14.64 -17.84 2.52
N GLU A 24 5.06 -25.66 8.64
CA GLU A 24 6.23 -25.43 7.74
C GLU A 24 6.79 -26.76 7.23
N THR A 25 5.97 -27.80 7.24
CA THR A 25 6.39 -29.12 6.79
C THR A 25 6.01 -29.35 5.33
N GLY A 26 6.80 -28.78 4.42
CA GLY A 26 6.54 -28.93 2.99
C GLY A 26 5.35 -28.11 2.53
N THR A 27 4.98 -27.10 3.32
CA THR A 27 3.85 -26.24 2.98
C THR A 27 4.32 -24.87 2.54
N LEU A 28 4.34 -24.65 1.22
CA LEU A 28 4.76 -23.36 0.67
C LEU A 28 3.54 -22.56 0.24
N ILE A 29 2.36 -23.16 0.34
CA ILE A 29 1.12 -22.48 -0.01
C ILE A 29 0.67 -21.57 1.13
N VAL A 30 1.54 -21.45 2.13
CA VAL A 30 1.30 -20.62 3.30
C VAL A 30 1.43 -19.13 2.96
N ASN A 31 2.22 -18.84 1.93
CA ASN A 31 2.47 -17.47 1.49
C ASN A 31 1.21 -16.78 0.93
N SER A 32 0.14 -17.55 0.73
CA SER A 32 -1.09 -16.98 0.20
C SER A 32 -2.16 -16.89 1.30
N VAL A 33 -1.98 -17.69 2.34
CA VAL A 33 -2.91 -17.70 3.47
C VAL A 33 -2.74 -16.44 4.30
N LEU A 34 -1.49 -15.98 4.41
CA LEU A 34 -1.17 -14.79 5.16
C LEU A 34 -1.57 -13.53 4.36
N LEU A 35 -1.59 -13.65 3.04
CA LEU A 35 -1.95 -12.53 2.18
C LEU A 35 -3.45 -12.19 2.30
N PHE A 36 -4.22 -13.14 2.82
CA PHE A 36 -5.66 -12.93 2.99
C PHE A 36 -5.94 -11.92 4.10
N LEU A 37 -4.99 -11.80 5.04
CA LEU A 37 -5.13 -10.85 6.14
C LEU A 37 -5.02 -9.42 5.62
N ALA A 38 -4.21 -9.24 4.58
CA ALA A 38 -4.02 -7.93 3.97
C ALA A 38 -5.24 -7.55 3.14
N PHE A 39 -6.02 -8.56 2.77
CA PHE A 39 -7.22 -8.37 1.97
C PHE A 39 -8.42 -8.05 2.85
N VAL A 40 -8.21 -7.98 4.17
CA VAL A 40 -9.30 -7.70 5.09
C VAL A 40 -9.17 -6.32 5.75
N VAL A 41 -7.94 -5.84 5.90
CA VAL A 41 -7.71 -4.53 6.50
C VAL A 41 -7.91 -3.43 5.48
N PHE A 42 -7.57 -3.73 4.23
CA PHE A 42 -7.72 -2.76 3.14
C PHE A 42 -9.18 -2.70 2.70
N LEU A 43 -9.97 -3.67 3.16
CA LEU A 43 -11.38 -3.73 2.83
C LEU A 43 -12.13 -2.62 3.60
N LEU A 44 -11.61 -2.27 4.78
CA LEU A 44 -12.23 -1.23 5.58
C LEU A 44 -11.78 0.14 5.12
N VAL A 45 -10.61 0.19 4.51
CA VAL A 45 -10.07 1.44 3.99
C VAL A 45 -10.84 1.84 2.74
N THR A 46 -10.92 0.91 1.79
CA THR A 46 -11.64 1.13 0.54
C THR A 46 -13.17 1.34 0.73
N LEU A 47 -13.79 0.67 1.71
CA LEU A 47 -15.24 0.80 1.94
C LEU A 47 -15.61 2.17 2.48
N ALA A 48 -14.71 2.73 3.25
CA ALA A 48 -14.87 4.04 3.89
C ALA A 48 -14.77 5.17 2.87
N ILE A 49 -14.51 4.83 1.62
CA ILE A 49 -14.41 5.83 0.55
C ILE A 49 -15.72 5.89 -0.24
N LEU A 50 -16.24 4.73 -0.64
CA LEU A 50 -17.48 4.65 -1.39
C LEU A 50 -18.68 4.95 -0.50
N THR A 51 -18.53 4.68 0.79
CA THR A 51 -19.59 4.93 1.76
C THR A 51 -19.60 6.42 2.16
N ALA A 52 -18.41 7.03 2.11
CA ALA A 52 -18.27 8.44 2.47
C ALA A 52 -18.78 9.34 1.35
N LEU A 53 -18.80 8.81 0.13
CA LEU A 53 -19.26 9.58 -1.02
C LEU A 53 -20.72 9.27 -1.33
N ARG A 54 -21.31 8.38 -0.53
CA ARG A 54 -22.71 7.97 -0.68
C ARG A 54 -22.97 7.31 -2.04
N LEU A 55 -22.47 6.08 -2.19
CA LEU A 55 -22.66 5.33 -3.42
C LEU A 55 -22.60 3.83 -3.11
N ALA A 56 -22.92 3.49 -1.86
CA ALA A 56 -22.91 2.10 -1.40
C ALA A 56 -24.07 1.32 -2.01
N ALA A 57 -25.02 2.02 -2.62
CA ALA A 57 -26.17 1.39 -3.24
C ALA A 57 -25.78 0.76 -4.57
N TYR A 58 -24.71 1.27 -5.18
CA TYR A 58 -24.22 0.76 -6.46
C TYR A 58 -23.16 -0.32 -6.23
N ALA A 59 -22.58 -0.31 -5.03
CA ALA A 59 -21.55 -1.29 -4.68
C ALA A 59 -22.18 -2.50 -4.00
N ALA A 60 -23.38 -2.34 -3.48
CA ALA A 60 -24.08 -3.42 -2.81
C ALA A 60 -24.20 -4.65 -3.71
N ASN A 61 -24.70 -4.44 -4.93
CA ASN A 61 -24.89 -5.54 -5.89
C ASN A 61 -23.56 -6.20 -6.28
N ILE A 62 -22.43 -5.54 -6.05
CA ILE A 62 -21.13 -6.11 -6.40
C ILE A 62 -20.77 -7.33 -5.55
N VAL A 63 -20.78 -7.17 -4.21
CA VAL A 63 -20.49 -8.29 -3.31
C VAL A 63 -21.64 -9.30 -3.32
N ASN A 64 -22.79 -8.84 -3.82
CA ASN A 64 -23.97 -9.68 -3.92
C ASN A 64 -23.98 -10.43 -5.25
N VAL A 65 -22.78 -10.82 -5.69
CA VAL A 65 -22.59 -11.55 -6.94
C VAL A 65 -22.97 -10.70 -8.16
N SER A 66 -21.99 -9.98 -8.68
CA SER A 66 -22.21 -9.14 -9.85
C SER A 66 -21.24 -9.52 -10.96
N LEU A 67 -20.41 -10.52 -10.67
CA LEU A 67 -19.42 -11.00 -11.63
C LEU A 67 -20.03 -12.02 -12.58
N VAL A 68 -20.84 -11.52 -13.51
CA VAL A 68 -21.49 -12.35 -14.50
C VAL A 68 -20.98 -12.01 -15.90
N LYS A 69 -20.75 -10.73 -16.13
CA LYS A 69 -20.25 -10.25 -17.42
C LYS A 69 -18.76 -9.90 -17.32
N PRO A 70 -18.33 -9.07 -16.33
CA PRO A 70 -16.92 -8.71 -16.17
C PRO A 70 -16.14 -9.77 -15.40
N THR A 71 -16.74 -10.95 -15.25
CA THR A 71 -16.13 -12.07 -14.55
C THR A 71 -14.99 -12.67 -15.38
N VAL A 72 -15.01 -12.37 -16.67
CA VAL A 72 -13.98 -12.85 -17.59
C VAL A 72 -12.62 -12.18 -17.31
N TYR A 73 -12.60 -11.27 -16.31
CA TYR A 73 -11.38 -10.59 -15.93
C TYR A 73 -10.36 -11.57 -15.36
N VAL A 74 -10.84 -12.76 -14.97
CA VAL A 74 -9.96 -13.80 -14.46
C VAL A 74 -9.10 -14.40 -15.57
N TYR A 75 -9.66 -14.47 -16.78
CA TYR A 75 -8.95 -15.02 -17.92
C TYR A 75 -8.00 -13.98 -18.52
N SER A 76 -8.23 -12.71 -18.20
CA SER A 76 -7.40 -11.63 -18.70
C SER A 76 -6.10 -11.53 -17.89
N ARG A 77 -6.00 -12.35 -16.84
CA ARG A 77 -4.82 -12.37 -15.98
C ARG A 77 -3.98 -13.61 -16.25
N VAL A 78 -4.60 -14.62 -16.86
CA VAL A 78 -3.92 -15.87 -17.19
C VAL A 78 -2.94 -15.68 -18.34
N LYS A 79 -3.22 -14.71 -19.20
CA LYS A 79 -2.35 -14.42 -20.34
C LYS A 79 -1.01 -13.88 -19.88
N ASN A 80 -1.01 -13.13 -18.77
CA ASN A 80 0.20 -12.57 -18.22
C ASN A 80 1.02 -13.63 -17.49
N LEU A 81 0.38 -14.39 -16.61
CA LEU A 81 1.06 -15.44 -15.86
C LEU A 81 0.54 -16.82 -16.24
N GLU B 24 17.37 -23.51 -1.18
CA GLU B 24 18.08 -22.42 -0.52
C GLU B 24 19.59 -22.64 -0.57
N THR B 25 20.06 -23.24 -1.66
CA THR B 25 21.49 -23.51 -1.83
C THR B 25 22.15 -22.44 -2.68
N GLY B 26 22.28 -21.24 -2.14
CA GLY B 26 22.90 -20.15 -2.86
C GLY B 26 21.91 -19.42 -3.76
N THR B 27 20.62 -19.54 -3.44
CA THR B 27 19.59 -18.88 -4.22
C THR B 27 19.25 -17.50 -3.65
N LEU B 28 20.10 -16.53 -3.94
CA LEU B 28 19.90 -15.17 -3.45
C LEU B 28 18.80 -14.46 -4.25
N ILE B 29 18.59 -14.92 -5.49
CA ILE B 29 17.58 -14.33 -6.35
C ILE B 29 16.18 -14.77 -5.93
N VAL B 30 16.02 -15.20 -4.67
CA VAL B 30 14.72 -15.62 -4.16
C VAL B 30 13.88 -14.40 -3.76
N ASN B 31 14.57 -13.27 -3.53
CA ASN B 31 13.92 -12.01 -3.14
C ASN B 31 13.21 -11.35 -4.34
N SER B 32 12.88 -12.16 -5.34
CA SER B 32 12.21 -11.66 -6.53
C SER B 32 11.05 -12.58 -6.87
N VAL B 33 11.16 -13.84 -6.44
CA VAL B 33 10.11 -14.83 -6.66
C VAL B 33 8.92 -14.52 -5.74
N LEU B 34 9.22 -14.00 -4.55
CA LEU B 34 8.19 -13.64 -3.59
C LEU B 34 7.69 -12.23 -3.86
N LEU B 35 8.40 -11.52 -4.72
CA LEU B 35 8.05 -10.15 -5.09
C LEU B 35 6.92 -10.16 -6.12
N PHE B 36 6.86 -11.21 -6.93
CA PHE B 36 5.80 -11.35 -7.93
C PHE B 36 4.47 -11.62 -7.25
N LEU B 37 4.53 -11.99 -5.98
CA LEU B 37 3.35 -12.27 -5.18
C LEU B 37 2.63 -10.98 -4.82
N ALA B 38 3.42 -9.95 -4.55
CA ALA B 38 2.88 -8.64 -4.18
C ALA B 38 2.50 -7.84 -5.44
N PHE B 39 2.85 -8.38 -6.60
CA PHE B 39 2.56 -7.73 -7.87
C PHE B 39 1.19 -8.15 -8.40
N VAL B 40 0.70 -9.30 -7.94
CA VAL B 40 -0.59 -9.80 -8.40
C VAL B 40 -1.73 -9.45 -7.43
N VAL B 41 -1.40 -9.26 -6.16
CA VAL B 41 -2.41 -8.93 -5.15
C VAL B 41 -2.81 -7.46 -5.25
N PHE B 42 -1.87 -6.62 -5.70
CA PHE B 42 -2.13 -5.21 -5.86
C PHE B 42 -2.74 -4.94 -7.23
N LEU B 43 -2.70 -5.96 -8.10
CA LEU B 43 -3.26 -5.85 -9.44
C LEU B 43 -4.78 -5.81 -9.38
N LEU B 44 -5.35 -6.54 -8.43
CA LEU B 44 -6.81 -6.58 -8.26
C LEU B 44 -7.30 -5.28 -7.61
N VAL B 45 -6.39 -4.62 -6.87
CA VAL B 45 -6.71 -3.38 -6.20
C VAL B 45 -6.81 -2.22 -7.19
N THR B 46 -5.78 -2.08 -8.03
CA THR B 46 -5.76 -1.02 -9.03
C THR B 46 -6.78 -1.27 -10.13
N LEU B 47 -7.17 -2.54 -10.30
CA LEU B 47 -8.16 -2.91 -11.31
C LEU B 47 -9.55 -2.46 -10.89
N ALA B 48 -9.84 -2.56 -9.59
CA ALA B 48 -11.14 -2.16 -9.07
C ALA B 48 -11.29 -0.63 -9.04
N ILE B 49 -10.22 0.09 -9.33
CA ILE B 49 -10.24 1.55 -9.34
C ILE B 49 -10.59 2.07 -10.73
N LEU B 50 -9.92 1.54 -11.75
CA LEU B 50 -10.15 1.96 -13.13
C LEU B 50 -11.47 1.40 -13.66
N THR B 51 -11.91 0.29 -13.09
CA THR B 51 -13.16 -0.32 -13.49
C THR B 51 -14.34 0.40 -12.83
N ALA B 52 -14.12 0.92 -11.62
CA ALA B 52 -15.16 1.63 -10.91
C ALA B 52 -15.41 3.00 -11.53
N LEU B 53 -14.40 3.52 -12.23
CA LEU B 53 -14.50 4.82 -12.87
C LEU B 53 -14.90 4.69 -14.34
N ARG B 54 -15.01 3.44 -14.80
CA ARG B 54 -15.39 3.11 -16.17
C ARG B 54 -14.38 3.66 -17.19
N LEU B 55 -13.26 2.96 -17.33
CA LEU B 55 -12.23 3.35 -18.28
C LEU B 55 -11.40 2.14 -18.68
N ALA B 56 -12.04 0.97 -18.63
CA ALA B 56 -11.39 -0.29 -19.00
C ALA B 56 -11.20 -0.38 -20.51
N ALA B 57 -11.86 0.53 -21.23
CA ALA B 57 -11.76 0.57 -22.69
C ALA B 57 -10.42 1.14 -23.14
N TYR B 58 -9.82 1.95 -22.27
CA TYR B 58 -8.54 2.57 -22.55
C TYR B 58 -7.41 1.76 -21.92
N ALA B 59 -7.77 0.97 -20.91
CA ALA B 59 -6.80 0.14 -20.22
C ALA B 59 -6.68 -1.24 -20.88
N ALA B 60 -7.51 -1.47 -21.89
CA ALA B 60 -7.50 -2.74 -22.61
C ALA B 60 -6.28 -2.86 -23.52
N ASN B 61 -5.99 -1.78 -24.25
CA ASN B 61 -4.84 -1.76 -25.16
C ASN B 61 -3.53 -1.83 -24.38
N ILE B 62 -3.56 -1.44 -23.11
CA ILE B 62 -2.34 -1.46 -22.28
C ILE B 62 -1.84 -2.91 -22.08
N VAL B 63 -2.74 -3.82 -21.76
CA VAL B 63 -2.38 -5.23 -21.54
C VAL B 63 -2.22 -5.98 -22.87
N ASN B 64 -2.74 -5.39 -23.96
CA ASN B 64 -2.65 -6.00 -25.27
C ASN B 64 -1.40 -5.50 -26.01
N VAL B 65 -0.32 -5.29 -25.24
CA VAL B 65 0.96 -4.81 -25.77
C VAL B 65 0.83 -3.39 -26.31
N SER B 66 1.23 -2.42 -25.49
CA SER B 66 1.17 -1.02 -25.86
C SER B 66 2.53 -0.34 -25.62
N LEU B 67 3.54 -1.17 -25.36
CA LEU B 67 4.88 -0.67 -25.11
C LEU B 67 5.73 -0.66 -26.37
N VAL B 68 5.44 0.29 -27.26
CA VAL B 68 6.17 0.44 -28.52
C VAL B 68 6.89 1.79 -28.56
N LYS B 69 6.31 2.76 -27.85
CA LYS B 69 6.87 4.10 -27.77
C LYS B 69 7.38 4.42 -26.36
N PRO B 70 6.55 4.26 -25.30
CA PRO B 70 6.98 4.53 -23.92
C PRO B 70 7.72 3.34 -23.30
N THR B 71 8.17 2.43 -24.15
CA THR B 71 8.90 1.24 -23.73
C THR B 71 10.34 1.57 -23.37
N VAL B 72 10.81 2.73 -23.85
CA VAL B 72 12.16 3.20 -23.57
C VAL B 72 12.30 3.63 -22.09
N TYR B 73 11.22 3.51 -21.32
CA TYR B 73 11.23 3.87 -19.91
C TYR B 73 12.13 2.92 -19.12
N VAL B 74 12.42 1.74 -19.69
CA VAL B 74 13.29 0.78 -19.04
C VAL B 74 14.73 1.26 -19.05
N TYR B 75 15.11 1.98 -20.11
CA TYR B 75 16.46 2.50 -20.25
C TYR B 75 16.69 3.70 -19.33
N SER B 76 15.61 4.37 -18.96
CA SER B 76 15.70 5.53 -18.08
C SER B 76 15.74 5.10 -16.61
N ARG B 77 15.76 3.79 -16.39
CA ARG B 77 15.83 3.24 -15.04
C ARG B 77 17.23 2.71 -14.75
N VAL B 78 17.95 2.40 -15.82
CA VAL B 78 19.31 1.89 -15.72
C VAL B 78 20.32 3.01 -15.46
N LYS B 79 19.86 4.25 -15.64
CA LYS B 79 20.70 5.42 -15.42
C LYS B 79 20.94 5.66 -13.93
N ASN B 80 20.10 5.05 -13.09
CA ASN B 80 20.22 5.19 -11.64
C ASN B 80 20.94 3.98 -11.05
N LEU B 81 20.41 2.79 -11.34
CA LEU B 81 20.97 1.53 -10.86
C LEU B 81 21.68 0.81 -12.00
N GLU C 24 21.38 -14.53 8.13
CA GLU C 24 20.36 -14.38 9.19
C GLU C 24 21.00 -14.43 10.57
N THR C 25 22.31 -14.69 10.61
CA THR C 25 23.04 -14.77 11.85
C THR C 25 23.41 -13.37 12.37
N GLY C 26 22.51 -12.79 13.16
CA GLY C 26 22.74 -11.47 13.71
C GLY C 26 22.52 -10.36 12.71
N THR C 27 21.66 -10.60 11.72
CA THR C 27 21.37 -9.60 10.69
C THR C 27 20.02 -8.93 10.94
N LEU C 28 20.06 -7.74 11.51
CA LEU C 28 18.84 -6.99 11.78
C LEU C 28 18.58 -5.95 10.69
N ILE C 29 19.43 -5.95 9.67
CA ILE C 29 19.31 -5.01 8.56
C ILE C 29 18.50 -5.60 7.41
N VAL C 30 17.89 -6.76 7.64
CA VAL C 30 17.07 -7.43 6.63
C VAL C 30 15.72 -6.72 6.46
N ASN C 31 15.32 -5.98 7.49
CA ASN C 31 14.05 -5.24 7.47
C ASN C 31 14.05 -4.13 6.40
N SER C 32 15.25 -3.68 6.02
CA SER C 32 15.38 -2.63 5.00
C SER C 32 15.54 -3.23 3.62
N VAL C 33 15.86 -4.53 3.57
CA VAL C 33 16.04 -5.25 2.31
C VAL C 33 14.68 -5.61 1.70
N LEU C 34 13.77 -6.09 2.54
CA LEU C 34 12.43 -6.48 2.10
C LEU C 34 11.59 -5.26 1.75
N LEU C 35 12.03 -4.08 2.18
CA LEU C 35 11.31 -2.84 1.91
C LEU C 35 11.63 -2.28 0.53
N PHE C 36 12.79 -2.66 -0.02
CA PHE C 36 13.18 -2.21 -1.37
C PHE C 36 12.30 -2.89 -2.40
N LEU C 37 11.67 -3.99 -1.96
CA LEU C 37 10.77 -4.78 -2.79
C LEU C 37 9.43 -4.05 -2.94
N ALA C 38 9.05 -3.31 -1.89
CA ALA C 38 7.79 -2.56 -1.88
C ALA C 38 7.94 -1.23 -2.60
N PHE C 39 9.16 -0.90 -3.01
CA PHE C 39 9.45 0.35 -3.70
C PHE C 39 9.33 0.19 -5.21
N VAL C 40 9.60 -1.03 -5.70
CA VAL C 40 9.52 -1.31 -7.13
C VAL C 40 8.09 -1.65 -7.56
N VAL C 41 7.27 -2.15 -6.63
CA VAL C 41 5.88 -2.50 -6.94
C VAL C 41 5.00 -1.25 -6.99
N PHE C 42 5.26 -0.28 -6.10
CA PHE C 42 4.49 0.95 -6.09
C PHE C 42 5.01 1.92 -7.15
N LEU C 43 6.15 1.58 -7.73
CA LEU C 43 6.76 2.41 -8.76
C LEU C 43 5.94 2.34 -10.05
N LEU C 44 5.39 1.16 -10.34
CA LEU C 44 4.58 0.97 -11.54
C LEU C 44 3.19 1.56 -11.33
N VAL C 45 2.82 1.72 -10.06
CA VAL C 45 1.52 2.26 -9.69
C VAL C 45 1.50 3.79 -9.79
N THR C 46 2.56 4.43 -9.28
CA THR C 46 2.65 5.88 -9.33
C THR C 46 2.95 6.37 -10.75
N LEU C 47 3.65 5.54 -11.53
CA LEU C 47 3.98 5.88 -12.91
C LEU C 47 2.73 5.84 -13.78
N ALA C 48 1.80 4.97 -13.42
CA ALA C 48 0.54 4.82 -14.15
C ALA C 48 -0.35 6.04 -13.96
N ILE C 49 -0.10 6.79 -12.89
CA ILE C 49 -0.88 8.00 -12.60
C ILE C 49 -0.36 9.18 -13.38
N LEU C 50 0.94 9.49 -13.23
CA LEU C 50 1.54 10.63 -13.92
C LEU C 50 1.56 10.47 -15.44
N THR C 51 1.58 9.23 -15.92
CA THR C 51 1.58 8.96 -17.35
C THR C 51 0.15 9.04 -17.91
N ALA C 52 -0.83 8.80 -17.04
CA ALA C 52 -2.24 8.85 -17.45
C ALA C 52 -2.76 10.28 -17.57
N LEU C 53 -2.07 11.21 -16.91
CA LEU C 53 -2.45 12.61 -16.93
C LEU C 53 -1.55 13.39 -17.88
N ARG C 54 -0.58 12.68 -18.49
CA ARG C 54 0.38 13.26 -19.43
C ARG C 54 1.20 14.37 -18.78
N LEU C 55 2.20 13.98 -18.01
CA LEU C 55 3.07 14.93 -17.34
C LEU C 55 4.42 14.29 -17.02
N ALA C 56 4.72 13.22 -17.75
CA ALA C 56 5.98 12.50 -17.56
C ALA C 56 7.14 13.32 -18.10
N ALA C 57 6.82 14.38 -18.84
CA ALA C 57 7.84 15.26 -19.41
C ALA C 57 8.49 16.12 -18.33
N TYR C 58 7.76 16.33 -17.24
CA TYR C 58 8.25 17.11 -16.12
C TYR C 58 8.82 16.21 -15.05
N ALA C 59 8.48 14.93 -15.12
CA ALA C 59 8.97 13.93 -14.17
C ALA C 59 10.22 13.23 -14.68
N ALA C 60 10.65 13.61 -15.88
CA ALA C 60 11.83 13.01 -16.49
C ALA C 60 13.12 13.59 -15.90
N ASN C 61 13.07 14.88 -15.55
CA ASN C 61 14.23 15.56 -14.97
C ASN C 61 14.39 15.23 -13.49
N ILE C 62 13.30 14.77 -12.88
CA ILE C 62 13.32 14.40 -11.46
C ILE C 62 14.18 13.15 -11.25
N VAL C 63 14.09 12.21 -12.19
CA VAL C 63 14.87 10.98 -12.12
C VAL C 63 16.26 11.18 -12.71
N ASN C 64 16.44 12.28 -13.45
CA ASN C 64 17.72 12.60 -14.06
C ASN C 64 18.54 13.48 -13.12
N VAL C 65 18.47 13.16 -11.82
CA VAL C 65 19.18 13.89 -10.77
C VAL C 65 18.68 15.32 -10.66
N SER C 66 17.72 15.54 -9.77
CA SER C 66 17.15 16.86 -9.56
C SER C 66 17.20 17.26 -8.09
N LEU C 67 17.95 16.48 -7.31
CA LEU C 67 18.08 16.74 -5.88
C LEU C 67 19.33 17.56 -5.57
N VAL C 68 19.27 18.85 -5.88
CA VAL C 68 20.37 19.77 -5.63
C VAL C 68 19.92 20.90 -4.73
N LYS C 69 18.65 21.25 -4.82
CA LYS C 69 18.06 22.30 -4.01
C LYS C 69 17.12 21.72 -2.94
N PRO C 70 16.14 20.84 -3.32
CA PRO C 70 15.22 20.24 -2.37
C PRO C 70 15.78 18.96 -1.73
N THR C 71 17.09 18.75 -1.87
CA THR C 71 17.76 17.58 -1.33
C THR C 71 17.95 17.72 0.18
N VAL C 72 17.86 18.97 0.66
CA VAL C 72 17.99 19.28 2.09
C VAL C 72 16.81 18.68 2.88
N TYR C 73 15.85 18.09 2.17
CA TYR C 73 14.68 17.47 2.80
C TYR C 73 15.10 16.28 3.66
N VAL C 74 16.31 15.76 3.40
CA VAL C 74 16.84 14.64 4.17
C VAL C 74 17.22 15.08 5.58
N TYR C 75 17.69 16.33 5.69
CA TYR C 75 18.10 16.88 6.98
C TYR C 75 16.90 17.24 7.85
N SER C 76 15.75 17.48 7.22
CA SER C 76 14.54 17.82 7.94
C SER C 76 13.85 16.55 8.46
N ARG C 77 14.48 15.41 8.22
CA ARG C 77 13.95 14.12 8.68
C ARG C 77 14.74 13.63 9.88
N VAL C 78 16.00 14.06 9.96
CA VAL C 78 16.89 13.67 11.05
C VAL C 78 16.53 14.40 12.35
N LYS C 79 15.76 15.48 12.23
CA LYS C 79 15.35 16.25 13.39
C LYS C 79 14.28 15.50 14.20
N ASN C 80 13.54 14.61 13.52
CA ASN C 80 12.50 13.82 14.17
C ASN C 80 13.11 12.55 14.78
N LEU C 81 13.99 11.89 14.01
CA LEU C 81 14.64 10.68 14.47
C LEU C 81 16.15 10.88 14.61
N GLU D 24 17.99 -9.75 14.75
CA GLU D 24 16.96 -10.80 14.96
C GLU D 24 17.15 -11.48 16.31
N THR D 25 18.09 -10.97 17.10
CA THR D 25 18.37 -11.54 18.43
C THR D 25 17.59 -10.80 19.51
N GLY D 26 16.31 -11.15 19.66
CA GLY D 26 15.47 -10.52 20.66
C GLY D 26 15.03 -9.12 20.27
N THR D 27 15.01 -8.83 18.97
CA THR D 27 14.62 -7.52 18.48
C THR D 27 13.31 -7.58 17.71
N LEU D 28 12.22 -7.16 18.35
CA LEU D 28 10.91 -7.18 17.72
C LEU D 28 10.47 -5.75 17.36
N ILE D 29 11.30 -4.78 17.72
CA ILE D 29 11.01 -3.38 17.45
C ILE D 29 11.44 -3.00 16.03
N VAL D 30 11.89 -4.00 15.28
CA VAL D 30 12.35 -3.80 13.92
C VAL D 30 11.18 -3.77 12.93
N ASN D 31 9.99 -4.10 13.43
CA ASN D 31 8.78 -4.11 12.60
C ASN D 31 8.36 -2.70 12.22
N SER D 32 8.71 -1.74 13.06
CA SER D 32 8.36 -0.34 12.81
C SER D 32 9.49 0.38 12.08
N VAL D 33 10.68 -0.23 12.10
CA VAL D 33 11.84 0.35 11.43
C VAL D 33 11.68 0.26 9.91
N LEU D 34 11.05 -0.83 9.46
CA LEU D 34 10.81 -1.04 8.04
C LEU D 34 9.65 -0.16 7.56
N LEU D 35 8.77 0.19 8.48
CA LEU D 35 7.62 1.03 8.17
C LEU D 35 8.06 2.48 7.98
N PHE D 36 9.20 2.82 8.56
CA PHE D 36 9.74 4.17 8.45
C PHE D 36 10.15 4.48 7.01
N LEU D 37 10.45 3.43 6.25
CA LEU D 37 10.84 3.57 4.85
C LEU D 37 9.62 3.85 3.98
N ALA D 38 8.43 3.57 4.52
CA ALA D 38 7.18 3.81 3.81
C ALA D 38 6.74 5.26 3.96
N PHE D 39 7.26 5.91 4.99
CA PHE D 39 6.93 7.31 5.27
C PHE D 39 7.79 8.25 4.43
N VAL D 40 8.82 7.70 3.77
CA VAL D 40 9.70 8.51 2.97
C VAL D 40 9.31 8.49 1.48
N VAL D 41 8.67 7.41 1.04
CA VAL D 41 8.24 7.31 -0.35
C VAL D 41 6.87 7.93 -0.53
N PHE D 42 6.01 7.81 0.49
CA PHE D 42 4.68 8.39 0.43
C PHE D 42 4.74 9.89 0.69
N LEU D 43 5.89 10.34 1.18
CA LEU D 43 6.10 11.75 1.44
C LEU D 43 6.23 12.52 0.13
N LEU D 44 6.69 11.82 -0.91
CA LEU D 44 6.85 12.43 -2.22
C LEU D 44 5.55 12.37 -3.00
N VAL D 45 4.65 11.48 -2.61
CA VAL D 45 3.36 11.34 -3.25
C VAL D 45 2.41 12.43 -2.78
N THR D 46 2.44 12.69 -1.47
CA THR D 46 1.60 13.72 -0.86
C THR D 46 2.09 15.14 -1.19
N LEU D 47 3.42 15.32 -1.30
CA LEU D 47 4.01 16.61 -1.61
C LEU D 47 3.73 17.02 -3.05
N ALA D 48 3.60 16.04 -3.91
CA ALA D 48 3.34 16.28 -5.34
C ALA D 48 1.94 16.81 -5.57
N ILE D 49 1.05 16.61 -4.60
CA ILE D 49 -0.32 17.09 -4.72
C ILE D 49 -0.43 18.55 -4.32
N LEU D 50 0.01 18.87 -3.10
CA LEU D 50 -0.06 20.24 -2.59
C LEU D 50 0.79 21.20 -3.43
N THR D 51 1.85 20.68 -4.03
CA THR D 51 2.72 21.49 -4.85
C THR D 51 2.11 21.67 -6.25
N ALA D 52 1.31 20.70 -6.67
CA ALA D 52 0.65 20.74 -7.97
C ALA D 52 -0.53 21.70 -7.97
N LEU D 53 -1.11 21.90 -6.80
CA LEU D 53 -2.27 22.78 -6.65
C LEU D 53 -1.84 24.17 -6.18
N ARG D 54 -0.54 24.32 -5.93
CA ARG D 54 0.05 25.59 -5.49
C ARG D 54 -0.47 26.03 -4.12
N LEU D 55 0.01 25.37 -3.07
CA LEU D 55 -0.39 25.70 -1.71
C LEU D 55 0.72 25.29 -0.73
N ALA D 56 1.95 25.26 -1.25
CA ALA D 56 3.11 24.92 -0.44
C ALA D 56 3.49 26.06 0.49
N ALA D 57 2.85 27.20 0.31
CA ALA D 57 3.10 28.38 1.13
C ALA D 57 2.42 28.26 2.48
N TYR D 58 1.37 27.44 2.54
CA TYR D 58 0.62 27.24 3.78
C TYR D 58 1.09 25.99 4.50
N ALA D 59 1.65 25.04 3.74
CA ALA D 59 2.14 23.80 4.30
C ALA D 59 3.55 23.95 4.85
N ALA D 60 4.25 24.99 4.37
CA ALA D 60 5.61 25.25 4.81
C ALA D 60 5.69 25.37 6.33
N ASN D 61 4.83 26.22 6.91
CA ASN D 61 4.83 26.44 8.36
C ASN D 61 4.43 25.18 9.13
N ILE D 62 3.72 24.25 8.48
CA ILE D 62 3.30 23.02 9.12
C ILE D 62 4.51 22.12 9.44
N VAL D 63 5.40 21.98 8.45
CA VAL D 63 6.61 21.18 8.62
C VAL D 63 7.64 21.91 9.47
N ASN D 64 7.43 23.22 9.62
CA ASN D 64 8.31 24.06 10.41
C ASN D 64 7.79 24.24 11.82
N VAL D 65 7.53 23.12 12.50
CA VAL D 65 7.03 23.11 13.87
C VAL D 65 5.72 23.90 14.00
N SER D 66 4.60 23.21 13.77
CA SER D 66 3.29 23.84 13.87
C SER D 66 2.39 23.03 14.81
N LEU D 67 2.97 21.99 15.41
CA LEU D 67 2.24 21.13 16.33
C LEU D 67 2.31 21.67 17.76
N VAL D 68 1.49 22.67 18.04
CA VAL D 68 1.44 23.28 19.36
C VAL D 68 0.01 23.30 19.90
N LYS D 69 -0.93 23.63 19.01
CA LYS D 69 -2.34 23.68 19.37
C LYS D 69 -3.02 22.35 19.02
N PRO D 70 -2.87 21.84 17.76
CA PRO D 70 -3.48 20.58 17.36
C PRO D 70 -2.54 19.39 17.62
N THR D 71 -1.59 19.57 18.54
CA THR D 71 -0.64 18.52 18.87
C THR D 71 -1.27 17.55 19.84
N VAL D 72 -2.50 17.85 20.27
CA VAL D 72 -3.23 17.00 21.20
C VAL D 72 -3.80 15.79 20.46
N TYR D 73 -3.54 15.71 19.15
CA TYR D 73 -4.00 14.60 18.34
C TYR D 73 -3.28 13.31 18.75
N VAL D 74 -2.17 13.46 19.48
CA VAL D 74 -1.42 12.30 19.94
C VAL D 74 -2.15 11.63 21.10
N TYR D 75 -2.78 12.45 21.95
CA TYR D 75 -3.52 11.93 23.10
C TYR D 75 -4.86 11.33 22.67
N SER D 76 -5.34 11.70 21.48
CA SER D 76 -6.61 11.19 20.96
C SER D 76 -6.41 9.82 20.30
N ARG D 77 -5.16 9.35 20.30
CA ARG D 77 -4.82 8.06 19.73
C ARG D 77 -4.55 7.05 20.84
N VAL D 78 -4.10 7.56 21.99
CA VAL D 78 -3.79 6.72 23.14
C VAL D 78 -5.06 6.15 23.77
N LYS D 79 -6.19 6.84 23.58
CA LYS D 79 -7.46 6.40 24.13
C LYS D 79 -7.99 5.16 23.40
N ASN D 80 -7.48 4.90 22.20
CA ASN D 80 -7.90 3.75 21.43
C ASN D 80 -6.99 2.55 21.66
N LEU D 81 -5.71 2.83 21.93
CA LEU D 81 -4.73 1.78 22.18
C LEU D 81 -4.07 1.97 23.55
N GLU E 24 7.33 -24.53 15.40
CA GLU E 24 7.49 -25.14 14.05
C GLU E 24 7.13 -26.62 14.09
N THR E 25 6.89 -27.13 15.29
CA THR E 25 6.55 -28.54 15.46
C THR E 25 5.04 -28.74 15.31
N GLY E 26 4.59 -28.82 14.07
CA GLY E 26 3.17 -28.99 13.79
C GLY E 26 2.39 -27.70 13.87
N THR E 27 3.07 -26.58 13.67
CA THR E 27 2.44 -25.27 13.73
C THR E 27 2.50 -24.54 12.39
N LEU E 28 1.38 -24.52 11.68
CA LEU E 28 1.31 -23.83 10.39
C LEU E 28 0.50 -22.54 10.56
N ILE E 29 -0.03 -22.33 11.77
CA ILE E 29 -0.83 -21.15 12.08
C ILE E 29 0.05 -19.93 12.33
N VAL E 30 1.35 -20.08 12.08
CA VAL E 30 2.31 -18.99 12.25
C VAL E 30 2.15 -17.95 11.14
N ASN E 31 1.50 -18.35 10.05
CA ASN E 31 1.27 -17.47 8.91
C ASN E 31 0.33 -16.32 9.27
N SER E 32 -0.62 -16.60 10.17
CA SER E 32 -1.58 -15.60 10.60
C SER E 32 -1.00 -14.74 11.73
N VAL E 33 0.14 -15.15 12.26
CA VAL E 33 0.80 -14.42 13.34
C VAL E 33 1.80 -13.41 12.79
N LEU E 34 2.51 -13.77 11.72
CA LEU E 34 3.50 -12.89 11.11
C LEU E 34 2.83 -11.73 10.36
N LEU E 35 1.57 -11.94 9.96
CA LEU E 35 0.83 -10.90 9.24
C LEU E 35 0.15 -9.94 10.21
N PHE E 36 0.20 -10.27 11.50
CA PHE E 36 -0.38 -9.41 12.53
C PHE E 36 0.52 -8.18 12.72
N LEU E 37 1.77 -8.31 12.28
CA LEU E 37 2.75 -7.22 12.35
C LEU E 37 2.50 -6.21 11.23
N ALA E 38 1.80 -6.66 10.18
CA ALA E 38 1.48 -5.80 9.05
C ALA E 38 0.23 -4.97 9.34
N PHE E 39 -0.44 -5.31 10.43
CA PHE E 39 -1.66 -4.62 10.86
C PHE E 39 -1.33 -3.45 11.77
N VAL E 40 -0.13 -3.47 12.35
CA VAL E 40 0.30 -2.40 13.25
C VAL E 40 1.14 -1.36 12.50
N VAL E 41 1.61 -1.72 11.29
CA VAL E 41 2.42 -0.81 10.49
C VAL E 41 1.58 0.06 9.54
N PHE E 42 0.58 -0.50 8.85
CA PHE E 42 -0.25 0.32 7.95
C PHE E 42 -1.23 1.16 8.73
N LEU E 43 -1.31 0.91 10.04
CA LEU E 43 -2.21 1.65 10.92
C LEU E 43 -1.75 3.10 11.06
N LEU E 44 -0.43 3.31 11.15
CA LEU E 44 0.12 4.65 11.27
C LEU E 44 0.07 5.38 9.93
N VAL E 45 -0.06 4.60 8.85
CA VAL E 45 -0.13 5.16 7.50
C VAL E 45 -1.51 5.74 7.21
N THR E 46 -2.55 4.92 7.40
CA THR E 46 -3.91 5.36 7.16
C THR E 46 -4.34 6.44 8.18
N LEU E 47 -3.75 6.39 9.38
CA LEU E 47 -4.06 7.37 10.41
C LEU E 47 -3.51 8.74 10.03
N ALA E 48 -2.38 8.74 9.33
CA ALA E 48 -1.74 9.98 8.90
C ALA E 48 -2.55 10.65 7.78
N ILE E 49 -3.40 9.88 7.13
CA ILE E 49 -4.24 10.38 6.04
C ILE E 49 -5.48 11.09 6.58
N LEU E 50 -6.19 10.44 7.50
CA LEU E 50 -7.40 11.01 8.08
C LEU E 50 -7.07 12.16 9.04
N THR E 51 -5.83 12.22 9.49
CA THR E 51 -5.40 13.28 10.38
C THR E 51 -4.93 14.50 9.58
N ALA E 52 -4.46 14.26 8.35
CA ALA E 52 -4.00 15.33 7.47
C ALA E 52 -5.18 16.08 6.83
N LEU E 53 -6.33 15.43 6.80
CA LEU E 53 -7.53 16.01 6.22
C LEU E 53 -8.45 16.54 7.32
N ARG E 54 -8.04 16.32 8.58
CA ARG E 54 -8.79 16.77 9.76
C ARG E 54 -10.18 16.13 9.86
N LEU E 55 -10.20 14.85 10.20
CA LEU E 55 -11.46 14.12 10.35
C LEU E 55 -11.29 13.00 11.36
N ALA E 56 -10.34 13.20 12.28
CA ALA E 56 -10.04 12.22 13.32
C ALA E 56 -11.15 12.16 14.37
N ALA E 57 -12.06 13.13 14.33
CA ALA E 57 -13.19 13.19 15.26
C ALA E 57 -14.26 12.17 14.90
N TYR E 58 -14.37 11.88 13.61
CA TYR E 58 -15.36 10.92 13.12
C TYR E 58 -14.80 9.50 13.13
N ALA E 59 -13.48 9.40 13.23
CA ALA E 59 -12.81 8.10 13.25
C ALA E 59 -12.53 7.64 14.68
N ALA E 60 -12.78 8.53 15.64
CA ALA E 60 -12.54 8.22 17.05
C ALA E 60 -13.59 7.25 17.59
N ASN E 61 -14.81 7.36 17.08
CA ASN E 61 -15.91 6.48 17.51
C ASN E 61 -15.85 5.13 16.82
N ILE E 62 -15.13 5.07 15.69
CA ILE E 62 -14.99 3.84 14.93
C ILE E 62 -14.13 2.83 15.69
N VAL E 63 -13.07 3.32 16.32
CA VAL E 63 -12.18 2.47 17.09
C VAL E 63 -12.73 2.23 18.50
N ASN E 64 -13.70 3.07 18.90
CA ASN E 64 -14.32 2.94 20.22
C ASN E 64 -15.56 2.05 20.13
N VAL E 65 -15.41 0.93 19.40
CA VAL E 65 -16.48 -0.05 19.21
C VAL E 65 -17.66 0.58 18.46
N SER E 66 -17.61 0.51 17.14
CA SER E 66 -18.68 1.05 16.30
C SER E 66 -19.25 -0.05 15.41
N LEU E 67 -18.75 -1.27 15.59
CA LEU E 67 -19.21 -2.42 14.81
C LEU E 67 -20.40 -3.09 15.47
N VAL E 68 -21.56 -2.43 15.37
CA VAL E 68 -22.80 -2.96 15.93
C VAL E 68 -23.84 -3.16 14.83
N LYS E 69 -23.78 -2.30 13.82
CA LYS E 69 -24.69 -2.37 12.68
C LYS E 69 -23.98 -2.95 11.46
N PRO E 70 -22.81 -2.41 11.04
CA PRO E 70 -22.08 -2.91 9.88
C PRO E 70 -21.08 -4.02 10.25
N THR E 71 -21.32 -4.68 11.39
CA THR E 71 -20.45 -5.76 11.85
C THR E 71 -20.79 -7.06 11.13
N VAL E 72 -21.87 -7.01 10.34
CA VAL E 72 -22.31 -8.15 9.58
C VAL E 72 -21.40 -8.36 8.36
N TYR E 73 -20.40 -7.47 8.22
CA TYR E 73 -19.45 -7.54 7.13
C TYR E 73 -18.57 -8.79 7.25
N VAL E 74 -18.50 -9.36 8.45
CA VAL E 74 -17.72 -10.57 8.66
C VAL E 74 -18.41 -11.76 7.99
N TYR E 75 -19.74 -11.72 7.95
CA TYR E 75 -20.54 -12.77 7.34
C TYR E 75 -20.55 -12.62 5.81
N SER E 76 -20.31 -11.40 5.33
CA SER E 76 -20.28 -11.14 3.90
C SER E 76 -18.97 -11.66 3.31
N ARG E 77 -18.07 -12.09 4.18
CA ARG E 77 -16.78 -12.63 3.76
C ARG E 77 -16.80 -14.16 3.80
N VAL E 78 -17.74 -14.70 4.59
CA VAL E 78 -17.88 -16.15 4.74
C VAL E 78 -18.45 -16.79 3.46
N LYS E 79 -19.14 -15.98 2.67
CA LYS E 79 -19.70 -16.46 1.42
C LYS E 79 -18.61 -16.56 0.35
N ASN E 80 -17.72 -15.56 0.31
CA ASN E 80 -16.61 -15.55 -0.63
C ASN E 80 -15.67 -16.73 -0.36
N LEU E 81 -15.43 -17.02 0.92
CA LEU E 81 -14.55 -18.11 1.31
C LEU E 81 -15.25 -19.06 2.29
N GLU A 24 8.59 -26.37 5.05
CA GLU A 24 9.49 -25.52 4.24
C GLU A 24 10.48 -26.37 3.45
N THR A 25 10.17 -27.65 3.31
CA THR A 25 11.03 -28.57 2.57
C THR A 25 10.73 -28.51 1.07
N GLY A 26 11.41 -27.60 0.38
CA GLY A 26 11.22 -27.45 -1.06
C GLY A 26 9.93 -26.75 -1.42
N THR A 27 9.38 -25.98 -0.48
CA THR A 27 8.13 -25.26 -0.73
C THR A 27 8.38 -23.77 -0.96
N LEU A 28 8.41 -23.37 -2.23
CA LEU A 28 8.60 -21.97 -2.58
C LEU A 28 7.25 -21.31 -2.86
N ILE A 29 6.19 -22.11 -2.78
CA ILE A 29 4.83 -21.65 -3.01
C ILE A 29 4.33 -20.81 -1.83
N VAL A 30 5.18 -20.64 -0.81
CA VAL A 30 4.83 -19.86 0.37
C VAL A 30 4.79 -18.36 0.03
N ASN A 31 5.34 -17.99 -1.13
CA ASN A 31 5.36 -16.61 -1.58
C ASN A 31 3.94 -16.10 -1.84
N SER A 32 3.07 -17.01 -2.27
CA SER A 32 1.68 -16.68 -2.55
C SER A 32 0.82 -16.87 -1.31
N VAL A 33 1.39 -17.49 -0.28
CA VAL A 33 0.68 -17.74 0.98
C VAL A 33 0.81 -16.55 1.92
N LEU A 34 2.00 -15.96 1.98
CA LEU A 34 2.25 -14.80 2.84
C LEU A 34 1.51 -13.57 2.32
N LEU A 35 1.10 -13.63 1.06
CA LEU A 35 0.38 -12.54 0.44
C LEU A 35 -1.08 -12.52 0.89
N PHE A 36 -1.60 -13.69 1.25
CA PHE A 36 -2.99 -13.81 1.73
C PHE A 36 -3.11 -13.25 3.14
N LEU A 37 -1.99 -13.22 3.87
CA LEU A 37 -1.95 -12.68 5.23
C LEU A 37 -1.92 -11.15 5.18
N ALA A 38 -1.42 -10.61 4.07
CA ALA A 38 -1.33 -9.17 3.86
C ALA A 38 -2.55 -8.67 3.08
N PHE A 39 -3.47 -9.58 2.77
CA PHE A 39 -4.68 -9.24 2.03
C PHE A 39 -5.81 -8.85 2.97
N VAL A 40 -5.81 -9.44 4.16
CA VAL A 40 -6.84 -9.15 5.15
C VAL A 40 -6.58 -7.79 5.82
N VAL A 41 -5.32 -7.34 5.76
CA VAL A 41 -4.93 -6.06 6.35
C VAL A 41 -5.32 -4.90 5.43
N PHE A 42 -5.34 -5.15 4.12
CA PHE A 42 -5.70 -4.13 3.14
C PHE A 42 -7.20 -4.16 2.87
N LEU A 43 -7.86 -5.23 3.33
CA LEU A 43 -9.29 -5.38 3.14
C LEU A 43 -10.06 -4.42 4.03
N LEU A 44 -9.56 -4.18 5.25
CA LEU A 44 -10.21 -3.26 6.18
C LEU A 44 -9.98 -1.81 5.77
N VAL A 45 -8.96 -1.60 4.94
CA VAL A 45 -8.61 -0.27 4.45
C VAL A 45 -9.45 0.10 3.22
N THR A 46 -9.55 -0.84 2.28
CA THR A 46 -10.30 -0.59 1.06
C THR A 46 -11.81 -0.58 1.34
N LEU A 47 -12.24 -1.32 2.37
CA LEU A 47 -13.66 -1.37 2.75
C LEU A 47 -14.07 -0.08 3.43
N ALA A 48 -13.11 0.58 4.06
CA ALA A 48 -13.35 1.84 4.76
C ALA A 48 -13.67 2.96 3.79
N ILE A 49 -13.40 2.73 2.51
CA ILE A 49 -13.66 3.70 1.46
C ILE A 49 -15.12 3.67 1.01
N LEU A 50 -15.58 2.48 0.61
CA LEU A 50 -16.95 2.31 0.13
C LEU A 50 -17.98 2.45 1.26
N THR A 51 -17.57 2.12 2.48
CA THR A 51 -18.46 2.23 3.64
C THR A 51 -18.53 3.69 4.10
N ALA A 52 -17.50 4.47 3.76
CA ALA A 52 -17.44 5.87 4.13
C ALA A 52 -18.32 6.73 3.23
N LEU A 53 -18.57 6.25 2.03
CA LEU A 53 -19.39 6.97 1.07
C LEU A 53 -20.81 6.39 0.99
N ARG A 54 -21.06 5.37 1.82
CA ARG A 54 -22.36 4.69 1.88
C ARG A 54 -22.76 4.11 0.53
N LEU A 55 -22.08 3.05 0.12
CA LEU A 55 -22.37 2.37 -1.14
C LEU A 55 -22.06 0.88 -1.04
N ALA A 56 -22.03 0.38 0.19
CA ALA A 56 -21.75 -1.03 0.45
C ALA A 56 -22.89 -1.92 -0.05
N ALA A 57 -24.06 -1.30 -0.28
CA ALA A 57 -25.22 -2.02 -0.77
C ALA A 57 -25.04 -2.43 -2.23
N TYR A 58 -24.18 -1.71 -2.93
CA TYR A 58 -23.91 -2.00 -4.34
C TYR A 58 -22.66 -2.85 -4.49
N ALA A 59 -21.79 -2.79 -3.49
CA ALA A 59 -20.54 -3.56 -3.50
C ALA A 59 -20.75 -4.95 -2.89
N ALA A 60 -21.97 -5.23 -2.45
CA ALA A 60 -22.30 -6.51 -1.85
C ALA A 60 -22.40 -7.61 -2.90
N ASN A 61 -22.96 -7.27 -4.07
CA ASN A 61 -23.11 -8.23 -5.15
C ASN A 61 -21.80 -8.43 -5.90
N ILE A 62 -20.85 -7.50 -5.72
CA ILE A 62 -19.55 -7.59 -6.37
C ILE A 62 -18.75 -8.77 -5.84
N VAL A 63 -18.85 -9.04 -4.54
CA VAL A 63 -18.14 -10.16 -3.93
C VAL A 63 -18.85 -11.48 -4.25
N ASN A 64 -20.15 -11.39 -4.54
CA ASN A 64 -20.95 -12.56 -4.87
C ASN A 64 -21.01 -12.79 -6.38
N VAL A 65 -20.06 -12.15 -7.11
CA VAL A 65 -19.96 -12.27 -8.56
C VAL A 65 -21.11 -11.56 -9.28
N SER A 66 -20.77 -10.52 -10.05
CA SER A 66 -21.77 -9.76 -10.79
C SER A 66 -21.59 -9.95 -12.30
N LEU A 67 -20.40 -10.36 -12.70
CA LEU A 67 -20.09 -10.57 -14.11
C LEU A 67 -20.37 -12.02 -14.52
N VAL A 68 -21.20 -12.17 -15.56
CA VAL A 68 -21.55 -13.50 -16.07
C VAL A 68 -21.06 -13.67 -17.50
N LYS A 69 -21.15 -12.60 -18.28
CA LYS A 69 -20.71 -12.61 -19.67
C LYS A 69 -19.30 -12.01 -19.81
N PRO A 70 -19.04 -10.78 -19.29
CA PRO A 70 -17.72 -10.16 -19.38
C PRO A 70 -16.76 -10.64 -18.28
N THR A 71 -17.17 -11.68 -17.55
CA THR A 71 -16.37 -12.26 -16.48
C THR A 71 -15.14 -12.96 -17.03
N VAL A 72 -15.18 -13.28 -18.33
CA VAL A 72 -14.05 -13.93 -19.01
C VAL A 72 -12.83 -12.98 -19.13
N TYR A 73 -13.01 -11.73 -18.68
CA TYR A 73 -11.94 -10.72 -18.74
C TYR A 73 -10.81 -11.06 -17.76
N VAL A 74 -11.07 -11.97 -16.83
CA VAL A 74 -10.07 -12.38 -15.84
C VAL A 74 -9.09 -13.38 -16.45
N TYR A 75 -9.52 -14.08 -17.50
CA TYR A 75 -8.67 -15.06 -18.15
C TYR A 75 -7.72 -14.38 -19.14
N SER A 76 -8.20 -13.32 -19.77
CA SER A 76 -7.38 -12.56 -20.72
C SER A 76 -6.28 -11.77 -20.01
N ARG A 77 -6.33 -11.78 -18.67
CA ARG A 77 -5.33 -11.09 -17.87
C ARG A 77 -4.25 -12.06 -17.40
N VAL A 78 -4.60 -13.34 -17.35
CA VAL A 78 -3.68 -14.38 -16.93
C VAL A 78 -2.57 -14.60 -17.95
N LYS A 79 -2.92 -14.45 -19.23
CA LYS A 79 -1.94 -14.63 -20.31
C LYS A 79 -0.75 -13.66 -20.18
N ASN A 80 -0.95 -12.54 -19.48
CA ASN A 80 0.11 -11.55 -19.30
C ASN A 80 1.08 -11.99 -18.19
N LEU A 81 0.56 -12.69 -17.19
CA LEU A 81 1.39 -13.17 -16.08
C LEU A 81 1.37 -14.69 -15.99
N GLU B 24 11.71 -23.23 -1.75
CA GLU B 24 12.45 -22.05 -1.23
C GLU B 24 13.95 -22.33 -1.22
N THR B 25 14.40 -23.17 -2.14
CA THR B 25 15.81 -23.53 -2.24
C THR B 25 16.56 -22.66 -3.24
N GLY B 26 17.15 -21.57 -2.74
CA GLY B 26 17.91 -20.67 -3.59
C GLY B 26 17.07 -19.84 -4.54
N THR B 27 15.77 -19.74 -4.27
CA THR B 27 14.87 -18.98 -5.11
C THR B 27 14.60 -17.59 -4.53
N LEU B 28 15.32 -16.59 -5.02
CA LEU B 28 15.15 -15.23 -4.53
C LEU B 28 14.29 -14.41 -5.49
N ILE B 29 13.89 -15.03 -6.60
CA ILE B 29 13.05 -14.37 -7.58
C ILE B 29 11.58 -14.36 -7.13
N VAL B 30 11.38 -14.82 -5.89
CA VAL B 30 10.06 -14.89 -5.29
C VAL B 30 9.50 -13.50 -4.99
N ASN B 31 10.39 -12.51 -4.87
CA ASN B 31 9.99 -11.14 -4.58
C ASN B 31 9.15 -10.54 -5.71
N SER B 32 9.34 -11.04 -6.93
CA SER B 32 8.61 -10.54 -8.08
C SER B 32 7.38 -11.41 -8.38
N VAL B 33 7.24 -12.51 -7.64
CA VAL B 33 6.12 -13.42 -7.82
C VAL B 33 4.99 -13.09 -6.84
N LEU B 34 5.37 -12.67 -5.64
CA LEU B 34 4.38 -12.31 -4.62
C LEU B 34 3.71 -10.98 -4.95
N LEU B 35 4.42 -10.13 -5.69
CA LEU B 35 3.88 -8.84 -6.09
C LEU B 35 2.82 -9.00 -7.17
N PHE B 36 2.90 -10.11 -7.90
CA PHE B 36 1.94 -10.39 -8.96
C PHE B 36 0.57 -10.71 -8.37
N LEU B 37 0.56 -11.21 -7.14
CA LEU B 37 -0.70 -11.52 -6.46
C LEU B 37 -1.36 -10.25 -5.95
N ALA B 38 -0.55 -9.21 -5.73
CA ALA B 38 -1.06 -7.93 -5.26
C ALA B 38 -1.52 -7.07 -6.45
N PHE B 39 -1.11 -7.48 -7.65
CA PHE B 39 -1.48 -6.76 -8.86
C PHE B 39 -2.88 -7.15 -9.33
N VAL B 40 -3.37 -8.30 -8.86
CA VAL B 40 -4.68 -8.78 -9.25
C VAL B 40 -5.81 -8.10 -8.48
N VAL B 41 -5.55 -7.69 -7.24
CA VAL B 41 -6.57 -7.02 -6.44
C VAL B 41 -6.62 -5.53 -6.76
N PHE B 42 -5.47 -4.97 -7.12
CA PHE B 42 -5.40 -3.56 -7.47
C PHE B 42 -5.93 -3.33 -8.88
N LEU B 43 -5.99 -4.39 -9.66
CA LEU B 43 -6.51 -4.33 -11.02
C LEU B 43 -8.02 -4.13 -11.00
N LEU B 44 -8.65 -4.55 -9.90
CA LEU B 44 -10.09 -4.40 -9.76
C LEU B 44 -10.47 -3.02 -9.24
N VAL B 45 -9.49 -2.32 -8.68
CA VAL B 45 -9.70 -0.98 -8.16
C VAL B 45 -9.54 0.05 -9.27
N THR B 46 -8.47 -0.11 -10.05
CA THR B 46 -8.18 0.79 -11.17
C THR B 46 -9.18 0.62 -12.33
N LEU B 47 -9.71 -0.60 -12.51
CA LEU B 47 -10.67 -0.88 -13.57
C LEU B 47 -12.06 -0.34 -13.21
N ALA B 48 -12.36 -0.31 -11.92
CA ALA B 48 -13.64 0.16 -11.42
C ALA B 48 -13.83 1.65 -11.65
N ILE B 49 -12.74 2.34 -11.95
CA ILE B 49 -12.80 3.79 -12.21
C ILE B 49 -13.19 4.07 -13.65
N LEU B 50 -12.41 3.51 -14.59
CA LEU B 50 -12.67 3.73 -16.02
C LEU B 50 -14.02 3.17 -16.45
N THR B 51 -14.49 2.15 -15.73
CA THR B 51 -15.79 1.55 -16.02
C THR B 51 -16.91 2.37 -15.38
N ALA B 52 -16.58 3.05 -14.28
CA ALA B 52 -17.55 3.89 -13.56
C ALA B 52 -17.81 5.20 -14.30
N LEU B 53 -16.84 5.60 -15.11
CA LEU B 53 -16.96 6.85 -15.88
C LEU B 53 -17.35 6.57 -17.32
N ARG B 54 -17.47 5.29 -17.65
CA ARG B 54 -17.86 4.82 -18.99
C ARG B 54 -16.83 5.24 -20.04
N LEU B 55 -15.76 4.45 -20.16
CA LEU B 55 -14.71 4.71 -21.14
C LEU B 55 -13.87 3.46 -21.36
N ALA B 56 -14.52 2.31 -21.21
CA ALA B 56 -13.88 1.02 -21.39
C ALA B 56 -13.59 0.75 -22.87
N ALA B 57 -14.21 1.54 -23.74
CA ALA B 57 -14.02 1.39 -25.17
C ALA B 57 -12.70 2.02 -25.62
N TYR B 58 -12.19 2.96 -24.83
CA TYR B 58 -10.94 3.63 -25.14
C TYR B 58 -9.78 2.99 -24.38
N ALA B 59 -10.09 2.35 -23.26
CA ALA B 59 -9.06 1.70 -22.45
C ALA B 59 -8.78 0.29 -22.96
N ALA B 60 -9.72 -0.26 -23.73
CA ALA B 60 -9.56 -1.60 -24.28
C ALA B 60 -8.32 -1.68 -25.17
N ASN B 61 -8.13 -0.69 -26.05
CA ASN B 61 -6.98 -0.70 -26.96
C ASN B 61 -5.67 -0.43 -26.21
N ILE B 62 -5.75 0.20 -25.04
CA ILE B 62 -4.56 0.51 -24.25
C ILE B 62 -3.89 -0.76 -23.74
N VAL B 63 -4.69 -1.71 -23.24
CA VAL B 63 -4.15 -2.97 -22.72
C VAL B 63 -3.71 -3.88 -23.87
N ASN B 64 -4.21 -3.59 -25.07
CA ASN B 64 -3.88 -4.36 -26.25
C ASN B 64 -2.74 -3.70 -27.04
N VAL B 65 -2.00 -2.81 -26.36
CA VAL B 65 -0.86 -2.09 -26.97
C VAL B 65 -1.33 -1.06 -27.99
N SER B 66 -1.27 0.21 -27.60
CA SER B 66 -1.66 1.32 -28.47
C SER B 66 -0.44 2.05 -29.01
N LEU B 67 0.63 2.00 -28.22
CA LEU B 67 1.89 2.65 -28.59
C LEU B 67 2.72 1.75 -29.48
N VAL B 68 3.20 2.28 -30.59
CA VAL B 68 4.02 1.52 -31.51
C VAL B 68 5.37 2.21 -31.75
N LYS B 69 5.31 3.47 -32.15
CA LYS B 69 6.51 4.25 -32.38
C LYS B 69 7.06 4.82 -31.08
N PRO B 70 6.22 5.50 -30.24
CA PRO B 70 6.67 6.04 -28.96
C PRO B 70 6.52 5.03 -27.82
N THR B 71 6.50 3.74 -28.16
CA THR B 71 6.37 2.68 -27.17
C THR B 71 7.73 2.40 -26.53
N VAL B 72 8.75 3.09 -27.00
CA VAL B 72 10.11 2.91 -26.48
C VAL B 72 10.31 3.67 -25.16
N TYR B 73 9.26 4.36 -24.71
CA TYR B 73 9.32 5.11 -23.46
C TYR B 73 9.32 4.16 -22.27
N VAL B 74 9.12 2.87 -22.54
CA VAL B 74 9.13 1.86 -21.50
C VAL B 74 10.55 1.32 -21.31
N TYR B 75 11.36 1.40 -22.38
CA TYR B 75 12.73 0.93 -22.31
C TYR B 75 13.63 1.98 -21.67
N SER B 76 13.16 3.21 -21.66
CA SER B 76 13.91 4.32 -21.05
C SER B 76 13.68 4.36 -19.56
N ARG B 77 12.82 3.47 -19.06
CA ARG B 77 12.52 3.38 -17.65
C ARG B 77 13.26 2.21 -17.01
N VAL B 78 13.58 1.20 -17.82
CA VAL B 78 14.30 0.03 -17.34
C VAL B 78 15.77 0.37 -17.13
N LYS B 79 16.22 1.49 -17.70
CA LYS B 79 17.61 1.93 -17.54
C LYS B 79 17.82 2.58 -16.17
N ASN B 80 16.72 2.99 -15.53
CA ASN B 80 16.79 3.64 -14.23
C ASN B 80 16.80 2.59 -13.10
N LEU B 81 16.15 1.46 -13.35
CA LEU B 81 16.09 0.39 -12.36
C LEU B 81 16.90 -0.83 -12.82
N GLU C 24 24.47 -10.95 11.26
CA GLU C 24 23.37 -10.73 12.24
C GLU C 24 23.91 -10.67 13.66
N THR C 25 25.24 -10.74 13.79
CA THR C 25 25.88 -10.70 15.09
C THR C 25 26.02 -9.26 15.58
N GLY C 26 25.00 -8.81 16.30
CA GLY C 26 25.01 -7.44 16.83
C GLY C 26 24.56 -6.41 15.81
N THR C 27 23.91 -6.87 14.75
CA THR C 27 23.43 -5.96 13.70
C THR C 27 21.91 -5.91 13.66
N LEU C 28 21.35 -4.78 14.09
CA LEU C 28 19.91 -4.59 14.10
C LEU C 28 19.51 -3.61 12.99
N ILE C 29 20.51 -3.23 12.18
CA ILE C 29 20.30 -2.31 11.07
C ILE C 29 19.61 -3.02 9.89
N VAL C 30 19.11 -4.23 10.17
CA VAL C 30 18.43 -5.04 9.17
C VAL C 30 17.08 -4.42 8.80
N ASN C 31 16.55 -3.59 9.69
CA ASN C 31 15.27 -2.92 9.47
C ASN C 31 15.32 -2.01 8.24
N SER C 32 16.49 -1.46 7.97
CA SER C 32 16.67 -0.56 6.82
C SER C 32 17.30 -1.29 5.64
N VAL C 33 17.34 -2.61 5.71
CA VAL C 33 17.91 -3.43 4.64
C VAL C 33 16.81 -4.29 4.00
N LEU C 34 15.92 -4.81 4.83
CA LEU C 34 14.82 -5.66 4.36
C LEU C 34 13.77 -4.82 3.63
N LEU C 35 13.73 -3.52 3.94
CA LEU C 35 12.77 -2.62 3.32
C LEU C 35 13.27 -2.13 1.96
N PHE C 36 14.57 -2.30 1.71
CA PHE C 36 15.15 -1.90 0.42
C PHE C 36 14.70 -2.87 -0.67
N LEU C 37 14.38 -4.10 -0.27
CA LEU C 37 13.91 -5.13 -1.19
C LEU C 37 12.42 -4.94 -1.48
N ALA C 38 11.75 -4.19 -0.60
CA ALA C 38 10.32 -3.91 -0.75
C ALA C 38 10.11 -2.69 -1.64
N PHE C 39 11.21 -2.02 -1.98
CA PHE C 39 11.16 -0.83 -2.83
C PHE C 39 11.36 -1.21 -4.29
N VAL C 40 12.08 -2.31 -4.52
CA VAL C 40 12.35 -2.78 -5.88
C VAL C 40 11.08 -3.38 -6.51
N VAL C 41 10.12 -3.75 -5.67
CA VAL C 41 8.87 -4.34 -6.14
C VAL C 41 7.75 -3.30 -6.27
N PHE C 42 7.78 -2.28 -5.42
CA PHE C 42 6.75 -1.23 -5.45
C PHE C 42 7.06 -0.20 -6.53
N LEU C 43 8.31 -0.22 -7.03
CA LEU C 43 8.73 0.72 -8.06
C LEU C 43 8.09 0.39 -9.41
N LEU C 44 7.72 -0.87 -9.60
CA LEU C 44 7.09 -1.31 -10.84
C LEU C 44 5.59 -1.00 -10.82
N VAL C 45 5.11 -0.56 -9.65
CA VAL C 45 3.69 -0.23 -9.48
C VAL C 45 3.46 1.27 -9.69
N THR C 46 4.24 2.10 -8.99
CA THR C 46 4.13 3.55 -9.09
C THR C 46 4.53 4.04 -10.48
N LEU C 47 5.48 3.35 -11.12
CA LEU C 47 5.92 3.72 -12.46
C LEU C 47 4.91 3.27 -13.52
N ALA C 48 4.13 2.25 -13.18
CA ALA C 48 3.11 1.73 -14.10
C ALA C 48 1.95 2.71 -14.24
N ILE C 49 1.87 3.68 -13.33
CA ILE C 49 0.82 4.68 -13.35
C ILE C 49 1.15 5.81 -14.32
N LEU C 50 2.36 6.36 -14.19
CA LEU C 50 2.80 7.46 -15.06
C LEU C 50 3.07 6.96 -16.47
N THR C 51 3.31 5.66 -16.60
CA THR C 51 3.55 5.05 -17.90
C THR C 51 2.22 4.77 -18.59
N ALA C 52 1.18 4.49 -17.79
CA ALA C 52 -0.15 4.20 -18.31
C ALA C 52 -0.85 5.48 -18.79
N LEU C 53 -0.31 6.63 -18.40
CA LEU C 53 -0.89 7.91 -18.77
C LEU C 53 0.03 8.68 -19.73
N ARG C 54 1.15 8.06 -20.09
CA ARG C 54 2.13 8.65 -21.01
C ARG C 54 2.65 10.00 -20.50
N LEU C 55 3.59 9.94 -19.56
CA LEU C 55 4.18 11.15 -18.99
C LEU C 55 5.49 10.81 -18.29
N ALA C 56 6.09 9.70 -18.70
CA ALA C 56 7.33 9.23 -18.12
C ALA C 56 8.49 10.18 -18.46
N ALA C 57 8.28 11.06 -19.43
CA ALA C 57 9.29 12.03 -19.85
C ALA C 57 9.44 13.14 -18.82
N TYR C 58 8.34 13.45 -18.13
CA TYR C 58 8.35 14.50 -17.11
C TYR C 58 8.76 13.93 -15.75
N ALA C 59 8.61 12.62 -15.60
CA ALA C 59 8.97 11.94 -14.36
C ALA C 59 10.40 11.42 -14.39
N ALA C 60 11.06 11.60 -15.54
CA ALA C 60 12.43 11.15 -15.71
C ALA C 60 13.42 12.06 -15.00
N ASN C 61 13.14 13.37 -15.03
CA ASN C 61 14.01 14.35 -14.39
C ASN C 61 13.80 14.38 -12.88
N ILE C 62 12.65 13.88 -12.43
CA ILE C 62 12.34 13.83 -11.01
C ILE C 62 13.27 12.87 -10.28
N VAL C 63 13.57 11.74 -10.92
CA VAL C 63 14.46 10.74 -10.34
C VAL C 63 15.92 11.19 -10.45
N ASN C 64 16.19 12.09 -11.40
CA ASN C 64 17.52 12.61 -11.63
C ASN C 64 17.74 13.93 -10.88
N VAL C 65 16.91 14.16 -9.85
CA VAL C 65 16.98 15.37 -9.01
C VAL C 65 16.56 16.61 -9.79
N SER C 66 15.34 17.08 -9.52
CA SER C 66 14.80 18.28 -10.16
C SER C 66 14.84 19.47 -9.22
N LEU C 67 14.81 19.20 -7.93
CA LEU C 67 14.84 20.25 -6.92
C LEU C 67 16.28 20.62 -6.56
N VAL C 68 16.61 21.90 -6.71
CA VAL C 68 17.95 22.38 -6.41
C VAL C 68 17.91 23.39 -5.26
N LYS C 69 17.04 24.39 -5.38
CA LYS C 69 16.89 25.41 -4.36
C LYS C 69 15.92 24.94 -3.25
N PRO C 70 14.69 24.49 -3.61
CA PRO C 70 13.73 24.02 -2.61
C PRO C 70 13.90 22.53 -2.29
N THR C 71 15.11 22.00 -2.50
CA THR C 71 15.38 20.59 -2.22
C THR C 71 15.65 20.40 -0.73
N VAL C 72 15.70 21.52 0.01
CA VAL C 72 15.95 21.49 1.44
C VAL C 72 14.70 21.00 2.20
N TYR C 73 13.61 20.78 1.45
CA TYR C 73 12.36 20.30 2.05
C TYR C 73 12.47 18.85 2.50
N VAL C 74 13.56 18.18 2.11
CA VAL C 74 13.77 16.80 2.51
C VAL C 74 14.45 16.73 3.86
N TYR C 75 15.22 17.77 4.20
CA TYR C 75 15.91 17.81 5.49
C TYR C 75 14.97 18.25 6.59
N SER C 76 13.92 18.96 6.23
CA SER C 76 12.93 19.44 7.20
C SER C 76 12.00 18.30 7.59
N ARG C 77 12.11 17.18 6.89
CA ARG C 77 11.30 16.01 7.16
C ARG C 77 12.05 15.02 8.04
N VAL C 78 13.38 15.13 8.02
CA VAL C 78 14.24 14.26 8.81
C VAL C 78 14.15 14.59 10.30
N LYS C 79 13.79 15.83 10.61
CA LYS C 79 13.66 16.25 12.01
C LYS C 79 12.46 15.59 12.67
N ASN C 80 11.40 15.30 11.89
CA ASN C 80 10.22 14.63 12.41
C ASN C 80 10.51 13.18 12.78
N LEU C 81 11.49 12.57 12.12
CA LEU C 81 11.86 11.20 12.40
C LEU C 81 13.33 11.07 12.80
N GLU D 24 19.12 -7.92 16.38
CA GLU D 24 17.90 -8.75 16.28
C GLU D 24 17.80 -9.72 17.46
N THR D 25 18.48 -9.39 18.55
CA THR D 25 18.49 -10.24 19.74
C THR D 25 17.40 -9.81 20.73
N GLY D 26 16.20 -10.36 20.56
CA GLY D 26 15.10 -10.05 21.45
C GLY D 26 14.45 -8.72 21.16
N THR D 27 14.75 -8.14 19.99
CA THR D 27 14.19 -6.85 19.61
C THR D 27 12.90 -7.03 18.81
N LEU D 28 11.76 -6.85 19.48
CA LEU D 28 10.46 -7.00 18.84
C LEU D 28 9.93 -5.63 18.38
N ILE D 29 10.75 -4.60 18.54
CA ILE D 29 10.38 -3.24 18.16
C ILE D 29 10.82 -2.90 16.74
N VAL D 30 11.39 -3.87 16.03
CA VAL D 30 11.87 -3.67 14.67
C VAL D 30 10.72 -3.53 13.67
N ASN D 31 9.53 -4.00 14.07
CA ASN D 31 8.34 -3.95 13.21
C ASN D 31 7.91 -2.51 12.93
N SER D 32 8.30 -1.59 13.80
CA SER D 32 7.93 -0.20 13.64
C SER D 32 9.08 0.63 13.08
N VAL D 33 10.27 0.03 12.99
CA VAL D 33 11.44 0.73 12.46
C VAL D 33 11.56 0.54 10.95
N LEU D 34 11.11 -0.61 10.47
CA LEU D 34 11.17 -0.90 9.03
C LEU D 34 10.07 -0.14 8.30
N LEU D 35 9.00 0.20 9.02
CA LEU D 35 7.88 0.93 8.46
C LEU D 35 8.25 2.40 8.22
N PHE D 36 9.31 2.85 8.90
CA PHE D 36 9.76 4.23 8.77
C PHE D 36 10.46 4.45 7.43
N LEU D 37 11.04 3.37 6.89
CA LEU D 37 11.72 3.46 5.60
C LEU D 37 10.70 3.58 4.48
N ALA D 38 9.52 2.99 4.68
CA ALA D 38 8.44 3.04 3.69
C ALA D 38 7.80 4.43 3.66
N PHE D 39 8.02 5.19 4.73
CA PHE D 39 7.48 6.53 4.86
C PHE D 39 8.37 7.57 4.17
N VAL D 40 9.51 7.12 3.65
CA VAL D 40 10.43 8.05 2.99
C VAL D 40 10.19 8.14 1.48
N VAL D 41 9.70 7.06 0.89
CA VAL D 41 9.42 7.06 -0.54
C VAL D 41 7.99 7.51 -0.81
N PHE D 42 7.11 7.29 0.17
CA PHE D 42 5.71 7.69 0.04
C PHE D 42 5.57 9.19 0.27
N LEU D 43 6.56 9.78 0.92
CA LEU D 43 6.55 11.21 1.18
C LEU D 43 6.90 11.98 -0.09
N LEU D 44 7.47 11.28 -1.07
CA LEU D 44 7.83 11.90 -2.34
C LEU D 44 6.67 11.84 -3.32
N VAL D 45 5.66 11.05 -2.97
CA VAL D 45 4.48 10.90 -3.82
C VAL D 45 3.41 11.91 -3.40
N THR D 46 3.12 11.95 -2.10
CA THR D 46 2.11 12.85 -1.55
C THR D 46 2.54 14.32 -1.63
N LEU D 47 3.84 14.60 -1.52
CA LEU D 47 4.34 15.97 -1.58
C LEU D 47 4.37 16.50 -3.01
N ALA D 48 4.52 15.61 -3.98
CA ALA D 48 4.57 16.00 -5.38
C ALA D 48 3.18 16.40 -5.91
N ILE D 49 2.17 16.22 -5.08
CA ILE D 49 0.80 16.56 -5.47
C ILE D 49 0.49 18.02 -5.15
N LEU D 50 0.81 18.42 -3.92
CA LEU D 50 0.59 19.79 -3.48
C LEU D 50 1.61 20.75 -4.11
N THR D 51 2.74 20.21 -4.54
CA THR D 51 3.78 21.00 -5.16
C THR D 51 3.40 21.33 -6.61
N ALA D 52 2.78 20.37 -7.29
CA ALA D 52 2.35 20.57 -8.67
C ALA D 52 1.10 21.43 -8.74
N LEU D 53 0.33 21.47 -7.67
CA LEU D 53 -0.89 22.25 -7.62
C LEU D 53 -0.62 23.65 -7.09
N ARG D 54 0.64 23.90 -6.71
CA ARG D 54 1.09 25.19 -6.18
C ARG D 54 0.35 25.57 -4.90
N LEU D 55 0.68 24.89 -3.81
CA LEU D 55 0.07 25.18 -2.50
C LEU D 55 1.00 24.72 -1.39
N ALA D 56 2.30 24.76 -1.66
CA ALA D 56 3.31 24.36 -0.69
C ALA D 56 3.43 25.40 0.43
N ALA D 57 2.83 26.57 0.21
CA ALA D 57 2.86 27.65 1.19
C ALA D 57 1.85 27.41 2.30
N TYR D 58 0.82 26.61 2.00
CA TYR D 58 -0.21 26.30 2.97
C TYR D 58 0.06 24.97 3.66
N ALA D 59 0.79 24.10 2.97
CA ALA D 59 1.14 22.78 3.51
C ALA D 59 2.46 22.82 4.26
N ALA D 60 3.06 24.00 4.34
CA ALA D 60 4.33 24.18 5.03
C ALA D 60 4.12 24.28 6.54
N ASN D 61 2.97 24.80 6.95
CA ASN D 61 2.67 24.94 8.37
C ASN D 61 2.02 23.68 8.94
N ILE D 62 1.63 22.77 8.05
CA ILE D 62 0.99 21.52 8.46
C ILE D 62 2.01 20.58 9.12
N VAL D 63 3.17 20.41 8.50
CA VAL D 63 4.21 19.55 9.02
C VAL D 63 5.02 20.28 10.11
N ASN D 64 4.73 21.56 10.25
CA ASN D 64 5.41 22.38 11.26
C ASN D 64 4.46 22.68 12.42
N VAL D 65 3.44 21.82 12.57
CA VAL D 65 2.43 21.94 13.63
C VAL D 65 1.52 23.14 13.38
N SER D 66 0.34 22.88 12.85
CA SER D 66 -0.64 23.93 12.57
C SER D 66 -1.77 23.91 13.59
N LEU D 67 -2.12 22.72 14.04
CA LEU D 67 -3.20 22.55 15.02
C LEU D 67 -2.67 22.77 16.43
N VAL D 68 -3.34 23.65 17.17
CA VAL D 68 -2.92 23.95 18.54
C VAL D 68 -4.01 23.56 19.54
N LYS D 69 -5.26 23.91 19.24
CA LYS D 69 -6.38 23.59 20.12
C LYS D 69 -6.97 22.21 19.77
N PRO D 70 -7.34 21.95 18.49
CA PRO D 70 -7.90 20.66 18.10
C PRO D 70 -6.83 19.64 17.72
N THR D 71 -5.61 19.86 18.23
CA THR D 71 -4.48 18.98 17.96
C THR D 71 -4.54 17.76 18.86
N VAL D 72 -5.50 17.76 19.79
CA VAL D 72 -5.67 16.64 20.71
C VAL D 72 -6.40 15.47 20.03
N TYR D 73 -6.77 15.66 18.76
CA TYR D 73 -7.47 14.64 18.00
C TYR D 73 -6.53 13.49 17.62
N VAL D 74 -5.23 13.65 17.91
CA VAL D 74 -4.25 12.61 17.62
C VAL D 74 -4.25 11.57 18.74
N TYR D 75 -4.56 12.02 19.96
CA TYR D 75 -4.60 11.14 21.12
C TYR D 75 -5.92 10.37 21.16
N SER D 76 -6.95 10.94 20.53
CA SER D 76 -8.26 10.29 20.49
C SER D 76 -8.28 9.19 19.44
N ARG D 77 -7.18 9.06 18.70
CA ARG D 77 -7.06 8.03 17.68
C ARG D 77 -6.15 6.90 18.14
N VAL D 78 -5.27 7.21 19.09
CA VAL D 78 -4.33 6.23 19.64
C VAL D 78 -5.05 5.27 20.60
N LYS D 79 -6.16 5.74 21.18
CA LYS D 79 -6.94 4.94 22.12
C LYS D 79 -7.59 3.73 21.44
N ASN D 80 -7.65 3.77 20.11
CA ASN D 80 -8.25 2.68 19.34
C ASN D 80 -7.24 1.58 19.05
N LEU D 81 -5.96 1.94 19.05
CA LEU D 81 -4.88 0.99 18.79
C LEU D 81 -3.83 1.03 19.89
N GLU E 24 6.79 -21.75 22.30
CA GLU E 24 6.82 -22.33 20.96
C GLU E 24 6.67 -23.85 21.02
N THR E 25 5.90 -24.33 21.98
CA THR E 25 5.68 -25.76 22.14
C THR E 25 4.37 -26.20 21.51
N GLY E 26 4.32 -26.17 20.18
CA GLY E 26 3.13 -26.57 19.46
C GLY E 26 2.15 -25.43 19.30
N THR E 27 2.65 -24.20 19.41
CA THR E 27 1.80 -23.02 19.27
C THR E 27 1.77 -22.53 17.83
N LEU E 28 0.98 -23.20 17.00
CA LEU E 28 0.86 -22.83 15.59
C LEU E 28 -0.02 -21.59 15.43
N ILE E 29 -0.90 -21.36 16.40
CA ILE E 29 -1.79 -20.21 16.37
C ILE E 29 -1.00 -18.90 16.29
N VAL E 30 0.29 -18.93 16.62
CA VAL E 30 1.12 -17.71 16.60
C VAL E 30 1.27 -17.10 15.19
N ASN E 31 0.79 -17.80 14.16
CA ASN E 31 0.90 -17.32 12.78
C ASN E 31 0.04 -16.08 12.51
N SER E 32 -0.83 -15.71 13.45
CA SER E 32 -1.68 -14.54 13.29
C SER E 32 -1.36 -13.51 14.35
N VAL E 33 -0.62 -13.94 15.37
CA VAL E 33 -0.21 -13.07 16.46
C VAL E 33 0.85 -12.08 15.96
N LEU E 34 1.69 -12.57 15.05
CA LEU E 34 2.74 -11.74 14.45
C LEU E 34 2.12 -10.72 13.49
N LEU E 35 0.96 -11.10 12.92
CA LEU E 35 0.22 -10.25 12.01
C LEU E 35 -0.37 -9.05 12.75
N PHE E 36 -0.68 -9.26 14.03
CA PHE E 36 -1.24 -8.21 14.88
C PHE E 36 -0.20 -7.14 15.17
N LEU E 37 1.07 -7.54 15.17
CA LEU E 37 2.17 -6.63 15.43
C LEU E 37 2.37 -5.68 14.24
N ALA E 38 2.08 -6.17 13.05
CA ALA E 38 2.21 -5.38 11.83
C ALA E 38 0.89 -4.67 11.51
N PHE E 39 -0.08 -4.82 12.40
CA PHE E 39 -1.39 -4.21 12.23
C PHE E 39 -1.43 -2.83 12.86
N VAL E 40 -0.60 -2.63 13.88
CA VAL E 40 -0.55 -1.36 14.59
C VAL E 40 0.29 -0.33 13.83
N VAL E 41 1.28 -0.79 13.07
CA VAL E 41 2.13 0.11 12.29
C VAL E 41 1.44 0.54 11.01
N PHE E 42 0.49 -0.27 10.54
CA PHE E 42 -0.26 0.03 9.34
C PHE E 42 -1.45 0.92 9.69
N LEU E 43 -1.77 1.00 10.97
CA LEU E 43 -2.87 1.83 11.45
C LEU E 43 -2.47 3.29 11.46
N LEU E 44 -1.17 3.55 11.55
CA LEU E 44 -0.66 4.92 11.55
C LEU E 44 -0.60 5.47 10.13
N VAL E 45 -0.81 4.59 9.16
CA VAL E 45 -0.78 4.98 7.76
C VAL E 45 -2.18 5.44 7.30
N THR E 46 -3.16 4.55 7.41
CA THR E 46 -4.53 4.86 7.04
C THR E 46 -5.13 5.99 7.89
N LEU E 47 -4.67 6.11 9.14
CA LEU E 47 -5.16 7.16 10.04
C LEU E 47 -4.65 8.53 9.61
N ALA E 48 -3.42 8.58 9.10
CA ALA E 48 -2.81 9.83 8.65
C ALA E 48 -3.51 10.38 7.41
N ILE E 49 -4.25 9.52 6.73
CA ILE E 49 -4.98 9.91 5.52
C ILE E 49 -6.25 10.69 5.88
N LEU E 50 -7.06 10.12 6.78
CA LEU E 50 -8.31 10.76 7.20
C LEU E 50 -8.03 11.93 8.15
N THR E 51 -6.84 11.93 8.74
CA THR E 51 -6.44 12.99 9.67
C THR E 51 -6.00 14.24 8.90
N ALA E 52 -5.33 14.04 7.77
CA ALA E 52 -4.86 15.14 6.95
C ALA E 52 -5.98 15.72 6.08
N LEU E 53 -7.03 14.92 5.88
CA LEU E 53 -8.17 15.36 5.08
C LEU E 53 -9.26 15.97 5.97
N ARG E 54 -9.01 15.96 7.28
CA ARG E 54 -9.92 16.52 8.28
C ARG E 54 -11.29 15.83 8.27
N LEU E 55 -11.36 14.64 8.85
CA LEU E 55 -12.60 13.88 8.95
C LEU E 55 -12.52 12.85 10.06
N ALA E 56 -11.73 13.18 11.09
CA ALA E 56 -11.54 12.31 12.24
C ALA E 56 -12.83 12.20 13.07
N ALA E 57 -13.70 13.19 12.90
CA ALA E 57 -14.98 13.23 13.62
C ALA E 57 -15.95 12.19 13.07
N TYR E 58 -15.84 11.91 11.77
CA TYR E 58 -16.70 10.94 11.10
C TYR E 58 -16.14 9.52 11.23
N ALA E 59 -14.84 9.43 11.50
CA ALA E 59 -14.17 8.14 11.63
C ALA E 59 -14.12 7.70 13.10
N ALA E 60 -14.62 8.55 13.99
CA ALA E 60 -14.62 8.25 15.42
C ALA E 60 -15.70 7.23 15.77
N ASN E 61 -16.81 7.28 15.05
CA ASN E 61 -17.93 6.37 15.29
C ASN E 61 -17.73 5.04 14.57
N ILE E 62 -16.88 5.04 13.54
CA ILE E 62 -16.61 3.84 12.77
C ILE E 62 -15.93 2.77 13.62
N VAL E 63 -14.98 3.20 14.45
CA VAL E 63 -14.26 2.28 15.33
C VAL E 63 -15.10 1.94 16.56
N ASN E 64 -16.09 2.79 16.85
CA ASN E 64 -16.98 2.58 17.99
C ASN E 64 -18.25 1.85 17.56
N VAL E 65 -18.19 1.19 16.40
CA VAL E 65 -19.31 0.44 15.83
C VAL E 65 -20.41 1.35 15.33
N SER E 66 -20.60 1.40 14.01
CA SER E 66 -21.62 2.22 13.39
C SER E 66 -22.72 1.37 12.78
N LEU E 67 -22.36 0.17 12.36
CA LEU E 67 -23.31 -0.75 11.74
C LEU E 67 -24.06 -1.57 12.78
N VAL E 68 -25.38 -1.49 12.76
CA VAL E 68 -26.21 -2.23 13.70
C VAL E 68 -27.08 -3.25 12.97
N LYS E 69 -27.47 -2.91 11.74
CA LYS E 69 -28.30 -3.80 10.93
C LYS E 69 -27.47 -4.53 9.87
N PRO E 70 -26.70 -3.81 9.01
CA PRO E 70 -25.88 -4.46 7.97
C PRO E 70 -24.53 -4.94 8.50
N THR E 71 -24.39 -4.93 9.83
CA THR E 71 -23.18 -5.36 10.52
C THR E 71 -22.99 -6.87 10.40
N VAL E 72 -24.08 -7.57 10.08
CA VAL E 72 -24.05 -9.01 9.90
C VAL E 72 -23.17 -9.39 8.69
N TYR E 73 -22.73 -8.38 7.95
CA TYR E 73 -21.86 -8.57 6.80
C TYR E 73 -20.47 -9.07 7.22
N VAL E 74 -20.15 -8.94 8.52
CA VAL E 74 -18.88 -9.41 9.04
C VAL E 74 -18.80 -10.93 9.04
N TYR E 75 -19.93 -11.56 9.33
CA TYR E 75 -19.99 -13.02 9.37
C TYR E 75 -20.17 -13.60 7.97
N SER E 76 -20.86 -12.85 7.10
CA SER E 76 -21.07 -13.29 5.72
C SER E 76 -19.76 -13.30 4.91
N ARG E 77 -18.70 -12.78 5.51
CA ARG E 77 -17.39 -12.74 4.86
C ARG E 77 -16.47 -13.82 5.43
N VAL E 78 -16.76 -14.26 6.66
CA VAL E 78 -15.96 -15.28 7.32
C VAL E 78 -16.22 -16.66 6.70
N LYS E 79 -17.38 -16.83 6.08
CA LYS E 79 -17.73 -18.10 5.44
C LYS E 79 -16.79 -18.41 4.27
N ASN E 80 -16.21 -17.37 3.66
CA ASN E 80 -15.28 -17.56 2.55
C ASN E 80 -13.93 -18.06 3.02
N LEU E 81 -13.56 -17.73 4.26
CA LEU E 81 -12.29 -18.16 4.84
C LEU E 81 -12.51 -18.95 6.12
N GLU A 24 7.23 -29.48 4.44
CA GLU A 24 8.28 -28.59 3.92
C GLU A 24 9.27 -29.36 3.05
N THR A 25 8.77 -30.35 2.33
CA THR A 25 9.60 -31.16 1.45
C THR A 25 9.52 -30.69 0.01
N GLY A 26 10.09 -29.52 -0.25
CA GLY A 26 10.06 -28.96 -1.60
C GLY A 26 8.80 -28.19 -1.88
N THR A 27 8.13 -27.73 -0.83
CA THR A 27 6.90 -26.97 -0.98
C THR A 27 7.18 -25.48 -1.02
N LEU A 28 7.63 -25.00 -2.17
CA LEU A 28 7.94 -23.58 -2.35
C LEU A 28 6.66 -22.76 -2.49
N ILE A 29 5.57 -23.47 -2.81
CA ILE A 29 4.25 -22.86 -2.98
C ILE A 29 3.65 -22.38 -1.65
N VAL A 30 4.36 -22.58 -0.54
CA VAL A 30 3.88 -22.09 0.75
C VAL A 30 3.96 -20.56 0.79
N ASN A 31 4.75 -19.98 -0.14
CA ASN A 31 4.92 -18.53 -0.24
C ASN A 31 3.65 -17.83 -0.73
N SER A 32 2.70 -18.60 -1.25
CA SER A 32 1.46 -18.02 -1.75
C SER A 32 0.38 -18.11 -0.68
N VAL A 33 0.61 -18.98 0.29
CA VAL A 33 -0.31 -19.16 1.41
C VAL A 33 -0.20 -17.98 2.36
N LEU A 34 1.02 -17.47 2.52
CA LEU A 34 1.25 -16.32 3.38
C LEU A 34 0.81 -15.03 2.67
N LEU A 35 0.77 -15.10 1.33
CA LEU A 35 0.35 -13.97 0.52
C LEU A 35 -1.17 -13.85 0.57
N PHE A 36 -1.84 -15.00 0.62
CA PHE A 36 -3.30 -15.04 0.71
C PHE A 36 -3.74 -14.54 2.07
N LEU A 37 -2.85 -14.73 3.04
CA LEU A 37 -3.07 -14.31 4.42
C LEU A 37 -2.95 -12.79 4.52
N ALA A 38 -2.03 -12.21 3.74
CA ALA A 38 -1.80 -10.77 3.75
C ALA A 38 -2.68 -10.07 2.72
N PHE A 39 -3.44 -10.84 1.96
CA PHE A 39 -4.33 -10.29 0.94
C PHE A 39 -5.76 -10.19 1.46
N VAL A 40 -6.16 -11.18 2.25
CA VAL A 40 -7.50 -11.18 2.81
C VAL A 40 -7.63 -10.17 3.95
N VAL A 41 -6.50 -9.87 4.61
CA VAL A 41 -6.48 -8.91 5.71
C VAL A 41 -6.54 -7.48 5.18
N PHE A 42 -6.15 -7.31 3.93
CA PHE A 42 -6.17 -6.00 3.28
C PHE A 42 -7.62 -5.63 2.95
N LEU A 43 -8.49 -6.64 2.99
CA LEU A 43 -9.91 -6.47 2.71
C LEU A 43 -10.62 -5.84 3.90
N LEU A 44 -9.92 -5.69 5.02
CA LEU A 44 -10.50 -5.07 6.21
C LEU A 44 -10.22 -3.58 6.19
N VAL A 45 -9.28 -3.20 5.33
CA VAL A 45 -8.88 -1.80 5.19
C VAL A 45 -9.71 -1.11 4.11
N THR A 46 -9.69 -1.65 2.89
CA THR A 46 -10.43 -1.09 1.77
C THR A 46 -11.95 -1.15 1.97
N LEU A 47 -12.42 -2.15 2.72
CA LEU A 47 -13.85 -2.30 2.97
C LEU A 47 -14.36 -1.20 3.90
N ALA A 48 -13.53 -0.80 4.86
CA ALA A 48 -13.90 0.24 5.80
C ALA A 48 -14.00 1.61 5.13
N ILE A 49 -13.32 1.76 3.99
CA ILE A 49 -13.33 3.02 3.27
C ILE A 49 -14.68 3.26 2.56
N LEU A 50 -15.15 2.24 1.83
CA LEU A 50 -16.41 2.35 1.11
C LEU A 50 -17.62 2.32 2.06
N THR A 51 -17.43 1.74 3.24
CA THR A 51 -18.49 1.67 4.24
C THR A 51 -18.76 3.06 4.83
N ALA A 52 -17.70 3.88 4.92
CA ALA A 52 -17.82 5.24 5.44
C ALA A 52 -18.39 6.19 4.39
N LEU A 53 -18.32 5.78 3.13
CA LEU A 53 -18.81 6.59 2.03
C LEU A 53 -20.28 6.26 1.73
N ARG A 54 -20.84 5.32 2.51
CA ARG A 54 -22.24 4.89 2.38
C ARG A 54 -22.53 4.24 1.03
N LEU A 55 -21.97 3.04 0.82
CA LEU A 55 -22.21 2.29 -0.42
C LEU A 55 -21.97 0.80 -0.18
N ALA A 56 -22.19 0.37 1.06
CA ALA A 56 -22.01 -1.03 1.43
C ALA A 56 -23.14 -1.91 0.89
N ALA A 57 -24.19 -1.25 0.37
CA ALA A 57 -25.34 -1.95 -0.19
C ALA A 57 -24.98 -2.59 -1.53
N TYR A 58 -24.02 -1.99 -2.24
CA TYR A 58 -23.58 -2.51 -3.53
C TYR A 58 -22.43 -3.49 -3.37
N ALA A 59 -21.75 -3.42 -2.22
CA ALA A 59 -20.62 -4.30 -1.94
C ALA A 59 -21.04 -5.53 -1.16
N ALA A 60 -22.32 -5.58 -0.76
CA ALA A 60 -22.84 -6.71 0.01
C ALA A 60 -23.00 -7.95 -0.86
N ASN A 61 -23.44 -7.75 -2.10
CA ASN A 61 -23.63 -8.85 -3.04
C ASN A 61 -22.30 -9.35 -3.58
N ILE A 62 -21.26 -8.53 -3.46
CA ILE A 62 -19.93 -8.90 -3.93
C ILE A 62 -19.32 -9.95 -3.01
N VAL A 63 -19.53 -9.79 -1.71
CA VAL A 63 -19.00 -10.74 -0.72
C VAL A 63 -19.84 -12.03 -0.72
N ASN A 64 -21.04 -11.95 -1.27
CA ASN A 64 -21.92 -13.10 -1.34
C ASN A 64 -21.76 -13.83 -2.68
N VAL A 65 -20.57 -13.67 -3.28
CA VAL A 65 -20.22 -14.28 -4.55
C VAL A 65 -21.03 -13.67 -5.69
N SER A 66 -20.40 -12.75 -6.42
CA SER A 66 -21.04 -12.08 -7.54
C SER A 66 -20.24 -12.35 -8.83
N LEU A 67 -19.36 -13.34 -8.78
CA LEU A 67 -18.54 -13.71 -9.92
C LEU A 67 -19.23 -14.75 -10.79
N VAL A 68 -20.04 -14.28 -11.74
CA VAL A 68 -20.75 -15.16 -12.66
C VAL A 68 -20.47 -14.78 -14.10
N LYS A 69 -20.34 -13.48 -14.34
CA LYS A 69 -20.06 -12.95 -15.67
C LYS A 69 -18.57 -12.62 -15.81
N PRO A 70 -17.98 -11.81 -14.88
CA PRO A 70 -16.56 -11.47 -14.93
C PRO A 70 -15.68 -12.52 -14.26
N THR A 71 -16.27 -13.69 -13.99
CA THR A 71 -15.55 -14.80 -13.36
C THR A 71 -14.58 -15.45 -14.34
N VAL A 72 -14.81 -15.21 -15.63
CA VAL A 72 -13.98 -15.76 -16.69
C VAL A 72 -12.59 -15.09 -16.72
N TYR A 73 -12.37 -14.14 -15.79
CA TYR A 73 -11.09 -13.45 -15.70
C TYR A 73 -9.99 -14.42 -15.26
N VAL A 74 -10.40 -15.59 -14.74
CA VAL A 74 -9.44 -16.59 -14.31
C VAL A 74 -8.86 -17.33 -15.50
N TYR A 75 -9.51 -17.22 -16.65
CA TYR A 75 -9.04 -17.88 -17.87
C TYR A 75 -8.12 -16.97 -18.69
N SER A 76 -8.16 -15.68 -18.38
CA SER A 76 -7.32 -14.70 -19.10
C SER A 76 -5.92 -14.66 -18.50
N ARG A 77 -5.70 -15.43 -17.45
CA ARG A 77 -4.41 -15.48 -16.77
C ARG A 77 -3.69 -16.79 -17.06
N VAL A 78 -4.44 -17.79 -17.55
CA VAL A 78 -3.87 -19.10 -17.87
C VAL A 78 -2.97 -19.03 -19.10
N LYS A 79 -3.26 -18.07 -19.98
CA LYS A 79 -2.47 -17.89 -21.20
C LYS A 79 -1.08 -17.34 -20.89
N ASN A 80 -0.94 -16.75 -19.70
CA ASN A 80 0.33 -16.19 -19.26
C ASN A 80 1.17 -17.24 -18.55
N LEU A 81 0.51 -18.14 -17.83
CA LEU A 81 1.19 -19.20 -17.10
C LEU A 81 0.52 -20.54 -17.34
N GLU B 24 17.38 -22.55 -4.08
CA GLU B 24 17.70 -21.52 -3.09
C GLU B 24 19.20 -21.40 -2.88
N THR B 25 19.95 -21.60 -3.97
CA THR B 25 21.40 -21.50 -3.92
C THR B 25 21.90 -20.14 -4.39
N GLY B 26 21.63 -19.11 -3.58
CA GLY B 26 22.05 -17.76 -3.94
C GLY B 26 21.04 -17.06 -4.83
N THR B 27 19.81 -17.56 -4.83
CA THR B 27 18.75 -16.99 -5.63
C THR B 27 17.99 -15.93 -4.87
N LEU B 28 18.59 -14.76 -4.76
CA LEU B 28 17.96 -13.64 -4.05
C LEU B 28 16.94 -12.95 -4.94
N ILE B 29 16.75 -13.49 -6.16
CA ILE B 29 15.80 -12.94 -7.11
C ILE B 29 14.42 -13.55 -6.93
N VAL B 30 14.24 -14.32 -5.86
CA VAL B 30 12.96 -14.94 -5.57
C VAL B 30 12.08 -13.94 -4.83
N ASN B 31 12.72 -12.90 -4.30
CA ASN B 31 12.03 -11.85 -3.56
C ASN B 31 11.22 -10.96 -4.51
N SER B 32 11.40 -11.16 -5.81
CA SER B 32 10.68 -10.38 -6.82
C SER B 32 9.47 -11.19 -7.29
N VAL B 33 9.54 -12.50 -7.08
CA VAL B 33 8.47 -13.41 -7.46
C VAL B 33 7.29 -13.25 -6.51
N LEU B 34 7.59 -12.99 -5.24
CA LEU B 34 6.55 -12.79 -4.24
C LEU B 34 5.97 -11.38 -4.37
N LEU B 35 6.72 -10.49 -5.03
CA LEU B 35 6.26 -9.13 -5.25
C LEU B 35 5.29 -9.10 -6.42
N PHE B 36 5.50 -10.01 -7.37
CA PHE B 36 4.62 -10.13 -8.52
C PHE B 36 3.30 -10.77 -8.08
N LEU B 37 3.37 -11.49 -6.96
CA LEU B 37 2.21 -12.15 -6.39
C LEU B 37 1.39 -11.13 -5.61
N ALA B 38 2.06 -10.07 -5.14
CA ALA B 38 1.42 -8.99 -4.40
C ALA B 38 0.98 -7.88 -5.34
N PHE B 39 1.40 -8.01 -6.60
CA PHE B 39 1.07 -7.03 -7.63
C PHE B 39 -0.20 -7.42 -8.35
N VAL B 40 -0.34 -8.73 -8.58
CA VAL B 40 -1.50 -9.27 -9.28
C VAL B 40 -2.74 -9.24 -8.38
N VAL B 41 -2.55 -9.36 -7.06
CA VAL B 41 -3.65 -9.33 -6.13
C VAL B 41 -4.17 -7.91 -5.95
N PHE B 42 -3.27 -6.93 -6.11
CA PHE B 42 -3.64 -5.52 -5.99
C PHE B 42 -4.47 -5.10 -7.18
N LEU B 43 -4.42 -5.93 -8.23
CA LEU B 43 -5.18 -5.66 -9.44
C LEU B 43 -6.64 -6.11 -9.29
N LEU B 44 -6.98 -6.77 -8.17
CA LEU B 44 -8.36 -7.20 -7.97
C LEU B 44 -9.14 -6.14 -7.22
N VAL B 45 -8.41 -5.31 -6.49
CA VAL B 45 -9.02 -4.23 -5.72
C VAL B 45 -9.14 -2.98 -6.57
N THR B 46 -8.11 -2.70 -7.37
CA THR B 46 -8.11 -1.50 -8.22
C THR B 46 -9.10 -1.60 -9.40
N LEU B 47 -9.40 -2.83 -9.84
CA LEU B 47 -10.33 -3.03 -10.96
C LEU B 47 -11.78 -2.88 -10.49
N ALA B 48 -12.03 -3.16 -9.22
CA ALA B 48 -13.38 -3.06 -8.67
C ALA B 48 -13.80 -1.60 -8.47
N ILE B 49 -12.83 -0.70 -8.51
CA ILE B 49 -13.11 0.72 -8.33
C ILE B 49 -13.62 1.34 -9.63
N LEU B 50 -12.96 1.03 -10.74
CA LEU B 50 -13.35 1.57 -12.05
C LEU B 50 -14.60 0.88 -12.60
N THR B 51 -14.84 -0.36 -12.16
CA THR B 51 -16.02 -1.10 -12.62
C THR B 51 -17.28 -0.54 -11.97
N ALA B 52 -17.11 -0.02 -10.75
CA ALA B 52 -18.22 0.56 -10.00
C ALA B 52 -18.53 1.97 -10.51
N LEU B 53 -17.57 2.58 -11.18
CA LEU B 53 -17.74 3.92 -11.72
C LEU B 53 -18.24 3.86 -13.17
N ARG B 54 -18.49 2.64 -13.64
CA ARG B 54 -19.00 2.38 -15.00
C ARG B 54 -18.04 2.89 -16.08
N LEU B 55 -16.91 2.22 -16.23
CA LEU B 55 -15.93 2.59 -17.26
C LEU B 55 -15.06 1.38 -17.61
N ALA B 56 -15.63 0.20 -17.47
CA ALA B 56 -14.94 -1.05 -17.77
C ALA B 56 -14.83 -1.25 -19.28
N ALA B 57 -15.52 -0.40 -20.04
CA ALA B 57 -15.49 -0.47 -21.49
C ALA B 57 -14.18 0.05 -22.05
N TYR B 58 -13.50 0.88 -21.27
CA TYR B 58 -12.22 1.45 -21.68
C TYR B 58 -11.05 0.66 -21.09
N ALA B 59 -11.31 -0.01 -19.98
CA ALA B 59 -10.28 -0.80 -19.32
C ALA B 59 -10.19 -2.20 -19.92
N ALA B 60 -11.25 -2.61 -20.61
CA ALA B 60 -11.28 -3.92 -21.24
C ALA B 60 -10.11 -4.11 -22.19
N ASN B 61 -9.95 -3.18 -23.14
CA ASN B 61 -8.86 -3.27 -24.12
C ASN B 61 -7.48 -3.24 -23.44
N ILE B 62 -7.40 -2.67 -22.25
CA ILE B 62 -6.13 -2.61 -21.52
C ILE B 62 -5.69 -4.01 -21.07
N VAL B 63 -6.64 -4.82 -20.61
CA VAL B 63 -6.34 -6.17 -20.14
C VAL B 63 -6.03 -7.10 -21.31
N ASN B 64 -6.54 -6.76 -22.49
CA ASN B 64 -6.29 -7.56 -23.69
C ASN B 64 -5.01 -7.10 -24.40
N VAL B 65 -4.08 -6.56 -23.62
CA VAL B 65 -2.80 -6.06 -24.12
C VAL B 65 -2.98 -4.84 -25.01
N SER B 66 -2.74 -3.67 -24.41
CA SER B 66 -2.87 -2.41 -25.14
C SER B 66 -1.53 -1.68 -25.15
N LEU B 67 -0.46 -2.40 -24.83
CA LEU B 67 0.88 -1.83 -24.79
C LEU B 67 1.56 -1.95 -26.15
N VAL B 68 1.26 -1.01 -27.03
CA VAL B 68 1.84 -0.98 -28.37
C VAL B 68 2.60 0.33 -28.60
N LYS B 69 2.11 1.39 -27.96
CA LYS B 69 2.74 2.71 -28.07
C LYS B 69 3.50 3.08 -26.79
N PRO B 70 2.85 3.02 -25.59
CA PRO B 70 3.52 3.34 -24.32
C PRO B 70 4.27 2.14 -23.74
N THR B 71 4.47 1.12 -24.58
CA THR B 71 5.17 -0.09 -24.18
C THR B 71 6.67 0.16 -24.09
N VAL B 72 7.13 1.22 -24.75
CA VAL B 72 8.54 1.60 -24.77
C VAL B 72 8.99 2.14 -23.40
N TYR B 73 8.08 2.18 -22.44
CA TYR B 73 8.40 2.67 -21.10
C TYR B 73 9.36 1.70 -20.39
N VAL B 74 9.54 0.52 -20.97
CA VAL B 74 10.45 -0.47 -20.40
C VAL B 74 11.90 -0.15 -20.73
N TYR B 75 12.09 0.68 -21.75
CA TYR B 75 13.44 1.07 -22.17
C TYR B 75 13.91 2.31 -21.42
N SER B 76 12.97 3.00 -20.77
CA SER B 76 13.30 4.19 -20.00
C SER B 76 13.69 3.82 -18.57
N ARG B 77 13.76 2.51 -18.30
CA ARG B 77 14.14 2.02 -16.99
C ARG B 77 15.50 1.30 -17.04
N VAL B 78 15.93 0.97 -18.26
CA VAL B 78 17.21 0.29 -18.46
C VAL B 78 18.37 1.27 -18.26
N LYS B 79 18.08 2.56 -18.42
CA LYS B 79 19.08 3.61 -18.25
C LYS B 79 19.39 3.83 -16.77
N ASN B 80 18.53 3.29 -15.90
CA ASN B 80 18.72 3.42 -14.45
C ASN B 80 19.43 2.20 -13.89
N LEU B 81 19.08 1.03 -14.41
CA LEU B 81 19.68 -0.22 -13.96
C LEU B 81 20.19 -1.04 -15.14
N GLU C 24 25.65 -13.43 6.55
CA GLU C 24 24.56 -13.35 7.50
C GLU C 24 25.08 -13.40 8.93
N THR C 25 26.24 -12.81 9.15
CA THR C 25 26.85 -12.78 10.48
C THR C 25 26.57 -11.47 11.19
N GLY C 26 25.31 -11.27 11.59
CA GLY C 26 24.94 -10.05 12.27
C GLY C 26 24.60 -8.93 11.31
N THR C 27 24.26 -9.29 10.07
CA THR C 27 23.92 -8.30 9.06
C THR C 27 22.42 -8.04 9.03
N LEU C 28 21.95 -7.24 9.99
CA LEU C 28 20.53 -6.91 10.07
C LEU C 28 20.14 -5.88 9.02
N ILE C 29 21.12 -5.10 8.58
CA ILE C 29 20.89 -4.08 7.56
C ILE C 29 20.32 -4.69 6.29
N VAL C 30 20.48 -6.01 6.13
CA VAL C 30 19.98 -6.72 4.94
C VAL C 30 18.45 -6.59 4.78
N ASN C 31 17.77 -6.12 5.84
CA ASN C 31 16.33 -5.96 5.81
C ASN C 31 15.91 -4.68 5.08
N SER C 32 16.89 -3.95 4.56
CA SER C 32 16.62 -2.70 3.84
C SER C 32 16.82 -2.92 2.35
N VAL C 33 17.51 -4.01 2.03
CA VAL C 33 17.78 -4.37 0.65
C VAL C 33 16.51 -4.91 0.00
N LEU C 34 15.71 -5.61 0.80
CA LEU C 34 14.44 -6.15 0.32
C LEU C 34 13.40 -5.04 0.19
N LEU C 35 13.62 -3.94 0.94
CA LEU C 35 12.72 -2.79 0.89
C LEU C 35 13.00 -1.97 -0.35
N PHE C 36 14.26 -2.00 -0.80
CA PHE C 36 14.65 -1.27 -2.02
C PHE C 36 14.05 -1.95 -3.24
N LEU C 37 13.75 -3.25 -3.10
CA LEU C 37 13.13 -4.03 -4.16
C LEU C 37 11.65 -3.71 -4.23
N ALA C 38 11.03 -3.57 -3.06
CA ALA C 38 9.60 -3.25 -2.97
C ALA C 38 9.35 -1.78 -3.25
N PHE C 39 10.43 -1.01 -3.34
CA PHE C 39 10.34 0.41 -3.60
C PHE C 39 10.53 0.70 -5.09
N VAL C 40 11.35 -0.12 -5.75
CA VAL C 40 11.61 0.05 -7.17
C VAL C 40 10.47 -0.54 -8.01
N VAL C 41 9.77 -1.54 -7.47
CA VAL C 41 8.65 -2.16 -8.18
C VAL C 41 7.43 -1.24 -8.14
N PHE C 42 7.37 -0.39 -7.11
CA PHE C 42 6.27 0.54 -6.95
C PHE C 42 6.41 1.70 -7.94
N LEU C 43 7.61 1.81 -8.51
CA LEU C 43 7.91 2.85 -9.49
C LEU C 43 7.34 2.48 -10.85
N LEU C 44 6.77 1.28 -10.95
CA LEU C 44 6.17 0.82 -12.20
C LEU C 44 4.69 1.19 -12.24
N VAL C 45 4.10 1.38 -11.05
CA VAL C 45 2.70 1.75 -10.93
C VAL C 45 2.54 3.27 -10.98
N THR C 46 3.17 3.95 -10.01
CA THR C 46 3.15 5.42 -9.96
C THR C 46 3.57 6.07 -11.29
N LEU C 47 4.39 5.36 -12.08
CA LEU C 47 4.82 5.86 -13.38
C LEU C 47 3.74 5.66 -14.43
N ALA C 48 3.07 4.51 -14.38
CA ALA C 48 2.01 4.19 -15.33
C ALA C 48 0.82 5.13 -15.17
N ILE C 49 0.81 5.86 -14.06
CA ILE C 49 -0.26 6.81 -13.79
C ILE C 49 -0.05 8.14 -14.51
N LEU C 50 1.13 8.70 -14.38
CA LEU C 50 1.45 9.98 -15.03
C LEU C 50 1.58 9.83 -16.55
N THR C 51 1.86 8.62 -17.02
CA THR C 51 1.99 8.35 -18.46
C THR C 51 0.61 8.35 -19.12
N ALA C 52 -0.39 7.90 -18.36
CA ALA C 52 -1.77 7.82 -18.84
C ALA C 52 -2.44 9.19 -18.90
N LEU C 53 -1.90 10.13 -18.13
CA LEU C 53 -2.44 11.49 -18.07
C LEU C 53 -1.71 12.40 -19.06
N ARG C 54 -0.76 11.81 -19.80
CA ARG C 54 0.03 12.54 -20.81
C ARG C 54 0.86 13.67 -20.19
N LEU C 55 1.83 13.29 -19.35
CA LEU C 55 2.70 14.27 -18.72
C LEU C 55 4.07 13.65 -18.40
N ALA C 56 4.40 12.57 -19.11
CA ALA C 56 5.66 11.88 -18.92
C ALA C 56 6.83 12.69 -19.49
N ALA C 57 6.51 13.78 -20.19
CA ALA C 57 7.52 14.65 -20.78
C ALA C 57 8.24 15.46 -19.71
N TYR C 58 7.58 15.64 -18.57
CA TYR C 58 8.16 16.40 -17.47
C TYR C 58 8.80 15.47 -16.45
N ALA C 59 8.36 14.22 -16.43
CA ALA C 59 8.90 13.22 -15.52
C ALA C 59 10.03 12.43 -16.18
N ALA C 60 10.32 12.77 -17.45
CA ALA C 60 11.38 12.10 -18.19
C ALA C 60 12.76 12.57 -17.75
N ASN C 61 12.85 13.85 -17.37
CA ASN C 61 14.12 14.42 -16.93
C ASN C 61 14.42 13.99 -15.49
N ILE C 62 13.36 13.68 -14.73
CA ILE C 62 13.51 13.24 -13.36
C ILE C 62 14.17 11.86 -13.33
N VAL C 63 13.90 11.08 -14.37
CA VAL C 63 14.47 9.74 -14.52
C VAL C 63 15.96 9.83 -14.87
N ASN C 64 16.32 10.92 -15.54
CA ASN C 64 17.71 11.15 -15.94
C ASN C 64 18.47 11.93 -14.86
N VAL C 65 17.98 11.83 -13.62
CA VAL C 65 18.58 12.50 -12.45
C VAL C 65 18.37 14.01 -12.51
N SER C 66 17.47 14.50 -11.66
CA SER C 66 17.17 15.93 -11.58
C SER C 66 17.40 16.44 -10.16
N LEU C 67 18.10 15.65 -9.36
CA LEU C 67 18.40 16.00 -7.98
C LEU C 67 19.67 16.83 -7.90
N VAL C 68 19.53 18.13 -8.10
CA VAL C 68 20.66 19.04 -8.04
C VAL C 68 20.39 20.17 -7.03
N LYS C 69 19.15 20.62 -6.99
CA LYS C 69 18.74 21.67 -6.07
C LYS C 69 18.03 21.08 -4.85
N PRO C 70 16.99 20.23 -5.03
CA PRO C 70 16.28 19.62 -3.91
C PRO C 70 16.95 18.34 -3.42
N THR C 71 18.20 18.13 -3.85
CA THR C 71 18.97 16.95 -3.47
C THR C 71 19.43 17.04 -2.03
N VAL C 72 19.45 18.28 -1.51
CA VAL C 72 19.87 18.54 -0.13
C VAL C 72 18.85 18.01 0.89
N TYR C 73 17.76 17.41 0.39
CA TYR C 73 16.74 16.85 1.26
C TYR C 73 17.29 15.66 2.04
N VAL C 74 18.42 15.11 1.57
CA VAL C 74 19.05 13.99 2.25
C VAL C 74 19.84 14.46 3.47
N TYR C 75 20.18 15.74 3.49
CA TYR C 75 20.93 16.30 4.61
C TYR C 75 20.01 16.71 5.76
N SER C 76 18.74 16.91 5.44
CA SER C 76 17.76 17.30 6.45
C SER C 76 17.22 16.07 7.19
N ARG C 77 17.77 14.91 6.86
CA ARG C 77 17.36 13.66 7.49
C ARG C 77 18.45 13.13 8.42
N VAL C 78 19.67 13.62 8.22
CA VAL C 78 20.82 13.20 9.04
C VAL C 78 20.72 13.79 10.45
N LYS C 79 20.03 14.93 10.57
CA LYS C 79 19.84 15.59 11.86
C LYS C 79 18.90 14.78 12.75
N ASN C 80 18.01 14.02 12.13
CA ASN C 80 17.06 13.19 12.88
C ASN C 80 17.70 11.87 13.31
N LEU C 81 18.48 11.29 12.41
CA LEU C 81 19.14 10.02 12.69
C LEU C 81 20.65 10.12 12.43
N GLU D 24 17.49 -11.80 19.15
CA GLU D 24 16.36 -12.53 18.62
C GLU D 24 15.86 -13.58 19.61
N THR D 25 15.95 -13.24 20.89
CA THR D 25 15.51 -14.15 21.95
C THR D 25 14.11 -13.80 22.43
N GLY D 26 13.11 -14.04 21.58
CA GLY D 26 11.75 -13.73 21.95
C GLY D 26 11.37 -12.30 21.65
N THR D 27 12.10 -11.65 20.75
CA THR D 27 11.79 -10.27 20.40
C THR D 27 10.84 -10.20 19.20
N LEU D 28 9.54 -10.37 19.45
CA LEU D 28 8.56 -10.33 18.38
C LEU D 28 8.21 -8.88 18.03
N ILE D 29 8.60 -7.95 18.90
CA ILE D 29 8.38 -6.53 18.65
C ILE D 29 9.20 -6.05 17.44
N VAL D 30 10.22 -6.82 17.06
CA VAL D 30 11.06 -6.50 15.91
C VAL D 30 10.24 -6.34 14.62
N ASN D 31 9.08 -7.00 14.56
CA ASN D 31 8.22 -6.93 13.38
C ASN D 31 7.65 -5.51 13.17
N SER D 32 7.75 -4.66 14.20
CA SER D 32 7.26 -3.29 14.10
C SER D 32 8.34 -2.36 13.57
N VAL D 33 9.60 -2.77 13.76
CA VAL D 33 10.74 -1.97 13.30
C VAL D 33 10.83 -1.96 11.78
N LEU D 34 10.51 -3.09 11.17
CA LEU D 34 10.55 -3.20 9.71
C LEU D 34 9.39 -2.43 9.08
N LEU D 35 8.32 -2.22 9.86
CA LEU D 35 7.18 -1.48 9.38
C LEU D 35 7.48 0.02 9.41
N PHE D 36 8.29 0.43 10.38
CA PHE D 36 8.68 1.84 10.49
C PHE D 36 9.58 2.22 9.33
N LEU D 37 10.27 1.22 8.78
CA LEU D 37 11.15 1.40 7.64
C LEU D 37 10.36 1.48 6.35
N ALA D 38 9.25 0.74 6.29
CA ALA D 38 8.38 0.73 5.11
C ALA D 38 7.32 1.83 5.20
N PHE D 39 7.25 2.48 6.35
CA PHE D 39 6.29 3.55 6.55
C PHE D 39 6.92 4.91 6.25
N VAL D 40 8.20 5.04 6.59
CA VAL D 40 8.91 6.30 6.37
C VAL D 40 9.30 6.47 4.88
N VAL D 41 9.44 5.36 4.15
CA VAL D 41 9.79 5.43 2.73
C VAL D 41 8.59 5.91 1.90
N PHE D 42 7.39 5.70 2.43
CA PHE D 42 6.16 6.14 1.77
C PHE D 42 6.02 7.64 1.88
N LEU D 43 6.82 8.24 2.76
CA LEU D 43 6.82 9.67 2.97
C LEU D 43 7.51 10.40 1.81
N LEU D 44 8.26 9.65 0.99
CA LEU D 44 8.97 10.24 -0.13
C LEU D 44 8.05 10.37 -1.34
N VAL D 45 7.13 9.42 -1.50
CA VAL D 45 6.20 9.43 -2.62
C VAL D 45 5.02 10.35 -2.34
N THR D 46 4.56 10.37 -1.08
CA THR D 46 3.41 11.21 -0.71
C THR D 46 3.78 12.70 -0.72
N LEU D 47 5.03 13.03 -0.38
CA LEU D 47 5.51 14.44 -0.37
C LEU D 47 5.69 14.93 -1.79
N ALA D 48 6.16 14.03 -2.64
CA ALA D 48 6.40 14.25 -4.06
C ALA D 48 5.13 14.72 -4.77
N ILE D 49 3.98 14.41 -4.17
CA ILE D 49 2.71 14.80 -4.74
C ILE D 49 2.35 16.24 -4.37
N LEU D 50 2.32 16.53 -3.07
CA LEU D 50 1.97 17.86 -2.58
C LEU D 50 2.99 18.91 -3.01
N THR D 51 4.21 18.48 -3.29
CA THR D 51 5.27 19.38 -3.72
C THR D 51 4.99 19.86 -5.15
N ALA D 52 4.40 18.98 -5.96
CA ALA D 52 4.08 19.30 -7.35
C ALA D 52 2.87 20.21 -7.45
N LEU D 53 2.05 20.21 -6.39
CA LEU D 53 0.85 21.02 -6.35
C LEU D 53 1.15 22.41 -5.77
N ARG D 54 2.42 22.62 -5.40
CA ARG D 54 2.89 23.89 -4.84
C ARG D 54 2.22 24.22 -3.50
N LEU D 55 2.65 23.53 -2.45
CA LEU D 55 2.12 23.78 -1.11
C LEU D 55 3.09 23.27 -0.05
N ALA D 56 4.38 23.33 -0.39
CA ALA D 56 5.44 22.91 0.50
C ALA D 56 5.66 23.93 1.61
N ALA D 57 5.01 25.08 1.48
CA ALA D 57 5.13 26.15 2.47
C ALA D 57 4.38 25.80 3.76
N TYR D 58 3.32 25.01 3.61
CA TYR D 58 2.51 24.60 4.76
C TYR D 58 3.02 23.28 5.34
N ALA D 59 3.76 22.53 4.53
CA ALA D 59 4.30 21.25 4.95
C ALA D 59 5.62 21.43 5.69
N ALA D 60 6.25 22.59 5.48
CA ALA D 60 7.53 22.88 6.13
C ALA D 60 7.42 22.77 7.64
N ASN D 61 6.44 23.47 8.22
CA ASN D 61 6.25 23.45 9.68
C ASN D 61 5.90 22.06 10.21
N ILE D 62 5.30 21.22 9.38
CA ILE D 62 4.93 19.86 9.78
C ILE D 62 6.17 19.00 10.03
N VAL D 63 7.22 19.23 9.24
CA VAL D 63 8.47 18.49 9.38
C VAL D 63 9.27 18.98 10.59
N ASN D 64 9.03 20.23 10.98
CA ASN D 64 9.71 20.82 12.12
C ASN D 64 8.93 20.56 13.42
N VAL D 65 8.00 19.59 13.34
CA VAL D 65 7.16 19.19 14.48
C VAL D 65 6.10 20.24 14.80
N SER D 66 4.83 19.86 14.64
CA SER D 66 3.70 20.74 14.91
C SER D 66 2.68 20.04 15.78
N LEU D 67 3.13 19.01 16.51
CA LEU D 67 2.24 18.25 17.38
C LEU D 67 2.25 18.80 18.81
N VAL D 68 1.47 19.85 19.03
CA VAL D 68 1.35 20.48 20.35
C VAL D 68 -0.11 20.50 20.80
N LYS D 69 -1.02 20.47 19.82
CA LYS D 69 -2.45 20.48 20.09
C LYS D 69 -3.10 19.13 19.72
N PRO D 70 -2.93 18.63 18.47
CA PRO D 70 -3.52 17.35 18.06
C PRO D 70 -2.63 16.16 18.43
N THR D 71 -1.70 16.40 19.34
CA THR D 71 -0.77 15.38 19.83
C THR D 71 -1.45 14.44 20.81
N VAL D 72 -2.56 14.90 21.40
CA VAL D 72 -3.32 14.10 22.36
C VAL D 72 -4.06 12.93 21.68
N TYR D 73 -3.93 12.84 20.34
CA TYR D 73 -4.58 11.78 19.57
C TYR D 73 -3.98 10.41 19.92
N VAL D 74 -2.79 10.41 20.52
CA VAL D 74 -2.13 9.16 20.89
C VAL D 74 -2.66 8.65 22.22
N TYR D 75 -3.23 9.53 23.03
CA TYR D 75 -3.77 9.15 24.33
C TYR D 75 -5.12 8.48 24.19
N SER D 76 -5.84 8.83 23.13
CA SER D 76 -7.15 8.26 22.87
C SER D 76 -7.02 6.91 22.16
N ARG D 77 -5.78 6.48 21.94
CA ARG D 77 -5.50 5.20 21.29
C ARG D 77 -5.11 4.15 22.32
N VAL D 78 -4.63 4.62 23.47
CA VAL D 78 -4.21 3.73 24.56
C VAL D 78 -5.41 3.12 25.26
N LYS D 79 -6.55 3.80 25.19
CA LYS D 79 -7.77 3.31 25.83
C LYS D 79 -8.31 2.06 25.13
N ASN D 80 -7.97 1.91 23.85
CA ASN D 80 -8.41 0.75 23.08
C ASN D 80 -7.48 -0.44 23.30
N LEU D 81 -6.18 -0.18 23.39
CA LEU D 81 -5.19 -1.23 23.60
C LEU D 81 -4.32 -0.93 24.81
N GLU E 24 5.67 -20.06 18.07
CA GLU E 24 5.68 -20.36 16.64
C GLU E 24 5.44 -21.85 16.39
N THR E 25 4.63 -22.46 17.25
CA THR E 25 4.32 -23.88 17.12
C THR E 25 3.00 -24.10 16.41
N GLY E 26 2.96 -23.81 15.11
CA GLY E 26 1.75 -23.99 14.35
C GLY E 26 0.83 -22.78 14.42
N THR E 27 1.41 -21.63 14.77
CA THR E 27 0.65 -20.39 14.88
C THR E 27 0.78 -19.55 13.62
N LEU E 28 -0.11 -19.80 12.66
CA LEU E 28 -0.10 -19.05 11.41
C LEU E 28 -0.98 -17.80 11.51
N ILE E 29 -1.44 -17.53 12.73
CA ILE E 29 -2.30 -16.38 13.00
C ILE E 29 -1.49 -15.12 13.30
N VAL E 30 -0.17 -15.19 13.14
CA VAL E 30 0.70 -14.04 13.40
C VAL E 30 0.71 -13.08 12.20
N ASN E 31 0.13 -13.54 11.09
CA ASN E 31 0.07 -12.72 9.87
C ASN E 31 -0.90 -11.56 10.05
N SER E 32 -1.86 -11.71 10.96
CA SER E 32 -2.83 -10.67 11.23
C SER E 32 -2.28 -9.68 12.24
N VAL E 33 -1.26 -10.11 12.97
CA VAL E 33 -0.61 -9.27 13.97
C VAL E 33 0.31 -8.25 13.29
N LEU E 34 0.92 -8.66 12.18
CA LEU E 34 1.80 -7.78 11.43
C LEU E 34 0.98 -6.83 10.55
N LEU E 35 -0.25 -7.23 10.24
CA LEU E 35 -1.13 -6.40 9.42
C LEU E 35 -1.81 -5.36 10.31
N PHE E 36 -2.09 -5.74 11.56
CA PHE E 36 -2.70 -4.84 12.52
C PHE E 36 -1.74 -3.69 12.84
N LEU E 37 -0.46 -3.98 12.66
CA LEU E 37 0.61 -3.02 12.89
C LEU E 37 0.81 -2.15 11.64
N ALA E 38 0.50 -2.71 10.48
CA ALA E 38 0.61 -1.98 9.22
C ALA E 38 -0.66 -1.18 8.94
N PHE E 39 -1.68 -1.44 9.76
CA PHE E 39 -2.96 -0.76 9.64
C PHE E 39 -3.05 0.36 10.67
N VAL E 40 -2.32 0.22 11.77
CA VAL E 40 -2.31 1.23 12.82
C VAL E 40 -1.40 2.40 12.45
N VAL E 41 -0.37 2.12 11.65
CA VAL E 41 0.56 3.16 11.22
C VAL E 41 -0.02 3.99 10.08
N PHE E 42 -0.88 3.34 9.28
CA PHE E 42 -1.54 4.00 8.16
C PHE E 42 -2.51 5.06 8.66
N LEU E 43 -2.79 4.99 9.96
CA LEU E 43 -3.70 5.92 10.63
C LEU E 43 -3.02 7.26 10.92
N LEU E 44 -1.73 7.38 10.61
CA LEU E 44 -1.02 8.63 10.86
C LEU E 44 -1.03 9.51 9.61
N VAL E 45 -1.16 8.88 8.45
CA VAL E 45 -1.20 9.60 7.18
C VAL E 45 -2.62 10.09 6.90
N THR E 46 -3.58 9.16 7.01
CA THR E 46 -5.00 9.46 6.78
C THR E 46 -5.55 10.46 7.79
N LEU E 47 -5.02 10.46 9.01
CA LEU E 47 -5.47 11.38 10.05
C LEU E 47 -4.94 12.79 9.79
N ALA E 48 -3.73 12.88 9.23
CA ALA E 48 -3.11 14.16 8.94
C ALA E 48 -3.82 14.87 7.80
N ILE E 49 -4.60 14.13 7.02
CA ILE E 49 -5.33 14.71 5.90
C ILE E 49 -6.55 15.51 6.37
N LEU E 50 -7.36 14.91 7.24
CA LEU E 50 -8.56 15.57 7.75
C LEU E 50 -8.22 16.66 8.76
N THR E 51 -7.01 16.61 9.32
CA THR E 51 -6.58 17.63 10.28
C THR E 51 -6.25 18.93 9.56
N ALA E 52 -5.74 18.80 8.33
CA ALA E 52 -5.39 19.96 7.51
C ALA E 52 -6.63 20.57 6.86
N LEU E 53 -7.72 19.80 6.85
CA LEU E 53 -8.97 20.26 6.26
C LEU E 53 -9.88 20.88 7.32
N ARG E 54 -9.38 20.91 8.57
CA ARG E 54 -10.11 21.49 9.71
C ARG E 54 -11.43 20.77 9.97
N LEU E 55 -11.34 19.54 10.50
CA LEU E 55 -12.52 18.76 10.83
C LEU E 55 -12.19 17.69 11.87
N ALA E 56 -11.13 17.96 12.63
CA ALA E 56 -10.70 17.03 13.67
C ALA E 56 -11.64 17.07 14.87
N ALA E 57 -12.59 18.01 14.83
CA ALA E 57 -13.57 18.16 15.91
C ALA E 57 -14.60 17.05 15.88
N TYR E 58 -14.77 16.44 14.71
CA TYR E 58 -15.73 15.36 14.54
C TYR E 58 -15.05 14.00 14.63
N ALA E 59 -13.76 13.98 14.34
CA ALA E 59 -12.98 12.75 14.40
C ALA E 59 -12.36 12.55 15.78
N ALA E 60 -12.57 13.53 16.66
CA ALA E 60 -12.02 13.48 18.02
C ALA E 60 -12.78 12.47 18.88
N ASN E 61 -14.08 12.32 18.63
CA ASN E 61 -14.91 11.38 19.38
C ASN E 61 -14.82 9.98 18.80
N ILE E 62 -14.36 9.89 17.54
CA ILE E 62 -14.21 8.60 16.88
C ILE E 62 -13.07 7.80 17.52
N VAL E 63 -12.00 8.50 17.89
CA VAL E 63 -10.85 7.86 18.53
C VAL E 63 -11.19 7.54 19.98
N ASN E 64 -12.21 8.23 20.50
CA ASN E 64 -12.66 8.02 21.87
C ASN E 64 -13.77 6.97 21.92
N VAL E 65 -13.83 6.13 20.88
CA VAL E 65 -14.81 5.05 20.77
C VAL E 65 -16.22 5.59 20.52
N SER E 66 -16.71 5.38 19.31
CA SER E 66 -18.05 5.81 18.92
C SER E 66 -18.81 4.65 18.29
N LEU E 67 -18.29 3.45 18.47
CA LEU E 67 -18.90 2.24 17.92
C LEU E 67 -19.92 1.65 18.89
N VAL E 68 -21.13 2.19 18.85
CA VAL E 68 -22.21 1.73 19.71
C VAL E 68 -23.43 1.32 18.88
N LYS E 69 -23.65 2.05 17.79
CA LYS E 69 -24.76 1.78 16.89
C LYS E 69 -24.29 0.99 15.67
N PRO E 70 -23.22 1.44 14.96
CA PRO E 70 -22.70 0.74 13.79
C PRO E 70 -21.68 -0.33 14.15
N THR E 71 -21.64 -0.71 15.43
CA THR E 71 -20.70 -1.71 15.93
C THR E 71 -21.17 -3.12 15.54
N VAL E 72 -22.44 -3.24 15.17
CA VAL E 72 -23.01 -4.51 14.75
C VAL E 72 -22.44 -4.94 13.38
N TYR E 73 -21.58 -4.10 12.80
CA TYR E 73 -20.96 -4.39 11.52
C TYR E 73 -20.04 -5.61 11.63
N VAL E 74 -19.69 -5.97 12.87
CA VAL E 74 -18.84 -7.13 13.09
C VAL E 74 -19.62 -8.43 12.91
N TYR E 75 -20.88 -8.42 13.33
CA TYR E 75 -21.73 -9.59 13.20
C TYR E 75 -22.16 -9.80 11.76
N SER E 76 -21.98 -8.80 10.91
CA SER E 76 -22.34 -8.91 9.50
C SER E 76 -21.21 -9.53 8.69
N ARG E 77 -20.11 -9.85 9.37
CA ARG E 77 -18.95 -10.46 8.74
C ARG E 77 -18.79 -11.92 9.16
N VAL E 78 -19.42 -12.28 10.28
CA VAL E 78 -19.35 -13.64 10.81
C VAL E 78 -20.15 -14.61 9.96
N LYS E 79 -21.12 -14.09 9.21
CA LYS E 79 -21.96 -14.92 8.34
C LYS E 79 -21.21 -15.35 7.08
N ASN E 80 -20.11 -14.65 6.77
CA ASN E 80 -19.30 -14.98 5.59
C ASN E 80 -18.17 -15.94 5.96
N LEU E 81 -17.71 -15.84 7.21
CA LEU E 81 -16.64 -16.70 7.69
C LEU E 81 -16.97 -17.26 9.08
N GLU A 24 6.51 -27.52 8.10
CA GLU A 24 7.55 -26.66 7.54
C GLU A 24 8.68 -27.51 6.93
N THR A 25 8.30 -28.64 6.36
CA THR A 25 9.27 -29.54 5.75
C THR A 25 9.33 -29.35 4.24
N GLY A 26 9.87 -28.20 3.82
CA GLY A 26 9.97 -27.91 2.40
C GLY A 26 8.71 -27.28 1.84
N THR A 27 7.93 -26.66 2.71
CA THR A 27 6.70 -26.01 2.29
C THR A 27 6.88 -24.50 2.15
N LEU A 28 7.24 -24.05 0.94
CA LEU A 28 7.42 -22.62 0.70
C LEU A 28 6.09 -21.98 0.31
N ILE A 29 5.02 -22.78 0.38
CA ILE A 29 3.69 -22.32 0.04
C ILE A 29 3.04 -21.55 1.19
N VAL A 30 3.76 -21.44 2.31
CA VAL A 30 3.27 -20.70 3.47
C VAL A 30 3.49 -19.20 3.28
N ASN A 31 4.38 -18.86 2.34
CA ASN A 31 4.70 -17.48 2.05
C ASN A 31 3.56 -16.80 1.28
N SER A 32 2.67 -17.61 0.70
CA SER A 32 1.54 -17.08 -0.04
C SER A 32 0.30 -17.00 0.86
N VAL A 33 0.37 -17.66 2.01
CA VAL A 33 -0.75 -17.67 2.96
C VAL A 33 -0.77 -16.38 3.78
N LEU A 34 0.41 -15.78 3.99
CA LEU A 34 0.50 -14.54 4.75
C LEU A 34 -0.06 -13.37 3.94
N LEU A 35 -0.11 -13.55 2.62
CA LEU A 35 -0.65 -12.52 1.73
C LEU A 35 -2.17 -12.55 1.76
N PHE A 36 -2.74 -13.71 2.10
CA PHE A 36 -4.18 -13.87 2.19
C PHE A 36 -4.72 -13.06 3.37
N LEU A 37 -3.91 -12.97 4.41
CA LEU A 37 -4.26 -12.23 5.63
C LEU A 37 -3.97 -10.74 5.44
N ALA A 38 -3.07 -10.43 4.51
CA ALA A 38 -2.71 -9.05 4.22
C ALA A 38 -3.70 -8.43 3.22
N PHE A 39 -4.41 -9.28 2.51
CA PHE A 39 -5.39 -8.84 1.53
C PHE A 39 -6.76 -8.63 2.18
N VAL A 40 -7.00 -9.37 3.26
CA VAL A 40 -8.26 -9.27 3.97
C VAL A 40 -8.29 -8.08 4.95
N VAL A 41 -7.10 -7.67 5.43
CA VAL A 41 -7.03 -6.54 6.35
C VAL A 41 -7.21 -5.23 5.60
N PHE A 42 -6.80 -5.21 4.33
CA PHE A 42 -6.95 -4.03 3.48
C PHE A 42 -8.40 -3.88 3.07
N LEU A 43 -9.17 -4.97 3.24
CA LEU A 43 -10.58 -4.98 2.90
C LEU A 43 -11.38 -4.17 3.90
N LEU A 44 -10.77 -3.87 5.06
CA LEU A 44 -11.45 -3.10 6.10
C LEU A 44 -11.38 -1.60 5.81
N VAL A 45 -10.31 -1.17 5.14
CA VAL A 45 -10.12 0.23 4.81
C VAL A 45 -10.94 0.60 3.58
N THR A 46 -10.83 -0.21 2.52
CA THR A 46 -11.56 0.00 1.28
C THR A 46 -13.08 -0.11 1.50
N LEU A 47 -13.50 -0.95 2.45
CA LEU A 47 -14.93 -1.11 2.75
C LEU A 47 -15.45 0.11 3.50
N ALA A 48 -14.60 0.70 4.32
CA ALA A 48 -14.97 1.89 5.10
C ALA A 48 -15.19 3.10 4.20
N ILE A 49 -14.64 3.04 2.99
CA ILE A 49 -14.78 4.12 2.04
C ILE A 49 -16.11 4.05 1.31
N LEU A 50 -16.39 2.92 0.68
CA LEU A 50 -17.64 2.74 -0.09
C LEU A 50 -18.88 2.79 0.82
N THR A 51 -18.71 2.41 2.08
CA THR A 51 -19.82 2.43 3.02
C THR A 51 -20.08 3.85 3.53
N ALA A 52 -19.00 4.66 3.56
CA ALA A 52 -19.12 6.05 4.01
C ALA A 52 -19.71 6.96 2.94
N LEU A 53 -19.66 6.50 1.70
CA LEU A 53 -20.19 7.26 0.58
C LEU A 53 -21.55 6.74 0.16
N ARG A 54 -22.00 5.69 0.88
CA ARG A 54 -23.30 5.05 0.63
C ARG A 54 -23.39 4.43 -0.76
N LEU A 55 -22.73 3.29 -0.94
CA LEU A 55 -22.76 2.57 -2.21
C LEU A 55 -22.38 1.10 -1.99
N ALA A 56 -22.72 0.59 -0.81
CA ALA A 56 -22.44 -0.79 -0.45
C ALA A 56 -23.44 -1.73 -1.12
N ALA A 57 -24.38 -1.16 -1.86
CA ALA A 57 -25.39 -1.94 -2.57
C ALA A 57 -24.79 -2.62 -3.79
N TYR A 58 -23.69 -2.07 -4.29
CA TYR A 58 -23.02 -2.64 -5.47
C TYR A 58 -21.85 -3.52 -5.05
N ALA A 59 -21.32 -3.28 -3.86
CA ALA A 59 -20.20 -4.06 -3.35
C ALA A 59 -20.69 -5.33 -2.66
N ALA A 60 -21.96 -5.34 -2.28
CA ALA A 60 -22.54 -6.49 -1.61
C ALA A 60 -22.38 -7.76 -2.45
N ASN A 61 -22.85 -7.70 -3.70
CA ASN A 61 -22.77 -8.85 -4.60
C ASN A 61 -21.33 -9.33 -4.78
N ILE A 62 -20.35 -8.45 -4.56
CA ILE A 62 -18.94 -8.81 -4.72
C ILE A 62 -18.54 -9.86 -3.67
N VAL A 63 -19.04 -9.69 -2.45
CA VAL A 63 -18.74 -10.61 -1.36
C VAL A 63 -19.60 -11.87 -1.45
N ASN A 64 -20.81 -11.73 -2.00
CA ASN A 64 -21.72 -12.86 -2.13
C ASN A 64 -21.79 -13.35 -3.57
N VAL A 65 -20.72 -14.03 -4.02
CA VAL A 65 -20.62 -14.59 -5.38
C VAL A 65 -20.67 -13.51 -6.46
N SER A 66 -19.52 -13.26 -7.09
CA SER A 66 -19.42 -12.26 -8.14
C SER A 66 -18.40 -12.69 -9.19
N LEU A 67 -18.01 -13.96 -9.14
CA LEU A 67 -17.03 -14.50 -10.09
C LEU A 67 -17.73 -15.15 -11.29
N VAL A 68 -18.45 -14.35 -12.06
CA VAL A 68 -19.16 -14.82 -13.23
C VAL A 68 -18.61 -14.15 -14.48
N LYS A 69 -18.08 -12.94 -14.32
CA LYS A 69 -17.50 -12.18 -15.42
C LYS A 69 -15.99 -12.02 -15.26
N PRO A 70 -15.49 -11.53 -14.09
CA PRO A 70 -14.06 -11.36 -13.86
C PRO A 70 -13.39 -12.65 -13.37
N THR A 71 -14.09 -13.77 -13.56
CA THR A 71 -13.61 -15.08 -13.16
C THR A 71 -12.54 -15.60 -14.13
N VAL A 72 -12.53 -15.04 -15.34
CA VAL A 72 -11.56 -15.42 -16.36
C VAL A 72 -10.16 -14.89 -16.01
N TYR A 73 -10.05 -14.19 -14.86
CA TYR A 73 -8.77 -13.64 -14.42
C TYR A 73 -7.79 -14.76 -14.09
N VAL A 74 -8.32 -15.94 -13.78
CA VAL A 74 -7.49 -17.10 -13.48
C VAL A 74 -6.77 -17.60 -14.73
N TYR A 75 -7.45 -17.51 -15.88
CA TYR A 75 -6.90 -17.96 -17.15
C TYR A 75 -5.78 -17.04 -17.64
N SER A 76 -5.84 -15.78 -17.25
CA SER A 76 -4.83 -14.81 -17.65
C SER A 76 -3.60 -14.90 -16.76
N ARG A 77 -3.58 -15.90 -15.86
CA ARG A 77 -2.47 -16.12 -14.96
C ARG A 77 -1.68 -17.35 -15.40
N VAL A 78 -2.36 -18.26 -16.10
CA VAL A 78 -1.75 -19.48 -16.60
C VAL A 78 -0.85 -19.20 -17.80
N LYS A 79 -1.07 -18.05 -18.45
CA LYS A 79 -0.27 -17.66 -19.60
C LYS A 79 1.15 -17.30 -19.19
N ASN A 80 1.32 -16.84 -17.95
CA ASN A 80 2.64 -16.48 -17.44
C ASN A 80 3.31 -17.68 -16.78
N LEU A 81 2.67 -18.20 -15.73
CA LEU A 81 3.21 -19.34 -15.00
C LEU A 81 2.63 -20.64 -15.55
N GLU B 24 16.03 -22.67 -0.77
CA GLU B 24 16.23 -21.47 0.03
C GLU B 24 17.67 -21.36 0.50
N THR B 25 18.60 -21.70 -0.39
CA THR B 25 20.02 -21.66 -0.08
C THR B 25 20.67 -20.40 -0.64
N GLY B 26 20.57 -19.31 0.12
CA GLY B 26 21.14 -18.04 -0.31
C GLY B 26 20.33 -17.38 -1.39
N THR B 27 19.07 -17.81 -1.55
CA THR B 27 18.19 -17.24 -2.55
C THR B 27 17.36 -16.11 -1.98
N LEU B 28 17.91 -14.89 -2.03
CA LEU B 28 17.21 -13.73 -1.53
C LEU B 28 16.35 -13.11 -2.63
N ILE B 29 16.42 -13.69 -3.83
CA ILE B 29 15.66 -13.20 -4.97
C ILE B 29 14.19 -13.58 -4.89
N VAL B 30 13.81 -14.30 -3.82
CA VAL B 30 12.43 -14.70 -3.61
C VAL B 30 11.64 -13.54 -2.98
N ASN B 31 12.38 -12.54 -2.51
CA ASN B 31 11.78 -11.36 -1.89
C ASN B 31 11.08 -10.51 -2.95
N SER B 32 11.42 -10.74 -4.21
CA SER B 32 10.85 -9.99 -5.32
C SER B 32 9.65 -10.71 -5.92
N VAL B 33 9.53 -12.01 -5.65
CA VAL B 33 8.42 -12.81 -6.17
C VAL B 33 7.13 -12.52 -5.41
N LEU B 34 7.27 -12.13 -4.15
CA LEU B 34 6.11 -11.81 -3.32
C LEU B 34 5.51 -10.46 -3.71
N LEU B 35 6.32 -9.60 -4.33
CA LEU B 35 5.84 -8.29 -4.74
C LEU B 35 5.12 -8.39 -6.08
N PHE B 36 5.37 -9.49 -6.81
CA PHE B 36 4.71 -9.72 -8.09
C PHE B 36 3.26 -10.07 -7.83
N LEU B 37 3.02 -10.70 -6.68
CA LEU B 37 1.68 -11.09 -6.25
C LEU B 37 0.96 -9.88 -5.65
N ALA B 38 1.73 -9.00 -5.01
CA ALA B 38 1.18 -7.81 -4.37
C ALA B 38 0.93 -6.70 -5.39
N PHE B 39 1.50 -6.85 -6.58
CA PHE B 39 1.33 -5.87 -7.64
C PHE B 39 0.13 -6.21 -8.51
N VAL B 40 -0.12 -7.51 -8.69
CA VAL B 40 -1.23 -7.96 -9.52
C VAL B 40 -2.57 -7.88 -8.77
N VAL B 41 -2.53 -7.94 -7.44
CA VAL B 41 -3.76 -7.87 -6.65
C VAL B 41 -4.27 -6.43 -6.63
N PHE B 42 -3.35 -5.49 -6.87
CA PHE B 42 -3.69 -4.07 -6.91
C PHE B 42 -4.31 -3.74 -8.26
N LEU B 43 -4.14 -4.67 -9.21
CA LEU B 43 -4.70 -4.53 -10.55
C LEU B 43 -6.21 -4.73 -10.51
N LEU B 44 -6.69 -5.43 -9.48
CA LEU B 44 -8.11 -5.69 -9.31
C LEU B 44 -8.86 -4.43 -8.88
N VAL B 45 -8.12 -3.49 -8.28
CA VAL B 45 -8.70 -2.24 -7.81
C VAL B 45 -8.71 -1.17 -8.91
N THR B 46 -7.57 -0.99 -9.57
CA THR B 46 -7.44 0.00 -10.64
C THR B 46 -8.36 -0.31 -11.85
N LEU B 47 -8.53 -1.59 -12.18
CA LEU B 47 -9.37 -2.02 -13.28
C LEU B 47 -10.83 -1.69 -13.01
N ALA B 48 -11.22 -1.76 -11.73
CA ALA B 48 -12.59 -1.47 -11.32
C ALA B 48 -12.92 0.01 -11.44
N ILE B 49 -11.91 0.84 -11.68
CA ILE B 49 -12.11 2.27 -11.83
C ILE B 49 -12.38 2.64 -13.29
N LEU B 50 -11.53 2.13 -14.19
CA LEU B 50 -11.68 2.41 -15.62
C LEU B 50 -12.87 1.66 -16.22
N THR B 51 -13.25 0.56 -15.60
CA THR B 51 -14.38 -0.24 -16.06
C THR B 51 -15.70 0.36 -15.57
N ALA B 52 -15.66 0.98 -14.39
CA ALA B 52 -16.85 1.60 -13.81
C ALA B 52 -17.18 2.92 -14.49
N LEU B 53 -16.18 3.53 -15.11
CA LEU B 53 -16.36 4.79 -15.80
C LEU B 53 -16.47 4.57 -17.31
N ARG B 54 -16.38 3.31 -17.72
CA ARG B 54 -16.47 2.90 -19.13
C ARG B 54 -15.35 3.51 -19.99
N LEU B 55 -14.17 2.91 -19.91
CA LEU B 55 -13.02 3.36 -20.69
C LEU B 55 -11.96 2.26 -20.73
N ALA B 56 -12.41 1.02 -20.64
CA ALA B 56 -11.52 -0.14 -20.67
C ALA B 56 -11.06 -0.44 -22.09
N ALA B 57 -11.52 0.37 -23.05
CA ALA B 57 -11.15 0.21 -24.45
C ALA B 57 -9.70 0.64 -24.69
N TYR B 58 -9.18 1.48 -23.82
CA TYR B 58 -7.82 1.97 -23.93
C TYR B 58 -6.87 1.16 -23.05
N ALA B 59 -7.42 0.57 -22.00
CA ALA B 59 -6.63 -0.23 -21.07
C ALA B 59 -6.48 -1.67 -21.58
N ALA B 60 -7.37 -2.07 -22.48
CA ALA B 60 -7.32 -3.41 -23.04
C ALA B 60 -5.97 -3.71 -23.66
N ASN B 61 -5.50 -2.81 -24.54
CA ASN B 61 -4.22 -2.98 -25.22
C ASN B 61 -3.03 -2.95 -24.25
N ILE B 62 -3.23 -2.43 -23.04
CA ILE B 62 -2.16 -2.37 -22.05
C ILE B 62 -1.80 -3.78 -21.57
N VAL B 63 -2.82 -4.62 -21.39
CA VAL B 63 -2.63 -6.00 -20.96
C VAL B 63 -2.23 -6.88 -22.14
N ASN B 64 -2.64 -6.48 -23.34
CA ASN B 64 -2.33 -7.26 -24.54
C ASN B 64 -1.27 -6.57 -25.38
N VAL B 65 -0.01 -6.65 -24.92
CA VAL B 65 1.14 -6.06 -25.62
C VAL B 65 1.03 -4.53 -25.73
N SER B 66 1.79 -3.84 -24.89
CA SER B 66 1.78 -2.38 -24.89
C SER B 66 3.17 -1.84 -24.57
N LEU B 67 4.16 -2.71 -24.60
CA LEU B 67 5.55 -2.33 -24.31
C LEU B 67 6.29 -1.95 -25.59
N VAL B 68 5.86 -0.84 -26.19
CA VAL B 68 6.49 -0.34 -27.41
C VAL B 68 7.02 1.08 -27.21
N LYS B 69 6.28 1.87 -26.44
CA LYS B 69 6.66 3.24 -26.15
C LYS B 69 7.23 3.36 -24.73
N PRO B 70 6.52 2.86 -23.70
CA PRO B 70 7.01 2.92 -22.32
C PRO B 70 7.95 1.75 -21.99
N THR B 71 8.39 1.04 -23.03
CA THR B 71 9.29 -0.09 -22.89
C THR B 71 10.70 0.36 -22.54
N VAL B 72 10.99 1.63 -22.80
CA VAL B 72 12.29 2.22 -22.50
C VAL B 72 12.48 2.41 -21.00
N TYR B 73 11.45 2.07 -20.21
CA TYR B 73 11.52 2.18 -18.76
C TYR B 73 12.58 1.23 -18.20
N VAL B 74 12.92 0.19 -18.97
CA VAL B 74 13.95 -0.76 -18.55
C VAL B 74 15.32 -0.10 -18.57
N TYR B 75 15.55 0.80 -19.52
CA TYR B 75 16.82 1.49 -19.66
C TYR B 75 17.00 2.57 -18.59
N SER B 76 15.89 3.08 -18.06
CA SER B 76 15.93 4.11 -17.03
C SER B 76 16.18 3.50 -15.66
N ARG B 77 16.39 2.18 -15.64
CA ARG B 77 16.65 1.46 -14.40
C ARG B 77 18.12 1.00 -14.33
N VAL B 78 18.72 0.79 -15.50
CA VAL B 78 20.10 0.35 -15.60
C VAL B 78 21.08 1.45 -15.19
N LYS B 79 20.62 2.68 -15.19
CA LYS B 79 21.46 3.80 -14.80
C LYS B 79 21.57 3.90 -13.28
N ASN B 80 20.50 3.50 -12.58
CA ASN B 80 20.50 3.54 -11.12
C ASN B 80 21.24 2.34 -10.53
N LEU B 81 20.87 1.13 -10.97
CA LEU B 81 21.51 -0.09 -10.47
C LEU B 81 22.55 -0.62 -11.45
N GLU C 24 23.57 -14.81 4.92
CA GLU C 24 22.54 -14.59 5.94
C GLU C 24 23.11 -14.80 7.34
N THR C 25 24.33 -14.30 7.54
CA THR C 25 25.03 -14.41 8.80
C THR C 25 24.99 -13.09 9.56
N GLY C 26 23.81 -12.74 10.07
CA GLY C 26 23.66 -11.50 10.82
C GLY C 26 23.40 -10.31 9.92
N THR C 27 22.92 -10.58 8.72
CA THR C 27 22.63 -9.53 7.77
C THR C 27 21.16 -9.13 7.84
N LEU C 28 20.85 -8.23 8.76
CA LEU C 28 19.48 -7.74 8.91
C LEU C 28 19.22 -6.59 7.97
N ILE C 29 20.28 -6.17 7.26
CA ILE C 29 20.17 -5.07 6.31
C ILE C 29 19.55 -5.54 5.00
N VAL C 30 19.14 -6.81 4.95
CA VAL C 30 18.51 -7.39 3.78
C VAL C 30 17.00 -7.11 3.82
N ASN C 31 16.54 -6.65 4.98
CA ASN C 31 15.14 -6.31 5.18
C ASN C 31 14.79 -5.02 4.43
N SER C 32 15.81 -4.23 4.12
CA SER C 32 15.64 -2.98 3.40
C SER C 32 15.69 -3.22 1.89
N VAL C 33 16.27 -4.36 1.51
CA VAL C 33 16.40 -4.73 0.10
C VAL C 33 15.05 -5.15 -0.49
N LEU C 34 14.18 -5.71 0.36
CA LEU C 34 12.86 -6.15 -0.10
C LEU C 34 11.94 -4.95 -0.30
N LEU C 35 12.29 -3.82 0.30
CA LEU C 35 11.50 -2.60 0.17
C LEU C 35 11.95 -1.81 -1.05
N PHE C 36 13.15 -2.12 -1.55
CA PHE C 36 13.70 -1.45 -2.72
C PHE C 36 12.91 -1.82 -3.97
N LEU C 37 12.46 -3.06 -4.04
CA LEU C 37 11.68 -3.53 -5.18
C LEU C 37 10.21 -3.17 -4.98
N ALA C 38 9.81 -3.00 -3.72
CA ALA C 38 8.43 -2.63 -3.39
C ALA C 38 8.17 -1.18 -3.78
N PHE C 39 9.26 -0.46 -4.00
CA PHE C 39 9.20 0.94 -4.41
C PHE C 39 9.24 1.06 -5.92
N VAL C 40 9.88 0.09 -6.57
CA VAL C 40 9.99 0.09 -8.03
C VAL C 40 8.75 -0.51 -8.71
N VAL C 41 8.01 -1.37 -8.00
CA VAL C 41 6.81 -1.97 -8.54
C VAL C 41 5.65 -0.98 -8.51
N PHE C 42 5.62 -0.15 -7.47
CA PHE C 42 4.59 0.86 -7.31
C PHE C 42 4.81 1.98 -8.32
N LEU C 43 5.97 1.92 -8.98
CA LEU C 43 6.34 2.90 -9.98
C LEU C 43 5.62 2.61 -11.30
N LEU C 44 5.00 1.43 -11.43
CA LEU C 44 4.28 1.09 -12.65
C LEU C 44 2.83 1.55 -12.54
N VAL C 45 2.44 1.90 -11.31
CA VAL C 45 1.07 2.37 -11.05
C VAL C 45 1.01 3.88 -11.21
N THR C 46 1.96 4.57 -10.56
CA THR C 46 2.04 6.02 -10.61
C THR C 46 2.41 6.53 -12.00
N LEU C 47 3.21 5.75 -12.74
CA LEU C 47 3.62 6.12 -14.09
C LEU C 47 2.44 5.99 -15.06
N ALA C 48 1.54 5.05 -14.78
CA ALA C 48 0.37 4.83 -15.62
C ALA C 48 -0.64 5.97 -15.49
N ILE C 49 -0.45 6.79 -14.46
CA ILE C 49 -1.34 7.92 -14.20
C ILE C 49 -0.87 9.18 -14.93
N LEU C 50 0.42 9.52 -14.76
CA LEU C 50 0.98 10.71 -15.40
C LEU C 50 1.10 10.55 -16.91
N THR C 51 1.16 9.30 -17.38
CA THR C 51 1.26 9.03 -18.81
C THR C 51 -0.13 9.03 -19.45
N ALA C 52 -1.13 8.66 -18.65
CA ALA C 52 -2.53 8.63 -19.13
C ALA C 52 -3.13 10.03 -19.21
N LEU C 53 -2.54 10.96 -18.47
CA LEU C 53 -3.01 12.33 -18.45
C LEU C 53 -2.12 13.23 -19.30
N ARG C 54 -1.09 12.61 -19.90
CA ARG C 54 -0.12 13.31 -20.76
C ARG C 54 0.65 14.39 -20.01
N LEU C 55 1.63 13.96 -19.22
CA LEU C 55 2.48 14.88 -18.47
C LEU C 55 3.76 14.19 -18.02
N ALA C 56 4.16 13.18 -18.81
CA ALA C 56 5.37 12.41 -18.53
C ALA C 56 6.62 13.20 -18.93
N ALA C 57 6.41 14.41 -19.43
CA ALA C 57 7.49 15.28 -19.85
C ALA C 57 8.19 15.90 -18.65
N TYR C 58 7.49 15.97 -17.52
CA TYR C 58 8.04 16.55 -16.30
C TYR C 58 8.56 15.45 -15.37
N ALA C 59 8.02 14.26 -15.52
CA ALA C 59 8.43 13.12 -14.70
C ALA C 59 9.66 12.44 -15.29
N ALA C 60 9.91 12.67 -16.58
CA ALA C 60 11.05 12.08 -17.24
C ALA C 60 12.36 12.42 -16.54
N ASN C 61 12.57 13.71 -16.27
CA ASN C 61 13.79 14.17 -15.59
C ASN C 61 13.94 13.63 -14.17
N ILE C 62 12.85 13.10 -13.60
CA ILE C 62 12.89 12.55 -12.25
C ILE C 62 13.76 11.28 -12.21
N VAL C 63 13.62 10.45 -13.23
CA VAL C 63 14.39 9.22 -13.32
C VAL C 63 15.77 9.50 -13.92
N ASN C 64 15.88 10.59 -14.67
CA ASN C 64 17.14 10.97 -15.29
C ASN C 64 17.81 12.10 -14.52
N VAL C 65 18.24 11.79 -13.29
CA VAL C 65 18.93 12.75 -12.41
C VAL C 65 18.03 13.92 -12.03
N SER C 66 17.53 13.90 -10.80
CA SER C 66 16.67 14.97 -10.30
C SER C 66 16.98 15.25 -8.83
N LEU C 67 18.10 14.69 -8.36
CA LEU C 67 18.52 14.87 -6.97
C LEU C 67 19.44 16.08 -6.83
N VAL C 68 18.88 17.26 -7.06
CA VAL C 68 19.63 18.51 -6.95
C VAL C 68 18.98 19.44 -5.93
N LYS C 69 17.65 19.41 -5.90
CA LYS C 69 16.88 20.22 -4.98
C LYS C 69 16.35 19.37 -3.82
N PRO C 70 15.69 18.22 -4.08
CA PRO C 70 15.17 17.36 -3.03
C PRO C 70 16.23 16.37 -2.51
N THR C 71 17.49 16.59 -2.90
CA THR C 71 18.60 15.73 -2.48
C THR C 71 18.92 15.94 -1.00
N VAL C 72 18.47 17.09 -0.47
CA VAL C 72 18.68 17.42 0.94
C VAL C 72 17.83 16.54 1.87
N TYR C 73 17.02 15.65 1.27
CA TYR C 73 16.17 14.75 2.04
C TYR C 73 17.01 13.77 2.85
N VAL C 74 18.27 13.57 2.44
CA VAL C 74 19.17 12.68 3.16
C VAL C 74 19.56 13.27 4.51
N TYR C 75 19.66 14.60 4.56
CA TYR C 75 20.03 15.30 5.78
C TYR C 75 18.88 15.36 6.78
N SER C 76 17.65 15.26 6.29
CA SER C 76 16.48 15.29 7.16
C SER C 76 16.24 13.92 7.78
N ARG C 77 17.13 12.98 7.48
CA ARG C 77 17.05 11.62 8.01
C ARG C 77 18.14 11.41 9.06
N VAL C 78 19.22 12.19 8.95
CA VAL C 78 20.34 12.09 9.88
C VAL C 78 19.96 12.60 11.27
N LYS C 79 18.95 13.48 11.33
CA LYS C 79 18.50 14.00 12.61
C LYS C 79 17.91 12.87 13.46
N ASN C 80 16.95 12.13 12.89
CA ASN C 80 16.32 11.02 13.59
C ASN C 80 17.30 9.90 13.96
N LEU C 81 18.00 9.33 12.97
CA LEU C 81 18.93 8.24 13.23
C LEU C 81 20.36 8.76 13.36
N GLU D 24 19.44 -13.19 17.80
CA GLU D 24 18.28 -13.91 17.32
C GLU D 24 17.88 -15.03 18.27
N THR D 25 18.09 -14.79 19.56
CA THR D 25 17.78 -15.77 20.59
C THR D 25 16.45 -15.44 21.26
N GLY D 26 15.35 -15.82 20.63
CA GLY D 26 14.04 -15.54 21.17
C GLY D 26 13.60 -14.10 20.96
N THR D 27 14.30 -13.40 20.07
CA THR D 27 13.99 -12.00 19.78
C THR D 27 12.95 -11.88 18.68
N LEU D 28 11.68 -11.89 19.06
CA LEU D 28 10.59 -11.77 18.10
C LEU D 28 10.18 -10.31 17.92
N ILE D 29 10.88 -9.41 18.61
CA ILE D 29 10.58 -7.99 18.52
C ILE D 29 11.32 -7.34 17.35
N VAL D 30 11.95 -8.16 16.52
CA VAL D 30 12.67 -7.67 15.35
C VAL D 30 11.73 -7.59 14.15
N ASN D 31 10.53 -8.16 14.30
CA ASN D 31 9.54 -8.14 13.22
C ASN D 31 8.95 -6.74 13.06
N SER D 32 9.10 -5.91 14.09
CA SER D 32 8.59 -4.55 14.07
C SER D 32 9.64 -3.59 13.53
N VAL D 33 10.89 -4.03 13.54
CA VAL D 33 12.01 -3.23 13.05
C VAL D 33 11.96 -3.08 11.53
N LEU D 34 11.55 -4.14 10.84
CA LEU D 34 11.46 -4.10 9.39
C LEU D 34 10.29 -3.21 8.94
N LEU D 35 9.35 -2.98 9.84
CA LEU D 35 8.19 -2.14 9.55
C LEU D 35 8.56 -0.66 9.70
N PHE D 36 9.58 -0.38 10.51
CA PHE D 36 10.04 0.99 10.73
C PHE D 36 10.62 1.55 9.44
N LEU D 37 11.21 0.67 8.63
CA LEU D 37 11.79 1.06 7.36
C LEU D 37 10.71 1.17 6.28
N ALA D 38 9.70 0.31 6.39
CA ALA D 38 8.59 0.30 5.44
C ALA D 38 7.73 1.56 5.60
N PHE D 39 7.88 2.23 6.73
CA PHE D 39 7.12 3.43 7.02
C PHE D 39 7.87 4.68 6.55
N VAL D 40 9.20 4.63 6.59
CA VAL D 40 10.02 5.77 6.19
C VAL D 40 10.17 5.84 4.66
N VAL D 41 10.07 4.69 3.98
CA VAL D 41 10.19 4.65 2.52
C VAL D 41 8.90 5.15 1.87
N PHE D 42 7.78 4.94 2.57
CA PHE D 42 6.48 5.37 2.09
C PHE D 42 6.34 6.88 2.31
N LEU D 43 7.24 7.42 3.11
CA LEU D 43 7.26 8.85 3.42
C LEU D 43 7.76 9.64 2.21
N LEU D 44 8.50 8.97 1.33
CA LEU D 44 9.04 9.61 0.14
C LEU D 44 7.95 9.79 -0.91
N VAL D 45 6.88 9.00 -0.79
CA VAL D 45 5.77 9.07 -1.72
C VAL D 45 4.78 10.16 -1.33
N THR D 46 4.33 10.13 -0.07
CA THR D 46 3.39 11.12 0.44
C THR D 46 4.01 12.55 0.46
N LEU D 47 5.32 12.65 0.66
CA LEU D 47 6.00 13.96 0.67
C LEU D 47 6.04 14.54 -0.74
N ALA D 48 6.24 13.66 -1.71
CA ALA D 48 6.29 14.02 -3.13
C ALA D 48 4.96 14.60 -3.59
N ILE D 49 3.90 14.30 -2.84
CA ILE D 49 2.56 14.79 -3.18
C ILE D 49 2.32 16.19 -2.63
N LEU D 50 2.60 16.38 -1.33
CA LEU D 50 2.39 17.67 -0.68
C LEU D 50 3.40 18.72 -1.16
N THR D 51 4.57 18.27 -1.62
CA THR D 51 5.60 19.17 -2.10
C THR D 51 5.31 19.60 -3.55
N ALA D 52 4.69 18.70 -4.31
CA ALA D 52 4.34 18.97 -5.71
C ALA D 52 3.10 19.86 -5.83
N LEU D 53 2.32 19.92 -4.76
CA LEU D 53 1.12 20.74 -4.73
C LEU D 53 1.36 22.04 -3.97
N ARG D 54 2.60 22.20 -3.51
CA ARG D 54 3.03 23.40 -2.77
C ARG D 54 2.27 23.56 -1.45
N LEU D 55 2.59 22.72 -0.48
CA LEU D 55 1.97 22.78 0.85
C LEU D 55 2.85 22.09 1.88
N ALA D 56 4.16 22.10 1.61
CA ALA D 56 5.13 21.49 2.51
C ALA D 56 5.39 22.38 3.73
N ALA D 57 4.65 23.48 3.81
CA ALA D 57 4.78 24.42 4.91
C ALA D 57 4.07 23.91 6.16
N TYR D 58 3.11 23.02 5.96
CA TYR D 58 2.35 22.46 7.07
C TYR D 58 2.92 21.09 7.47
N ALA D 59 3.57 20.43 6.53
CA ALA D 59 4.15 19.12 6.78
C ALA D 59 5.54 19.25 7.40
N ALA D 60 6.15 20.42 7.24
CA ALA D 60 7.48 20.67 7.80
C ALA D 60 7.50 20.40 9.29
N ASN D 61 6.56 20.99 10.04
CA ASN D 61 6.51 20.83 11.49
C ASN D 61 6.21 19.38 11.92
N ILE D 62 5.82 18.53 10.99
CA ILE D 62 5.52 17.12 11.30
C ILE D 62 6.80 16.34 11.56
N VAL D 63 7.86 16.63 10.79
CA VAL D 63 9.14 15.95 10.94
C VAL D 63 9.94 16.61 12.05
N ASN D 64 9.62 17.87 12.33
CA ASN D 64 10.31 18.63 13.36
C ASN D 64 9.47 18.76 14.63
N VAL D 65 9.18 17.62 15.25
CA VAL D 65 8.39 17.56 16.49
C VAL D 65 6.96 18.06 16.29
N SER D 66 6.02 17.12 16.25
CA SER D 66 4.61 17.45 16.08
C SER D 66 3.74 16.56 16.97
N LEU D 67 4.39 15.87 17.91
CA LEU D 67 3.70 14.98 18.83
C LEU D 67 3.26 15.73 20.09
N VAL D 68 2.37 16.71 19.90
CA VAL D 68 1.85 17.49 21.00
C VAL D 68 0.34 17.28 21.15
N LYS D 69 -0.31 17.03 20.02
CA LYS D 69 -1.75 16.79 19.99
C LYS D 69 -2.07 15.32 19.68
N PRO D 70 -1.48 14.72 18.62
CA PRO D 70 -1.72 13.32 18.27
C PRO D 70 -0.81 12.36 19.05
N THR D 71 -0.14 12.90 20.07
CA THR D 71 0.76 12.14 20.91
C THR D 71 -0.01 11.19 21.82
N VAL D 72 -1.30 11.47 22.00
CA VAL D 72 -2.16 10.64 22.82
C VAL D 72 -2.51 9.32 22.13
N TYR D 73 -1.98 9.13 20.91
CA TYR D 73 -2.23 7.90 20.15
C TYR D 73 -1.58 6.69 20.84
N VAL D 74 -0.61 6.95 21.70
CA VAL D 74 0.05 5.89 22.45
C VAL D 74 -0.89 5.28 23.49
N TYR D 75 -1.75 6.14 24.05
CA TYR D 75 -2.71 5.71 25.08
C TYR D 75 -3.85 4.92 24.45
N SER D 76 -4.09 5.13 23.16
CA SER D 76 -5.15 4.42 22.46
C SER D 76 -4.67 3.04 22.00
N ARG D 77 -3.46 2.68 22.41
CA ARG D 77 -2.88 1.38 22.06
C ARG D 77 -2.77 0.50 23.30
N VAL D 78 -2.76 1.14 24.48
CA VAL D 78 -2.67 0.41 25.75
C VAL D 78 -4.01 -0.22 26.11
N LYS D 79 -5.08 0.29 25.51
CA LYS D 79 -6.42 -0.22 25.77
C LYS D 79 -6.60 -1.59 25.12
N ASN D 80 -5.84 -1.88 24.07
CA ASN D 80 -5.93 -3.16 23.39
C ASN D 80 -4.97 -4.18 24.00
N LEU D 81 -3.68 -3.86 23.96
CA LEU D 81 -2.65 -4.73 24.50
C LEU D 81 -2.33 -4.36 25.95
N GLU E 24 8.82 -19.93 19.51
CA GLU E 24 8.98 -20.25 18.07
C GLU E 24 8.92 -21.76 17.86
N THR E 25 8.25 -22.46 18.78
CA THR E 25 8.09 -23.90 18.67
C THR E 25 6.82 -24.28 17.91
N GLY E 26 6.83 -24.02 16.61
CA GLY E 26 5.68 -24.34 15.79
C GLY E 26 4.65 -23.23 15.79
N THR E 27 5.07 -22.04 16.17
CA THR E 27 4.17 -20.90 16.22
C THR E 27 4.19 -20.14 14.91
N LEU E 28 3.45 -20.65 13.92
CA LEU E 28 3.38 -20.00 12.63
C LEU E 28 2.33 -18.88 12.65
N ILE E 29 1.72 -18.70 13.81
CA ILE E 29 0.71 -17.67 14.01
C ILE E 29 1.35 -16.32 14.32
N VAL E 30 2.68 -16.31 14.38
CA VAL E 30 3.42 -15.07 14.65
C VAL E 30 3.54 -14.25 13.36
N ASN E 31 3.25 -14.90 12.22
CA ASN E 31 3.31 -14.24 10.92
C ASN E 31 2.12 -13.29 10.75
N SER E 32 1.08 -13.51 11.56
CA SER E 32 -0.11 -12.66 11.51
C SER E 32 0.02 -11.50 12.50
N VAL E 33 1.00 -11.61 13.39
CA VAL E 33 1.25 -10.58 14.40
C VAL E 33 1.96 -9.38 13.79
N LEU E 34 2.80 -9.63 12.78
CA LEU E 34 3.52 -8.57 12.10
C LEU E 34 2.59 -7.73 11.24
N LEU E 35 1.44 -8.31 10.90
CA LEU E 35 0.44 -7.62 10.09
C LEU E 35 -0.38 -6.67 10.97
N PHE E 36 -0.40 -6.95 12.28
CA PHE E 36 -1.13 -6.11 13.22
C PHE E 36 -0.43 -4.77 13.40
N LEU E 37 0.91 -4.80 13.34
CA LEU E 37 1.71 -3.60 13.47
C LEU E 37 1.81 -2.88 12.13
N ALA E 38 1.59 -3.62 11.05
CA ALA E 38 1.63 -3.06 9.71
C ALA E 38 0.30 -2.41 9.35
N PHE E 39 -0.71 -2.66 10.17
CA PHE E 39 -2.04 -2.10 9.97
C PHE E 39 -2.22 -0.83 10.80
N VAL E 40 -1.48 -0.75 11.91
CA VAL E 40 -1.57 0.41 12.79
C VAL E 40 -0.70 1.56 12.28
N VAL E 41 0.37 1.23 11.55
CA VAL E 41 1.26 2.26 11.01
C VAL E 41 0.59 2.96 9.83
N PHE E 42 -0.21 2.21 9.09
CA PHE E 42 -0.94 2.75 7.94
C PHE E 42 -2.12 3.58 8.42
N LEU E 43 -2.43 3.44 9.70
CA LEU E 43 -3.52 4.17 10.33
C LEU E 43 -3.11 5.62 10.56
N LEU E 44 -1.80 5.88 10.54
CA LEU E 44 -1.29 7.23 10.76
C LEU E 44 -1.37 8.07 9.50
N VAL E 45 -1.28 7.40 8.35
CA VAL E 45 -1.35 8.08 7.06
C VAL E 45 -2.80 8.31 6.64
N THR E 46 -3.66 7.35 6.97
CA THR E 46 -5.08 7.44 6.64
C THR E 46 -5.80 8.42 7.58
N LEU E 47 -5.29 8.58 8.80
CA LEU E 47 -5.87 9.51 9.79
C LEU E 47 -5.49 10.95 9.47
N ALA E 48 -4.30 11.14 8.92
CA ALA E 48 -3.80 12.46 8.58
C ALA E 48 -4.60 13.08 7.45
N ILE E 49 -5.34 12.25 6.72
CA ILE E 49 -6.15 12.71 5.60
C ILE E 49 -7.49 13.26 6.09
N LEU E 50 -8.23 12.43 6.84
CA LEU E 50 -9.54 12.83 7.34
C LEU E 50 -9.45 13.98 8.34
N THR E 51 -8.32 14.09 9.03
CA THR E 51 -8.13 15.16 10.00
C THR E 51 -7.74 16.47 9.29
N ALA E 52 -7.03 16.35 8.17
CA ALA E 52 -6.61 17.52 7.39
C ALA E 52 -7.77 18.12 6.61
N LEU E 53 -8.78 17.31 6.34
CA LEU E 53 -9.96 17.75 5.61
C LEU E 53 -11.09 18.13 6.58
N ARG E 54 -10.82 17.98 7.87
CA ARG E 54 -11.77 18.30 8.94
C ARG E 54 -13.02 17.41 8.90
N LEU E 55 -12.86 16.17 9.34
CA LEU E 55 -13.98 15.22 9.39
C LEU E 55 -13.65 14.09 10.35
N ALA E 56 -12.87 14.41 11.38
CA ALA E 56 -12.47 13.44 12.40
C ALA E 56 -13.62 13.17 13.37
N ALA E 57 -14.75 13.84 13.15
CA ALA E 57 -15.93 13.68 13.99
C ALA E 57 -16.64 12.37 13.70
N TYR E 58 -16.42 11.83 12.51
CA TYR E 58 -17.04 10.57 12.10
C TYR E 58 -16.08 9.41 12.30
N ALA E 59 -14.79 9.70 12.29
CA ALA E 59 -13.77 8.67 12.48
C ALA E 59 -13.52 8.41 13.95
N ALA E 60 -13.90 9.37 14.80
CA ALA E 60 -13.72 9.23 16.24
C ALA E 60 -14.38 7.96 16.76
N ASN E 61 -15.65 7.76 16.43
CA ASN E 61 -16.39 6.59 16.89
C ASN E 61 -15.78 5.27 16.38
N ILE E 62 -15.01 5.33 15.29
CA ILE E 62 -14.38 4.15 14.73
C ILE E 62 -13.31 3.60 15.69
N VAL E 63 -12.54 4.50 16.30
CA VAL E 63 -11.50 4.13 17.23
C VAL E 63 -12.09 3.82 18.61
N ASN E 64 -13.23 4.45 18.92
CA ASN E 64 -13.89 4.24 20.20
C ASN E 64 -15.13 3.35 20.06
N VAL E 65 -14.89 2.07 19.75
CA VAL E 65 -15.95 1.08 19.60
C VAL E 65 -16.92 1.43 18.45
N SER E 66 -16.77 0.71 17.34
CA SER E 66 -17.62 0.93 16.18
C SER E 66 -17.98 -0.41 15.53
N LEU E 67 -17.69 -1.50 16.25
CA LEU E 67 -17.99 -2.84 15.77
C LEU E 67 -19.40 -3.25 16.17
N VAL E 68 -20.39 -2.51 15.67
CA VAL E 68 -21.78 -2.80 15.97
C VAL E 68 -22.52 -3.22 14.69
N LYS E 69 -22.09 -2.67 13.56
CA LYS E 69 -22.70 -3.00 12.28
C LYS E 69 -21.74 -3.81 11.40
N PRO E 70 -20.47 -3.38 11.23
CA PRO E 70 -19.49 -4.12 10.41
C PRO E 70 -18.79 -5.23 11.21
N THR E 71 -19.35 -5.55 12.38
CA THR E 71 -18.80 -6.58 13.26
C THR E 71 -19.07 -7.97 12.70
N VAL E 72 -20.04 -8.04 11.80
CA VAL E 72 -20.42 -9.29 11.16
C VAL E 72 -19.36 -9.74 10.14
N TYR E 73 -18.28 -8.95 10.02
CA TYR E 73 -17.19 -9.28 9.10
C TYR E 73 -16.47 -10.55 9.56
N VAL E 74 -16.62 -10.91 10.83
CA VAL E 74 -16.01 -12.12 11.36
C VAL E 74 -16.69 -13.37 10.81
N TYR E 75 -18.01 -13.25 10.59
CA TYR E 75 -18.81 -14.37 10.07
C TYR E 75 -18.55 -14.57 8.59
N SER E 76 -18.10 -13.52 7.91
CA SER E 76 -17.81 -13.59 6.48
C SER E 76 -16.43 -14.19 6.25
N ARG E 77 -15.78 -14.62 7.35
CA ARG E 77 -14.46 -15.23 7.29
C ARG E 77 -14.54 -16.72 7.59
N VAL E 78 -15.61 -17.12 8.27
CA VAL E 78 -15.82 -18.51 8.65
C VAL E 78 -16.26 -19.34 7.44
N LYS E 79 -16.80 -18.67 6.43
CA LYS E 79 -17.26 -19.35 5.20
C LYS E 79 -16.06 -19.81 4.37
N ASN E 80 -14.91 -19.16 4.53
CA ASN E 80 -13.71 -19.51 3.80
C ASN E 80 -12.88 -20.54 4.54
N LEU E 81 -12.46 -20.18 5.76
CA LEU E 81 -11.66 -21.08 6.59
C LEU E 81 -12.56 -21.89 7.53
N GLU A 24 7.72 -27.58 6.42
CA GLU A 24 8.76 -26.72 5.81
C GLU A 24 9.76 -27.56 5.02
N THR A 25 9.36 -28.78 4.66
CA THR A 25 10.21 -29.68 3.90
C THR A 25 10.00 -29.49 2.40
N GLY A 26 10.69 -28.50 1.85
CA GLY A 26 10.58 -28.21 0.41
C GLY A 26 9.26 -27.57 0.05
N THR A 27 8.69 -26.81 0.98
CA THR A 27 7.42 -26.14 0.75
C THR A 27 7.60 -24.65 0.51
N LEU A 28 7.83 -24.28 -0.75
CA LEU A 28 8.01 -22.87 -1.12
C LEU A 28 6.67 -22.23 -1.43
N ILE A 29 5.58 -22.99 -1.25
CA ILE A 29 4.23 -22.50 -1.52
C ILE A 29 3.70 -21.68 -0.34
N VAL A 30 4.49 -21.55 0.73
CA VAL A 30 4.09 -20.77 1.90
C VAL A 30 4.21 -19.27 1.59
N ASN A 31 4.92 -18.95 0.52
CA ASN A 31 5.12 -17.55 0.11
C ASN A 31 3.80 -16.88 -0.28
N SER A 32 2.88 -17.69 -0.81
CA SER A 32 1.57 -17.18 -1.21
C SER A 32 0.58 -17.23 -0.05
N VAL A 33 0.90 -18.05 0.95
CA VAL A 33 0.06 -18.19 2.13
C VAL A 33 0.11 -16.93 3.00
N LEU A 34 1.31 -16.34 3.09
CA LEU A 34 1.49 -15.13 3.88
C LEU A 34 0.89 -13.93 3.14
N LEU A 35 0.65 -14.09 1.85
CA LEU A 35 0.06 -13.02 1.04
C LEU A 35 -1.47 -13.05 1.13
N PHE A 36 -2.01 -14.23 1.46
CA PHE A 36 -3.46 -14.38 1.62
C PHE A 36 -3.92 -13.69 2.90
N LEU A 37 -2.95 -13.47 3.81
CA LEU A 37 -3.21 -12.80 5.07
C LEU A 37 -3.26 -11.29 4.86
N ALA A 38 -2.48 -10.82 3.88
CA ALA A 38 -2.43 -9.41 3.53
C ALA A 38 -3.58 -9.03 2.59
N PHE A 39 -4.33 -10.05 2.16
CA PHE A 39 -5.47 -9.85 1.28
C PHE A 39 -6.73 -9.57 2.06
N VAL A 40 -6.94 -10.33 3.14
CA VAL A 40 -8.12 -10.18 3.97
C VAL A 40 -8.06 -8.90 4.82
N VAL A 41 -6.85 -8.42 5.12
CA VAL A 41 -6.71 -7.20 5.91
C VAL A 41 -6.92 -5.96 5.04
N PHE A 42 -6.61 -6.08 3.75
CA PHE A 42 -6.81 -4.97 2.82
C PHE A 42 -8.26 -4.93 2.39
N LEU A 43 -8.95 -6.07 2.58
CA LEU A 43 -10.35 -6.17 2.24
C LEU A 43 -11.20 -5.39 3.25
N LEU A 44 -10.66 -5.25 4.46
CA LEU A 44 -11.33 -4.50 5.53
C LEU A 44 -11.29 -3.01 5.25
N VAL A 45 -10.26 -2.58 4.52
CA VAL A 45 -10.08 -1.16 4.19
C VAL A 45 -10.92 -0.76 2.98
N THR A 46 -10.80 -1.51 1.89
CA THR A 46 -11.56 -1.24 0.67
C THR A 46 -13.08 -1.32 0.91
N LEU A 47 -13.52 -2.21 1.81
CA LEU A 47 -14.95 -2.35 2.12
C LEU A 47 -15.45 -1.11 2.86
N ALA A 48 -14.57 -0.55 3.67
CA ALA A 48 -14.84 0.66 4.45
C ALA A 48 -15.10 1.85 3.54
N ILE A 49 -14.63 1.76 2.31
CA ILE A 49 -14.82 2.84 1.34
C ILE A 49 -16.18 2.74 0.66
N LEU A 50 -16.45 1.58 0.07
CA LEU A 50 -17.72 1.35 -0.65
C LEU A 50 -18.93 1.39 0.29
N THR A 51 -18.71 1.05 1.56
CA THR A 51 -19.81 1.06 2.53
C THR A 51 -20.04 2.46 3.09
N ALA A 52 -18.98 3.28 3.09
CA ALA A 52 -19.07 4.65 3.60
C ALA A 52 -19.79 5.58 2.62
N LEU A 53 -19.83 5.16 1.36
CA LEU A 53 -20.49 5.93 0.31
C LEU A 53 -21.83 5.31 -0.07
N ARG A 54 -22.14 4.19 0.61
CA ARG A 54 -23.39 3.45 0.38
C ARG A 54 -23.49 2.93 -1.05
N LEU A 55 -22.80 1.83 -1.33
CA LEU A 55 -22.83 1.23 -2.66
C LEU A 55 -22.39 -0.23 -2.58
N ALA A 56 -22.54 -0.82 -1.40
CA ALA A 56 -22.18 -2.21 -1.17
C ALA A 56 -23.19 -3.15 -1.82
N ALA A 57 -24.25 -2.57 -2.39
CA ALA A 57 -25.29 -3.34 -3.05
C ALA A 57 -24.79 -3.93 -4.36
N TYR A 58 -23.75 -3.31 -4.92
CA TYR A 58 -23.18 -3.77 -6.19
C TYR A 58 -21.95 -4.64 -5.94
N ALA A 59 -21.31 -4.44 -4.78
CA ALA A 59 -20.13 -5.21 -4.43
C ALA A 59 -20.50 -6.54 -3.79
N ALA A 60 -21.80 -6.71 -3.51
CA ALA A 60 -22.29 -7.93 -2.90
C ALA A 60 -22.08 -9.14 -3.83
N ASN A 61 -22.56 -9.01 -5.07
CA ASN A 61 -22.44 -10.09 -6.05
C ASN A 61 -20.98 -10.43 -6.36
N ILE A 62 -20.07 -9.51 -6.04
CA ILE A 62 -18.64 -9.74 -6.27
C ILE A 62 -18.09 -10.78 -5.29
N VAL A 63 -18.55 -10.69 -4.03
CA VAL A 63 -18.11 -11.63 -3.00
C VAL A 63 -18.85 -12.96 -3.13
N ASN A 64 -20.03 -12.91 -3.75
CA ASN A 64 -20.85 -14.11 -3.94
C ASN A 64 -20.56 -14.76 -5.29
N VAL A 65 -19.27 -14.89 -5.61
CA VAL A 65 -18.81 -15.50 -6.86
C VAL A 65 -19.21 -14.67 -8.07
N SER A 66 -18.26 -13.92 -8.61
CA SER A 66 -18.50 -13.09 -9.78
C SER A 66 -17.42 -13.32 -10.84
N LEU A 67 -16.56 -14.30 -10.58
CA LEU A 67 -15.47 -14.62 -11.50
C LEU A 67 -15.87 -15.76 -12.44
N VAL A 68 -16.83 -15.47 -13.32
CA VAL A 68 -17.31 -16.44 -14.29
C VAL A 68 -17.08 -15.92 -15.71
N LYS A 69 -17.14 -14.60 -15.86
CA LYS A 69 -16.92 -13.95 -17.15
C LYS A 69 -15.55 -13.27 -17.20
N PRO A 70 -15.21 -12.40 -16.20
CA PRO A 70 -13.90 -11.73 -16.18
C PRO A 70 -12.82 -12.61 -15.55
N THR A 71 -13.13 -13.89 -15.36
CA THR A 71 -12.20 -14.85 -14.78
C THR A 71 -11.08 -15.19 -15.74
N VAL A 72 -11.32 -14.94 -17.03
CA VAL A 72 -10.35 -15.21 -18.10
C VAL A 72 -9.15 -14.23 -18.03
N TYR A 73 -9.18 -13.31 -17.07
CA TYR A 73 -8.09 -12.33 -16.91
C TYR A 73 -6.81 -12.99 -16.42
N VAL A 74 -6.92 -14.25 -15.98
CA VAL A 74 -5.75 -14.99 -15.50
C VAL A 74 -4.99 -15.58 -16.68
N TYR A 75 -5.70 -15.82 -17.78
CA TYR A 75 -5.10 -16.37 -18.98
C TYR A 75 -4.28 -15.32 -19.71
N SER A 76 -4.61 -14.05 -19.45
CA SER A 76 -3.91 -12.95 -20.08
C SER A 76 -2.66 -12.59 -19.27
N ARG A 77 -2.42 -13.35 -18.19
CA ARG A 77 -1.26 -13.13 -17.34
C ARG A 77 -0.22 -14.22 -17.55
N VAL A 78 -0.69 -15.38 -18.03
CA VAL A 78 0.19 -16.52 -18.28
C VAL A 78 0.99 -16.32 -19.59
N LYS A 79 0.49 -15.44 -20.44
CA LYS A 79 1.15 -15.15 -21.71
C LYS A 79 2.45 -14.37 -21.48
N ASN A 80 2.54 -13.69 -20.34
CA ASN A 80 3.72 -12.92 -19.98
C ASN A 80 4.84 -13.83 -19.47
N LEU A 81 4.46 -14.96 -18.87
CA LEU A 81 5.43 -15.91 -18.35
C LEU A 81 5.20 -17.30 -18.92
N GLU B 24 11.96 -24.57 -1.79
CA GLU B 24 12.73 -23.82 -0.75
C GLU B 24 14.19 -24.27 -0.76
N THR B 25 14.57 -25.01 -1.80
CA THR B 25 15.94 -25.49 -1.94
C THR B 25 16.80 -24.50 -2.71
N GLY B 26 17.15 -23.39 -2.05
CA GLY B 26 17.97 -22.37 -2.69
C GLY B 26 17.19 -21.52 -3.67
N THR B 27 15.88 -21.51 -3.53
CA THR B 27 15.02 -20.73 -4.41
C THR B 27 14.64 -19.40 -3.78
N LEU B 28 15.24 -18.32 -4.27
CA LEU B 28 14.97 -16.98 -3.75
C LEU B 28 14.23 -16.16 -4.80
N ILE B 29 13.68 -16.83 -5.81
CA ILE B 29 12.93 -16.17 -6.85
C ILE B 29 11.44 -16.24 -6.54
N VAL B 30 11.13 -16.78 -5.36
CA VAL B 30 9.75 -16.94 -4.92
C VAL B 30 9.25 -15.70 -4.18
N ASN B 31 10.17 -14.76 -3.94
CA ASN B 31 9.83 -13.52 -3.24
C ASN B 31 9.07 -12.58 -4.18
N SER B 32 9.24 -12.79 -5.48
CA SER B 32 8.55 -11.98 -6.49
C SER B 32 7.22 -12.62 -6.86
N VAL B 33 7.08 -13.90 -6.53
CA VAL B 33 5.85 -14.65 -6.81
C VAL B 33 4.71 -14.16 -5.93
N LEU B 34 5.04 -13.85 -4.68
CA LEU B 34 4.06 -13.35 -3.72
C LEU B 34 3.69 -11.90 -4.05
N LEU B 35 4.59 -11.20 -4.72
CA LEU B 35 4.35 -9.82 -5.11
C LEU B 35 3.38 -9.76 -6.29
N PHE B 36 3.35 -10.85 -7.06
CA PHE B 36 2.44 -10.95 -8.21
C PHE B 36 1.01 -11.17 -7.74
N LEU B 37 0.87 -11.75 -6.56
CA LEU B 37 -0.45 -12.00 -5.98
C LEU B 37 -1.13 -10.68 -5.64
N ALA B 38 -0.37 -9.78 -5.00
CA ALA B 38 -0.89 -8.48 -4.63
C ALA B 38 -1.02 -7.56 -5.85
N PHE B 39 -0.29 -7.91 -6.91
CA PHE B 39 -0.31 -7.15 -8.15
C PHE B 39 -1.58 -7.49 -8.93
N VAL B 40 -2.22 -8.60 -8.56
CA VAL B 40 -3.42 -9.06 -9.22
C VAL B 40 -4.69 -8.51 -8.56
N VAL B 41 -4.70 -8.44 -7.23
CA VAL B 41 -5.87 -7.92 -6.53
C VAL B 41 -5.96 -6.41 -6.64
N PHE B 42 -4.81 -5.77 -6.87
CA PHE B 42 -4.77 -4.33 -7.04
C PHE B 42 -5.24 -3.98 -8.44
N LEU B 43 -5.18 -4.98 -9.32
CA LEU B 43 -5.62 -4.83 -10.69
C LEU B 43 -7.15 -4.88 -10.76
N LEU B 44 -7.76 -5.45 -9.72
CA LEU B 44 -9.20 -5.56 -9.64
C LEU B 44 -9.83 -4.29 -9.07
N VAL B 45 -9.04 -3.54 -8.30
CA VAL B 45 -9.51 -2.31 -7.70
C VAL B 45 -9.36 -1.14 -8.67
N THR B 46 -8.23 -1.14 -9.40
CA THR B 46 -7.94 -0.09 -10.36
C THR B 46 -8.84 -0.18 -11.62
N LEU B 47 -9.22 -1.41 -12.02
CA LEU B 47 -10.08 -1.61 -13.20
C LEU B 47 -11.49 -1.09 -12.93
N ALA B 48 -11.90 -1.23 -11.67
CA ALA B 48 -13.22 -0.81 -11.21
C ALA B 48 -13.39 0.70 -11.31
N ILE B 49 -12.29 1.43 -11.43
CA ILE B 49 -12.33 2.88 -11.55
C ILE B 49 -12.56 3.31 -13.00
N LEU B 50 -11.70 2.84 -13.90
CA LEU B 50 -11.80 3.20 -15.32
C LEU B 50 -13.09 2.66 -15.95
N THR B 51 -13.60 1.55 -15.42
CA THR B 51 -14.83 0.97 -15.93
C THR B 51 -16.04 1.73 -15.37
N ALA B 52 -15.87 2.30 -14.17
CA ALA B 52 -16.94 3.07 -13.52
C ALA B 52 -17.11 4.45 -14.14
N LEU B 53 -16.03 4.96 -14.73
CA LEU B 53 -16.04 6.26 -15.37
C LEU B 53 -16.24 6.14 -16.87
N ARG B 54 -16.32 4.88 -17.34
CA ARG B 54 -16.52 4.56 -18.75
C ARG B 54 -15.36 5.02 -19.63
N LEU B 55 -14.26 4.27 -19.58
CA LEU B 55 -13.08 4.56 -20.37
C LEU B 55 -12.24 3.30 -20.55
N ALA B 56 -12.93 2.16 -20.57
CA ALA B 56 -12.29 0.86 -20.73
C ALA B 56 -11.91 0.62 -22.19
N ALA B 57 -12.17 1.62 -23.03
CA ALA B 57 -11.87 1.53 -24.45
C ALA B 57 -10.41 1.86 -24.72
N TYR B 58 -9.80 2.61 -23.81
CA TYR B 58 -8.41 3.02 -23.95
C TYR B 58 -7.49 2.09 -23.15
N ALA B 59 -8.04 1.47 -22.12
CA ALA B 59 -7.28 0.55 -21.28
C ALA B 59 -7.24 -0.85 -21.88
N ALA B 60 -8.19 -1.12 -22.78
CA ALA B 60 -8.26 -2.42 -23.43
C ALA B 60 -6.94 -2.77 -24.12
N ASN B 61 -6.49 -1.89 -24.99
CA ASN B 61 -5.24 -2.10 -25.71
C ASN B 61 -4.07 -2.24 -24.75
N ILE B 62 -4.15 -1.61 -23.58
CA ILE B 62 -3.06 -1.69 -22.60
C ILE B 62 -2.85 -3.14 -22.13
N VAL B 63 -3.94 -3.85 -21.85
CA VAL B 63 -3.86 -5.24 -21.40
C VAL B 63 -3.52 -6.18 -22.55
N ASN B 64 -3.86 -5.77 -23.77
CA ASN B 64 -3.59 -6.58 -24.95
C ASN B 64 -2.23 -6.23 -25.55
N VAL B 65 -1.19 -6.27 -24.72
CA VAL B 65 0.19 -5.97 -25.13
C VAL B 65 0.34 -4.52 -25.58
N SER B 66 0.91 -3.69 -24.71
CA SER B 66 1.13 -2.29 -25.01
C SER B 66 2.53 -1.87 -24.59
N LEU B 67 3.30 -2.83 -24.09
CA LEU B 67 4.67 -2.58 -23.65
C LEU B 67 5.65 -2.85 -24.78
N VAL B 68 5.54 -2.08 -25.86
CA VAL B 68 6.41 -2.21 -27.01
C VAL B 68 7.28 -0.98 -27.18
N LYS B 69 6.74 0.18 -26.82
CA LYS B 69 7.46 1.44 -26.92
C LYS B 69 7.94 1.91 -25.54
N PRO B 70 7.04 1.98 -24.51
CA PRO B 70 7.43 2.40 -23.17
C PRO B 70 8.02 1.26 -22.35
N THR B 71 8.37 0.16 -23.03
CA THR B 71 8.96 -1.01 -22.40
C THR B 71 10.40 -0.74 -21.97
N VAL B 72 11.00 0.28 -22.57
CA VAL B 72 12.38 0.66 -22.28
C VAL B 72 12.50 1.36 -20.91
N TYR B 73 11.38 1.49 -20.20
CA TYR B 73 11.37 2.12 -18.89
C TYR B 73 12.08 1.24 -17.84
N VAL B 74 12.33 -0.02 -18.20
CA VAL B 74 13.01 -0.94 -17.30
C VAL B 74 14.53 -0.73 -17.37
N TYR B 75 15.00 -0.23 -18.50
CA TYR B 75 16.42 0.03 -18.69
C TYR B 75 16.86 1.27 -17.92
N SER B 76 15.90 2.16 -17.65
CA SER B 76 16.18 3.37 -16.91
C SER B 76 16.14 3.10 -15.40
N ARG B 77 15.93 1.84 -15.05
CA ARG B 77 15.87 1.42 -13.65
C ARG B 77 17.13 0.63 -13.29
N VAL B 78 17.77 0.04 -14.30
CA VAL B 78 18.98 -0.73 -14.10
C VAL B 78 20.21 0.18 -13.99
N LYS B 79 20.07 1.41 -14.49
CA LYS B 79 21.16 2.38 -14.45
C LYS B 79 21.51 2.74 -13.01
N ASN B 80 20.54 2.62 -12.11
CA ASN B 80 20.74 2.93 -10.71
C ASN B 80 21.41 1.77 -9.97
N LEU B 81 20.87 0.56 -10.15
CA LEU B 81 21.42 -0.62 -9.50
C LEU B 81 22.27 -1.45 -10.46
N GLU C 24 25.86 -14.72 5.90
CA GLU C 24 25.00 -14.57 7.06
C GLU C 24 25.78 -14.74 8.35
N THR C 25 27.03 -14.29 8.35
CA THR C 25 27.89 -14.38 9.51
C THR C 25 27.91 -13.07 10.29
N GLY C 26 26.79 -12.75 10.94
CA GLY C 26 26.70 -11.53 11.71
C GLY C 26 26.30 -10.33 10.85
N THR C 27 25.67 -10.61 9.72
CA THR C 27 25.22 -9.56 8.81
C THR C 27 23.72 -9.31 8.95
N LEU C 28 23.37 -8.24 9.65
CA LEU C 28 21.98 -7.87 9.88
C LEU C 28 21.54 -6.78 8.89
N ILE C 29 22.51 -6.20 8.18
CA ILE C 29 22.24 -5.15 7.22
C ILE C 29 21.41 -5.68 6.05
N VAL C 30 21.40 -7.00 5.88
CA VAL C 30 20.63 -7.64 4.79
C VAL C 30 19.12 -7.40 4.92
N ASN C 31 18.68 -6.93 6.08
CA ASN C 31 17.26 -6.65 6.32
C ASN C 31 16.77 -5.44 5.51
N SER C 32 17.71 -4.69 4.93
CA SER C 32 17.36 -3.52 4.14
C SER C 32 17.51 -3.82 2.66
N VAL C 33 18.18 -4.92 2.35
CA VAL C 33 18.38 -5.34 0.97
C VAL C 33 17.08 -5.86 0.39
N LEU C 34 16.27 -6.49 1.25
CA LEU C 34 14.97 -7.00 0.85
C LEU C 34 13.98 -5.85 0.69
N LEU C 35 14.27 -4.73 1.36
CA LEU C 35 13.43 -3.55 1.29
C LEU C 35 13.66 -2.82 -0.04
N PHE C 36 14.85 -2.99 -0.60
CA PHE C 36 15.20 -2.38 -1.89
C PHE C 36 14.43 -3.09 -3.01
N LEU C 37 14.05 -4.34 -2.76
CA LEU C 37 13.30 -5.13 -3.73
C LEU C 37 11.83 -4.70 -3.72
N ALA C 38 11.35 -4.30 -2.56
CA ALA C 38 9.97 -3.85 -2.40
C ALA C 38 9.83 -2.39 -2.82
N PHE C 39 10.97 -1.73 -3.02
CA PHE C 39 10.99 -0.33 -3.41
C PHE C 39 11.14 -0.22 -4.93
N VAL C 40 11.70 -1.24 -5.56
CA VAL C 40 11.89 -1.24 -7.00
C VAL C 40 10.61 -1.70 -7.71
N VAL C 41 9.77 -2.44 -7.00
CA VAL C 41 8.51 -2.93 -7.56
C VAL C 41 7.43 -1.84 -7.45
N PHE C 42 7.57 -0.96 -6.45
CA PHE C 42 6.63 0.13 -6.27
C PHE C 42 6.94 1.25 -7.25
N LEU C 43 8.15 1.18 -7.82
CA LEU C 43 8.60 2.15 -8.80
C LEU C 43 7.92 1.90 -10.15
N LEU C 44 7.50 0.65 -10.36
CA LEU C 44 6.81 0.26 -11.60
C LEU C 44 5.36 0.73 -11.57
N VAL C 45 4.84 0.98 -10.37
CA VAL C 45 3.47 1.42 -10.20
C VAL C 45 3.36 2.94 -10.27
N THR C 46 4.14 3.63 -9.44
CA THR C 46 4.14 5.10 -9.41
C THR C 46 4.57 5.70 -10.76
N LEU C 47 5.37 4.96 -11.52
CA LEU C 47 5.83 5.42 -12.83
C LEU C 47 4.70 5.38 -13.85
N ALA C 48 3.81 4.41 -13.71
CA ALA C 48 2.68 4.28 -14.62
C ALA C 48 1.61 5.34 -14.37
N ILE C 49 1.77 6.12 -13.29
CA ILE C 49 0.82 7.18 -12.96
C ILE C 49 1.22 8.49 -13.64
N LEU C 50 2.47 8.88 -13.47
CA LEU C 50 2.99 10.11 -14.07
C LEU C 50 3.10 9.98 -15.58
N THR C 51 3.21 8.73 -16.05
CA THR C 51 3.27 8.46 -17.48
C THR C 51 1.87 8.44 -18.08
N ALA C 52 0.88 8.07 -17.26
CA ALA C 52 -0.51 8.04 -17.71
C ALA C 52 -1.09 9.44 -17.83
N LEU C 53 -0.52 10.37 -17.07
CA LEU C 53 -0.98 11.75 -17.07
C LEU C 53 -0.08 12.62 -17.95
N ARG C 54 0.98 12.00 -18.50
CA ARG C 54 1.95 12.67 -19.37
C ARG C 54 2.65 13.84 -18.66
N LEU C 55 3.63 13.50 -17.83
CA LEU C 55 4.41 14.48 -17.10
C LEU C 55 5.76 13.89 -16.70
N ALA C 56 6.22 12.93 -17.49
CA ALA C 56 7.50 12.27 -17.25
C ALA C 56 8.68 13.15 -17.65
N ALA C 57 8.38 14.37 -18.08
CA ALA C 57 9.41 15.31 -18.49
C ALA C 57 10.05 15.95 -17.26
N TYR C 58 9.29 15.99 -16.17
CA TYR C 58 9.77 16.56 -14.91
C TYR C 58 10.30 15.45 -14.02
N ALA C 59 9.92 14.21 -14.33
CA ALA C 59 10.36 13.04 -13.57
C ALA C 59 11.62 12.42 -14.19
N ALA C 60 12.08 13.01 -15.29
CA ALA C 60 13.27 12.52 -15.98
C ALA C 60 14.54 12.97 -15.28
N ASN C 61 14.51 14.20 -14.75
CA ASN C 61 15.67 14.76 -14.05
C ASN C 61 15.80 14.15 -12.66
N ILE C 62 14.69 13.59 -12.14
CA ILE C 62 14.70 12.97 -10.83
C ILE C 62 15.60 11.73 -10.82
N VAL C 63 15.49 10.93 -11.88
CA VAL C 63 16.30 9.72 -12.02
C VAL C 63 17.73 10.07 -12.40
N ASN C 64 17.92 11.25 -12.97
CA ASN C 64 19.25 11.71 -13.39
C ASN C 64 19.90 12.53 -12.27
N VAL C 65 19.66 12.12 -11.02
CA VAL C 65 20.22 12.79 -9.83
C VAL C 65 19.56 14.15 -9.57
N SER C 66 18.84 14.24 -8.47
CA SER C 66 18.17 15.48 -8.07
C SER C 66 18.31 15.71 -6.57
N LEU C 67 19.13 14.88 -5.92
CA LEU C 67 19.34 14.98 -4.48
C LEU C 67 20.62 15.76 -4.17
N VAL C 68 20.63 17.04 -4.54
CA VAL C 68 21.78 17.92 -4.30
C VAL C 68 21.38 19.06 -3.38
N LYS C 69 20.08 19.36 -3.34
CA LYS C 69 19.55 20.43 -2.51
C LYS C 69 18.64 19.88 -1.39
N PRO C 70 17.62 19.06 -1.72
CA PRO C 70 16.71 18.49 -0.72
C PRO C 70 17.26 17.20 -0.09
N THR C 71 18.56 16.97 -0.27
CA THR C 71 19.24 15.80 0.26
C THR C 71 19.48 15.93 1.77
N VAL C 72 19.42 17.17 2.24
CA VAL C 72 19.61 17.47 3.66
C VAL C 72 18.41 16.97 4.49
N TYR C 73 17.40 16.40 3.82
CA TYR C 73 16.22 15.88 4.49
C TYR C 73 16.58 14.68 5.36
N VAL C 74 17.71 14.04 5.07
CA VAL C 74 18.17 12.89 5.85
C VAL C 74 18.69 13.34 7.20
N TYR C 75 19.28 14.53 7.25
CA TYR C 75 19.84 15.08 8.49
C TYR C 75 18.75 15.44 9.49
N SER C 76 17.57 15.79 8.99
CA SER C 76 16.45 16.15 9.87
C SER C 76 15.78 14.90 10.41
N ARG C 77 16.31 13.74 10.04
CA ARG C 77 15.80 12.45 10.50
C ARG C 77 16.75 11.84 11.52
N VAL C 78 17.97 12.39 11.58
CA VAL C 78 18.99 11.92 12.51
C VAL C 78 18.84 12.62 13.86
N LYS C 79 18.09 13.72 13.89
CA LYS C 79 17.85 14.46 15.13
C LYS C 79 16.89 13.71 16.04
N ASN C 80 16.06 12.85 15.43
CA ASN C 80 15.10 12.04 16.19
C ASN C 80 15.74 10.75 16.69
N LEU C 81 16.24 9.94 15.77
CA LEU C 81 16.88 8.68 16.12
C LEU C 81 18.40 8.86 16.26
N GLU D 24 19.65 -10.86 15.88
CA GLU D 24 18.45 -11.72 15.70
C GLU D 24 18.36 -12.76 16.82
N THR D 25 18.67 -12.35 18.05
CA THR D 25 18.62 -13.25 19.19
C THR D 25 17.33 -13.07 19.98
N GLY D 26 16.21 -13.48 19.39
CA GLY D 26 14.93 -13.36 20.05
C GLY D 26 14.39 -11.94 20.02
N THR D 27 14.79 -11.22 18.98
CA THR D 27 14.36 -9.84 18.81
C THR D 27 13.27 -9.76 17.74
N LEU D 28 12.02 -9.82 18.17
CA LEU D 28 10.91 -9.75 17.24
C LEU D 28 10.47 -8.30 17.03
N ILE D 29 11.26 -7.37 17.58
CA ILE D 29 10.97 -5.95 17.45
C ILE D 29 11.60 -5.40 16.17
N VAL D 30 12.25 -6.27 15.40
CA VAL D 30 12.88 -5.87 14.14
C VAL D 30 11.83 -5.80 13.03
N ASN D 31 10.66 -6.33 13.30
CA ASN D 31 9.56 -6.33 12.34
C ASN D 31 9.01 -4.91 12.17
N SER D 32 9.29 -4.06 13.15
CA SER D 32 8.84 -2.67 13.12
C SER D 32 9.88 -1.78 12.45
N VAL D 33 11.14 -2.24 12.45
CA VAL D 33 12.23 -1.50 11.85
C VAL D 33 12.07 -1.44 10.32
N LEU D 34 11.65 -2.56 9.74
CA LEU D 34 11.45 -2.63 8.30
C LEU D 34 10.19 -1.87 7.88
N LEU D 35 9.28 -1.67 8.83
CA LEU D 35 8.04 -0.94 8.57
C LEU D 35 8.32 0.55 8.52
N PHE D 36 9.40 0.97 9.18
CA PHE D 36 9.78 2.38 9.21
C PHE D 36 10.36 2.78 7.85
N LEU D 37 10.91 1.81 7.13
CA LEU D 37 11.46 2.05 5.80
C LEU D 37 10.32 2.20 4.81
N ALA D 38 9.23 1.49 5.06
CA ALA D 38 8.06 1.54 4.19
C ALA D 38 7.19 2.75 4.53
N PHE D 39 7.48 3.37 5.67
CA PHE D 39 6.73 4.54 6.11
C PHE D 39 7.42 5.82 5.67
N VAL D 40 8.73 5.75 5.47
CA VAL D 40 9.50 6.91 5.04
C VAL D 40 9.48 7.06 3.51
N VAL D 41 9.28 5.96 2.80
CA VAL D 41 9.23 6.00 1.34
C VAL D 41 7.87 6.50 0.87
N PHE D 42 6.84 6.28 1.70
CA PHE D 42 5.49 6.74 1.39
C PHE D 42 5.37 8.21 1.76
N LEU D 43 6.31 8.67 2.59
CA LEU D 43 6.33 10.06 3.02
C LEU D 43 6.81 10.96 1.89
N LEU D 44 7.57 10.38 0.96
CA LEU D 44 8.09 11.13 -0.19
C LEU D 44 7.01 11.31 -1.26
N VAL D 45 5.97 10.49 -1.17
CA VAL D 45 4.85 10.55 -2.11
C VAL D 45 3.79 11.53 -1.61
N THR D 46 3.47 11.43 -0.32
CA THR D 46 2.47 12.31 0.30
C THR D 46 2.93 13.78 0.31
N LEU D 47 4.25 14.02 0.42
CA LEU D 47 4.81 15.36 0.45
C LEU D 47 4.72 16.01 -0.93
N ALA D 48 4.80 15.18 -1.98
CA ALA D 48 4.73 15.65 -3.36
C ALA D 48 3.31 16.09 -3.73
N ILE D 49 2.35 15.85 -2.85
CA ILE D 49 0.97 16.23 -3.09
C ILE D 49 0.66 17.59 -2.47
N LEU D 50 1.06 17.77 -1.22
CA LEU D 50 0.84 19.03 -0.51
C LEU D 50 1.77 20.13 -1.02
N THR D 51 2.91 19.72 -1.59
CA THR D 51 3.88 20.67 -2.13
C THR D 51 3.49 21.06 -3.56
N ALA D 52 2.82 20.15 -4.27
CA ALA D 52 2.37 20.41 -5.65
C ALA D 52 1.16 21.31 -5.68
N LEU D 53 0.43 21.35 -4.57
CA LEU D 53 -0.77 22.19 -4.45
C LEU D 53 -0.46 23.48 -3.70
N ARG D 54 0.79 23.60 -3.24
CA ARG D 54 1.27 24.77 -2.50
C ARG D 54 0.53 24.97 -1.18
N LEU D 55 0.96 24.25 -0.15
CA LEU D 55 0.36 24.36 1.18
C LEU D 55 1.31 23.80 2.24
N ALA D 56 2.60 23.94 1.97
CA ALA D 56 3.64 23.47 2.88
C ALA D 56 3.76 24.38 4.09
N ALA D 57 3.04 25.51 4.05
CA ALA D 57 3.05 26.48 5.14
C ALA D 57 2.33 25.92 6.36
N TYR D 58 1.36 25.04 6.13
CA TYR D 58 0.59 24.43 7.20
C TYR D 58 1.16 23.07 7.59
N ALA D 59 1.93 22.48 6.68
CA ALA D 59 2.55 21.18 6.92
C ALA D 59 3.86 21.33 7.68
N ALA D 60 4.43 22.52 7.63
CA ALA D 60 5.70 22.79 8.30
C ALA D 60 5.60 22.46 9.79
N ASN D 61 4.62 23.05 10.47
CA ASN D 61 4.43 22.82 11.91
C ASN D 61 4.26 21.33 12.23
N ILE D 62 3.78 20.55 11.26
CA ILE D 62 3.58 19.12 11.49
C ILE D 62 4.91 18.40 11.72
N VAL D 63 5.91 18.74 10.92
CA VAL D 63 7.24 18.14 11.04
C VAL D 63 8.00 18.72 12.23
N ASN D 64 7.59 19.90 12.67
CA ASN D 64 8.21 20.56 13.81
C ASN D 64 7.50 20.21 15.11
N VAL D 65 7.00 18.97 15.18
CA VAL D 65 6.28 18.46 16.36
C VAL D 65 4.90 19.09 16.50
N SER D 66 3.87 18.25 16.36
CA SER D 66 2.48 18.71 16.49
C SER D 66 1.66 17.71 17.30
N LEU D 67 2.35 16.75 17.92
CA LEU D 67 1.69 15.73 18.72
C LEU D 67 1.71 16.08 20.21
N VAL D 68 1.02 17.16 20.55
CA VAL D 68 0.94 17.62 21.93
C VAL D 68 -0.51 17.64 22.40
N LYS D 69 -1.44 17.72 21.44
CA LYS D 69 -2.87 17.75 21.74
C LYS D 69 -3.58 16.51 21.20
N PRO D 70 -3.44 16.17 19.88
CA PRO D 70 -4.10 14.99 19.31
C PRO D 70 -3.29 13.70 19.50
N THR D 71 -2.29 13.77 20.38
CA THR D 71 -1.42 12.65 20.68
C THR D 71 -2.14 11.61 21.54
N VAL D 72 -3.24 12.03 22.16
CA VAL D 72 -4.06 11.15 22.99
C VAL D 72 -4.82 10.10 22.15
N TYR D 73 -4.71 10.20 20.81
CA TYR D 73 -5.39 9.25 19.91
C TYR D 73 -4.82 7.83 20.09
N VAL D 74 -3.63 7.74 20.69
CA VAL D 74 -2.97 6.45 20.92
C VAL D 74 -3.57 5.73 22.14
N TYR D 75 -4.07 6.51 23.10
CA TYR D 75 -4.67 5.96 24.30
C TYR D 75 -6.02 5.32 24.01
N SER D 76 -6.69 5.83 22.99
CA SER D 76 -8.00 5.30 22.60
C SER D 76 -7.81 4.10 21.66
N ARG D 77 -6.55 3.71 21.46
CA ARG D 77 -6.22 2.56 20.63
C ARG D 77 -5.82 1.38 21.51
N VAL D 78 -5.37 1.68 22.72
CA VAL D 78 -4.96 0.65 23.68
C VAL D 78 -6.18 0.04 24.37
N LYS D 79 -7.30 0.74 24.31
CA LYS D 79 -8.54 0.28 24.92
C LYS D 79 -9.14 -0.91 24.16
N ASN D 80 -8.76 -1.04 22.89
CA ASN D 80 -9.25 -2.14 22.05
C ASN D 80 -8.42 -3.40 22.27
N LEU D 81 -7.09 -3.22 22.36
CA LEU D 81 -6.19 -4.35 22.57
C LEU D 81 -5.66 -4.37 24.00
N GLU E 24 9.50 -18.60 20.31
CA GLU E 24 9.30 -19.13 18.97
C GLU E 24 9.13 -20.65 19.01
N THR E 25 8.49 -21.14 20.08
CA THR E 25 8.26 -22.57 20.24
C THR E 25 6.85 -22.95 19.80
N GLY E 26 6.60 -22.89 18.50
CA GLY E 26 5.29 -23.23 17.98
C GLY E 26 4.33 -22.05 18.00
N THR E 27 4.88 -20.85 18.05
CA THR E 27 4.06 -19.64 18.09
C THR E 27 3.82 -19.10 16.68
N LEU E 28 2.89 -19.73 15.97
CA LEU E 28 2.56 -19.32 14.61
C LEU E 28 1.71 -18.05 14.62
N ILE E 29 1.11 -17.76 15.76
CA ILE E 29 0.27 -16.60 15.93
C ILE E 29 1.07 -15.28 15.95
N VAL E 30 2.33 -15.31 15.50
CA VAL E 30 3.15 -14.11 15.48
C VAL E 30 3.05 -13.45 14.10
N ASN E 31 2.44 -14.19 13.17
CA ASN E 31 2.25 -13.71 11.81
C ASN E 31 1.21 -12.58 11.78
N SER E 32 0.37 -12.53 12.81
CA SER E 32 -0.67 -11.50 12.92
C SER E 32 -0.19 -10.35 13.79
N VAL E 33 0.86 -10.61 14.59
CA VAL E 33 1.43 -9.58 15.47
C VAL E 33 2.14 -8.51 14.64
N LEU E 34 2.82 -8.96 13.59
CA LEU E 34 3.53 -8.04 12.70
C LEU E 34 2.54 -7.29 11.82
N LEU E 35 1.34 -7.85 11.68
CA LEU E 35 0.28 -7.23 10.89
C LEU E 35 -0.39 -6.12 11.68
N PHE E 36 -0.41 -6.28 13.01
CA PHE E 36 -1.00 -5.28 13.89
C PHE E 36 -0.18 -4.00 13.86
N LEU E 37 1.11 -4.16 13.58
CA LEU E 37 2.03 -3.04 13.50
C LEU E 37 1.82 -2.28 12.20
N ALA E 38 1.47 -3.00 11.14
CA ALA E 38 1.22 -2.40 9.84
C ALA E 38 -0.16 -1.76 9.80
N PHE E 39 -0.94 -2.05 10.84
CA PHE E 39 -2.30 -1.52 10.96
C PHE E 39 -2.29 -0.16 11.68
N VAL E 40 -1.39 -0.02 12.65
CA VAL E 40 -1.28 1.21 13.42
C VAL E 40 -0.51 2.29 12.66
N VAL E 41 0.41 1.90 11.77
CA VAL E 41 1.19 2.86 11.00
C VAL E 41 0.35 3.49 9.88
N PHE E 42 -0.59 2.68 9.35
CA PHE E 42 -1.48 3.15 8.30
C PHE E 42 -2.58 4.01 8.90
N LEU E 43 -2.72 3.91 10.23
CA LEU E 43 -3.73 4.66 10.97
C LEU E 43 -3.33 6.14 11.03
N LEU E 44 -2.02 6.41 10.95
CA LEU E 44 -1.52 7.78 11.00
C LEU E 44 -1.80 8.49 9.68
N VAL E 45 -1.82 7.73 8.59
CA VAL E 45 -2.07 8.27 7.26
C VAL E 45 -3.55 8.62 7.10
N THR E 46 -4.41 7.62 7.29
CA THR E 46 -5.86 7.81 7.18
C THR E 46 -6.38 8.92 8.13
N LEU E 47 -5.78 9.05 9.32
CA LEU E 47 -6.19 10.08 10.29
C LEU E 47 -5.83 11.46 9.78
N ALA E 48 -4.67 11.55 9.14
CA ALA E 48 -4.15 12.79 8.57
C ALA E 48 -5.09 13.33 7.49
N ILE E 49 -5.91 12.45 6.94
CA ILE E 49 -6.86 12.82 5.90
C ILE E 49 -8.16 13.39 6.49
N LEU E 50 -8.75 12.68 7.44
CA LEU E 50 -10.00 13.13 8.06
C LEU E 50 -9.78 14.34 8.97
N THR E 51 -8.56 14.51 9.48
CA THR E 51 -8.24 15.64 10.33
C THR E 51 -7.96 16.89 9.50
N ALA E 52 -7.40 16.69 8.32
CA ALA E 52 -7.09 17.80 7.40
C ALA E 52 -8.34 18.34 6.71
N LEU E 53 -9.36 17.51 6.64
CA LEU E 53 -10.62 17.91 6.02
C LEU E 53 -11.60 18.36 7.10
N ARG E 54 -11.14 18.29 8.36
CA ARG E 54 -11.93 18.69 9.53
C ARG E 54 -13.21 17.86 9.66
N LEU E 55 -13.09 16.68 10.25
CA LEU E 55 -14.25 15.81 10.44
C LEU E 55 -13.93 14.74 11.47
N ALA E 56 -13.00 15.09 12.36
CA ALA E 56 -12.58 14.19 13.41
C ALA E 56 -13.66 14.07 14.48
N ALA E 57 -14.70 14.90 14.36
CA ALA E 57 -15.82 14.88 15.30
C ALA E 57 -16.67 13.63 15.10
N TYR E 58 -16.60 13.06 13.90
CA TYR E 58 -17.37 11.86 13.58
C TYR E 58 -16.52 10.61 13.74
N ALA E 59 -15.20 10.77 13.61
CA ALA E 59 -14.27 9.66 13.74
C ALA E 59 -13.92 9.39 15.20
N ALA E 60 -14.14 10.39 16.04
CA ALA E 60 -13.85 10.27 17.47
C ALA E 60 -14.57 9.08 18.08
N ASN E 61 -15.89 9.00 17.87
CA ASN E 61 -16.69 7.90 18.43
C ASN E 61 -16.22 6.53 17.93
N ILE E 62 -15.58 6.50 16.76
CA ILE E 62 -15.07 5.25 16.19
C ILE E 62 -13.90 4.71 17.01
N VAL E 63 -13.02 5.61 17.44
CA VAL E 63 -11.86 5.23 18.25
C VAL E 63 -12.30 4.97 19.70
N ASN E 64 -13.51 5.41 20.03
CA ASN E 64 -14.06 5.24 21.37
C ASN E 64 -15.05 4.09 21.40
N VAL E 65 -14.73 3.02 20.65
CA VAL E 65 -15.57 1.82 20.58
C VAL E 65 -16.86 2.08 19.79
N SER E 66 -16.91 1.54 18.57
CA SER E 66 -18.07 1.68 17.71
C SER E 66 -18.48 0.33 17.14
N LEU E 67 -17.77 -0.71 17.56
CA LEU E 67 -18.04 -2.07 17.10
C LEU E 67 -19.03 -2.78 18.01
N VAL E 68 -20.28 -2.35 17.95
CA VAL E 68 -21.34 -2.92 18.76
C VAL E 68 -22.50 -3.39 17.88
N LYS E 69 -22.81 -2.58 16.88
CA LYS E 69 -23.87 -2.89 15.94
C LYS E 69 -23.30 -3.50 14.66
N PRO E 70 -22.30 -2.85 14.02
CA PRO E 70 -21.68 -3.38 12.80
C PRO E 70 -20.56 -4.39 13.10
N THR E 71 -20.47 -4.82 14.36
CA THR E 71 -19.46 -5.77 14.78
C THR E 71 -19.76 -7.16 14.25
N VAL E 72 -21.02 -7.37 13.83
CA VAL E 72 -21.45 -8.63 13.26
C VAL E 72 -20.84 -8.91 11.88
N TYR E 73 -20.06 -7.95 11.36
CA TYR E 73 -19.41 -8.12 10.07
C TYR E 73 -18.37 -9.23 10.13
N VAL E 74 -17.94 -9.58 11.35
CA VAL E 74 -16.97 -10.64 11.54
C VAL E 74 -17.64 -12.01 11.39
N TYR E 75 -18.93 -12.07 11.68
CA TYR E 75 -19.68 -13.31 11.55
C TYR E 75 -19.94 -13.65 10.09
N SER E 76 -20.00 -12.61 9.25
CA SER E 76 -20.22 -12.79 7.82
C SER E 76 -18.92 -13.12 7.09
N ARG E 77 -17.87 -13.36 7.86
CA ARG E 77 -16.57 -13.70 7.29
C ARG E 77 -16.21 -15.15 7.61
N VAL E 78 -16.79 -15.67 8.70
CA VAL E 78 -16.55 -17.04 9.12
C VAL E 78 -17.34 -18.02 8.26
N LYS E 79 -18.33 -17.51 7.54
CA LYS E 79 -19.14 -18.34 6.66
C LYS E 79 -18.37 -18.71 5.39
N ASN E 80 -17.38 -17.88 5.03
CA ASN E 80 -16.55 -18.13 3.85
C ASN E 80 -15.51 -19.21 4.12
N LEU E 81 -15.14 -19.37 5.39
CA LEU E 81 -14.14 -20.38 5.78
C LEU E 81 -14.69 -21.28 6.88
N GLU A 24 5.51 -28.07 7.41
CA GLU A 24 6.53 -27.16 6.84
C GLU A 24 7.61 -27.96 6.09
N THR A 25 7.21 -29.05 5.48
CA THR A 25 8.14 -29.90 4.73
C THR A 25 8.09 -29.56 3.25
N GLY A 26 8.85 -28.54 2.85
CA GLY A 26 8.88 -28.12 1.46
C GLY A 26 7.64 -27.34 1.07
N THR A 27 6.91 -26.83 2.05
CA THR A 27 5.68 -26.08 1.76
C THR A 27 5.98 -24.59 1.60
N LEU A 28 6.32 -24.20 0.37
CA LEU A 28 6.61 -22.80 0.09
C LEU A 28 5.34 -22.08 -0.38
N ILE A 29 4.21 -22.80 -0.29
CA ILE A 29 2.92 -22.25 -0.69
C ILE A 29 2.25 -21.56 0.49
N VAL A 30 2.96 -21.49 1.62
CA VAL A 30 2.45 -20.84 2.82
C VAL A 30 2.62 -19.32 2.71
N ASN A 31 3.42 -18.90 1.73
CA ASN A 31 3.68 -17.48 1.49
C ASN A 31 2.43 -16.82 0.88
N SER A 32 1.53 -17.64 0.35
CA SER A 32 0.30 -17.15 -0.25
C SER A 32 -0.79 -17.08 0.80
N VAL A 33 -0.63 -17.85 1.87
CA VAL A 33 -1.59 -17.86 2.96
C VAL A 33 -1.51 -16.57 3.76
N LEU A 34 -0.28 -16.06 3.94
CA LEU A 34 -0.08 -14.81 4.66
C LEU A 34 -0.46 -13.62 3.79
N LEU A 35 -0.55 -13.85 2.48
CA LEU A 35 -0.93 -12.81 1.53
C LEU A 35 -2.43 -12.57 1.58
N PHE A 36 -3.19 -13.63 1.90
CA PHE A 36 -4.64 -13.54 2.00
C PHE A 36 -5.02 -12.76 3.27
N LEU A 37 -4.12 -12.78 4.24
CA LEU A 37 -4.32 -12.08 5.50
C LEU A 37 -4.03 -10.59 5.31
N ALA A 38 -3.11 -10.29 4.39
CA ALA A 38 -2.74 -8.90 4.10
C ALA A 38 -3.73 -8.30 3.10
N PHE A 39 -4.59 -9.16 2.54
CA PHE A 39 -5.58 -8.73 1.58
C PHE A 39 -6.94 -8.50 2.26
N VAL A 40 -7.15 -9.21 3.36
CA VAL A 40 -8.41 -9.10 4.10
C VAL A 40 -8.40 -7.88 5.03
N VAL A 41 -7.20 -7.42 5.40
CA VAL A 41 -7.07 -6.25 6.26
C VAL A 41 -7.30 -4.97 5.46
N PHE A 42 -6.93 -5.01 4.18
CA PHE A 42 -7.12 -3.87 3.29
C PHE A 42 -8.59 -3.73 2.93
N LEU A 43 -9.36 -4.78 3.24
CA LEU A 43 -10.80 -4.78 2.97
C LEU A 43 -11.54 -3.94 4.00
N LEU A 44 -10.91 -3.70 5.15
CA LEU A 44 -11.52 -2.90 6.21
C LEU A 44 -11.26 -1.41 5.93
N VAL A 45 -10.29 -1.14 5.07
CA VAL A 45 -9.95 0.23 4.73
C VAL A 45 -10.74 0.70 3.50
N THR A 46 -10.79 -0.15 2.48
CA THR A 46 -11.52 0.16 1.25
C THR A 46 -13.03 0.21 1.48
N LEU A 47 -13.52 -0.62 2.42
CA LEU A 47 -14.94 -0.64 2.76
C LEU A 47 -15.34 0.62 3.52
N ALA A 48 -14.37 1.17 4.26
CA ALA A 48 -14.61 2.38 5.06
C ALA A 48 -14.72 3.60 4.16
N ILE A 49 -14.19 3.49 2.95
CA ILE A 49 -14.23 4.58 1.99
C ILE A 49 -15.57 4.63 1.27
N LEU A 50 -15.96 3.51 0.65
CA LEU A 50 -17.22 3.44 -0.09
C LEU A 50 -18.45 3.58 0.82
N THR A 51 -18.33 3.15 2.07
CA THR A 51 -19.44 3.27 3.00
C THR A 51 -19.58 4.71 3.50
N ALA A 52 -18.47 5.44 3.50
CA ALA A 52 -18.45 6.83 3.94
C ALA A 52 -19.03 7.75 2.87
N LEU A 53 -19.00 7.28 1.63
CA LEU A 53 -19.53 8.05 0.50
C LEU A 53 -20.92 7.55 0.11
N ARG A 54 -21.41 6.56 0.86
CA ARG A 54 -22.73 5.96 0.65
C ARG A 54 -22.89 5.39 -0.75
N LEU A 55 -22.35 4.19 -0.97
CA LEU A 55 -22.45 3.52 -2.25
C LEU A 55 -22.21 2.02 -2.09
N ALA A 56 -22.55 1.52 -0.90
CA ALA A 56 -22.39 0.10 -0.59
C ALA A 56 -23.43 -0.73 -1.34
N ALA A 57 -24.43 -0.05 -1.90
CA ALA A 57 -25.49 -0.71 -2.66
C ALA A 57 -24.97 -1.18 -4.02
N TYR A 58 -23.91 -0.55 -4.50
CA TYR A 58 -23.33 -0.88 -5.78
C TYR A 58 -22.13 -1.82 -5.61
N ALA A 59 -21.51 -1.76 -4.44
CA ALA A 59 -20.35 -2.60 -4.15
C ALA A 59 -20.79 -3.97 -3.65
N ALA A 60 -22.03 -4.07 -3.18
CA ALA A 60 -22.57 -5.32 -2.67
C ALA A 60 -22.47 -6.43 -3.71
N ASN A 61 -23.03 -6.18 -4.90
CA ASN A 61 -23.01 -7.16 -5.98
C ASN A 61 -21.59 -7.60 -6.34
N ILE A 62 -20.60 -6.77 -6.03
CA ILE A 62 -19.21 -7.10 -6.33
C ILE A 62 -18.67 -8.18 -5.39
N VAL A 63 -19.07 -8.14 -4.11
CA VAL A 63 -18.62 -9.11 -3.13
C VAL A 63 -19.34 -10.45 -3.31
N ASN A 64 -20.54 -10.40 -3.90
CA ASN A 64 -21.33 -11.61 -4.14
C ASN A 64 -20.98 -12.23 -5.49
N VAL A 65 -19.68 -12.17 -5.83
CA VAL A 65 -19.17 -12.73 -7.09
C VAL A 65 -19.59 -11.89 -8.29
N SER A 66 -18.61 -11.28 -8.94
CA SER A 66 -18.85 -10.45 -10.12
C SER A 66 -17.94 -10.86 -11.28
N LEU A 67 -17.38 -12.05 -11.18
CA LEU A 67 -16.48 -12.56 -12.22
C LEU A 67 -17.18 -13.54 -13.14
N VAL A 68 -17.94 -13.01 -14.09
CA VAL A 68 -18.67 -13.83 -15.07
C VAL A 68 -18.26 -13.42 -16.49
N LYS A 69 -17.91 -12.15 -16.64
CA LYS A 69 -17.47 -11.61 -17.92
C LYS A 69 -16.00 -11.21 -17.89
N PRO A 70 -15.56 -10.39 -16.89
CA PRO A 70 -14.15 -9.98 -16.79
C PRO A 70 -13.29 -11.04 -16.09
N THR A 71 -13.80 -12.27 -16.03
CA THR A 71 -13.10 -13.39 -15.42
C THR A 71 -12.02 -13.94 -16.33
N VAL A 72 -12.18 -13.68 -17.64
CA VAL A 72 -11.24 -14.14 -18.66
C VAL A 72 -9.89 -13.39 -18.57
N TYR A 73 -9.79 -12.44 -17.63
CA TYR A 73 -8.56 -11.66 -17.44
C TYR A 73 -7.44 -12.54 -16.90
N VAL A 74 -7.79 -13.76 -16.48
CA VAL A 74 -6.80 -14.70 -15.94
C VAL A 74 -6.02 -15.37 -17.06
N TYR A 75 -6.63 -15.39 -18.25
CA TYR A 75 -6.01 -16.01 -19.43
C TYR A 75 -5.03 -15.07 -20.10
N SER A 76 -5.27 -13.78 -19.95
CA SER A 76 -4.40 -12.76 -20.53
C SER A 76 -3.17 -12.53 -19.65
N ARG A 77 -3.07 -13.30 -18.56
CA ARG A 77 -1.94 -13.20 -17.65
C ARG A 77 -0.97 -14.36 -17.87
N VAL A 78 -1.48 -15.45 -18.45
CA VAL A 78 -0.68 -16.65 -18.71
C VAL A 78 0.26 -16.42 -19.89
N LYS A 79 -0.07 -15.46 -20.75
CA LYS A 79 0.77 -15.16 -21.91
C LYS A 79 2.08 -14.50 -21.49
N ASN A 80 2.02 -13.66 -20.45
CA ASN A 80 3.21 -12.99 -19.95
C ASN A 80 4.13 -13.97 -19.22
N LEU A 81 3.54 -14.84 -18.41
CA LEU A 81 4.31 -15.83 -17.66
C LEU A 81 3.86 -17.26 -18.02
N GLU B 24 15.25 -25.24 -1.77
CA GLU B 24 15.73 -24.23 -0.78
C GLU B 24 17.23 -24.40 -0.54
N THR B 25 17.96 -24.86 -1.56
CA THR B 25 19.40 -25.04 -1.41
C THR B 25 20.17 -23.82 -1.90
N GLY B 26 20.13 -22.76 -1.10
CA GLY B 26 20.83 -21.54 -1.47
C GLY B 26 20.03 -20.68 -2.41
N THR B 27 18.73 -20.93 -2.47
CA THR B 27 17.85 -20.17 -3.35
C THR B 27 17.28 -18.96 -2.63
N LEU B 28 18.00 -17.84 -2.70
CA LEU B 28 17.55 -16.60 -2.08
C LEU B 28 16.71 -15.81 -3.05
N ILE B 29 16.53 -16.36 -4.26
CA ILE B 29 15.76 -15.71 -5.30
C ILE B 29 14.27 -16.07 -5.21
N VAL B 30 13.87 -16.69 -4.11
CA VAL B 30 12.47 -17.05 -3.90
C VAL B 30 11.73 -15.86 -3.27
N ASN B 31 12.51 -14.87 -2.82
CA ASN B 31 11.95 -13.67 -2.21
C ASN B 31 11.27 -12.81 -3.28
N SER B 32 11.62 -13.08 -4.54
CA SER B 32 11.05 -12.35 -5.67
C SER B 32 9.77 -13.04 -6.14
N VAL B 33 9.65 -14.32 -5.82
CA VAL B 33 8.48 -15.11 -6.19
C VAL B 33 7.26 -14.64 -5.41
N LEU B 34 7.47 -14.32 -4.13
CA LEU B 34 6.40 -13.83 -3.28
C LEU B 34 6.11 -12.36 -3.58
N LEU B 35 7.07 -11.70 -4.24
CA LEU B 35 6.92 -10.30 -4.61
C LEU B 35 5.98 -10.18 -5.80
N PHE B 36 6.02 -11.18 -6.68
CA PHE B 36 5.16 -11.21 -7.85
C PHE B 36 3.73 -11.54 -7.46
N LEU B 37 3.59 -12.23 -6.32
CA LEU B 37 2.29 -12.62 -5.80
C LEU B 37 1.60 -11.41 -5.16
N ALA B 38 2.39 -10.57 -4.50
CA ALA B 38 1.87 -9.37 -3.84
C ALA B 38 1.75 -8.23 -4.85
N PHE B 39 2.23 -8.48 -6.07
CA PHE B 39 2.18 -7.48 -7.12
C PHE B 39 0.99 -7.71 -8.02
N VAL B 40 0.59 -8.97 -8.17
CA VAL B 40 -0.54 -9.29 -9.03
C VAL B 40 -1.87 -9.12 -8.29
N VAL B 41 -1.85 -9.23 -6.96
CA VAL B 41 -3.07 -9.06 -6.16
C VAL B 41 -3.44 -7.58 -6.11
N PHE B 42 -2.44 -6.73 -6.35
CA PHE B 42 -2.62 -5.29 -6.36
C PHE B 42 -3.21 -4.87 -7.70
N LEU B 43 -3.13 -5.79 -8.67
CA LEU B 43 -3.67 -5.55 -10.01
C LEU B 43 -5.19 -5.63 -9.99
N LEU B 44 -5.73 -6.26 -8.95
CA LEU B 44 -7.18 -6.40 -8.80
C LEU B 44 -7.80 -5.11 -8.28
N VAL B 45 -7.00 -4.33 -7.57
CA VAL B 45 -7.45 -3.07 -6.99
C VAL B 45 -7.32 -1.92 -7.99
N THR B 46 -6.17 -1.84 -8.66
CA THR B 46 -5.91 -0.78 -9.65
C THR B 46 -6.75 -0.96 -10.91
N LEU B 47 -7.01 -2.20 -11.33
CA LEU B 47 -7.81 -2.46 -12.52
C LEU B 47 -9.26 -2.08 -12.29
N ALA B 48 -9.68 -2.23 -11.04
CA ALA B 48 -11.05 -1.92 -10.63
C ALA B 48 -11.32 -0.42 -10.65
N ILE B 49 -10.26 0.37 -10.66
CA ILE B 49 -10.39 1.83 -10.71
C ILE B 49 -10.57 2.32 -12.13
N LEU B 50 -9.62 1.99 -13.00
CA LEU B 50 -9.67 2.42 -14.40
C LEU B 50 -10.90 1.86 -15.12
N THR B 51 -11.38 0.71 -14.67
CA THR B 51 -12.56 0.10 -15.26
C THR B 51 -13.82 0.74 -14.70
N ALA B 52 -13.72 1.26 -13.47
CA ALA B 52 -14.85 1.92 -12.81
C ALA B 52 -15.10 3.31 -13.37
N LEU B 53 -14.05 3.91 -13.93
CA LEU B 53 -14.13 5.24 -14.50
C LEU B 53 -14.35 5.16 -16.00
N ARG B 54 -14.43 3.92 -16.51
CA ARG B 54 -14.65 3.65 -17.93
C ARG B 54 -13.52 4.18 -18.80
N LEU B 55 -12.37 3.53 -18.72
CA LEU B 55 -11.21 3.91 -19.52
C LEU B 55 -10.29 2.70 -19.69
N ALA B 56 -10.89 1.52 -19.60
CA ALA B 56 -10.17 0.27 -19.75
C ALA B 56 -9.73 0.04 -21.19
N ALA B 57 -10.19 0.90 -22.09
CA ALA B 57 -9.83 0.81 -23.51
C ALA B 57 -8.45 1.41 -23.75
N TYR B 58 -8.05 2.34 -22.89
CA TYR B 58 -6.75 2.99 -23.01
C TYR B 58 -5.71 2.24 -22.19
N ALA B 59 -6.18 1.45 -21.23
CA ALA B 59 -5.30 0.69 -20.36
C ALA B 59 -5.04 -0.71 -20.95
N ALA B 60 -5.92 -1.14 -21.85
CA ALA B 60 -5.78 -2.44 -22.48
C ALA B 60 -4.42 -2.58 -23.16
N ASN B 61 -4.07 -1.62 -24.01
CA ASN B 61 -2.79 -1.65 -24.73
C ASN B 61 -1.59 -1.62 -23.76
N ILE B 62 -1.80 -1.08 -22.56
CA ILE B 62 -0.73 -0.99 -21.56
C ILE B 62 -0.42 -2.38 -20.97
N VAL B 63 -1.47 -3.16 -20.72
CA VAL B 63 -1.31 -4.49 -20.16
C VAL B 63 -0.85 -5.47 -21.23
N ASN B 64 -1.12 -5.10 -22.49
CA ASN B 64 -0.75 -5.93 -23.62
C ASN B 64 0.60 -5.48 -24.19
N VAL B 65 1.57 -5.26 -23.29
CA VAL B 65 2.92 -4.83 -23.66
C VAL B 65 2.94 -3.37 -24.16
N SER B 66 3.58 -2.50 -23.38
CA SER B 66 3.69 -1.10 -23.73
C SER B 66 5.11 -0.60 -23.51
N LEU B 67 6.00 -1.53 -23.19
CA LEU B 67 7.40 -1.21 -22.96
C LEU B 67 8.20 -1.31 -24.24
N VAL B 68 8.00 -0.34 -25.13
CA VAL B 68 8.71 -0.31 -26.40
C VAL B 68 9.63 0.91 -26.49
N LYS B 69 9.13 2.04 -26.00
CA LYS B 69 9.90 3.28 -26.00
C LYS B 69 10.44 3.59 -24.60
N PRO B 70 9.58 3.58 -23.54
CA PRO B 70 10.03 3.85 -22.18
C PRO B 70 10.64 2.62 -21.51
N THR B 71 10.93 1.59 -22.32
CA THR B 71 11.53 0.35 -21.82
C THR B 71 12.98 0.56 -21.43
N VAL B 72 13.57 1.64 -21.93
CA VAL B 72 14.96 1.97 -21.63
C VAL B 72 15.12 2.45 -20.18
N TYR B 73 14.01 2.47 -19.44
CA TYR B 73 14.03 2.88 -18.04
C TYR B 73 14.85 1.89 -17.20
N VAL B 74 15.10 0.70 -17.77
CA VAL B 74 15.91 -0.30 -17.08
C VAL B 74 17.37 0.11 -17.01
N TYR B 75 17.85 0.74 -18.08
CA TYR B 75 19.24 1.19 -18.15
C TYR B 75 19.46 2.42 -17.27
N SER B 76 18.38 3.14 -16.97
CA SER B 76 18.47 4.34 -16.13
C SER B 76 18.50 3.97 -14.65
N ARG B 77 18.42 2.66 -14.36
CA ARG B 77 18.44 2.18 -12.99
C ARG B 77 19.78 1.49 -12.69
N VAL B 78 20.51 1.12 -13.74
CA VAL B 78 21.79 0.45 -13.61
C VAL B 78 22.86 1.41 -13.07
N LYS B 79 22.69 2.70 -13.34
CA LYS B 79 23.65 3.71 -12.87
C LYS B 79 23.52 3.94 -11.37
N ASN B 80 22.36 3.64 -10.81
CA ASN B 80 22.12 3.80 -9.38
C ASN B 80 22.70 2.62 -8.60
N LEU B 81 22.68 1.44 -9.21
CA LEU B 81 23.21 0.24 -8.57
C LEU B 81 24.09 -0.55 -9.54
N GLU C 24 24.80 -16.06 3.27
CA GLU C 24 23.89 -16.02 4.40
C GLU C 24 24.62 -16.22 5.72
N THR C 25 25.85 -15.70 5.78
CA THR C 25 26.67 -15.83 6.98
C THR C 25 26.60 -14.57 7.83
N GLY C 26 25.43 -14.33 8.44
CA GLY C 26 25.27 -13.15 9.27
C GLY C 26 24.84 -11.94 8.47
N THR C 27 24.28 -12.16 7.30
CA THR C 27 23.84 -11.06 6.45
C THR C 27 22.38 -10.72 6.71
N LEU C 28 22.13 -9.90 7.73
CA LEU C 28 20.77 -9.48 8.06
C LEU C 28 20.37 -8.28 7.22
N ILE C 29 21.32 -7.77 6.44
CA ILE C 29 21.09 -6.62 5.57
C ILE C 29 20.36 -7.02 4.28
N VAL C 30 20.07 -8.32 4.15
CA VAL C 30 19.37 -8.83 2.98
C VAL C 30 17.87 -8.51 3.07
N ASN C 31 17.44 -8.10 4.27
CA ASN C 31 16.04 -7.75 4.49
C ASN C 31 15.68 -6.45 3.77
N SER C 32 16.69 -5.62 3.49
CA SER C 32 16.47 -4.36 2.78
C SER C 32 16.57 -4.58 1.28
N VAL C 33 17.11 -5.73 0.88
CA VAL C 33 17.25 -6.08 -0.53
C VAL C 33 15.88 -6.43 -1.11
N LEU C 34 15.08 -7.16 -0.33
CA LEU C 34 13.73 -7.53 -0.75
C LEU C 34 12.80 -6.32 -0.67
N LEU C 35 13.23 -5.30 0.08
CA LEU C 35 12.46 -4.07 0.22
C LEU C 35 12.61 -3.21 -1.02
N PHE C 36 13.79 -3.29 -1.65
CA PHE C 36 14.05 -2.55 -2.88
C PHE C 36 13.32 -3.22 -4.04
N LEU C 37 12.98 -4.49 -3.84
CA LEU C 37 12.25 -5.26 -4.84
C LEU C 37 10.77 -4.96 -4.75
N ALA C 38 10.34 -4.50 -3.58
CA ALA C 38 8.94 -4.13 -3.35
C ALA C 38 8.71 -2.68 -3.77
N PHE C 39 9.80 -2.00 -4.10
CA PHE C 39 9.75 -0.61 -4.54
C PHE C 39 9.62 -0.52 -6.05
N VAL C 40 10.33 -1.41 -6.73
CA VAL C 40 10.34 -1.43 -8.19
C VAL C 40 8.96 -1.82 -8.74
N VAL C 41 8.21 -2.63 -7.98
CA VAL C 41 6.88 -3.05 -8.42
C VAL C 41 5.87 -1.94 -8.17
N PHE C 42 6.02 -1.22 -7.05
CA PHE C 42 5.11 -0.12 -6.73
C PHE C 42 5.37 1.05 -7.67
N LEU C 43 6.50 0.98 -8.37
CA LEU C 43 6.87 2.01 -9.33
C LEU C 43 6.08 1.86 -10.63
N LEU C 44 5.47 0.70 -10.86
CA LEU C 44 4.70 0.50 -12.07
C LEU C 44 3.26 0.92 -11.83
N VAL C 45 2.95 1.20 -10.57
CA VAL C 45 1.62 1.61 -10.17
C VAL C 45 1.53 3.13 -10.06
N THR C 46 2.52 3.73 -9.38
CA THR C 46 2.55 5.18 -9.18
C THR C 46 2.87 5.90 -10.50
N LEU C 47 3.60 5.23 -11.39
CA LEU C 47 3.95 5.81 -12.69
C LEU C 47 2.76 5.79 -13.65
N ALA C 48 1.93 4.75 -13.52
CA ALA C 48 0.74 4.59 -14.36
C ALA C 48 -0.30 5.64 -14.06
N ILE C 49 -0.23 6.25 -12.88
CA ILE C 49 -1.18 7.28 -12.48
C ILE C 49 -0.83 8.63 -13.10
N LEU C 50 0.43 9.06 -12.93
CA LEU C 50 0.88 10.34 -13.45
C LEU C 50 0.96 10.35 -14.99
N THR C 51 1.18 9.18 -15.58
CA THR C 51 1.25 9.08 -17.04
C THR C 51 -0.15 9.13 -17.65
N ALA C 52 -1.13 8.59 -16.93
CA ALA C 52 -2.51 8.57 -17.39
C ALA C 52 -3.17 9.94 -17.25
N LEU C 53 -2.60 10.78 -16.39
CA LEU C 53 -3.13 12.12 -16.17
C LEU C 53 -2.36 13.14 -17.00
N ARG C 54 -1.40 12.64 -17.78
CA ARG C 54 -0.55 13.47 -18.66
C ARG C 54 0.22 14.54 -17.88
N LEU C 55 1.27 14.13 -17.20
CA LEU C 55 2.11 15.05 -16.44
C LEU C 55 3.49 14.44 -16.21
N ALA C 56 3.93 13.64 -17.19
CA ALA C 56 5.22 12.99 -17.13
C ALA C 56 6.34 14.00 -17.36
N ALA C 57 5.97 15.21 -17.79
CA ALA C 57 6.94 16.27 -18.03
C ALA C 57 7.45 16.86 -16.73
N TYR C 58 6.66 16.71 -15.66
CA TYR C 58 7.03 17.22 -14.35
C TYR C 58 7.65 16.14 -13.48
N ALA C 59 7.32 14.88 -13.79
CA ALA C 59 7.84 13.75 -13.04
C ALA C 59 9.20 13.32 -13.59
N ALA C 60 9.49 13.72 -14.82
CA ALA C 60 10.77 13.38 -15.44
C ALA C 60 11.94 13.84 -14.59
N ASN C 61 11.96 15.12 -14.22
CA ASN C 61 13.04 15.68 -13.42
C ASN C 61 13.11 15.06 -12.02
N ILE C 62 11.98 14.56 -11.51
CA ILE C 62 11.93 13.96 -10.19
C ILE C 62 12.68 12.62 -10.16
N VAL C 63 12.61 11.87 -11.26
CA VAL C 63 13.29 10.57 -11.34
C VAL C 63 14.76 10.76 -11.75
N ASN C 64 15.06 11.92 -12.33
CA ASN C 64 16.43 12.22 -12.77
C ASN C 64 17.18 12.97 -11.66
N VAL C 65 16.95 12.55 -10.42
CA VAL C 65 17.58 13.14 -9.24
C VAL C 65 17.00 14.52 -8.92
N SER C 66 16.34 14.62 -7.77
CA SER C 66 15.75 15.88 -7.31
C SER C 66 16.11 16.16 -5.86
N LEU C 67 17.08 15.39 -5.36
CA LEU C 67 17.52 15.54 -3.97
C LEU C 67 18.73 16.47 -3.87
N VAL C 68 18.47 17.76 -4.01
CA VAL C 68 19.52 18.78 -3.91
C VAL C 68 19.18 19.80 -2.83
N LYS C 69 17.88 19.94 -2.57
CA LYS C 69 17.39 20.87 -1.56
C LYS C 69 16.69 20.13 -0.41
N PRO C 70 15.71 19.24 -0.70
CA PRO C 70 15.00 18.49 0.34
C PRO C 70 15.75 17.20 0.73
N THR C 71 17.01 17.13 0.31
CA THR C 71 17.88 15.99 0.59
C THR C 71 18.35 16.00 2.04
N VAL C 72 18.29 17.17 2.67
CA VAL C 72 18.70 17.33 4.07
C VAL C 72 17.74 16.60 5.02
N TYR C 73 16.68 16.00 4.44
CA TYR C 73 15.70 15.25 5.23
C TYR C 73 16.34 14.00 5.82
N VAL C 74 17.50 13.61 5.27
CA VAL C 74 18.22 12.44 5.77
C VAL C 74 18.77 12.69 7.17
N TYR C 75 19.20 13.92 7.42
CA TYR C 75 19.75 14.28 8.73
C TYR C 75 18.63 14.60 9.72
N SER C 76 17.53 15.18 9.22
CA SER C 76 16.39 15.52 10.07
C SER C 76 15.65 14.26 10.55
N ARG C 77 16.08 13.10 10.06
CA ARG C 77 15.48 11.83 10.45
C ARG C 77 16.36 11.11 11.48
N VAL C 78 17.64 11.46 11.50
CA VAL C 78 18.58 10.83 12.42
C VAL C 78 18.38 11.35 13.84
N LYS C 79 17.84 12.56 13.96
CA LYS C 79 17.60 13.17 15.26
C LYS C 79 16.77 12.24 16.15
N ASN C 80 15.85 11.48 15.52
CA ASN C 80 14.99 10.55 16.24
C ASN C 80 15.73 9.26 16.57
N LEU C 81 16.35 8.63 15.56
CA LEU C 81 17.07 7.38 15.77
C LEU C 81 18.58 7.60 15.80
N GLU D 24 19.25 -11.41 16.42
CA GLU D 24 18.08 -12.22 15.99
C GLU D 24 17.77 -13.30 17.02
N THR D 25 18.10 -13.03 18.29
CA THR D 25 17.85 -13.99 19.36
C THR D 25 16.52 -13.70 20.05
N GLY D 26 15.43 -13.97 19.33
CA GLY D 26 14.11 -13.73 19.90
C GLY D 26 13.64 -12.30 19.70
N THR D 27 14.22 -11.61 18.73
CA THR D 27 13.84 -10.23 18.47
C THR D 27 12.75 -10.17 17.40
N LEU D 28 11.50 -10.41 17.81
CA LEU D 28 10.38 -10.36 16.87
C LEU D 28 9.97 -8.91 16.60
N ILE D 29 10.45 -8.00 17.46
CA ILE D 29 10.17 -6.57 17.30
C ILE D 29 10.88 -5.98 16.09
N VAL D 30 11.79 -6.74 15.47
CA VAL D 30 12.51 -6.25 14.29
C VAL D 30 11.56 -6.10 13.08
N ASN D 31 10.38 -6.73 13.18
CA ASN D 31 9.39 -6.65 12.11
C ASN D 31 8.76 -5.25 12.05
N SER D 32 8.96 -4.48 13.11
CA SER D 32 8.42 -3.12 13.16
C SER D 32 9.42 -2.11 12.61
N VAL D 33 10.69 -2.53 12.58
CA VAL D 33 11.75 -1.68 12.07
C VAL D 33 11.65 -1.54 10.55
N LEU D 34 11.29 -2.63 9.88
CA LEU D 34 11.16 -2.63 8.43
C LEU D 34 9.89 -1.90 8.00
N LEU D 35 8.94 -1.74 8.94
CA LEU D 35 7.70 -1.03 8.66
C LEU D 35 7.95 0.47 8.64
N PHE D 36 8.91 0.92 9.44
CA PHE D 36 9.28 2.32 9.50
C PHE D 36 10.05 2.72 8.25
N LEU D 37 10.64 1.71 7.61
CA LEU D 37 11.42 1.89 6.39
C LEU D 37 10.48 2.06 5.20
N ALA D 38 9.31 1.43 5.28
CA ALA D 38 8.30 1.51 4.21
C ALA D 38 7.31 2.63 4.51
N PHE D 39 7.50 3.28 5.66
CA PHE D 39 6.63 4.36 6.09
C PHE D 39 7.26 5.71 5.76
N VAL D 40 8.59 5.73 5.74
CA VAL D 40 9.32 6.96 5.47
C VAL D 40 9.36 7.26 3.96
N VAL D 41 9.21 6.23 3.14
CA VAL D 41 9.23 6.40 1.69
C VAL D 41 7.87 6.87 1.18
N PHE D 42 6.82 6.57 1.94
CA PHE D 42 5.47 6.98 1.59
C PHE D 42 5.32 8.46 1.92
N LEU D 43 6.24 8.95 2.75
CA LEU D 43 6.27 10.34 3.16
C LEU D 43 6.72 11.22 1.99
N LEU D 44 7.47 10.62 1.07
CA LEU D 44 7.97 11.34 -0.08
C LEU D 44 6.89 11.49 -1.15
N VAL D 45 5.97 10.53 -1.18
CA VAL D 45 4.87 10.56 -2.15
C VAL D 45 3.78 11.51 -1.69
N THR D 46 3.49 11.51 -0.40
CA THR D 46 2.45 12.38 0.17
C THR D 46 2.93 13.85 0.25
N LEU D 47 4.22 14.07 0.49
CA LEU D 47 4.78 15.41 0.57
C LEU D 47 4.80 16.08 -0.80
N ALA D 48 4.82 15.25 -1.84
CA ALA D 48 4.83 15.75 -3.21
C ALA D 48 3.44 16.19 -3.66
N ILE D 49 2.44 15.96 -2.81
CA ILE D 49 1.07 16.34 -3.13
C ILE D 49 0.72 17.69 -2.51
N LEU D 50 1.04 17.86 -1.22
CA LEU D 50 0.76 19.10 -0.51
C LEU D 50 1.67 20.24 -0.98
N THR D 51 2.84 19.88 -1.51
CA THR D 51 3.79 20.87 -1.99
C THR D 51 3.45 21.29 -3.42
N ALA D 52 2.94 20.32 -4.21
CA ALA D 52 2.56 20.58 -5.60
C ALA D 52 1.32 21.46 -5.69
N LEU D 53 0.54 21.49 -4.61
CA LEU D 53 -0.68 22.28 -4.57
C LEU D 53 -0.47 23.57 -3.78
N ARG D 54 0.76 23.75 -3.27
CA ARG D 54 1.14 24.93 -2.51
C ARG D 54 0.33 25.07 -1.21
N LEU D 55 0.71 24.31 -0.20
CA LEU D 55 0.05 24.35 1.10
C LEU D 55 0.94 23.71 2.16
N ALA D 56 2.26 23.83 1.95
CA ALA D 56 3.25 23.27 2.85
C ALA D 56 3.37 24.09 4.14
N ALA D 57 2.66 25.22 4.18
CA ALA D 57 2.67 26.09 5.35
C ALA D 57 1.74 25.57 6.44
N TYR D 58 0.71 24.84 6.03
CA TYR D 58 -0.26 24.28 6.97
C TYR D 58 0.17 22.88 7.40
N ALA D 59 1.00 22.25 6.58
CA ALA D 59 1.50 20.90 6.86
C ALA D 59 2.79 20.96 7.66
N ALA D 60 3.45 22.11 7.65
CA ALA D 60 4.68 22.29 8.39
C ALA D 60 4.50 21.97 9.87
N ASN D 61 3.49 22.60 10.49
CA ASN D 61 3.21 22.39 11.91
C ASN D 61 2.79 20.94 12.22
N ILE D 62 2.25 20.24 11.23
CA ILE D 62 1.83 18.85 11.41
C ILE D 62 3.03 17.93 11.62
N VAL D 63 4.12 18.20 10.89
CA VAL D 63 5.33 17.40 11.00
C VAL D 63 6.15 17.85 12.22
N ASN D 64 5.89 19.06 12.69
CA ASN D 64 6.59 19.61 13.85
C ASN D 64 5.83 19.30 15.14
N VAL D 65 5.25 18.10 15.19
CA VAL D 65 4.49 17.63 16.35
C VAL D 65 3.14 18.34 16.47
N SER D 66 2.06 17.59 16.24
CA SER D 66 0.71 18.13 16.33
C SER D 66 -0.16 17.25 17.21
N LEU D 67 0.48 16.34 17.95
CA LEU D 67 -0.23 15.42 18.83
C LEU D 67 -0.29 15.97 20.25
N VAL D 68 -1.14 16.97 20.45
CA VAL D 68 -1.32 17.58 21.76
C VAL D 68 -2.77 17.46 22.20
N LYS D 69 -3.67 17.39 21.22
CA LYS D 69 -5.10 17.26 21.47
C LYS D 69 -5.65 15.93 20.95
N PRO D 70 -5.39 15.58 19.66
CA PRO D 70 -5.87 14.31 19.10
C PRO D 70 -4.93 13.14 19.42
N THR D 71 -4.03 13.36 20.37
CA THR D 71 -3.05 12.36 20.78
C THR D 71 -3.72 11.28 21.64
N VAL D 72 -4.88 11.63 22.20
CA VAL D 72 -5.64 10.71 23.04
C VAL D 72 -6.26 9.58 22.19
N TYR D 73 -6.07 9.64 20.87
CA TYR D 73 -6.60 8.61 19.96
C TYR D 73 -5.94 7.26 20.25
N VAL D 74 -4.78 7.28 20.92
CA VAL D 74 -4.09 6.05 21.29
C VAL D 74 -4.86 5.29 22.37
N TYR D 75 -5.50 6.03 23.27
CA TYR D 75 -6.28 5.42 24.34
C TYR D 75 -7.59 4.83 23.83
N SER D 76 -8.11 5.42 22.76
CA SER D 76 -9.36 4.95 22.16
C SER D 76 -9.10 3.76 21.23
N ARG D 77 -7.84 3.31 21.19
CA ARG D 77 -7.46 2.17 20.37
C ARG D 77 -7.16 0.95 21.26
N VAL D 78 -6.74 1.22 22.49
CA VAL D 78 -6.42 0.16 23.45
C VAL D 78 -7.69 -0.54 23.92
N LYS D 79 -8.81 0.18 23.86
CA LYS D 79 -10.10 -0.37 24.28
C LYS D 79 -10.51 -1.54 23.38
N ASN D 80 -10.14 -1.46 22.10
CA ASN D 80 -10.47 -2.50 21.14
C ASN D 80 -9.59 -3.74 21.34
N LEU D 81 -8.30 -3.52 21.61
CA LEU D 81 -7.37 -4.63 21.82
C LEU D 81 -6.73 -4.55 23.21
N GLU E 24 8.86 -19.25 19.45
CA GLU E 24 8.85 -19.64 18.05
C GLU E 24 8.75 -21.16 17.91
N THR E 25 8.02 -21.78 18.84
CA THR E 25 7.85 -23.23 18.82
C THR E 25 6.53 -23.62 18.17
N GLY E 26 6.44 -23.44 16.86
CA GLY E 26 5.23 -23.77 16.14
C GLY E 26 4.21 -22.65 16.16
N THR E 27 4.68 -21.44 16.38
CA THR E 27 3.81 -20.27 16.43
C THR E 27 3.78 -19.58 15.06
N LEU E 28 2.90 -20.05 14.18
CA LEU E 28 2.77 -19.45 12.86
C LEU E 28 1.77 -18.30 12.91
N ILE E 29 1.17 -18.11 14.07
CA ILE E 29 0.19 -17.04 14.28
C ILE E 29 0.87 -15.69 14.50
N VAL E 30 2.21 -15.69 14.45
CA VAL E 30 2.98 -14.46 14.63
C VAL E 30 2.98 -13.65 13.33
N ASN E 31 2.60 -14.32 12.24
CA ASN E 31 2.53 -13.69 10.93
C ASN E 31 1.34 -12.71 10.88
N SER E 32 0.39 -12.90 11.80
CA SER E 32 -0.78 -12.01 11.87
C SER E 32 -0.49 -10.86 12.82
N VAL E 33 0.51 -11.03 13.67
CA VAL E 33 0.91 -9.99 14.63
C VAL E 33 1.66 -8.88 13.92
N LEU E 34 2.46 -9.25 12.92
CA LEU E 34 3.23 -8.27 12.15
C LEU E 34 2.30 -7.50 11.21
N LEU E 35 1.15 -8.10 10.91
CA LEU E 35 0.17 -7.47 10.04
C LEU E 35 -0.59 -6.39 10.78
N PHE E 36 -0.73 -6.56 12.10
CA PHE E 36 -1.43 -5.59 12.94
C PHE E 36 -0.63 -4.30 13.04
N LEU E 37 0.69 -4.41 12.93
CA LEU E 37 1.58 -3.26 12.99
C LEU E 37 1.58 -2.53 11.64
N ALA E 38 1.41 -3.29 10.56
CA ALA E 38 1.37 -2.72 9.23
C ALA E 38 -0.01 -2.11 8.97
N PHE E 39 -0.93 -2.36 9.89
CA PHE E 39 -2.28 -1.86 9.80
C PHE E 39 -2.44 -0.61 10.67
N VAL E 40 -1.61 -0.49 11.70
CA VAL E 40 -1.67 0.65 12.59
C VAL E 40 -0.89 1.85 12.03
N VAL E 41 0.07 1.58 11.14
CA VAL E 41 0.84 2.65 10.52
C VAL E 41 -0.01 3.37 9.48
N PHE E 42 -0.93 2.62 8.86
CA PHE E 42 -1.82 3.17 7.86
C PHE E 42 -2.91 4.01 8.52
N LEU E 43 -3.03 3.88 9.84
CA LEU E 43 -4.00 4.63 10.61
C LEU E 43 -3.58 6.09 10.73
N LEU E 44 -2.28 6.34 10.67
CA LEU E 44 -1.77 7.71 10.76
C LEU E 44 -1.89 8.41 9.42
N VAL E 45 -2.08 7.63 8.37
CA VAL E 45 -2.21 8.16 7.02
C VAL E 45 -3.67 8.49 6.71
N THR E 46 -4.57 7.57 7.07
CA THR E 46 -6.01 7.76 6.83
C THR E 46 -6.60 8.82 7.76
N LEU E 47 -6.05 8.95 8.97
CA LEU E 47 -6.53 9.95 9.92
C LEU E 47 -6.13 11.35 9.47
N ALA E 48 -5.01 11.45 8.76
CA ALA E 48 -4.52 12.73 8.26
C ALA E 48 -5.39 13.26 7.14
N ILE E 49 -6.16 12.38 6.50
CA ILE E 49 -7.03 12.78 5.41
C ILE E 49 -8.34 13.36 5.91
N LEU E 50 -8.98 12.65 6.84
CA LEU E 50 -10.26 13.10 7.41
C LEU E 50 -10.09 14.30 8.35
N THR E 51 -8.89 14.47 8.89
CA THR E 51 -8.63 15.59 9.81
C THR E 51 -8.31 16.86 9.02
N ALA E 52 -7.69 16.70 7.85
CA ALA E 52 -7.35 17.84 7.00
C ALA E 52 -8.58 18.36 6.26
N LEU E 53 -9.59 17.51 6.13
CA LEU E 53 -10.83 17.88 5.45
C LEU E 53 -11.89 18.27 6.47
N ARG E 54 -11.52 18.20 7.75
CA ARG E 54 -12.40 18.54 8.87
C ARG E 54 -13.67 17.69 8.88
N LEU E 55 -13.55 16.47 9.40
CA LEU E 55 -14.69 15.56 9.49
C LEU E 55 -14.38 14.44 10.46
N ALA E 56 -13.47 14.73 11.39
CA ALA E 56 -13.07 13.76 12.40
C ALA E 56 -14.18 13.56 13.42
N ALA E 57 -15.21 14.41 13.36
CA ALA E 57 -16.34 14.31 14.27
C ALA E 57 -17.23 13.13 13.91
N TYR E 58 -17.16 12.70 12.66
CA TYR E 58 -17.96 11.58 12.18
C TYR E 58 -17.16 10.29 12.20
N ALA E 59 -15.84 10.42 12.12
CA ALA E 59 -14.96 9.26 12.13
C ALA E 59 -14.65 8.81 13.56
N ALA E 60 -14.85 9.72 14.51
CA ALA E 60 -14.59 9.42 15.91
C ALA E 60 -15.37 8.19 16.36
N ASN E 61 -16.68 8.19 16.11
CA ASN E 61 -17.54 7.07 16.51
C ASN E 61 -17.17 5.76 15.79
N ILE E 62 -16.37 5.85 14.73
CA ILE E 62 -15.94 4.65 14.01
C ILE E 62 -14.79 3.98 14.76
N VAL E 63 -13.95 4.78 15.40
CA VAL E 63 -12.82 4.27 16.17
C VAL E 63 -13.31 3.80 17.54
N ASN E 64 -14.49 4.29 17.93
CA ASN E 64 -15.10 3.95 19.21
C ASN E 64 -16.08 2.80 19.07
N VAL E 65 -15.74 1.82 18.23
CA VAL E 65 -16.58 0.64 17.99
C VAL E 65 -17.87 1.02 17.24
N SER E 66 -17.94 0.62 15.97
CA SER E 66 -19.11 0.90 15.15
C SER E 66 -19.60 -0.38 14.48
N LEU E 67 -19.09 -1.52 14.94
CA LEU E 67 -19.47 -2.82 14.38
C LEU E 67 -20.61 -3.44 15.20
N VAL E 68 -21.83 -2.99 14.92
CA VAL E 68 -22.99 -3.51 15.62
C VAL E 68 -24.00 -4.11 14.64
N LYS E 69 -24.27 -3.38 13.56
CA LYS E 69 -25.19 -3.83 12.53
C LYS E 69 -24.41 -4.48 11.39
N PRO E 70 -23.37 -3.82 10.83
CA PRO E 70 -22.57 -4.39 9.76
C PRO E 70 -21.48 -5.34 10.27
N THR E 71 -21.61 -5.76 11.54
CA THR E 71 -20.65 -6.65 12.16
C THR E 71 -20.83 -8.09 11.64
N VAL E 72 -22.00 -8.33 11.06
CA VAL E 72 -22.35 -9.64 10.50
C VAL E 72 -21.61 -9.89 9.19
N TYR E 73 -20.75 -8.95 8.79
CA TYR E 73 -19.98 -9.10 7.56
C TYR E 73 -18.95 -10.22 7.71
N VAL E 74 -18.76 -10.69 8.95
CA VAL E 74 -17.81 -11.78 9.20
C VAL E 74 -18.43 -13.13 8.84
N TYR E 75 -19.75 -13.19 8.82
CA TYR E 75 -20.46 -14.42 8.48
C TYR E 75 -20.54 -14.60 6.96
N SER E 76 -20.35 -13.50 6.23
CA SER E 76 -20.38 -13.55 4.76
C SER E 76 -18.99 -13.84 4.22
N ARG E 77 -18.06 -14.14 5.12
CA ARG E 77 -16.70 -14.47 4.73
C ARG E 77 -16.42 -15.96 4.98
N VAL E 78 -17.18 -16.54 5.91
CA VAL E 78 -17.04 -17.95 6.25
C VAL E 78 -17.58 -18.84 5.13
N LYS E 79 -18.49 -18.28 4.33
CA LYS E 79 -19.07 -19.02 3.21
C LYS E 79 -18.09 -19.10 2.04
N ASN E 80 -17.22 -18.09 1.91
CA ASN E 80 -16.21 -18.07 0.85
C ASN E 80 -15.07 -19.02 1.17
N LEU E 81 -14.80 -19.21 2.46
CA LEU E 81 -13.73 -20.11 2.89
C LEU E 81 -14.21 -21.00 4.05
N GLU A 24 3.70 -27.13 9.66
CA GLU A 24 5.04 -26.71 9.17
C GLU A 24 5.92 -27.94 8.92
N THR A 25 5.29 -29.11 8.78
CA THR A 25 6.03 -30.34 8.52
C THR A 25 6.23 -30.57 7.04
N GLY A 26 7.07 -29.75 6.41
CA GLY A 26 7.33 -29.88 4.99
C GLY A 26 6.31 -29.14 4.15
N THR A 27 5.63 -28.17 4.76
CA THR A 27 4.61 -27.40 4.05
C THR A 27 5.10 -25.98 3.79
N LEU A 28 5.27 -25.65 2.51
CA LEU A 28 5.71 -24.32 2.11
C LEU A 28 4.52 -23.48 1.67
N ILE A 29 3.31 -24.01 1.86
CA ILE A 29 2.08 -23.33 1.48
C ILE A 29 1.60 -22.36 2.57
N VAL A 30 2.44 -22.13 3.57
CA VAL A 30 2.10 -21.23 4.67
C VAL A 30 2.24 -19.76 4.24
N ASN A 31 3.01 -19.54 3.18
CA ASN A 31 3.24 -18.18 2.68
C ASN A 31 1.97 -17.62 2.05
N SER A 32 1.10 -18.51 1.54
CA SER A 32 -0.14 -18.08 0.92
C SER A 32 -1.24 -17.91 1.97
N VAL A 33 -1.04 -18.52 3.14
CA VAL A 33 -2.01 -18.43 4.23
C VAL A 33 -1.93 -17.06 4.90
N LEU A 34 -0.71 -16.56 5.10
CA LEU A 34 -0.51 -15.25 5.72
C LEU A 34 -0.88 -14.14 4.74
N LEU A 35 -0.86 -14.48 3.44
CA LEU A 35 -1.21 -13.52 2.40
C LEU A 35 -2.72 -13.29 2.38
N PHE A 36 -3.47 -14.32 2.75
CA PHE A 36 -4.93 -14.24 2.80
C PHE A 36 -5.37 -13.35 3.97
N LEU A 37 -4.55 -13.31 5.01
CA LEU A 37 -4.84 -12.49 6.19
C LEU A 37 -4.54 -11.02 5.89
N ALA A 38 -3.59 -10.78 4.99
CA ALA A 38 -3.22 -9.43 4.61
C ALA A 38 -4.17 -8.91 3.51
N PHE A 39 -4.99 -9.82 2.98
CA PHE A 39 -5.94 -9.49 1.94
C PHE A 39 -7.30 -9.14 2.54
N VAL A 40 -7.57 -9.68 3.73
CA VAL A 40 -8.84 -9.44 4.40
C VAL A 40 -8.78 -8.18 5.27
N VAL A 41 -7.58 -7.80 5.70
CA VAL A 41 -7.41 -6.59 6.52
C VAL A 41 -7.50 -5.35 5.66
N PHE A 42 -7.04 -5.45 4.41
CA PHE A 42 -7.09 -4.34 3.47
C PHE A 42 -8.51 -4.14 2.96
N LEU A 43 -9.35 -5.16 3.18
CA LEU A 43 -10.74 -5.10 2.77
C LEU A 43 -11.53 -4.14 3.65
N LEU A 44 -11.06 -3.95 4.88
CA LEU A 44 -11.72 -3.03 5.81
C LEU A 44 -11.35 -1.59 5.50
N VAL A 45 -10.20 -1.41 4.86
CA VAL A 45 -9.70 -0.09 4.51
C VAL A 45 -10.32 0.39 3.20
N THR A 46 -10.34 -0.49 2.20
CA THR A 46 -10.89 -0.17 0.90
C THR A 46 -12.42 -0.05 0.94
N LEU A 47 -13.06 -0.77 1.88
CA LEU A 47 -14.51 -0.72 2.04
C LEU A 47 -14.97 0.61 2.62
N ALA A 48 -14.15 1.18 3.50
CA ALA A 48 -14.47 2.44 4.13
C ALA A 48 -14.44 3.59 3.13
N ILE A 49 -13.83 3.35 1.97
CA ILE A 49 -13.74 4.37 0.93
C ILE A 49 -15.02 4.40 0.08
N LEU A 50 -15.36 3.25 -0.49
CA LEU A 50 -16.55 3.14 -1.35
C LEU A 50 -17.84 3.40 -0.59
N THR A 51 -17.86 3.06 0.70
CA THR A 51 -19.05 3.27 1.52
C THR A 51 -19.20 4.74 1.89
N ALA A 52 -18.08 5.42 2.12
CA ALA A 52 -18.07 6.84 2.49
C ALA A 52 -18.39 7.73 1.30
N LEU A 53 -18.22 7.21 0.10
CA LEU A 53 -18.51 7.96 -1.11
C LEU A 53 -19.95 7.70 -1.57
N ARG A 54 -20.67 6.89 -0.80
CA ARG A 54 -22.05 6.53 -1.08
C ARG A 54 -22.21 5.79 -2.41
N LEU A 55 -21.82 4.52 -2.40
CA LEU A 55 -21.93 3.69 -3.61
C LEU A 55 -21.90 2.21 -3.23
N ALA A 56 -22.13 1.93 -1.94
CA ALA A 56 -22.14 0.56 -1.44
C ALA A 56 -23.39 -0.18 -1.93
N ALA A 57 -24.37 0.59 -2.41
CA ALA A 57 -25.61 0.01 -2.91
C ALA A 57 -25.44 -0.53 -4.33
N TYR A 58 -24.44 0.01 -5.03
CA TYR A 58 -24.17 -0.42 -6.40
C TYR A 58 -23.06 -1.45 -6.44
N ALA A 59 -22.26 -1.48 -5.38
CA ALA A 59 -21.17 -2.45 -5.27
C ALA A 59 -21.61 -3.69 -4.50
N ALA A 60 -22.88 -3.72 -4.10
CA ALA A 60 -23.44 -4.84 -3.35
C ALA A 60 -23.72 -6.04 -4.28
N ASN A 61 -24.26 -5.74 -5.46
CA ASN A 61 -24.57 -6.78 -6.45
C ASN A 61 -23.30 -7.35 -7.08
N ILE A 62 -22.22 -6.58 -7.05
CA ILE A 62 -20.95 -7.00 -7.62
C ILE A 62 -20.31 -8.10 -6.77
N VAL A 63 -20.40 -7.95 -5.45
CA VAL A 63 -19.85 -8.94 -4.54
C VAL A 63 -20.74 -10.18 -4.46
N ASN A 64 -22.05 -9.96 -4.52
CA ASN A 64 -23.01 -11.06 -4.44
C ASN A 64 -23.39 -11.56 -5.83
N VAL A 65 -22.60 -12.52 -6.33
CA VAL A 65 -22.83 -13.13 -7.64
C VAL A 65 -22.80 -12.10 -8.78
N SER A 66 -21.64 -11.99 -9.43
CA SER A 66 -21.47 -11.05 -10.54
C SER A 66 -20.27 -11.44 -11.39
N LEU A 67 -19.28 -12.07 -10.76
CA LEU A 67 -18.07 -12.49 -11.45
C LEU A 67 -18.24 -13.92 -11.98
N VAL A 68 -19.25 -14.12 -12.81
CA VAL A 68 -19.52 -15.42 -13.40
C VAL A 68 -19.26 -15.40 -14.91
N LYS A 69 -19.53 -14.26 -15.53
CA LYS A 69 -19.31 -14.09 -16.95
C LYS A 69 -17.97 -13.39 -17.24
N PRO A 70 -17.67 -12.23 -16.60
CA PRO A 70 -16.41 -11.54 -16.82
C PRO A 70 -15.27 -12.10 -15.96
N THR A 71 -15.49 -13.28 -15.37
CA THR A 71 -14.51 -13.95 -14.54
C THR A 71 -13.36 -14.51 -15.38
N VAL A 72 -13.62 -14.63 -16.69
CA VAL A 72 -12.62 -15.14 -17.63
C VAL A 72 -11.55 -14.07 -17.95
N TYR A 73 -11.62 -12.91 -17.29
CA TYR A 73 -10.64 -11.84 -17.51
C TYR A 73 -9.26 -12.24 -16.99
N VAL A 74 -9.22 -13.30 -16.16
CA VAL A 74 -7.96 -13.79 -15.61
C VAL A 74 -7.23 -14.68 -16.61
N TYR A 75 -8.01 -15.30 -17.52
CA TYR A 75 -7.45 -16.19 -18.53
C TYR A 75 -6.83 -15.38 -19.66
N SER A 76 -7.31 -14.14 -19.83
CA SER A 76 -6.80 -13.27 -20.88
C SER A 76 -5.54 -12.54 -20.40
N ARG A 77 -5.16 -12.77 -19.15
CA ARG A 77 -3.97 -12.16 -18.59
C ARG A 77 -2.82 -13.16 -18.56
N VAL A 78 -3.16 -14.45 -18.69
CA VAL A 78 -2.18 -15.53 -18.69
C VAL A 78 -1.32 -15.49 -19.94
N LYS A 79 -1.87 -14.94 -21.03
CA LYS A 79 -1.15 -14.85 -22.30
C LYS A 79 -0.14 -13.70 -22.28
N ASN A 80 -0.19 -12.85 -21.25
CA ASN A 80 0.72 -11.73 -21.14
C ASN A 80 1.81 -12.03 -20.11
N LEU A 81 1.49 -12.90 -19.15
CA LEU A 81 2.43 -13.28 -18.11
C LEU A 81 2.27 -14.77 -17.77
N GLU B 24 13.33 -26.88 -2.35
CA GLU B 24 14.05 -26.04 -1.35
C GLU B 24 15.43 -26.64 -1.06
N THR B 25 15.96 -27.38 -2.03
CA THR B 25 17.27 -28.01 -1.89
C THR B 25 18.38 -27.10 -2.40
N GLY B 26 18.64 -26.02 -1.66
CA GLY B 26 19.67 -25.09 -2.05
C GLY B 26 19.18 -24.05 -3.03
N THR B 27 17.87 -23.82 -3.05
CA THR B 27 17.27 -22.84 -3.95
C THR B 27 16.78 -21.61 -3.18
N LEU B 28 17.43 -20.48 -3.42
CA LEU B 28 17.06 -19.23 -2.76
C LEU B 28 16.12 -18.42 -3.64
N ILE B 29 15.80 -18.98 -4.82
CA ILE B 29 14.92 -18.33 -5.79
C ILE B 29 13.44 -18.46 -5.41
N VAL B 30 13.17 -18.92 -4.18
CA VAL B 30 11.80 -19.07 -3.72
C VAL B 30 11.22 -17.72 -3.30
N ASN B 31 12.12 -16.76 -3.04
CA ASN B 31 11.72 -15.42 -2.62
C ASN B 31 11.06 -14.65 -3.78
N SER B 32 11.33 -15.11 -5.01
CA SER B 32 10.80 -14.46 -6.20
C SER B 32 9.53 -15.15 -6.65
N VAL B 33 9.34 -16.38 -6.17
CA VAL B 33 8.15 -17.16 -6.50
C VAL B 33 6.95 -16.63 -5.71
N LEU B 34 7.18 -16.32 -4.44
CA LEU B 34 6.13 -15.79 -3.58
C LEU B 34 5.85 -14.32 -3.90
N LEU B 35 6.83 -13.67 -4.54
CA LEU B 35 6.69 -12.26 -4.92
C LEU B 35 5.75 -12.14 -6.11
N PHE B 36 5.67 -13.20 -6.91
CA PHE B 36 4.79 -13.22 -8.07
C PHE B 36 3.34 -13.36 -7.62
N LEU B 37 3.15 -13.96 -6.44
CA LEU B 37 1.82 -14.14 -5.86
C LEU B 37 1.30 -12.83 -5.30
N ALA B 38 2.23 -11.93 -4.98
CA ALA B 38 1.88 -10.61 -4.44
C ALA B 38 1.52 -9.64 -5.56
N PHE B 39 1.92 -9.99 -6.79
CA PHE B 39 1.64 -9.17 -7.96
C PHE B 39 0.29 -9.51 -8.57
N VAL B 40 -0.10 -10.78 -8.47
CA VAL B 40 -1.37 -11.23 -9.03
C VAL B 40 -2.55 -10.80 -8.15
N VAL B 41 -2.31 -10.68 -6.84
CA VAL B 41 -3.37 -10.27 -5.92
C VAL B 41 -3.57 -8.76 -5.96
N PHE B 42 -2.50 -8.03 -6.30
CA PHE B 42 -2.57 -6.57 -6.39
C PHE B 42 -3.21 -6.16 -7.70
N LEU B 43 -3.17 -7.08 -8.67
CA LEU B 43 -3.76 -6.84 -9.99
C LEU B 43 -5.28 -6.92 -9.92
N LEU B 44 -5.80 -7.41 -8.81
CA LEU B 44 -7.25 -7.53 -8.64
C LEU B 44 -7.82 -6.22 -8.07
N VAL B 45 -7.01 -5.53 -7.27
CA VAL B 45 -7.42 -4.28 -6.65
C VAL B 45 -7.31 -3.12 -7.64
N THR B 46 -6.10 -2.88 -8.14
CA THR B 46 -5.84 -1.83 -9.11
C THR B 46 -6.73 -1.93 -10.36
N LEU B 47 -7.07 -3.17 -10.78
CA LEU B 47 -7.92 -3.37 -11.95
C LEU B 47 -9.35 -2.90 -11.67
N ALA B 48 -9.75 -3.02 -10.41
CA ALA B 48 -11.07 -2.61 -9.96
C ALA B 48 -11.20 -1.10 -9.95
N ILE B 49 -10.07 -0.40 -9.97
CA ILE B 49 -10.07 1.05 -9.96
C ILE B 49 -10.27 1.62 -11.38
N LEU B 50 -9.42 1.19 -12.31
CA LEU B 50 -9.49 1.67 -13.69
C LEU B 50 -10.77 1.24 -14.39
N THR B 51 -11.32 0.09 -13.99
CA THR B 51 -12.55 -0.41 -14.59
C THR B 51 -13.76 0.34 -14.04
N ALA B 52 -13.68 0.76 -12.78
CA ALA B 52 -14.76 1.49 -12.13
C ALA B 52 -14.83 2.95 -12.60
N LEU B 53 -13.71 3.45 -13.11
CA LEU B 53 -13.64 4.82 -13.60
C LEU B 53 -13.96 4.86 -15.10
N ARG B 54 -14.27 3.68 -15.65
CA ARG B 54 -14.62 3.52 -17.06
C ARG B 54 -13.46 3.91 -17.98
N LEU B 55 -12.48 3.01 -18.08
CA LEU B 55 -11.32 3.25 -18.94
C LEU B 55 -10.59 1.94 -19.21
N ALA B 56 -11.28 0.83 -18.91
CA ALA B 56 -10.72 -0.49 -19.13
C ALA B 56 -10.69 -0.81 -20.62
N ALA B 57 -11.42 -0.01 -21.40
CA ALA B 57 -11.47 -0.20 -22.85
C ALA B 57 -10.25 0.40 -23.52
N TYR B 58 -9.63 1.36 -22.85
CA TYR B 58 -8.44 2.03 -23.39
C TYR B 58 -7.17 1.41 -22.82
N ALA B 59 -7.32 0.71 -21.70
CA ALA B 59 -6.19 0.03 -21.06
C ALA B 59 -6.11 -1.43 -21.53
N ALA B 60 -7.04 -1.83 -22.39
CA ALA B 60 -7.09 -3.20 -22.91
C ALA B 60 -5.99 -3.44 -23.96
N ASN B 61 -5.77 -2.42 -24.80
CA ASN B 61 -4.75 -2.49 -25.85
C ASN B 61 -3.34 -2.36 -25.28
N ILE B 62 -3.23 -1.74 -24.11
CA ILE B 62 -1.95 -1.56 -23.45
C ILE B 62 -1.39 -2.89 -22.96
N VAL B 63 -2.29 -3.75 -22.49
CA VAL B 63 -1.89 -5.06 -22.00
C VAL B 63 -1.66 -6.02 -23.17
N ASN B 64 -2.56 -5.96 -24.15
CA ASN B 64 -2.48 -6.82 -25.33
C ASN B 64 -1.57 -6.20 -26.40
N VAL B 65 -0.27 -6.45 -26.29
CA VAL B 65 0.73 -5.95 -27.23
C VAL B 65 0.75 -4.42 -27.29
N SER B 66 1.72 -3.83 -26.59
CA SER B 66 1.88 -2.37 -26.55
C SER B 66 3.28 -2.00 -26.09
N LEU B 67 3.85 -2.84 -25.22
CA LEU B 67 5.18 -2.61 -24.69
C LEU B 67 6.23 -3.29 -25.56
N VAL B 68 6.26 -2.90 -26.83
CA VAL B 68 7.22 -3.45 -27.80
C VAL B 68 8.21 -2.38 -28.22
N LYS B 69 7.76 -1.13 -28.21
CA LYS B 69 8.60 0.00 -28.60
C LYS B 69 9.07 0.78 -27.35
N PRO B 70 8.16 1.22 -26.45
CA PRO B 70 8.55 1.96 -25.25
C PRO B 70 8.98 1.02 -24.11
N THR B 71 9.26 -0.23 -24.47
CA THR B 71 9.69 -1.23 -23.50
C THR B 71 11.14 -1.01 -23.08
N VAL B 72 11.87 -0.26 -23.92
CA VAL B 72 13.26 0.07 -23.66
C VAL B 72 13.42 1.11 -22.53
N TYR B 73 12.29 1.50 -21.92
CA TYR B 73 12.32 2.48 -20.84
C TYR B 73 12.99 1.90 -19.59
N VAL B 74 13.09 0.57 -19.53
CA VAL B 74 13.74 -0.10 -18.40
C VAL B 74 15.25 -0.03 -18.54
N TYR B 75 15.73 0.17 -19.77
CA TYR B 75 17.17 0.27 -20.01
C TYR B 75 17.70 1.66 -19.66
N SER B 76 16.86 2.68 -19.88
CA SER B 76 17.23 4.05 -19.57
C SER B 76 17.18 4.31 -18.06
N ARG B 77 16.78 3.29 -17.30
CA ARG B 77 16.70 3.40 -15.84
C ARG B 77 17.94 2.78 -15.19
N VAL B 78 18.70 2.01 -15.98
CA VAL B 78 19.90 1.36 -15.48
C VAL B 78 21.00 2.37 -15.22
N LYS B 79 20.97 3.50 -15.94
CA LYS B 79 21.97 4.54 -15.78
C LYS B 79 21.75 5.33 -14.49
N ASN B 80 20.51 5.38 -14.02
CA ASN B 80 20.19 6.11 -12.80
C ASN B 80 20.47 5.24 -11.57
N LEU B 81 20.24 3.93 -11.71
CA LEU B 81 20.47 2.99 -10.62
C LEU B 81 21.10 1.70 -11.14
N GLU C 24 23.92 -14.83 3.03
CA GLU C 24 22.97 -14.73 4.17
C GLU C 24 23.62 -15.26 5.45
N THR C 25 24.85 -14.82 5.71
CA THR C 25 25.57 -15.24 6.90
C THR C 25 25.59 -14.14 7.96
N GLY C 26 24.56 -14.10 8.79
CA GLY C 26 24.47 -13.10 9.84
C GLY C 26 24.22 -11.70 9.30
N THR C 27 23.64 -11.62 8.10
CA THR C 27 23.36 -10.33 7.48
C THR C 27 21.87 -10.02 7.49
N LEU C 28 21.48 -9.05 8.31
CA LEU C 28 20.09 -8.64 8.42
C LEU C 28 19.78 -7.48 7.47
N ILE C 29 20.79 -7.08 6.69
CA ILE C 29 20.65 -5.97 5.75
C ILE C 29 19.79 -6.34 4.54
N VAL C 30 19.29 -7.57 4.52
CA VAL C 30 18.45 -8.03 3.43
C VAL C 30 17.06 -7.40 3.51
N ASN C 31 16.66 -7.02 4.72
CA ASN C 31 15.35 -6.40 4.93
C ASN C 31 15.23 -5.05 4.22
N SER C 32 16.38 -4.48 3.84
CA SER C 32 16.38 -3.19 3.15
C SER C 32 16.58 -3.38 1.65
N VAL C 33 17.17 -4.51 1.27
CA VAL C 33 17.41 -4.82 -0.13
C VAL C 33 16.09 -5.17 -0.83
N LEU C 34 15.22 -5.87 -0.10
CA LEU C 34 13.91 -6.24 -0.64
C LEU C 34 12.97 -5.03 -0.62
N LEU C 35 13.31 -4.04 0.20
CA LEU C 35 12.52 -2.83 0.31
C LEU C 35 12.84 -1.89 -0.85
N PHE C 36 14.01 -2.08 -1.47
CA PHE C 36 14.43 -1.27 -2.61
C PHE C 36 13.66 -1.70 -3.85
N LEU C 37 13.16 -2.94 -3.82
CA LEU C 37 12.39 -3.49 -4.92
C LEU C 37 10.96 -2.97 -4.84
N ALA C 38 10.54 -2.61 -3.62
CA ALA C 38 9.20 -2.08 -3.38
C ALA C 38 9.16 -0.58 -3.67
N PHE C 39 10.35 -0.01 -3.90
CA PHE C 39 10.47 1.42 -4.19
C PHE C 39 10.41 1.68 -5.68
N VAL C 40 10.91 0.73 -6.47
CA VAL C 40 10.93 0.86 -7.91
C VAL C 40 9.56 0.52 -8.51
N VAL C 41 8.77 -0.29 -7.79
CA VAL C 41 7.45 -0.66 -8.27
C VAL C 41 6.44 0.45 -8.04
N PHE C 42 6.59 1.20 -6.94
CA PHE C 42 5.69 2.32 -6.66
C PHE C 42 6.06 3.50 -7.52
N LEU C 43 7.30 3.50 -8.00
CA LEU C 43 7.80 4.57 -8.86
C LEU C 43 7.14 4.48 -10.23
N LEU C 44 6.74 3.27 -10.62
CA LEU C 44 6.08 3.05 -11.90
C LEU C 44 4.60 3.40 -11.81
N VAL C 45 4.06 3.35 -10.60
CA VAL C 45 2.66 3.66 -10.36
C VAL C 45 2.45 5.17 -10.26
N THR C 46 3.19 5.80 -9.34
CA THR C 46 3.10 7.24 -9.14
C THR C 46 3.51 8.04 -10.39
N LEU C 47 4.41 7.46 -11.22
CA LEU C 47 4.86 8.12 -12.45
C LEU C 47 3.74 8.19 -13.47
N ALA C 48 2.82 7.22 -13.41
CA ALA C 48 1.71 7.16 -14.34
C ALA C 48 0.61 8.16 -13.97
N ILE C 49 0.76 8.79 -12.80
CA ILE C 49 -0.21 9.76 -12.34
C ILE C 49 0.19 11.18 -12.78
N LEU C 50 1.47 11.52 -12.56
CA LEU C 50 1.98 12.84 -12.93
C LEU C 50 2.13 12.99 -14.44
N THR C 51 2.33 11.88 -15.13
CA THR C 51 2.47 11.90 -16.58
C THR C 51 1.08 11.93 -17.25
N ALA C 52 0.08 11.39 -16.54
CA ALA C 52 -1.30 11.38 -17.04
C ALA C 52 -1.97 12.73 -16.90
N LEU C 53 -1.47 13.54 -15.99
CA LEU C 53 -2.01 14.87 -15.75
C LEU C 53 -1.22 15.93 -16.53
N ARG C 54 -0.25 15.46 -17.32
CA ARG C 54 0.60 16.32 -18.14
C ARG C 54 1.39 17.32 -17.30
N LEU C 55 2.38 16.82 -16.56
CA LEU C 55 3.23 17.67 -15.73
C LEU C 55 4.58 17.00 -15.50
N ALA C 56 4.85 15.95 -16.27
CA ALA C 56 6.11 15.22 -16.17
C ALA C 56 7.26 16.03 -16.73
N ALA C 57 6.94 17.04 -17.55
CA ALA C 57 7.95 17.90 -18.14
C ALA C 57 8.52 18.87 -17.12
N TYR C 58 7.76 19.13 -16.07
CA TYR C 58 8.19 20.04 -15.01
C TYR C 58 8.77 19.28 -13.83
N ALA C 59 8.36 18.02 -13.69
CA ALA C 59 8.85 17.17 -12.60
C ALA C 59 10.17 16.52 -12.97
N ALA C 60 10.46 16.48 -14.27
CA ALA C 60 11.68 15.87 -14.80
C ALA C 60 12.94 16.50 -14.23
N ASN C 61 13.00 17.83 -14.23
CA ASN C 61 14.15 18.55 -13.70
C ASN C 61 14.30 18.31 -12.20
N ILE C 62 13.21 17.94 -11.53
CA ILE C 62 13.25 17.68 -10.09
C ILE C 62 14.05 16.41 -9.80
N VAL C 63 13.95 15.43 -10.69
CA VAL C 63 14.67 14.18 -10.52
C VAL C 63 16.11 14.32 -10.96
N ASN C 64 16.33 15.15 -12.00
CA ASN C 64 17.67 15.38 -12.53
C ASN C 64 18.31 16.60 -11.88
N VAL C 65 18.97 16.39 -10.74
CA VAL C 65 19.66 17.45 -10.01
C VAL C 65 18.70 18.58 -9.58
N SER C 66 18.21 18.49 -8.35
CA SER C 66 17.29 19.50 -7.83
C SER C 66 17.29 19.48 -6.31
N LEU C 67 17.54 18.30 -5.76
CA LEU C 67 17.58 18.12 -4.30
C LEU C 67 19.00 18.31 -3.78
N VAL C 68 19.55 19.49 -4.01
CA VAL C 68 20.89 19.82 -3.55
C VAL C 68 20.85 20.93 -2.51
N LYS C 69 19.84 21.78 -2.61
CA LYS C 69 19.65 22.89 -1.68
C LYS C 69 18.57 22.56 -0.64
N PRO C 70 17.35 22.14 -1.06
CA PRO C 70 16.27 21.81 -0.11
C PRO C 70 16.37 20.37 0.40
N THR C 71 17.52 19.73 0.12
CA THR C 71 17.77 18.35 0.55
C THR C 71 17.99 18.29 2.06
N VAL C 72 18.31 19.43 2.66
CA VAL C 72 18.54 19.53 4.10
C VAL C 72 17.23 19.45 4.91
N TYR C 73 16.10 19.25 4.21
CA TYR C 73 14.80 19.16 4.88
C TYR C 73 14.70 17.88 5.72
N VAL C 74 15.60 16.92 5.47
CA VAL C 74 15.60 15.67 6.22
C VAL C 74 16.28 15.85 7.57
N TYR C 75 17.17 16.84 7.67
CA TYR C 75 17.88 17.13 8.91
C TYR C 75 16.98 17.90 9.87
N SER C 76 15.98 18.59 9.32
CA SER C 76 15.04 19.36 10.14
C SER C 76 13.89 18.48 10.62
N ARG C 77 13.90 17.21 10.23
CA ARG C 77 12.86 16.27 10.63
C ARG C 77 13.36 15.37 11.76
N VAL C 78 14.67 15.38 11.99
CA VAL C 78 15.28 14.57 13.04
C VAL C 78 14.99 15.17 14.42
N LYS C 79 14.67 16.45 14.45
CA LYS C 79 14.35 17.13 15.69
C LYS C 79 12.94 16.78 16.16
N ASN C 80 12.10 16.36 15.22
CA ASN C 80 10.72 15.97 15.53
C ASN C 80 10.66 14.50 15.90
N LEU C 81 11.53 13.70 15.30
CA LEU C 81 11.59 12.27 15.56
C LEU C 81 13.04 11.77 15.59
N GLU D 24 20.72 -10.07 13.32
CA GLU D 24 19.44 -10.80 13.21
C GLU D 24 19.41 -11.98 14.18
N THR D 25 19.80 -11.73 15.43
CA THR D 25 19.82 -12.78 16.43
C THR D 25 18.65 -12.64 17.41
N GLY D 26 17.50 -13.19 17.03
CA GLY D 26 16.32 -13.13 17.89
C GLY D 26 15.70 -11.74 17.95
N THR D 27 15.99 -10.91 16.95
CA THR D 27 15.44 -9.56 16.91
C THR D 27 14.28 -9.46 15.93
N LEU D 28 13.08 -9.20 16.45
CA LEU D 28 11.90 -9.07 15.60
C LEU D 28 11.55 -7.61 15.37
N ILE D 29 12.47 -6.72 15.73
CA ILE D 29 12.25 -5.29 15.55
C ILE D 29 12.67 -4.83 14.15
N VAL D 30 12.81 -5.80 13.25
CA VAL D 30 13.20 -5.53 11.87
C VAL D 30 12.00 -5.10 11.03
N ASN D 31 10.80 -5.54 11.43
CA ASN D 31 9.58 -5.19 10.72
C ASN D 31 9.26 -3.69 10.81
N SER D 32 9.78 -3.05 11.85
CA SER D 32 9.55 -1.62 12.04
C SER D 32 10.60 -0.81 11.29
N VAL D 33 11.75 -1.43 11.02
CA VAL D 33 12.84 -0.78 10.30
C VAL D 33 12.50 -0.67 8.82
N LEU D 34 11.95 -1.74 8.25
CA LEU D 34 11.58 -1.73 6.84
C LEU D 34 10.31 -0.91 6.62
N LEU D 35 9.53 -0.72 7.70
CA LEU D 35 8.31 0.07 7.63
C LEU D 35 8.64 1.55 7.65
N PHE D 36 9.80 1.89 8.21
CA PHE D 36 10.26 3.27 8.27
C PHE D 36 10.71 3.73 6.89
N LEU D 37 11.11 2.77 6.06
CA LEU D 37 11.55 3.06 4.71
C LEU D 37 10.33 3.25 3.81
N ALA D 38 9.25 2.55 4.12
CA ALA D 38 8.01 2.66 3.35
C ALA D 38 7.30 3.97 3.68
N PHE D 39 7.74 4.62 4.75
CA PHE D 39 7.18 5.89 5.17
C PHE D 39 7.92 7.07 4.54
N VAL D 40 9.12 6.81 4.05
CA VAL D 40 9.93 7.86 3.43
C VAL D 40 9.59 8.06 1.95
N VAL D 41 9.13 7.00 1.28
CA VAL D 41 8.78 7.09 -0.13
C VAL D 41 7.41 7.71 -0.33
N PHE D 42 6.47 7.39 0.55
CA PHE D 42 5.12 7.94 0.47
C PHE D 42 5.16 9.41 0.89
N LEU D 43 6.28 9.81 1.47
CA LEU D 43 6.49 11.18 1.90
C LEU D 43 6.83 12.06 0.70
N LEU D 44 7.53 11.47 -0.28
CA LEU D 44 7.91 12.19 -1.48
C LEU D 44 6.74 12.28 -2.45
N VAL D 45 5.84 11.31 -2.36
CA VAL D 45 4.66 11.29 -3.22
C VAL D 45 3.61 12.27 -2.72
N THR D 46 3.34 12.22 -1.41
CA THR D 46 2.35 13.12 -0.80
C THR D 46 2.84 14.57 -0.78
N LEU D 47 4.16 14.79 -0.82
CA LEU D 47 4.72 16.15 -0.81
C LEU D 47 4.41 16.88 -2.11
N ALA D 48 4.49 16.16 -3.21
CA ALA D 48 4.22 16.73 -4.54
C ALA D 48 2.79 17.24 -4.64
N ILE D 49 1.84 16.63 -3.92
CA ILE D 49 0.46 17.08 -3.96
C ILE D 49 0.30 18.45 -3.32
N LEU D 50 0.75 18.58 -2.06
CA LEU D 50 0.63 19.83 -1.33
C LEU D 50 1.49 20.95 -1.93
N THR D 51 2.54 20.57 -2.66
CA THR D 51 3.42 21.55 -3.30
C THR D 51 2.83 22.04 -4.62
N ALA D 52 2.14 21.15 -5.33
CA ALA D 52 1.51 21.49 -6.61
C ALA D 52 0.27 22.34 -6.41
N LEU D 53 -0.32 22.26 -5.22
CA LEU D 53 -1.52 23.03 -4.90
C LEU D 53 -1.16 24.37 -4.26
N ARG D 54 0.15 24.61 -4.13
CA ARG D 54 0.69 25.84 -3.53
C ARG D 54 0.17 26.07 -2.11
N LEU D 55 0.67 25.27 -1.17
CA LEU D 55 0.28 25.39 0.23
C LEU D 55 1.38 24.85 1.14
N ALA D 56 2.56 24.64 0.55
CA ALA D 56 3.71 24.12 1.29
C ALA D 56 4.29 25.18 2.22
N ALA D 57 3.89 26.44 1.99
CA ALA D 57 4.37 27.55 2.81
C ALA D 57 3.62 27.63 4.13
N TYR D 58 2.42 27.07 4.15
CA TYR D 58 1.59 27.06 5.35
C TYR D 58 1.73 25.76 6.12
N ALA D 59 2.14 24.71 5.40
CA ALA D 59 2.32 23.40 6.00
C ALA D 59 3.76 23.22 6.49
N ALA D 60 4.62 24.20 6.20
CA ALA D 60 6.02 24.16 6.62
C ALA D 60 6.14 24.31 8.13
N ASN D 61 5.37 25.24 8.69
CA ASN D 61 5.35 25.50 10.13
C ASN D 61 4.72 24.35 10.91
N ILE D 62 3.95 23.51 10.22
CA ILE D 62 3.30 22.37 10.85
C ILE D 62 4.31 21.26 11.16
N VAL D 63 5.30 21.08 10.30
CA VAL D 63 6.32 20.06 10.50
C VAL D 63 7.46 20.59 11.37
N ASN D 64 7.56 21.91 11.47
CA ASN D 64 8.60 22.54 12.28
C ASN D 64 8.02 23.04 13.59
N VAL D 65 7.89 22.13 14.56
CA VAL D 65 7.36 22.43 15.88
C VAL D 65 5.90 22.91 15.82
N SER D 66 4.98 21.99 15.99
CA SER D 66 3.55 22.30 15.97
C SER D 66 2.75 21.25 16.73
N LEU D 67 3.29 20.04 16.76
CA LEU D 67 2.65 18.92 17.45
C LEU D 67 3.16 18.81 18.89
N VAL D 68 2.98 19.89 19.65
CA VAL D 68 3.40 19.93 21.04
C VAL D 68 2.18 20.05 21.96
N LYS D 69 1.14 20.69 21.43
CA LYS D 69 -0.10 20.87 22.18
C LYS D 69 -1.18 19.89 21.72
N PRO D 70 -1.48 19.80 20.40
CA PRO D 70 -2.49 18.87 19.89
C PRO D 70 -1.93 17.48 19.64
N THR D 71 -0.75 17.20 20.21
CA THR D 71 -0.10 15.90 20.06
C THR D 71 -0.76 14.85 20.93
N VAL D 72 -1.52 15.32 21.92
CA VAL D 72 -2.24 14.44 22.86
C VAL D 72 -3.45 13.76 22.19
N TYR D 73 -3.65 14.03 20.88
CA TYR D 73 -4.77 13.43 20.15
C TYR D 73 -4.59 11.92 20.00
N VAL D 74 -3.35 11.45 20.17
CA VAL D 74 -3.05 10.03 20.07
C VAL D 74 -3.45 9.29 21.34
N TYR D 75 -3.52 10.03 22.45
CA TYR D 75 -3.89 9.43 23.73
C TYR D 75 -5.40 9.24 23.83
N SER D 76 -6.14 10.17 23.22
CA SER D 76 -7.60 10.10 23.22
C SER D 76 -8.12 9.07 22.21
N ARG D 77 -7.20 8.39 21.53
CA ARG D 77 -7.56 7.37 20.55
C ARG D 77 -7.36 5.98 21.13
N VAL D 78 -6.61 5.88 22.21
CA VAL D 78 -6.34 4.61 22.87
C VAL D 78 -7.58 4.09 23.61
N LYS D 79 -8.47 5.01 23.99
CA LYS D 79 -9.70 4.64 24.69
C LYS D 79 -10.70 3.98 23.74
N ASN D 80 -10.50 4.17 22.44
CA ASN D 80 -11.38 3.58 21.44
C ASN D 80 -10.82 2.26 20.95
N LEU D 81 -9.49 2.19 20.83
CA LEU D 81 -8.82 0.98 20.37
C LEU D 81 -7.59 0.69 21.22
N GLU E 24 7.95 -19.55 19.92
CA GLU E 24 8.13 -20.05 18.54
C GLU E 24 8.35 -21.57 18.53
N THR E 25 7.60 -22.26 19.38
CA THR E 25 7.71 -23.72 19.47
C THR E 25 6.51 -24.37 18.77
N GLY E 26 6.57 -24.43 17.44
CA GLY E 26 5.48 -25.03 16.68
C GLY E 26 4.27 -24.12 16.58
N THR E 27 4.51 -22.81 16.66
CA THR E 27 3.44 -21.84 16.60
C THR E 27 3.46 -21.08 15.27
N LEU E 28 2.41 -21.28 14.47
CA LEU E 28 2.30 -20.62 13.18
C LEU E 28 1.36 -19.42 13.26
N ILE E 29 0.95 -19.09 14.48
CA ILE E 29 0.06 -17.97 14.73
C ILE E 29 0.81 -16.65 14.85
N VAL E 30 2.08 -16.63 14.43
CA VAL E 30 2.90 -15.42 14.49
C VAL E 30 2.62 -14.51 13.30
N ASN E 31 2.09 -15.09 12.23
CA ASN E 31 1.78 -14.34 11.02
C ASN E 31 0.63 -13.36 11.27
N SER E 32 -0.21 -13.68 12.25
CA SER E 32 -1.34 -12.82 12.60
C SER E 32 -0.91 -11.72 13.56
N VAL E 33 0.17 -11.98 14.28
CA VAL E 33 0.70 -11.02 15.25
C VAL E 33 1.35 -9.84 14.53
N LEU E 34 2.14 -10.14 13.49
CA LEU E 34 2.81 -9.11 12.71
C LEU E 34 1.82 -8.35 11.83
N LEU E 35 0.66 -8.95 11.59
CA LEU E 35 -0.37 -8.32 10.77
C LEU E 35 -1.10 -7.25 11.59
N PHE E 36 -1.16 -7.45 12.90
CA PHE E 36 -1.80 -6.49 13.80
C PHE E 36 -0.93 -5.25 13.95
N LEU E 37 0.38 -5.44 13.73
CA LEU E 37 1.35 -4.35 13.82
C LEU E 37 1.24 -3.45 12.58
N ALA E 38 0.95 -4.07 11.43
CA ALA E 38 0.82 -3.34 10.18
C ALA E 38 -0.59 -2.75 10.04
N PHE E 39 -1.45 -3.09 10.98
CA PHE E 39 -2.83 -2.60 10.96
C PHE E 39 -2.99 -1.39 11.88
N VAL E 40 -2.09 -1.27 12.86
CA VAL E 40 -2.14 -0.16 13.80
C VAL E 40 -1.36 1.05 13.27
N VAL E 41 -0.36 0.80 12.42
CA VAL E 41 0.44 1.88 11.84
C VAL E 41 -0.31 2.56 10.71
N PHE E 42 -1.17 1.80 10.04
CA PHE E 42 -1.98 2.33 8.95
C PHE E 42 -3.18 3.09 9.49
N LEU E 43 -3.44 2.88 10.79
CA LEU E 43 -4.55 3.53 11.47
C LEU E 43 -4.26 5.02 11.65
N LEU E 44 -2.98 5.37 11.86
CA LEU E 44 -2.59 6.76 12.03
C LEU E 44 -2.55 7.49 10.70
N VAL E 45 -2.38 6.72 9.62
CA VAL E 45 -2.34 7.29 8.26
C VAL E 45 -3.73 7.73 7.84
N THR E 46 -4.64 6.78 7.65
CA THR E 46 -6.02 7.07 7.27
C THR E 46 -6.72 8.00 8.27
N LEU E 47 -6.27 8.00 9.53
CA LEU E 47 -6.88 8.86 10.56
C LEU E 47 -6.63 10.33 10.26
N ALA E 48 -5.44 10.63 9.74
CA ALA E 48 -5.07 12.01 9.41
C ALA E 48 -5.85 12.52 8.21
N ILE E 49 -6.54 11.63 7.49
CA ILE E 49 -7.33 12.03 6.34
C ILE E 49 -8.71 12.53 6.75
N LEU E 50 -9.38 11.76 7.61
CA LEU E 50 -10.72 12.14 8.09
C LEU E 50 -10.65 13.31 9.08
N THR E 51 -9.47 13.53 9.65
CA THR E 51 -9.28 14.63 10.60
C THR E 51 -8.99 15.94 9.88
N ALA E 52 -8.30 15.85 8.75
CA ALA E 52 -7.96 17.01 7.93
C ALA E 52 -9.18 17.56 7.19
N LEU E 53 -10.16 16.70 6.97
CA LEU E 53 -11.38 17.07 6.27
C LEU E 53 -12.45 17.53 7.26
N ARG E 54 -12.12 17.49 8.55
CA ARG E 54 -13.02 17.91 9.62
C ARG E 54 -14.29 17.05 9.66
N LEU E 55 -14.17 15.84 10.20
CA LEU E 55 -15.31 14.93 10.32
C LEU E 55 -15.02 13.85 11.36
N ALA E 56 -13.98 14.09 12.16
CA ALA E 56 -13.60 13.15 13.21
C ALA E 56 -14.62 13.14 14.35
N ALA E 57 -15.47 14.17 14.37
CA ALA E 57 -16.50 14.30 15.40
C ALA E 57 -17.71 13.43 15.09
N TYR E 58 -17.88 13.10 13.81
CA TYR E 58 -19.00 12.27 13.37
C TYR E 58 -18.58 10.82 13.23
N ALA E 59 -17.27 10.60 13.10
CA ALA E 59 -16.71 9.26 12.98
C ALA E 59 -16.26 8.73 14.34
N ALA E 60 -16.43 9.56 15.38
CA ALA E 60 -16.04 9.18 16.74
C ALA E 60 -17.05 8.20 17.36
N ASN E 61 -18.33 8.45 17.12
CA ASN E 61 -19.40 7.59 17.65
C ASN E 61 -19.43 6.24 16.94
N ILE E 62 -18.85 6.19 15.74
CA ILE E 62 -18.79 4.96 14.97
C ILE E 62 -17.78 3.98 15.58
N VAL E 63 -16.70 4.51 16.12
CA VAL E 63 -15.67 3.69 16.74
C VAL E 63 -16.07 3.34 18.17
N ASN E 64 -16.80 4.24 18.82
CA ASN E 64 -17.24 4.01 20.20
C ASN E 64 -18.64 3.40 20.23
N VAL E 65 -18.69 2.07 20.12
CA VAL E 65 -19.96 1.32 20.14
C VAL E 65 -20.88 1.72 19.01
N SER E 66 -20.85 0.97 17.92
CA SER E 66 -21.68 1.25 16.76
C SER E 66 -21.84 0.01 15.89
N LEU E 67 -20.84 -0.88 15.94
CA LEU E 67 -20.85 -2.11 15.16
C LEU E 67 -21.44 -3.25 15.97
N VAL E 68 -22.68 -3.08 16.41
CA VAL E 68 -23.39 -4.09 17.19
C VAL E 68 -24.56 -4.67 16.40
N LYS E 69 -25.16 -3.83 15.56
CA LYS E 69 -26.28 -4.23 14.73
C LYS E 69 -25.83 -4.57 13.30
N PRO E 70 -25.07 -3.66 12.62
CA PRO E 70 -24.59 -3.91 11.27
C PRO E 70 -23.30 -4.72 11.24
N THR E 71 -22.96 -5.34 12.38
CA THR E 71 -21.76 -6.15 12.51
C THR E 71 -21.92 -7.48 11.79
N VAL E 72 -23.18 -7.85 11.52
CA VAL E 72 -23.52 -9.08 10.84
C VAL E 72 -23.22 -9.00 9.32
N TYR E 73 -22.65 -7.86 8.89
CA TYR E 73 -22.31 -7.67 7.47
C TYR E 73 -21.19 -8.61 7.05
N VAL E 74 -20.46 -9.14 8.02
CA VAL E 74 -19.36 -10.07 7.74
C VAL E 74 -19.89 -11.48 7.48
N TYR E 75 -21.09 -11.77 8.00
CA TYR E 75 -21.70 -13.08 7.81
C TYR E 75 -22.31 -13.20 6.42
N SER E 76 -22.84 -12.09 5.91
CA SER E 76 -23.44 -12.05 4.59
C SER E 76 -22.37 -12.07 3.49
N ARG E 77 -21.11 -12.10 3.89
CA ARG E 77 -19.99 -12.13 2.94
C ARG E 77 -19.40 -13.53 2.86
N VAL E 78 -19.71 -14.37 3.86
CA VAL E 78 -19.21 -15.73 3.92
C VAL E 78 -19.87 -16.60 2.84
N LYS E 79 -21.08 -16.23 2.45
CA LYS E 79 -21.82 -16.97 1.42
C LYS E 79 -21.26 -16.72 0.02
N ASN E 80 -20.39 -15.71 -0.10
CA ASN E 80 -19.77 -15.37 -1.37
C ASN E 80 -18.35 -15.92 -1.45
N LEU E 81 -17.69 -15.98 -0.31
CA LEU E 81 -16.32 -16.49 -0.24
C LEU E 81 -16.13 -17.36 1.01
N GLU A 24 5.94 -27.62 8.45
CA GLU A 24 6.92 -26.99 7.58
C GLU A 24 7.78 -28.04 6.89
N THR A 25 7.22 -29.22 6.68
CA THR A 25 7.94 -30.30 6.03
C THR A 25 7.74 -30.26 4.51
N GLY A 26 8.48 -29.37 3.86
CA GLY A 26 8.37 -29.22 2.41
C GLY A 26 7.13 -28.46 2.00
N THR A 27 6.52 -27.75 2.94
CA THR A 27 5.31 -26.98 2.67
C THR A 27 5.63 -25.52 2.39
N LEU A 28 5.98 -25.23 1.13
CA LEU A 28 6.30 -23.87 0.71
C LEU A 28 5.01 -23.12 0.37
N ILE A 29 3.88 -23.77 0.61
CA ILE A 29 2.57 -23.19 0.33
C ILE A 29 2.13 -22.18 1.39
N VAL A 30 2.82 -22.16 2.54
CA VAL A 30 2.49 -21.23 3.62
C VAL A 30 2.93 -19.81 3.23
N ASN A 31 3.76 -19.72 2.18
CA ASN A 31 4.24 -18.44 1.69
C ASN A 31 3.10 -17.66 1.01
N SER A 32 2.10 -18.41 0.53
CA SER A 32 0.96 -17.80 -0.14
C SER A 32 -0.23 -17.68 0.82
N VAL A 33 -0.11 -18.29 2.00
CA VAL A 33 -1.16 -18.25 3.01
C VAL A 33 -1.09 -16.96 3.81
N LEU A 34 0.12 -16.41 3.92
CA LEU A 34 0.33 -15.16 4.67
C LEU A 34 -0.29 -13.97 3.94
N LEU A 35 -0.55 -14.14 2.65
CA LEU A 35 -1.15 -13.08 1.83
C LEU A 35 -2.64 -12.98 2.11
N PHE A 36 -3.24 -14.09 2.52
CA PHE A 36 -4.66 -14.13 2.85
C PHE A 36 -4.94 -13.27 4.08
N LEU A 37 -3.94 -13.18 4.94
CA LEU A 37 -4.04 -12.40 6.15
C LEU A 37 -3.75 -10.92 5.86
N ALA A 38 -2.96 -10.67 4.81
CA ALA A 38 -2.63 -9.31 4.42
C ALA A 38 -3.81 -8.71 3.65
N PHE A 39 -4.79 -9.56 3.37
CA PHE A 39 -5.99 -9.17 2.65
C PHE A 39 -7.14 -8.95 3.63
N VAL A 40 -7.04 -9.56 4.81
CA VAL A 40 -8.06 -9.43 5.84
C VAL A 40 -7.90 -8.13 6.63
N VAL A 41 -6.69 -7.60 6.65
CA VAL A 41 -6.41 -6.36 7.36
C VAL A 41 -6.84 -5.15 6.54
N PHE A 42 -6.54 -5.19 5.24
CA PHE A 42 -6.89 -4.10 4.34
C PHE A 42 -8.38 -4.17 4.01
N LEU A 43 -9.01 -5.27 4.42
CA LEU A 43 -10.44 -5.47 4.18
C LEU A 43 -11.24 -4.52 5.06
N LEU A 44 -10.74 -4.23 6.26
CA LEU A 44 -11.41 -3.34 7.19
C LEU A 44 -11.11 -1.88 6.84
N VAL A 45 -9.98 -1.67 6.17
CA VAL A 45 -9.56 -0.34 5.78
C VAL A 45 -10.42 0.18 4.63
N THR A 46 -10.55 -0.63 3.59
CA THR A 46 -11.35 -0.27 2.43
C THR A 46 -12.85 -0.31 2.75
N LEU A 47 -13.23 -1.08 3.78
CA LEU A 47 -14.62 -1.19 4.19
C LEU A 47 -15.09 0.11 4.84
N ALA A 48 -14.17 0.77 5.53
CA ALA A 48 -14.47 2.02 6.22
C ALA A 48 -14.62 3.16 5.22
N ILE A 49 -14.34 2.89 3.95
CA ILE A 49 -14.46 3.89 2.90
C ILE A 49 -15.83 3.82 2.23
N LEU A 50 -16.24 2.61 1.83
CA LEU A 50 -17.53 2.42 1.17
C LEU A 50 -18.67 2.62 2.17
N THR A 51 -18.40 2.37 3.44
CA THR A 51 -19.40 2.54 4.48
C THR A 51 -19.53 4.01 4.87
N ALA A 52 -18.41 4.74 4.79
CA ALA A 52 -18.42 6.16 5.12
C ALA A 52 -19.08 6.98 4.02
N LEU A 53 -19.10 6.44 2.81
CA LEU A 53 -19.70 7.12 1.67
C LEU A 53 -21.17 6.75 1.50
N ARG A 54 -21.62 5.79 2.32
CA ARG A 54 -23.01 5.32 2.31
C ARG A 54 -23.40 4.68 0.97
N LEU A 55 -22.89 3.46 0.74
CA LEU A 55 -23.20 2.72 -0.47
C LEU A 55 -23.22 1.23 -0.19
N ALA A 56 -23.73 0.87 0.99
CA ALA A 56 -23.81 -0.52 1.42
C ALA A 56 -24.84 -1.30 0.59
N ALA A 57 -25.72 -0.58 -0.09
CA ALA A 57 -26.75 -1.20 -0.92
C ALA A 57 -26.15 -1.67 -2.24
N TYR A 58 -25.09 -1.01 -2.68
CA TYR A 58 -24.42 -1.36 -3.92
C TYR A 58 -23.29 -2.36 -3.65
N ALA A 59 -22.81 -2.38 -2.41
CA ALA A 59 -21.74 -3.29 -2.03
C ALA A 59 -22.28 -4.60 -1.47
N ALA A 60 -23.60 -4.65 -1.26
CA ALA A 60 -24.24 -5.85 -0.71
C ALA A 60 -24.24 -7.01 -1.73
N ASN A 61 -24.50 -6.69 -2.99
CA ASN A 61 -24.52 -7.71 -4.04
C ASN A 61 -23.11 -8.24 -4.33
N ILE A 62 -22.11 -7.37 -4.15
CA ILE A 62 -20.72 -7.75 -4.37
C ILE A 62 -20.27 -8.74 -3.30
N VAL A 63 -20.80 -8.57 -2.09
CA VAL A 63 -20.48 -9.44 -0.97
C VAL A 63 -21.14 -10.82 -1.17
N ASN A 64 -22.25 -10.83 -1.91
CA ASN A 64 -22.98 -12.07 -2.19
C ASN A 64 -22.54 -12.67 -3.53
N VAL A 65 -21.30 -12.37 -3.93
CA VAL A 65 -20.71 -12.87 -5.18
C VAL A 65 -21.34 -12.22 -6.41
N SER A 66 -20.53 -11.42 -7.10
CA SER A 66 -20.96 -10.73 -8.31
C SER A 66 -20.13 -11.19 -9.50
N LEU A 67 -19.37 -12.26 -9.29
CA LEU A 67 -18.50 -12.81 -10.34
C LEU A 67 -19.23 -13.90 -11.14
N VAL A 68 -20.35 -13.51 -11.75
CA VAL A 68 -21.15 -14.43 -12.55
C VAL A 68 -21.25 -13.93 -13.99
N LYS A 69 -21.17 -12.62 -14.15
CA LYS A 69 -21.25 -11.98 -15.47
C LYS A 69 -19.87 -11.49 -15.92
N PRO A 70 -19.16 -10.66 -15.11
CA PRO A 70 -17.84 -10.15 -15.46
C PRO A 70 -16.72 -11.10 -15.03
N THR A 71 -17.05 -12.37 -14.84
CA THR A 71 -16.09 -13.39 -14.44
C THR A 71 -15.30 -13.88 -15.64
N VAL A 72 -15.72 -13.44 -16.83
CA VAL A 72 -15.07 -13.83 -18.09
C VAL A 72 -13.77 -13.05 -18.28
N TYR A 73 -13.48 -12.13 -17.35
CA TYR A 73 -12.25 -11.32 -17.43
C TYR A 73 -11.03 -12.19 -17.17
N VAL A 74 -11.24 -13.38 -16.62
CA VAL A 74 -10.14 -14.30 -16.36
C VAL A 74 -9.69 -15.01 -17.62
N TYR A 75 -10.60 -15.12 -18.59
CA TYR A 75 -10.32 -15.78 -19.86
C TYR A 75 -9.59 -14.83 -20.80
N SER A 76 -9.73 -13.52 -20.57
CA SER A 76 -9.08 -12.52 -21.39
C SER A 76 -7.63 -12.32 -20.96
N ARG A 77 -7.19 -13.08 -19.96
CA ARG A 77 -5.84 -13.00 -19.46
C ARG A 77 -5.07 -14.28 -19.80
N VAL A 78 -5.80 -15.37 -20.03
CA VAL A 78 -5.21 -16.65 -20.39
C VAL A 78 -4.64 -16.60 -21.81
N LYS A 79 -5.22 -15.73 -22.64
CA LYS A 79 -4.80 -15.57 -24.02
C LYS A 79 -3.45 -14.83 -24.11
N ASN A 80 -3.00 -14.27 -23.00
CA ASN A 80 -1.73 -13.55 -22.97
C ASN A 80 -0.67 -14.33 -22.23
N LEU A 81 -1.07 -14.95 -21.12
CA LEU A 81 -0.17 -15.76 -20.31
C LEU A 81 -0.63 -17.20 -20.24
N GLU B 24 14.17 -27.59 -0.39
CA GLU B 24 14.83 -26.38 0.16
C GLU B 24 16.30 -26.65 0.47
N THR B 25 17.11 -26.87 -0.58
CA THR B 25 18.53 -27.14 -0.39
C THR B 25 19.39 -26.02 -0.95
N GLY B 26 19.35 -24.87 -0.28
CA GLY B 26 20.13 -23.73 -0.73
C GLY B 26 19.40 -22.90 -1.77
N THR B 27 18.08 -23.04 -1.81
CA THR B 27 17.27 -22.30 -2.77
C THR B 27 16.80 -20.97 -2.19
N LEU B 28 17.68 -19.99 -2.16
CA LEU B 28 17.35 -18.67 -1.63
C LEU B 28 16.50 -17.88 -2.61
N ILE B 29 16.50 -18.32 -3.87
CA ILE B 29 15.72 -17.68 -4.92
C ILE B 29 14.22 -17.64 -4.63
N VAL B 30 13.75 -18.42 -3.64
CA VAL B 30 12.33 -18.43 -3.27
C VAL B 30 11.91 -17.10 -2.64
N ASN B 31 12.91 -16.34 -2.18
CA ASN B 31 12.66 -15.03 -1.56
C ASN B 31 12.13 -14.04 -2.60
N SER B 32 12.36 -14.34 -3.88
CA SER B 32 11.89 -13.49 -4.96
C SER B 32 10.67 -14.11 -5.65
N VAL B 33 10.42 -15.39 -5.37
CA VAL B 33 9.29 -16.10 -5.94
C VAL B 33 7.99 -15.68 -5.23
N LEU B 34 8.13 -15.26 -3.98
CA LEU B 34 6.98 -14.81 -3.19
C LEU B 34 6.47 -13.46 -3.68
N LEU B 35 7.28 -12.79 -4.50
CA LEU B 35 6.89 -11.49 -5.05
C LEU B 35 5.91 -11.69 -6.19
N PHE B 36 5.91 -12.89 -6.79
CA PHE B 36 4.99 -13.22 -7.86
C PHE B 36 3.59 -13.39 -7.30
N LEU B 37 3.54 -13.68 -6.00
CA LEU B 37 2.30 -13.85 -5.27
C LEU B 37 1.75 -12.48 -4.88
N ALA B 38 2.66 -11.53 -4.66
CA ALA B 38 2.28 -10.18 -4.29
C ALA B 38 1.89 -9.38 -5.53
N PHE B 39 2.28 -9.89 -6.70
CA PHE B 39 1.98 -9.24 -7.96
C PHE B 39 0.67 -9.79 -8.54
N VAL B 40 0.26 -10.98 -8.08
CA VAL B 40 -0.96 -11.61 -8.56
C VAL B 40 -2.19 -11.10 -7.79
N VAL B 41 -1.98 -10.73 -6.53
CA VAL B 41 -3.08 -10.21 -5.72
C VAL B 41 -3.32 -8.73 -5.99
N PHE B 42 -2.24 -8.03 -6.35
CA PHE B 42 -2.33 -6.60 -6.66
C PHE B 42 -2.76 -6.40 -8.11
N LEU B 43 -2.72 -7.48 -8.89
CA LEU B 43 -3.10 -7.44 -10.29
C LEU B 43 -4.62 -7.26 -10.41
N LEU B 44 -5.35 -7.86 -9.48
CA LEU B 44 -6.81 -7.77 -9.46
C LEU B 44 -7.24 -6.39 -8.97
N VAL B 45 -6.38 -5.76 -8.17
CA VAL B 45 -6.67 -4.43 -7.62
C VAL B 45 -6.48 -3.35 -8.69
N THR B 46 -5.28 -3.32 -9.28
CA THR B 46 -4.96 -2.36 -10.33
C THR B 46 -5.88 -2.53 -11.55
N LEU B 47 -6.38 -3.75 -11.76
CA LEU B 47 -7.28 -4.04 -12.89
C LEU B 47 -8.65 -3.42 -12.67
N ALA B 48 -9.13 -3.47 -11.43
CA ALA B 48 -10.44 -2.92 -11.08
C ALA B 48 -10.47 -1.40 -11.22
N ILE B 49 -9.30 -0.78 -11.43
CA ILE B 49 -9.20 0.67 -11.58
C ILE B 49 -9.37 1.08 -13.04
N LEU B 50 -8.57 0.47 -13.92
CA LEU B 50 -8.63 0.79 -15.35
C LEU B 50 -9.95 0.33 -15.97
N THR B 51 -10.57 -0.68 -15.36
CA THR B 51 -11.83 -1.21 -15.85
C THR B 51 -12.98 -0.30 -15.45
N ALA B 52 -12.97 0.15 -14.18
CA ALA B 52 -14.02 1.03 -13.65
C ALA B 52 -14.01 2.39 -14.34
N LEU B 53 -12.90 2.73 -14.98
CA LEU B 53 -12.77 4.00 -15.68
C LEU B 53 -13.09 3.84 -17.16
N ARG B 54 -13.30 2.59 -17.58
CA ARG B 54 -13.62 2.24 -18.96
C ARG B 54 -12.52 2.63 -19.94
N LEU B 55 -11.41 1.88 -19.90
CA LEU B 55 -10.29 2.14 -20.80
C LEU B 55 -9.57 0.82 -21.12
N ALA B 56 -10.34 -0.26 -21.16
CA ALA B 56 -9.80 -1.59 -21.46
C ALA B 56 -9.32 -1.67 -22.91
N ALA B 57 -9.78 -0.73 -23.73
CA ALA B 57 -9.39 -0.66 -25.13
C ALA B 57 -7.94 -0.19 -25.28
N TYR B 58 -7.46 0.51 -24.26
CA TYR B 58 -6.08 1.01 -24.27
C TYR B 58 -5.14 0.08 -23.51
N ALA B 59 -5.71 -0.67 -22.58
CA ALA B 59 -4.92 -1.61 -21.78
C ALA B 59 -4.75 -2.94 -22.51
N ALA B 60 -5.62 -3.20 -23.47
CA ALA B 60 -5.56 -4.42 -24.26
C ALA B 60 -4.19 -4.61 -24.89
N ASN B 61 -3.75 -3.61 -25.66
CA ASN B 61 -2.45 -3.68 -26.33
C ASN B 61 -1.31 -3.83 -25.34
N ILE B 62 -1.49 -3.31 -24.12
CA ILE B 62 -0.46 -3.41 -23.09
C ILE B 62 -0.31 -4.87 -22.63
N VAL B 63 -1.42 -5.58 -22.50
CA VAL B 63 -1.40 -6.98 -22.07
C VAL B 63 -0.83 -7.89 -23.17
N ASN B 64 -0.98 -7.45 -24.42
CA ASN B 64 -0.47 -8.20 -25.57
C ASN B 64 0.98 -7.83 -25.85
N VAL B 65 1.69 -7.41 -24.79
CA VAL B 65 3.10 -7.02 -24.86
C VAL B 65 3.28 -5.68 -25.57
N SER B 66 3.58 -4.64 -24.80
CA SER B 66 3.81 -3.31 -25.35
C SER B 66 5.24 -2.86 -25.11
N LEU B 67 6.08 -3.80 -24.68
CA LEU B 67 7.49 -3.52 -24.41
C LEU B 67 8.34 -3.77 -25.65
N VAL B 68 8.01 -3.09 -26.74
CA VAL B 68 8.73 -3.22 -28.00
C VAL B 68 9.35 -1.89 -28.42
N LYS B 69 8.72 -0.80 -27.97
CA LYS B 69 9.20 0.55 -28.28
C LYS B 69 9.81 1.21 -27.05
N PRO B 70 9.08 1.27 -25.90
CA PRO B 70 9.60 1.89 -24.68
C PRO B 70 10.44 0.91 -23.84
N THR B 71 10.81 -0.22 -24.45
CA THR B 71 11.61 -1.24 -23.79
C THR B 71 13.06 -0.81 -23.63
N VAL B 72 13.44 0.20 -24.42
CA VAL B 72 14.79 0.75 -24.37
C VAL B 72 15.02 1.55 -23.07
N TYR B 73 13.95 1.71 -22.28
CA TYR B 73 14.04 2.44 -21.01
C TYR B 73 14.92 1.68 -20.03
N VAL B 74 15.13 0.38 -20.27
CA VAL B 74 15.98 -0.42 -19.41
C VAL B 74 17.44 -0.06 -19.58
N TYR B 75 17.83 0.27 -20.81
CA TYR B 75 19.20 0.65 -21.11
C TYR B 75 19.57 1.97 -20.44
N SER B 76 18.57 2.82 -20.22
CA SER B 76 18.80 4.13 -19.59
C SER B 76 19.02 3.98 -18.09
N ARG B 77 18.87 2.75 -17.59
CA ARG B 77 19.06 2.45 -16.18
C ARG B 77 20.42 1.77 -15.97
N VAL B 78 20.95 1.20 -17.05
CA VAL B 78 22.24 0.51 -17.02
C VAL B 78 23.38 1.53 -16.98
N LYS B 79 23.13 2.72 -17.50
CA LYS B 79 24.15 3.77 -17.50
C LYS B 79 24.31 4.38 -16.10
N ASN B 80 23.23 4.38 -15.32
CA ASN B 80 23.27 4.92 -13.96
C ASN B 80 23.97 3.95 -13.01
N LEU B 81 23.44 2.73 -12.91
CA LEU B 81 24.03 1.72 -12.02
C LEU B 81 24.92 0.78 -12.81
N GLU C 24 23.46 -16.42 4.33
CA GLU C 24 22.70 -16.14 5.57
C GLU C 24 23.53 -16.52 6.80
N THR C 25 24.81 -16.19 6.75
CA THR C 25 25.74 -16.47 7.84
C THR C 25 25.92 -15.27 8.75
N GLY C 26 24.88 -14.94 9.52
CA GLY C 26 24.93 -13.80 10.42
C GLY C 26 24.50 -12.52 9.75
N THR C 27 23.97 -12.63 8.53
CA THR C 27 23.51 -11.48 7.77
C THR C 27 22.06 -11.16 8.07
N LEU C 28 21.84 -10.21 8.97
CA LEU C 28 20.50 -9.80 9.34
C LEU C 28 20.06 -8.62 8.49
N ILE C 29 21.02 -8.04 7.77
CA ILE C 29 20.76 -6.88 6.90
C ILE C 29 19.81 -7.23 5.74
N VAL C 30 19.52 -8.53 5.59
CA VAL C 30 18.63 -9.01 4.51
C VAL C 30 17.18 -8.55 4.75
N ASN C 31 16.86 -8.22 6.01
CA ASN C 31 15.52 -7.76 6.37
C ASN C 31 15.21 -6.41 5.74
N SER C 32 16.27 -5.69 5.37
CA SER C 32 16.12 -4.38 4.74
C SER C 32 16.52 -4.43 3.26
N VAL C 33 17.10 -5.54 2.82
CA VAL C 33 17.49 -5.71 1.43
C VAL C 33 16.23 -6.00 0.60
N LEU C 34 15.24 -6.61 1.25
CA LEU C 34 13.98 -6.93 0.61
C LEU C 34 13.16 -5.66 0.38
N LEU C 35 13.59 -4.56 1.00
CA LEU C 35 12.92 -3.28 0.85
C LEU C 35 13.17 -2.71 -0.55
N PHE C 36 14.28 -3.10 -1.15
CA PHE C 36 14.63 -2.67 -2.50
C PHE C 36 13.77 -3.41 -3.52
N LEU C 37 13.28 -4.57 -3.09
CA LEU C 37 12.42 -5.41 -3.93
C LEU C 37 11.01 -4.82 -3.99
N ALA C 38 10.60 -4.18 -2.91
CA ALA C 38 9.30 -3.54 -2.83
C ALA C 38 9.37 -2.10 -3.32
N PHE C 39 10.59 -1.62 -3.55
CA PHE C 39 10.83 -0.26 -4.02
C PHE C 39 10.81 -0.22 -5.55
N VAL C 40 11.35 -1.27 -6.17
CA VAL C 40 11.42 -1.35 -7.62
C VAL C 40 10.06 -1.69 -8.25
N VAL C 41 9.23 -2.46 -7.53
CA VAL C 41 7.92 -2.83 -8.04
C VAL C 41 6.92 -1.68 -7.91
N PHE C 42 7.16 -0.80 -6.92
CA PHE C 42 6.30 0.35 -6.72
C PHE C 42 6.78 1.52 -7.58
N LEU C 43 7.99 1.38 -8.12
CA LEU C 43 8.57 2.40 -8.99
C LEU C 43 7.85 2.40 -10.33
N LEU C 44 7.37 1.23 -10.74
CA LEU C 44 6.65 1.08 -12.00
C LEU C 44 5.27 1.75 -11.89
N VAL C 45 4.73 1.78 -10.67
CA VAL C 45 3.42 2.36 -10.41
C VAL C 45 3.47 3.88 -10.34
N THR C 46 4.36 4.42 -9.50
CA THR C 46 4.50 5.87 -9.36
C THR C 46 4.88 6.54 -10.68
N LEU C 47 5.66 5.85 -11.52
CA LEU C 47 6.07 6.38 -12.82
C LEU C 47 4.88 6.44 -13.78
N ALA C 48 3.99 5.47 -13.64
CA ALA C 48 2.78 5.36 -14.45
C ALA C 48 1.85 6.53 -14.21
N ILE C 49 2.00 7.19 -13.06
CA ILE C 49 1.17 8.32 -12.69
C ILE C 49 1.70 9.63 -13.28
N LEU C 50 2.99 9.91 -13.06
CA LEU C 50 3.60 11.14 -13.57
C LEU C 50 3.69 11.11 -15.10
N THR C 51 3.71 9.92 -15.69
CA THR C 51 3.77 9.79 -17.14
C THR C 51 2.37 9.93 -17.74
N ALA C 52 1.36 9.46 -17.00
CA ALA C 52 -0.05 9.54 -17.47
C ALA C 52 -0.57 10.97 -17.42
N LEU C 53 0.08 11.82 -16.62
CA LEU C 53 -0.31 13.20 -16.49
C LEU C 53 0.56 14.10 -17.38
N ARG C 54 1.56 13.49 -18.02
CA ARG C 54 2.50 14.19 -18.91
C ARG C 54 3.32 15.24 -18.17
N LEU C 55 4.39 14.81 -17.51
CA LEU C 55 5.26 15.72 -16.78
C LEU C 55 6.65 15.09 -16.59
N ALA C 56 7.09 14.36 -17.62
CA ALA C 56 8.39 13.70 -17.60
C ALA C 56 9.53 14.70 -17.70
N ALA C 57 9.19 15.94 -18.06
CA ALA C 57 10.17 17.01 -18.20
C ALA C 57 10.59 17.53 -16.83
N TYR C 58 9.75 17.33 -15.83
CA TYR C 58 10.03 17.78 -14.48
C TYR C 58 10.59 16.64 -13.63
N ALA C 59 10.27 15.42 -14.01
CA ALA C 59 10.75 14.24 -13.29
C ALA C 59 12.14 13.84 -13.77
N ALA C 60 12.51 14.29 -14.96
CA ALA C 60 13.82 13.97 -15.53
C ALA C 60 14.94 14.38 -14.57
N ASN C 61 14.93 15.65 -14.14
CA ASN C 61 15.98 16.15 -13.24
C ASN C 61 16.05 15.36 -11.93
N ILE C 62 14.95 14.72 -11.54
CA ILE C 62 14.92 13.92 -10.31
C ILE C 62 15.80 12.67 -10.44
N VAL C 63 15.79 12.05 -11.63
CA VAL C 63 16.60 10.86 -11.87
C VAL C 63 18.07 11.23 -11.97
N ASN C 64 18.33 12.47 -12.39
CA ASN C 64 19.69 12.98 -12.53
C ASN C 64 20.15 13.66 -11.25
N VAL C 65 19.61 13.20 -10.11
CA VAL C 65 19.96 13.73 -8.79
C VAL C 65 19.41 15.14 -8.57
N SER C 66 18.41 15.24 -7.68
CA SER C 66 17.81 16.52 -7.35
C SER C 66 18.01 16.84 -5.87
N LEU C 67 18.79 16.00 -5.20
CA LEU C 67 19.07 16.18 -3.77
C LEU C 67 20.35 16.98 -3.56
N VAL C 68 20.35 18.21 -4.05
CA VAL C 68 21.50 19.10 -3.91
C VAL C 68 21.09 20.38 -3.19
N LYS C 69 19.82 20.75 -3.31
CA LYS C 69 19.28 21.95 -2.68
C LYS C 69 18.37 21.59 -1.50
N PRO C 70 17.35 20.72 -1.71
CA PRO C 70 16.44 20.32 -0.63
C PRO C 70 16.98 19.13 0.17
N THR C 71 18.26 18.83 -0.03
CA THR C 71 18.93 17.73 0.64
C THR C 71 19.23 18.09 2.09
N VAL C 72 19.21 19.39 2.39
CA VAL C 72 19.44 19.89 3.74
C VAL C 72 18.26 19.54 4.66
N TYR C 73 17.18 18.99 4.07
CA TYR C 73 16.00 18.60 4.84
C TYR C 73 16.33 17.43 5.78
N VAL C 74 17.45 16.74 5.53
CA VAL C 74 17.86 15.63 6.39
C VAL C 74 18.33 16.14 7.75
N TYR C 75 18.97 17.31 7.75
CA TYR C 75 19.51 17.91 8.97
C TYR C 75 18.39 18.38 9.91
N SER C 76 17.22 18.67 9.35
CA SER C 76 16.09 19.13 10.16
C SER C 76 15.42 17.94 10.86
N ARG C 77 15.90 16.74 10.57
CA ARG C 77 15.37 15.52 11.18
C ARG C 77 16.34 15.01 12.25
N VAL C 78 17.58 15.48 12.18
CA VAL C 78 18.62 15.10 13.13
C VAL C 78 18.39 15.82 14.47
N LYS C 79 17.76 16.98 14.40
CA LYS C 79 17.47 17.76 15.60
C LYS C 79 16.33 17.09 16.40
N ASN C 80 15.37 16.51 15.68
CA ASN C 80 14.26 15.81 16.31
C ASN C 80 14.74 14.61 17.12
N LEU C 81 15.28 13.61 16.42
CA LEU C 81 15.79 12.41 17.07
C LEU C 81 17.31 12.44 17.15
N GLU D 24 16.57 -10.91 8.65
CA GLU D 24 15.16 -11.38 8.63
C GLU D 24 14.99 -12.62 9.51
N THR D 25 15.97 -12.86 10.38
CA THR D 25 15.93 -14.01 11.28
C THR D 25 15.06 -13.71 12.50
N GLY D 26 13.76 -13.97 12.36
CA GLY D 26 12.83 -13.74 13.46
C GLY D 26 12.43 -12.28 13.59
N THR D 27 12.80 -11.47 12.59
CA THR D 27 12.48 -10.05 12.61
C THR D 27 11.16 -9.78 11.90
N LEU D 28 10.11 -9.58 12.69
CA LEU D 28 8.78 -9.31 12.16
C LEU D 28 8.52 -7.81 12.10
N ILE D 29 9.48 -7.04 12.59
CA ILE D 29 9.38 -5.59 12.60
C ILE D 29 9.60 -5.01 11.21
N VAL D 30 9.83 -5.89 10.24
CA VAL D 30 10.05 -5.48 8.86
C VAL D 30 8.76 -4.97 8.22
N ASN D 31 7.61 -5.37 8.77
CA ASN D 31 6.32 -4.93 8.26
C ASN D 31 6.06 -3.46 8.58
N SER D 32 6.74 -2.94 9.61
CA SER D 32 6.61 -1.54 9.99
C SER D 32 7.71 -0.72 9.33
N VAL D 33 8.70 -1.42 8.77
CA VAL D 33 9.81 -0.78 8.09
C VAL D 33 9.43 -0.42 6.66
N LEU D 34 8.61 -1.27 6.04
CA LEU D 34 8.16 -1.03 4.66
C LEU D 34 7.13 0.10 4.61
N LEU D 35 6.64 0.52 5.78
CA LEU D 35 5.67 1.60 5.86
C LEU D 35 6.35 2.95 5.67
N PHE D 36 7.64 3.01 6.03
CA PHE D 36 8.44 4.23 5.86
C PHE D 36 8.71 4.46 4.38
N LEU D 37 8.63 3.38 3.60
CA LEU D 37 8.84 3.43 2.15
C LEU D 37 7.63 4.06 1.48
N ALA D 38 6.44 3.65 1.91
CA ALA D 38 5.20 4.18 1.36
C ALA D 38 4.91 5.58 1.91
N PHE D 39 5.70 5.99 2.90
CA PHE D 39 5.54 7.29 3.53
C PHE D 39 6.44 8.32 2.87
N VAL D 40 7.58 7.87 2.34
CA VAL D 40 8.54 8.77 1.69
C VAL D 40 8.11 9.08 0.24
N VAL D 41 7.45 8.13 -0.42
CA VAL D 41 6.99 8.35 -1.80
C VAL D 41 5.81 9.31 -1.81
N PHE D 42 4.97 9.21 -0.77
CA PHE D 42 3.82 10.10 -0.63
C PHE D 42 4.24 11.44 -0.03
N LEU D 43 5.44 11.48 0.52
CA LEU D 43 5.98 12.71 1.10
C LEU D 43 6.32 13.70 -0.02
N LEU D 44 6.69 13.18 -1.19
CA LEU D 44 7.04 14.03 -2.32
C LEU D 44 5.81 14.62 -2.99
N VAL D 45 4.67 13.96 -2.80
CA VAL D 45 3.41 14.41 -3.39
C VAL D 45 2.78 15.52 -2.55
N THR D 46 2.67 15.28 -1.25
CA THR D 46 2.10 16.26 -0.35
C THR D 46 2.77 17.62 -0.49
N LEU D 47 4.09 17.61 -0.56
CA LEU D 47 4.86 18.85 -0.69
C LEU D 47 4.54 19.54 -2.02
N ALA D 48 4.05 18.76 -2.98
CA ALA D 48 3.70 19.30 -4.29
C ALA D 48 2.42 20.11 -4.23
N ILE D 49 1.61 19.86 -3.21
CA ILE D 49 0.35 20.57 -3.02
C ILE D 49 0.57 21.90 -2.32
N LEU D 50 1.18 21.85 -1.13
CA LEU D 50 1.43 23.05 -0.33
C LEU D 50 2.37 24.02 -1.03
N THR D 51 3.29 23.48 -1.83
CA THR D 51 4.22 24.31 -2.58
C THR D 51 3.53 24.89 -3.81
N ALA D 52 2.50 24.19 -4.30
CA ALA D 52 1.76 24.66 -5.47
C ALA D 52 0.80 25.77 -5.10
N LEU D 53 0.44 25.83 -3.83
CA LEU D 53 -0.50 26.84 -3.33
C LEU D 53 0.24 27.98 -2.63
N ARG D 54 1.56 27.84 -2.52
CA ARG D 54 2.42 28.85 -1.88
C ARG D 54 2.07 29.04 -0.40
N LEU D 55 2.49 28.09 0.43
CA LEU D 55 2.24 28.15 1.87
C LEU D 55 3.33 27.39 2.62
N ALA D 56 4.52 27.39 2.03
CA ALA D 56 5.68 26.72 2.62
C ALA D 56 6.18 27.45 3.86
N ALA D 57 5.66 28.66 4.08
CA ALA D 57 6.06 29.47 5.24
C ALA D 57 5.39 28.98 6.50
N TYR D 58 4.26 28.28 6.34
CA TYR D 58 3.51 27.76 7.48
C TYR D 58 3.85 26.29 7.72
N ALA D 59 4.30 25.61 6.67
CA ALA D 59 4.65 24.20 6.76
C ALA D 59 6.09 24.04 7.25
N ALA D 60 6.88 25.09 7.11
CA ALA D 60 8.28 25.06 7.54
C ALA D 60 8.39 24.67 9.01
N ASN D 61 7.65 25.35 9.88
CA ASN D 61 7.69 25.07 11.33
C ASN D 61 7.25 23.64 11.67
N ILE D 62 6.55 22.98 10.76
CA ILE D 62 6.10 21.60 10.98
C ILE D 62 7.28 20.61 10.97
N VAL D 63 8.31 20.92 10.16
CA VAL D 63 9.48 20.06 10.06
C VAL D 63 10.44 20.37 11.23
N ASN D 64 10.22 21.52 11.86
CA ASN D 64 11.03 21.96 12.99
C ASN D 64 10.30 21.70 14.31
N VAL D 65 9.54 20.59 14.34
CA VAL D 65 8.78 20.18 15.52
C VAL D 65 7.55 21.07 15.75
N SER D 66 6.38 20.47 15.61
CA SER D 66 5.12 21.19 15.81
C SER D 66 4.22 20.44 16.78
N LEU D 67 4.70 19.29 17.24
CA LEU D 67 3.94 18.46 18.17
C LEU D 67 4.35 18.73 19.61
N VAL D 68 4.11 19.96 20.06
CA VAL D 68 4.43 20.38 21.42
C VAL D 68 3.18 20.87 22.14
N LYS D 69 2.21 21.33 21.36
CA LYS D 69 0.95 21.83 21.90
C LYS D 69 -0.20 20.87 21.58
N PRO D 70 -0.41 20.48 20.29
CA PRO D 70 -1.49 19.57 19.91
C PRO D 70 -1.06 18.10 20.00
N THR D 71 0.05 17.85 20.69
CA THR D 71 0.59 16.51 20.85
C THR D 71 -0.22 15.72 21.87
N VAL D 72 -0.97 16.46 22.70
CA VAL D 72 -1.83 15.87 23.73
C VAL D 72 -3.01 15.09 23.13
N TYR D 73 -3.13 15.11 21.80
CA TYR D 73 -4.21 14.40 21.12
C TYR D 73 -4.01 12.89 21.23
N VAL D 74 -2.78 12.48 21.58
CA VAL D 74 -2.46 11.07 21.74
C VAL D 74 -3.02 10.54 23.06
N TYR D 75 -3.21 11.46 24.02
CA TYR D 75 -3.75 11.08 25.33
C TYR D 75 -5.26 10.85 25.26
N SER D 76 -5.91 11.51 24.29
CA SER D 76 -7.35 11.37 24.10
C SER D 76 -7.69 10.12 23.29
N ARG D 77 -6.67 9.29 23.04
CA ARG D 77 -6.84 8.06 22.29
C ARG D 77 -6.61 6.86 23.20
N VAL D 78 -5.84 7.08 24.27
CA VAL D 78 -5.53 6.04 25.24
C VAL D 78 -6.72 5.73 26.12
N LYS D 79 -7.60 6.72 26.28
CA LYS D 79 -8.80 6.58 27.10
C LYS D 79 -9.82 5.65 26.45
N ASN D 80 -9.71 5.50 25.13
CA ASN D 80 -10.63 4.64 24.39
C ASN D 80 -10.09 3.21 24.34
N LEU D 81 -8.85 3.07 23.91
CA LEU D 81 -8.23 1.76 23.80
C LEU D 81 -7.04 1.64 24.76
N GLU E 24 8.38 -20.08 19.28
CA GLU E 24 8.29 -20.45 17.84
C GLU E 24 8.20 -21.97 17.69
N THR E 25 7.75 -22.64 18.75
CA THR E 25 7.61 -24.08 18.75
C THR E 25 6.25 -24.50 18.17
N GLY E 26 6.09 -24.30 16.86
CA GLY E 26 4.84 -24.66 16.21
C GLY E 26 3.81 -23.56 16.30
N THR E 27 4.27 -22.34 16.52
CA THR E 27 3.38 -21.20 16.60
C THR E 27 3.32 -20.46 15.27
N LEU E 28 2.59 -21.03 14.31
CA LEU E 28 2.45 -20.40 13.00
C LEU E 28 1.40 -19.29 13.08
N ILE E 29 0.84 -19.09 14.26
CA ILE E 29 -0.16 -18.06 14.50
C ILE E 29 0.51 -16.69 14.60
N VAL E 30 1.83 -16.68 14.75
CA VAL E 30 2.59 -15.43 14.83
C VAL E 30 2.62 -14.74 13.48
N ASN E 31 2.34 -15.52 12.43
CA ASN E 31 2.31 -14.98 11.07
C ASN E 31 1.13 -14.02 10.93
N SER E 32 0.06 -14.29 11.68
CA SER E 32 -1.14 -13.45 11.64
C SER E 32 -1.05 -12.33 12.69
N VAL E 33 -0.06 -12.43 13.58
CA VAL E 33 0.13 -11.42 14.63
C VAL E 33 0.96 -10.24 14.10
N LEU E 34 1.82 -10.51 13.12
CA LEU E 34 2.66 -9.45 12.55
C LEU E 34 1.85 -8.47 11.70
N LEU E 35 0.66 -8.89 11.25
CA LEU E 35 -0.20 -8.01 10.46
C LEU E 35 -0.94 -7.03 11.36
N PHE E 36 -0.93 -7.31 12.66
CA PHE E 36 -1.56 -6.44 13.63
C PHE E 36 -0.72 -5.19 13.82
N LEU E 37 0.59 -5.34 13.57
CA LEU E 37 1.53 -4.23 13.67
C LEU E 37 1.43 -3.35 12.44
N ALA E 38 1.02 -3.94 11.32
CA ALA E 38 0.85 -3.20 10.07
C ALA E 38 -0.50 -2.50 10.05
N PHE E 39 -1.38 -2.94 10.94
CA PHE E 39 -2.71 -2.36 11.05
C PHE E 39 -2.70 -1.17 12.01
N VAL E 40 -1.73 -1.18 12.92
CA VAL E 40 -1.63 -0.11 13.90
C VAL E 40 -0.82 1.08 13.37
N VAL E 41 0.12 0.82 12.46
CA VAL E 41 0.93 1.90 11.89
C VAL E 41 0.12 2.65 10.84
N PHE E 42 -0.86 1.96 10.26
CA PHE E 42 -1.73 2.55 9.26
C PHE E 42 -2.95 3.17 9.93
N LEU E 43 -3.10 2.88 11.22
CA LEU E 43 -4.22 3.41 12.00
C LEU E 43 -4.05 4.90 12.23
N LEU E 44 -2.79 5.34 12.34
CA LEU E 44 -2.50 6.75 12.56
C LEU E 44 -2.62 7.53 11.25
N VAL E 45 -2.50 6.81 10.14
CA VAL E 45 -2.61 7.42 8.81
C VAL E 45 -4.06 7.81 8.54
N THR E 46 -4.93 6.79 8.42
CA THR E 46 -6.37 7.02 8.21
C THR E 46 -6.98 7.97 9.26
N LEU E 47 -6.45 7.96 10.50
CA LEU E 47 -6.97 8.81 11.58
C LEU E 47 -6.69 10.29 11.32
N ALA E 48 -5.47 10.57 10.90
CA ALA E 48 -5.02 11.92 10.60
C ALA E 48 -5.80 12.54 9.44
N ILE E 49 -6.51 11.71 8.68
CA ILE E 49 -7.30 12.19 7.56
C ILE E 49 -8.64 12.74 8.04
N LEU E 50 -9.33 11.97 8.88
CA LEU E 50 -10.63 12.38 9.41
C LEU E 50 -10.48 13.49 10.45
N THR E 51 -9.29 13.61 11.04
CA THR E 51 -9.03 14.63 12.03
C THR E 51 -8.82 15.99 11.38
N ALA E 52 -8.16 15.99 10.22
CA ALA E 52 -7.90 17.22 9.48
C ALA E 52 -9.15 17.71 8.76
N LEU E 53 -10.08 16.78 8.51
CA LEU E 53 -11.32 17.12 7.83
C LEU E 53 -12.39 17.56 8.84
N ARG E 54 -12.08 17.40 10.12
CA ARG E 54 -12.97 17.77 11.22
C ARG E 54 -14.27 16.96 11.22
N LEU E 55 -14.20 15.75 11.75
CA LEU E 55 -15.37 14.87 11.84
C LEU E 55 -15.15 13.84 12.96
N ALA E 56 -14.59 14.32 14.08
CA ALA E 56 -14.32 13.47 15.23
C ALA E 56 -15.60 13.09 15.95
N ALA E 57 -16.68 13.80 15.64
CA ALA E 57 -17.98 13.54 16.25
C ALA E 57 -18.66 12.33 15.61
N TYR E 58 -18.37 12.11 14.32
CA TYR E 58 -18.96 10.99 13.58
C TYR E 58 -18.07 9.75 13.69
N ALA E 59 -16.82 9.95 14.08
CA ALA E 59 -15.88 8.84 14.22
C ALA E 59 -15.76 8.40 15.68
N ALA E 60 -16.42 9.13 16.57
CA ALA E 60 -16.39 8.81 18.00
C ALA E 60 -17.23 7.58 18.32
N ASN E 61 -18.30 7.37 17.55
CA ASN E 61 -19.17 6.21 17.76
C ASN E 61 -18.55 4.96 17.15
N ILE E 62 -17.71 5.13 16.13
CA ILE E 62 -17.05 4.01 15.47
C ILE E 62 -16.05 3.36 16.41
N VAL E 63 -15.36 4.19 17.21
CA VAL E 63 -14.37 3.69 18.16
C VAL E 63 -15.06 3.04 19.36
N ASN E 64 -16.30 3.47 19.62
CA ASN E 64 -17.09 2.95 20.73
C ASN E 64 -17.99 1.80 20.27
N VAL E 65 -17.53 1.07 19.25
CA VAL E 65 -18.26 -0.07 18.69
C VAL E 65 -19.50 0.37 17.90
N SER E 66 -19.47 0.12 16.59
CA SER E 66 -20.57 0.45 15.71
C SER E 66 -21.04 -0.78 14.92
N LEU E 67 -20.44 -1.92 15.24
CA LEU E 67 -20.77 -3.18 14.56
C LEU E 67 -21.88 -3.92 15.31
N VAL E 68 -23.05 -3.30 15.39
CA VAL E 68 -24.20 -3.89 16.06
C VAL E 68 -25.39 -3.97 15.11
N LYS E 69 -25.40 -3.09 14.11
CA LYS E 69 -26.46 -3.06 13.12
C LYS E 69 -25.99 -3.61 11.77
N PRO E 70 -24.87 -3.08 11.19
CA PRO E 70 -24.35 -3.57 9.91
C PRO E 70 -23.35 -4.71 10.08
N THR E 71 -23.45 -5.43 11.20
CA THR E 71 -22.57 -6.55 11.50
C THR E 71 -23.09 -7.82 10.81
N VAL E 72 -24.22 -7.69 10.15
CA VAL E 72 -24.82 -8.82 9.43
C VAL E 72 -24.13 -9.03 8.08
N TYR E 73 -23.17 -8.15 7.76
CA TYR E 73 -22.43 -8.24 6.50
C TYR E 73 -21.52 -9.47 6.50
N VAL E 74 -21.23 -10.01 7.69
CA VAL E 74 -20.40 -11.19 7.80
C VAL E 74 -21.21 -12.43 7.42
N TYR E 75 -22.50 -12.42 7.76
CA TYR E 75 -23.39 -13.55 7.46
C TYR E 75 -23.64 -13.66 5.96
N SER E 76 -23.54 -12.54 5.24
CA SER E 76 -23.75 -12.52 3.81
C SER E 76 -22.46 -12.91 3.07
N ARG E 77 -21.43 -13.29 3.83
CA ARG E 77 -20.15 -13.72 3.28
C ARG E 77 -20.00 -15.23 3.42
N VAL E 78 -20.60 -15.77 4.49
CA VAL E 78 -20.55 -17.20 4.77
C VAL E 78 -21.41 -17.99 3.80
N LYS E 79 -22.40 -17.32 3.21
CA LYS E 79 -23.30 -17.96 2.25
C LYS E 79 -22.57 -18.30 0.95
N ASN E 80 -21.41 -17.68 0.74
CA ASN E 80 -20.61 -17.92 -0.46
C ASN E 80 -19.46 -18.88 -0.15
N LEU E 81 -18.78 -18.63 0.96
CA LEU E 81 -17.67 -19.49 1.38
C LEU E 81 -17.90 -20.04 2.77
N GLU A 24 8.59 -27.25 6.21
CA GLU A 24 9.34 -26.50 5.18
C GLU A 24 10.19 -27.44 4.34
N THR A 25 9.73 -28.69 4.20
CA THR A 25 10.45 -29.67 3.42
C THR A 25 10.01 -29.64 1.96
N GLY A 26 10.58 -28.70 1.21
CA GLY A 26 10.25 -28.56 -0.20
C GLY A 26 8.98 -27.76 -0.42
N THR A 27 8.59 -26.96 0.57
CA THR A 27 7.38 -26.16 0.47
C THR A 27 7.70 -24.73 -0.01
N LEU A 28 7.54 -24.52 -1.31
CA LEU A 28 7.78 -23.21 -1.90
C LEU A 28 6.50 -22.39 -1.97
N ILE A 29 5.42 -22.96 -1.44
CA ILE A 29 4.11 -22.30 -1.44
C ILE A 29 3.98 -21.33 -0.26
N VAL A 30 5.03 -21.23 0.56
CA VAL A 30 5.01 -20.33 1.71
C VAL A 30 5.07 -18.87 1.25
N ASN A 31 5.58 -18.65 0.04
CA ASN A 31 5.68 -17.30 -0.53
C ASN A 31 4.30 -16.72 -0.82
N SER A 32 3.34 -17.60 -1.11
CA SER A 32 1.97 -17.17 -1.41
C SER A 32 1.16 -17.09 -0.12
N VAL A 33 1.67 -17.68 0.96
CA VAL A 33 1.01 -17.67 2.25
C VAL A 33 1.20 -16.31 2.95
N LEU A 34 2.41 -15.77 2.83
CA LEU A 34 2.72 -14.47 3.44
C LEU A 34 2.04 -13.34 2.68
N LEU A 35 1.49 -13.65 1.51
CA LEU A 35 0.80 -12.68 0.69
C LEU A 35 -0.63 -12.48 1.18
N PHE A 36 -1.22 -13.53 1.76
CA PHE A 36 -2.57 -13.46 2.31
C PHE A 36 -2.55 -12.63 3.58
N LEU A 37 -1.33 -12.45 4.12
CA LEU A 37 -1.11 -11.67 5.32
C LEU A 37 -1.20 -10.18 5.00
N ALA A 38 -0.69 -9.79 3.83
CA ALA A 38 -0.72 -8.40 3.40
C ALA A 38 -2.03 -8.08 2.69
N PHE A 39 -2.88 -9.09 2.53
CA PHE A 39 -4.17 -8.92 1.87
C PHE A 39 -5.26 -8.61 2.90
N VAL A 40 -5.17 -9.23 4.07
CA VAL A 40 -6.14 -9.02 5.13
C VAL A 40 -5.93 -7.66 5.81
N VAL A 41 -4.70 -7.13 5.75
CA VAL A 41 -4.40 -5.82 6.34
C VAL A 41 -4.92 -4.69 5.46
N PHE A 42 -4.87 -4.90 4.14
CA PHE A 42 -5.36 -3.91 3.19
C PHE A 42 -6.86 -4.03 3.00
N LEU A 43 -7.42 -5.11 3.54
CA LEU A 43 -8.85 -5.35 3.44
C LEU A 43 -9.64 -4.39 4.32
N LEU A 44 -9.11 -4.06 5.50
CA LEU A 44 -9.81 -3.14 6.40
C LEU A 44 -9.54 -1.70 5.98
N VAL A 45 -8.67 -1.53 4.98
CA VAL A 45 -8.32 -0.22 4.46
C VAL A 45 -9.17 0.13 3.24
N THR A 46 -9.25 -0.80 2.28
CA THR A 46 -10.04 -0.58 1.07
C THR A 46 -11.54 -0.58 1.41
N LEU A 47 -11.91 -1.29 2.49
CA LEU A 47 -13.30 -1.35 2.94
C LEU A 47 -13.72 -0.05 3.61
N ALA A 48 -12.79 0.56 4.33
CA ALA A 48 -13.05 1.81 5.03
C ALA A 48 -13.34 2.94 4.06
N ILE A 49 -12.90 2.78 2.82
CA ILE A 49 -13.11 3.80 1.79
C ILE A 49 -14.55 3.81 1.30
N LEU A 50 -15.02 2.65 0.85
CA LEU A 50 -16.37 2.52 0.32
C LEU A 50 -17.45 2.75 1.38
N THR A 51 -17.14 2.41 2.63
CA THR A 51 -18.07 2.61 3.73
C THR A 51 -18.10 4.09 4.12
N ALA A 52 -17.01 4.79 3.81
CA ALA A 52 -16.89 6.21 4.12
C ALA A 52 -17.70 7.06 3.15
N LEU A 53 -17.98 6.49 1.97
CA LEU A 53 -18.74 7.20 0.96
C LEU A 53 -20.18 6.66 0.87
N ARG A 54 -20.51 5.76 1.81
CA ARG A 54 -21.84 5.14 1.88
C ARG A 54 -22.21 4.42 0.59
N LEU A 55 -21.65 3.23 0.39
CA LEU A 55 -21.95 2.43 -0.79
C LEU A 55 -21.60 0.96 -0.53
N ALA A 56 -21.61 0.58 0.74
CA ALA A 56 -21.30 -0.80 1.14
C ALA A 56 -22.46 -1.72 0.77
N ALA A 57 -23.58 -1.13 0.33
CA ALA A 57 -24.74 -1.91 -0.06
C ALA A 57 -24.47 -2.69 -1.34
N TYR A 58 -23.50 -2.22 -2.12
CA TYR A 58 -23.15 -2.87 -3.38
C TYR A 58 -21.95 -3.79 -3.19
N ALA A 59 -21.20 -3.54 -2.13
CA ALA A 59 -20.02 -4.34 -1.82
C ALA A 59 -20.35 -5.47 -0.85
N ALA A 60 -21.60 -5.50 -0.36
CA ALA A 60 -22.05 -6.53 0.58
C ALA A 60 -22.18 -7.88 -0.11
N ASN A 61 -22.73 -7.88 -1.31
CA ASN A 61 -22.91 -9.12 -2.08
C ASN A 61 -21.57 -9.68 -2.55
N ILE A 62 -20.53 -8.84 -2.54
CA ILE A 62 -19.21 -9.27 -2.96
C ILE A 62 -18.55 -10.14 -1.88
N VAL A 63 -18.96 -9.94 -0.62
CA VAL A 63 -18.43 -10.71 0.49
C VAL A 63 -19.14 -12.07 0.56
N ASN A 64 -20.33 -12.14 -0.03
CA ASN A 64 -21.13 -13.37 -0.06
C ASN A 64 -20.89 -14.16 -1.35
N VAL A 65 -19.62 -14.22 -1.76
CA VAL A 65 -19.20 -14.96 -2.96
C VAL A 65 -19.68 -14.28 -4.24
N SER A 66 -18.74 -13.68 -4.96
CA SER A 66 -19.04 -13.01 -6.22
C SER A 66 -18.04 -13.44 -7.29
N LEU A 67 -17.13 -14.33 -6.91
CA LEU A 67 -16.11 -14.84 -7.82
C LEU A 67 -16.54 -16.17 -8.42
N VAL A 68 -17.72 -16.18 -9.05
CA VAL A 68 -18.26 -17.36 -9.69
C VAL A 68 -18.40 -17.13 -11.20
N LYS A 69 -18.47 -15.84 -11.57
CA LYS A 69 -18.59 -15.45 -12.96
C LYS A 69 -17.26 -14.87 -13.50
N PRO A 70 -16.66 -13.86 -12.81
CA PRO A 70 -15.39 -13.27 -13.25
C PRO A 70 -14.18 -14.04 -12.74
N THR A 71 -14.42 -15.23 -12.19
CA THR A 71 -13.37 -16.10 -11.67
C THR A 71 -12.54 -16.69 -12.80
N VAL A 72 -13.10 -16.69 -14.01
CA VAL A 72 -12.44 -17.22 -15.19
C VAL A 72 -11.29 -16.31 -15.64
N TYR A 73 -11.10 -15.18 -14.93
CA TYR A 73 -10.02 -14.24 -15.25
C TYR A 73 -8.66 -14.85 -14.92
N VAL A 74 -8.67 -15.92 -14.12
CA VAL A 74 -7.44 -16.60 -13.75
C VAL A 74 -6.88 -17.38 -14.94
N TYR A 75 -7.75 -17.72 -15.88
CA TYR A 75 -7.34 -18.47 -17.06
C TYR A 75 -6.67 -17.55 -18.07
N SER A 76 -7.13 -16.30 -18.12
CA SER A 76 -6.56 -15.31 -19.03
C SER A 76 -5.14 -14.90 -18.59
N ARG A 77 -4.70 -15.45 -17.47
CA ARG A 77 -3.36 -15.17 -16.95
C ARG A 77 -2.44 -16.36 -17.22
N VAL A 78 -3.02 -17.55 -17.38
CA VAL A 78 -2.25 -18.76 -17.64
C VAL A 78 -1.63 -18.71 -19.04
N LYS A 79 -2.27 -17.97 -19.94
CA LYS A 79 -1.78 -17.85 -21.31
C LYS A 79 -0.59 -16.90 -21.38
N ASN A 80 -0.50 -15.98 -20.41
CA ASN A 80 0.61 -15.03 -20.36
C ASN A 80 1.84 -15.67 -19.74
N LEU A 81 1.64 -16.61 -18.82
CA LEU A 81 2.74 -17.29 -18.16
C LEU A 81 2.46 -18.79 -18.06
N GLU B 24 12.11 -24.75 -3.12
CA GLU B 24 12.97 -23.68 -2.56
C GLU B 24 14.45 -24.05 -2.69
N THR B 25 14.79 -24.76 -3.76
CA THR B 25 16.16 -25.18 -4.00
C THR B 25 16.92 -24.15 -4.84
N GLY B 26 17.45 -23.12 -4.16
CA GLY B 26 18.21 -22.08 -4.84
C GLY B 26 17.32 -21.14 -5.65
N THR B 27 16.02 -21.17 -5.40
CA THR B 27 15.09 -20.31 -6.11
C THR B 27 14.77 -19.05 -5.32
N LEU B 28 15.35 -17.94 -5.75
CA LEU B 28 15.15 -16.67 -5.08
C LEU B 28 14.15 -15.82 -5.87
N ILE B 29 13.82 -16.27 -7.08
CA ILE B 29 12.87 -15.55 -7.93
C ILE B 29 11.44 -15.66 -7.41
N VAL B 30 11.27 -16.39 -6.31
CA VAL B 30 9.96 -16.59 -5.71
C VAL B 30 9.49 -15.33 -4.96
N ASN B 31 10.39 -14.38 -4.75
CA ASN B 31 10.07 -13.13 -4.06
C ASN B 31 9.30 -12.18 -4.97
N SER B 32 9.47 -12.35 -6.28
CA SER B 32 8.77 -11.51 -7.25
C SER B 32 7.49 -12.21 -7.71
N VAL B 33 7.39 -13.51 -7.43
CA VAL B 33 6.22 -14.29 -7.79
C VAL B 33 5.05 -13.91 -6.90
N LEU B 34 5.36 -13.64 -5.63
CA LEU B 34 4.34 -13.23 -4.66
C LEU B 34 3.88 -11.80 -4.94
N LEU B 35 4.72 -11.05 -5.66
CA LEU B 35 4.39 -9.67 -6.02
C LEU B 35 3.32 -9.64 -7.10
N PHE B 36 3.25 -10.73 -7.87
CA PHE B 36 2.27 -10.84 -8.94
C PHE B 36 0.87 -11.04 -8.36
N LEU B 37 0.81 -11.57 -7.13
CA LEU B 37 -0.46 -11.80 -6.46
C LEU B 37 -1.07 -10.47 -6.02
N ALA B 38 -0.21 -9.52 -5.68
CA ALA B 38 -0.66 -8.20 -5.25
C ALA B 38 -0.96 -7.32 -6.47
N PHE B 39 -0.36 -7.67 -7.60
CA PHE B 39 -0.55 -6.93 -8.85
C PHE B 39 -1.85 -7.33 -9.53
N VAL B 40 -2.37 -8.52 -9.18
CA VAL B 40 -3.60 -9.01 -9.78
C VAL B 40 -4.85 -8.57 -9.02
N VAL B 41 -4.72 -8.32 -7.73
CA VAL B 41 -5.87 -7.88 -6.94
C VAL B 41 -6.05 -6.37 -7.04
N PHE B 42 -4.94 -5.67 -7.28
CA PHE B 42 -4.99 -4.21 -7.45
C PHE B 42 -5.42 -3.87 -8.86
N LEU B 43 -5.38 -4.88 -9.73
CA LEU B 43 -5.78 -4.73 -11.11
C LEU B 43 -7.30 -4.66 -11.20
N LEU B 44 -7.97 -5.12 -10.15
CA LEU B 44 -9.43 -5.12 -10.11
C LEU B 44 -9.97 -3.82 -9.54
N VAL B 45 -9.14 -3.13 -8.78
CA VAL B 45 -9.54 -1.85 -8.20
C VAL B 45 -9.31 -0.72 -9.21
N THR B 46 -8.25 -0.85 -10.00
CA THR B 46 -7.92 0.17 -11.01
C THR B 46 -8.88 0.11 -12.20
N LEU B 47 -9.36 -1.09 -12.53
CA LEU B 47 -10.29 -1.28 -13.64
C LEU B 47 -11.67 -0.77 -13.25
N ALA B 48 -11.98 -0.81 -11.95
CA ALA B 48 -13.27 -0.36 -11.43
C ALA B 48 -13.40 1.15 -11.53
N ILE B 49 -12.28 1.85 -11.68
CA ILE B 49 -12.29 3.31 -11.79
C ILE B 49 -12.55 3.75 -13.22
N LEU B 50 -11.72 3.27 -14.15
CA LEU B 50 -11.85 3.64 -15.57
C LEU B 50 -13.18 3.16 -16.15
N THR B 51 -13.71 2.08 -15.59
CA THR B 51 -15.00 1.54 -16.06
C THR B 51 -16.15 2.33 -15.43
N ALA B 52 -15.90 2.89 -14.24
CA ALA B 52 -16.90 3.68 -13.53
C ALA B 52 -17.07 5.07 -14.14
N LEU B 53 -16.03 5.53 -14.82
CA LEU B 53 -16.04 6.85 -15.46
C LEU B 53 -16.36 6.73 -16.96
N ARG B 54 -16.50 5.48 -17.41
CA ARG B 54 -16.81 5.18 -18.82
C ARG B 54 -15.70 5.60 -19.76
N LEU B 55 -14.66 4.77 -19.84
CA LEU B 55 -13.52 5.02 -20.72
C LEU B 55 -12.73 3.74 -20.93
N ALA B 56 -13.45 2.62 -20.92
CA ALA B 56 -12.86 1.30 -21.11
C ALA B 56 -12.55 1.03 -22.58
N ALA B 57 -13.00 1.94 -23.45
CA ALA B 57 -12.77 1.81 -24.88
C ALA B 57 -11.32 2.12 -25.23
N TYR B 58 -10.65 2.87 -24.36
CA TYR B 58 -9.26 3.23 -24.58
C TYR B 58 -8.33 2.30 -23.80
N ALA B 59 -8.84 1.72 -22.73
CA ALA B 59 -8.06 0.81 -21.91
C ALA B 59 -8.09 -0.61 -22.48
N ALA B 60 -9.08 -0.89 -23.33
CA ALA B 60 -9.22 -2.20 -23.94
C ALA B 60 -7.94 -2.59 -24.68
N ASN B 61 -7.48 -1.73 -25.58
CA ASN B 61 -6.28 -2.03 -26.38
C ASN B 61 -5.03 -2.20 -25.51
N ILE B 62 -5.04 -1.65 -24.31
CA ILE B 62 -3.90 -1.75 -23.40
C ILE B 62 -3.69 -3.19 -22.91
N VAL B 63 -4.78 -3.85 -22.51
CA VAL B 63 -4.70 -5.23 -22.04
C VAL B 63 -4.57 -6.20 -23.22
N ASN B 64 -4.80 -5.67 -24.42
CA ASN B 64 -4.71 -6.46 -25.63
C ASN B 64 -3.31 -6.36 -26.23
N VAL B 65 -2.31 -6.42 -25.36
CA VAL B 65 -0.90 -6.33 -25.76
C VAL B 65 -0.55 -4.95 -26.29
N SER B 66 -0.08 -4.08 -25.40
CA SER B 66 0.31 -2.72 -25.77
C SER B 66 1.72 -2.42 -25.29
N LEU B 67 2.33 -3.41 -24.64
CA LEU B 67 3.69 -3.27 -24.13
C LEU B 67 4.70 -3.77 -25.15
N VAL B 68 4.69 -3.16 -26.33
CA VAL B 68 5.60 -3.52 -27.40
C VAL B 68 6.43 -2.32 -27.84
N LYS B 69 5.83 -1.14 -27.73
CA LYS B 69 6.49 0.11 -28.08
C LYS B 69 7.18 0.74 -26.86
N PRO B 70 6.44 0.94 -25.72
CA PRO B 70 7.04 1.52 -24.52
C PRO B 70 7.59 0.45 -23.57
N THR B 71 7.90 -0.71 -24.13
CA THR B 71 8.45 -1.83 -23.36
C THR B 71 9.94 -1.66 -23.17
N VAL B 72 10.49 -0.62 -23.81
CA VAL B 72 11.91 -0.32 -23.74
C VAL B 72 12.24 0.42 -22.45
N TYR B 73 11.23 0.66 -21.62
CA TYR B 73 11.42 1.36 -20.35
C TYR B 73 12.18 0.47 -19.36
N VAL B 74 12.26 -0.83 -19.66
CA VAL B 74 12.98 -1.76 -18.81
C VAL B 74 14.48 -1.63 -19.01
N TYR B 75 14.87 -1.12 -20.18
CA TYR B 75 16.28 -0.92 -20.52
C TYR B 75 16.80 0.35 -19.85
N SER B 76 15.90 1.30 -19.60
CA SER B 76 16.27 2.55 -18.96
C SER B 76 16.38 2.38 -17.44
N ARG B 77 16.14 1.15 -16.99
CA ARG B 77 16.21 0.81 -15.57
C ARG B 77 17.53 0.11 -15.28
N VAL B 78 18.05 -0.60 -16.29
CA VAL B 78 19.30 -1.33 -16.17
C VAL B 78 20.50 -0.39 -16.10
N LYS B 79 20.36 0.78 -16.71
CA LYS B 79 21.44 1.78 -16.72
C LYS B 79 21.70 2.32 -15.32
N ASN B 80 20.65 2.42 -14.51
CA ASN B 80 20.77 2.92 -13.15
C ASN B 80 21.28 1.83 -12.20
N LEU B 81 20.78 0.62 -12.38
CA LEU B 81 21.19 -0.50 -11.53
C LEU B 81 21.67 -1.68 -12.38
N GLU C 24 25.12 -11.68 9.72
CA GLU C 24 24.09 -11.33 10.74
C GLU C 24 24.73 -11.21 12.12
N THR C 25 26.05 -11.09 12.14
CA THR C 25 26.81 -10.95 13.38
C THR C 25 26.71 -9.53 13.91
N GLY C 26 25.64 -9.26 14.66
CA GLY C 26 25.44 -7.94 15.23
C GLY C 26 24.99 -6.91 14.20
N THR C 27 24.31 -7.37 13.15
CA THR C 27 23.84 -6.47 12.11
C THR C 27 22.31 -6.49 12.03
N LEU C 28 21.69 -5.44 12.56
CA LEU C 28 20.23 -5.33 12.53
C LEU C 28 19.78 -4.44 11.36
N ILE C 29 20.74 -4.05 10.52
CA ILE C 29 20.45 -3.21 9.37
C ILE C 29 19.80 -4.00 8.24
N VAL C 30 19.59 -5.29 8.48
CA VAL C 30 18.97 -6.17 7.49
C VAL C 30 17.50 -5.78 7.27
N ASN C 31 16.91 -5.10 8.26
CA ASN C 31 15.52 -4.67 8.16
C ASN C 31 15.34 -3.51 7.18
N SER C 32 16.39 -2.69 7.04
CA SER C 32 16.34 -1.55 6.13
C SER C 32 16.70 -2.00 4.71
N VAL C 33 17.24 -3.21 4.59
CA VAL C 33 17.63 -3.75 3.29
C VAL C 33 16.46 -4.46 2.61
N LEU C 34 15.60 -5.10 3.41
CA LEU C 34 14.44 -5.81 2.87
C LEU C 34 13.38 -4.84 2.36
N LEU C 35 13.50 -3.57 2.75
CA LEU C 35 12.56 -2.55 2.31
C LEU C 35 12.96 -1.99 0.94
N PHE C 36 14.24 -2.14 0.60
CA PHE C 36 14.76 -1.69 -0.69
C PHE C 36 14.22 -2.60 -1.80
N LEU C 37 13.87 -3.83 -1.41
CA LEU C 37 13.33 -4.81 -2.33
C LEU C 37 11.84 -4.56 -2.59
N ALA C 38 11.19 -3.91 -1.64
CA ALA C 38 9.77 -3.59 -1.75
C ALA C 38 9.58 -2.26 -2.48
N PHE C 39 10.67 -1.53 -2.66
CA PHE C 39 10.64 -0.24 -3.34
C PHE C 39 10.93 -0.40 -4.83
N VAL C 40 11.73 -1.41 -5.17
CA VAL C 40 12.07 -1.67 -6.57
C VAL C 40 10.88 -2.27 -7.33
N VAL C 41 9.99 -2.98 -6.62
CA VAL C 41 8.81 -3.58 -7.24
C VAL C 41 7.66 -2.57 -7.29
N PHE C 42 7.66 -1.63 -6.35
CA PHE C 42 6.62 -0.59 -6.30
C PHE C 42 6.95 0.50 -7.31
N LEU C 43 8.19 0.49 -7.80
CA LEU C 43 8.64 1.45 -8.79
C LEU C 43 8.01 1.18 -10.14
N LEU C 44 7.53 -0.06 -10.32
CA LEU C 44 6.90 -0.45 -11.57
C LEU C 44 5.42 -0.04 -11.57
N VAL C 45 4.90 0.27 -10.39
CA VAL C 45 3.51 0.67 -10.23
C VAL C 45 3.34 2.18 -10.43
N THR C 46 4.14 2.95 -9.70
CA THR C 46 4.11 4.42 -9.78
C THR C 46 4.52 4.90 -11.19
N LEU C 47 5.42 4.15 -11.85
CA LEU C 47 5.88 4.50 -13.19
C LEU C 47 4.81 4.19 -14.23
N ALA C 48 4.02 3.15 -13.97
CA ALA C 48 2.95 2.74 -14.88
C ALA C 48 1.80 3.75 -14.88
N ILE C 49 1.86 4.73 -13.98
CA ILE C 49 0.82 5.76 -13.90
C ILE C 49 1.20 6.97 -14.75
N LEU C 50 2.43 7.47 -14.55
CA LEU C 50 2.91 8.64 -15.28
C LEU C 50 3.13 8.32 -16.76
N THR C 51 3.30 7.04 -17.07
CA THR C 51 3.49 6.62 -18.45
C THR C 51 2.13 6.39 -19.12
N ALA C 52 1.11 6.13 -18.30
CA ALA C 52 -0.24 5.91 -18.78
C ALA C 52 -0.91 7.23 -19.15
N LEU C 53 -0.41 8.32 -18.57
CA LEU C 53 -0.95 9.65 -18.84
C LEU C 53 -0.02 10.45 -19.75
N ARG C 54 1.10 9.83 -20.13
CA ARG C 54 2.10 10.45 -21.01
C ARG C 54 2.70 11.71 -20.41
N LEU C 55 3.57 11.53 -19.41
CA LEU C 55 4.26 12.64 -18.75
C LEU C 55 5.56 12.15 -18.14
N ALA C 56 6.04 11.02 -18.66
CA ALA C 56 7.28 10.41 -18.18
C ALA C 56 8.51 11.22 -18.62
N ALA C 57 8.28 12.25 -19.44
CA ALA C 57 9.36 13.10 -19.93
C ALA C 57 9.87 14.04 -18.84
N TYR C 58 9.00 14.34 -17.88
CA TYR C 58 9.34 15.22 -16.77
C TYR C 58 9.83 14.39 -15.59
N ALA C 59 9.51 13.11 -15.60
CA ALA C 59 9.92 12.19 -14.54
C ALA C 59 11.21 11.46 -14.92
N ALA C 60 11.65 11.68 -16.16
CA ALA C 60 12.88 11.05 -16.66
C ALA C 60 14.11 11.63 -15.99
N ASN C 61 14.15 12.96 -15.85
CA ASN C 61 15.28 13.64 -15.22
C ASN C 61 15.35 13.31 -13.74
N ILE C 62 14.20 13.00 -13.13
CA ILE C 62 14.15 12.68 -11.70
C ILE C 62 14.99 11.44 -11.37
N VAL C 63 14.97 10.44 -12.25
CA VAL C 63 15.74 9.23 -12.03
C VAL C 63 17.21 9.41 -12.45
N ASN C 64 17.47 10.51 -13.15
CA ASN C 64 18.82 10.81 -13.63
C ASN C 64 19.51 11.76 -12.64
N VAL C 65 19.47 11.41 -11.36
CA VAL C 65 20.09 12.20 -10.28
C VAL C 65 19.40 13.56 -10.12
N SER C 66 18.46 13.63 -9.19
CA SER C 66 17.74 14.87 -8.92
C SER C 66 17.62 15.11 -7.42
N LEU C 67 18.25 14.24 -6.65
CA LEU C 67 18.22 14.35 -5.19
C LEU C 67 19.50 15.02 -4.66
N VAL C 68 19.81 16.19 -5.24
CA VAL C 68 20.98 16.96 -4.83
C VAL C 68 20.56 18.28 -4.19
N LYS C 69 19.35 18.71 -4.50
CA LYS C 69 18.81 19.95 -3.96
C LYS C 69 17.81 19.68 -2.84
N PRO C 70 16.76 18.85 -3.05
CA PRO C 70 15.77 18.56 -2.01
C PRO C 70 16.18 17.38 -1.13
N THR C 71 17.48 17.08 -1.11
CA THR C 71 18.01 15.98 -0.30
C THR C 71 18.29 16.47 1.12
N VAL C 72 18.03 17.75 1.36
CA VAL C 72 18.24 18.34 2.68
C VAL C 72 17.03 18.03 3.59
N TYR C 73 16.04 17.32 3.03
CA TYR C 73 14.84 16.95 3.76
C TYR C 73 15.14 15.86 4.80
N VAL C 74 16.31 15.23 4.68
CA VAL C 74 16.71 14.19 5.62
C VAL C 74 17.19 14.82 6.93
N TYR C 75 17.60 16.09 6.86
CA TYR C 75 18.07 16.81 8.03
C TYR C 75 16.89 17.33 8.86
N SER C 76 15.76 17.53 8.19
CA SER C 76 14.55 18.00 8.87
C SER C 76 13.80 16.82 9.48
N ARG C 77 14.41 15.64 9.42
CA ARG C 77 13.83 14.43 9.98
C ARG C 77 14.57 14.02 11.25
N VAL C 78 15.85 14.42 11.32
CA VAL C 78 16.70 14.11 12.48
C VAL C 78 16.36 15.04 13.64
N LYS C 79 15.69 16.15 13.34
CA LYS C 79 15.30 17.10 14.36
C LYS C 79 14.14 16.55 15.19
N ASN C 80 13.14 15.98 14.52
CA ASN C 80 12.00 15.37 15.20
C ASN C 80 12.43 14.14 16.03
N LEU C 81 13.30 13.31 15.45
CA LEU C 81 13.78 12.12 16.13
C LEU C 81 15.31 12.08 16.18
N GLU D 24 18.80 -8.57 16.50
CA GLU D 24 17.51 -9.29 16.52
C GLU D 24 17.40 -10.19 17.75
N THR D 25 18.05 -9.78 18.84
CA THR D 25 18.03 -10.56 20.07
C THR D 25 16.91 -10.10 21.00
N GLY D 26 15.71 -10.61 20.79
CA GLY D 26 14.58 -10.25 21.62
C GLY D 26 14.08 -8.85 21.34
N THR D 27 14.20 -8.42 20.09
CA THR D 27 13.78 -7.09 19.68
C THR D 27 12.69 -7.16 18.62
N LEU D 28 11.43 -7.01 19.05
CA LEU D 28 10.32 -7.05 18.11
C LEU D 28 9.90 -5.65 17.69
N ILE D 29 10.75 -4.67 18.03
CA ILE D 29 10.49 -3.27 17.69
C ILE D 29 10.88 -2.99 16.24
N VAL D 30 11.47 -3.99 15.59
CA VAL D 30 11.89 -3.88 14.19
C VAL D 30 10.67 -3.83 13.27
N ASN D 31 9.54 -4.31 13.79
CA ASN D 31 8.28 -4.34 13.05
C ASN D 31 7.82 -2.93 12.70
N SER D 32 8.20 -1.94 13.51
CA SER D 32 7.80 -0.57 13.26
C SER D 32 8.87 0.19 12.48
N VAL D 33 10.09 -0.33 12.49
CA VAL D 33 11.20 0.31 11.77
C VAL D 33 11.05 0.14 10.27
N LEU D 34 10.49 -1.00 9.85
CA LEU D 34 10.29 -1.27 8.43
C LEU D 34 9.16 -0.43 7.86
N LEU D 35 8.26 0.03 8.74
CA LEU D 35 7.14 0.86 8.32
C LEU D 35 7.60 2.31 8.13
N PHE D 36 8.69 2.66 8.79
CA PHE D 36 9.26 4.01 8.70
C PHE D 36 9.82 4.27 7.30
N LEU D 37 10.34 3.21 6.68
CA LEU D 37 10.89 3.33 5.34
C LEU D 37 9.77 3.46 4.32
N ALA D 38 8.64 2.80 4.59
CA ALA D 38 7.49 2.86 3.70
C ALA D 38 6.81 4.22 3.81
N PHE D 39 7.15 4.94 4.88
CA PHE D 39 6.60 6.27 5.15
C PHE D 39 7.46 7.36 4.52
N VAL D 40 8.68 6.99 4.09
CA VAL D 40 9.60 7.95 3.50
C VAL D 40 9.36 8.15 2.00
N VAL D 41 8.88 7.11 1.33
CA VAL D 41 8.62 7.20 -0.10
C VAL D 41 7.23 7.78 -0.35
N PHE D 42 6.35 7.61 0.63
CA PHE D 42 4.99 8.14 0.54
C PHE D 42 4.98 9.63 0.81
N LEU D 43 6.11 10.13 1.34
CA LEU D 43 6.26 11.54 1.64
C LEU D 43 6.46 12.35 0.36
N LEU D 44 7.15 11.75 -0.61
CA LEU D 44 7.42 12.42 -1.90
C LEU D 44 6.17 12.43 -2.76
N VAL D 45 5.23 11.54 -2.47
CA VAL D 45 3.99 11.43 -3.21
C VAL D 45 3.01 12.54 -2.82
N THR D 46 2.68 12.57 -1.53
CA THR D 46 1.76 13.57 -0.99
C THR D 46 2.33 14.98 -1.12
N LEU D 47 3.65 15.10 -1.12
CA LEU D 47 4.31 16.39 -1.25
C LEU D 47 4.15 16.93 -2.68
N ALA D 48 4.11 16.01 -3.66
CA ALA D 48 3.96 16.39 -5.05
C ALA D 48 2.52 16.82 -5.37
N ILE D 49 1.64 16.75 -4.37
CA ILE D 49 0.24 17.14 -4.54
C ILE D 49 0.04 18.57 -4.02
N LEU D 50 0.50 18.82 -2.80
CA LEU D 50 0.37 20.14 -2.19
C LEU D 50 1.29 21.16 -2.86
N THR D 51 2.39 20.66 -3.44
CA THR D 51 3.35 21.50 -4.12
C THR D 51 2.87 21.80 -5.55
N ALA D 52 2.10 20.87 -6.10
CA ALA D 52 1.55 21.01 -7.45
C ALA D 52 0.38 21.99 -7.47
N LEU D 53 -0.25 22.16 -6.31
CA LEU D 53 -1.38 23.07 -6.19
C LEU D 53 -0.96 24.42 -5.63
N ARG D 54 0.34 24.55 -5.36
CA ARG D 54 0.93 25.79 -4.83
C ARG D 54 0.37 26.14 -3.45
N LEU D 55 0.80 25.41 -2.43
CA LEU D 55 0.37 25.66 -1.06
C LEU D 55 1.42 25.12 -0.08
N ALA D 56 2.67 25.08 -0.53
CA ALA D 56 3.78 24.60 0.28
C ALA D 56 4.19 25.66 1.32
N ALA D 57 3.51 26.81 1.28
CA ALA D 57 3.78 27.90 2.20
C ALA D 57 3.17 27.62 3.57
N TYR D 58 2.16 26.76 3.60
CA TYR D 58 1.49 26.41 4.85
C TYR D 58 2.03 25.10 5.41
N ALA D 59 2.58 24.26 4.53
CA ALA D 59 3.13 22.98 4.93
C ALA D 59 4.58 23.14 5.41
N ALA D 60 5.20 24.24 5.02
CA ALA D 60 6.59 24.50 5.40
C ALA D 60 6.74 24.47 6.92
N ASN D 61 5.95 25.28 7.61
CA ASN D 61 6.00 25.34 9.06
C ASN D 61 5.66 24.00 9.69
N ILE D 62 4.85 23.18 9.00
CA ILE D 62 4.47 21.86 9.53
C ILE D 62 5.70 20.94 9.75
N VAL D 63 6.62 20.94 8.79
CA VAL D 63 7.82 20.11 8.88
C VAL D 63 8.83 20.73 9.85
N ASN D 64 8.64 22.01 10.13
CA ASN D 64 9.52 22.73 11.05
C ASN D 64 9.01 22.59 12.49
N VAL D 65 8.61 21.37 12.84
CA VAL D 65 8.10 21.05 14.18
C VAL D 65 6.73 21.70 14.43
N SER D 66 5.68 20.90 14.29
CA SER D 66 4.32 21.37 14.50
C SER D 66 3.52 20.35 15.31
N LEU D 67 4.21 19.28 15.72
CA LEU D 67 3.59 18.21 16.49
C LEU D 67 3.85 18.40 17.99
N VAL D 68 3.65 19.64 18.46
CA VAL D 68 3.86 19.96 19.86
C VAL D 68 2.52 20.24 20.55
N LYS D 69 1.51 20.57 19.75
CA LYS D 69 0.17 20.86 20.26
C LYS D 69 -0.77 19.67 20.03
N PRO D 70 -0.90 19.17 18.77
CA PRO D 70 -1.78 18.04 18.48
C PRO D 70 -1.10 16.69 18.74
N THR D 71 -0.01 16.72 19.50
CA THR D 71 0.74 15.53 19.84
C THR D 71 0.02 14.71 20.91
N VAL D 72 -0.90 15.37 21.63
CA VAL D 72 -1.67 14.72 22.69
C VAL D 72 -2.69 13.73 22.12
N TYR D 73 -2.74 13.62 20.79
CA TYR D 73 -3.67 12.71 20.13
C TYR D 73 -3.25 11.26 20.35
N VAL D 74 -2.03 11.05 20.87
CA VAL D 74 -1.54 9.71 21.12
C VAL D 74 -2.12 9.16 22.42
N TYR D 75 -2.61 10.05 23.27
CA TYR D 75 -3.20 9.66 24.55
C TYR D 75 -4.63 9.17 24.37
N SER D 76 -5.27 9.58 23.26
CA SER D 76 -6.63 9.16 22.97
C SER D 76 -6.65 7.82 22.23
N ARG D 77 -5.49 7.19 22.17
CA ARG D 77 -5.35 5.90 21.51
C ARG D 77 -5.03 4.81 22.53
N VAL D 78 -4.45 5.23 23.65
CA VAL D 78 -4.08 4.30 24.72
C VAL D 78 -5.29 3.93 25.57
N LYS D 79 -6.34 4.75 25.48
CA LYS D 79 -7.57 4.51 26.23
C LYS D 79 -8.43 3.41 25.61
N ASN D 80 -8.05 2.97 24.41
CA ASN D 80 -8.81 1.93 23.72
C ASN D 80 -8.05 0.61 23.73
N LEU D 81 -6.72 0.68 23.65
CA LEU D 81 -5.90 -0.52 23.66
C LEU D 81 -4.92 -0.50 24.83
N GLU E 24 6.40 -22.42 22.33
CA GLU E 24 6.27 -22.98 20.99
C GLU E 24 5.86 -24.44 21.04
N THR E 25 5.05 -24.79 22.04
CA THR E 25 4.59 -26.16 22.21
C THR E 25 3.20 -26.35 21.63
N GLY E 26 3.10 -26.32 20.30
CA GLY E 26 1.81 -26.48 19.64
C GLY E 26 1.05 -25.18 19.53
N THR E 27 1.77 -24.06 19.62
CA THR E 27 1.15 -22.74 19.53
C THR E 27 1.13 -22.25 18.09
N LEU E 28 0.20 -22.75 17.29
CA LEU E 28 0.09 -22.35 15.90
C LEU E 28 -0.56 -20.97 15.78
N ILE E 29 -1.35 -20.61 16.79
CA ILE E 29 -2.02 -19.31 16.80
C ILE E 29 -1.02 -18.17 16.70
N VAL E 30 0.27 -18.44 16.93
CA VAL E 30 1.31 -17.39 16.86
C VAL E 30 1.44 -16.79 15.44
N ASN E 31 0.95 -17.51 14.43
CA ASN E 31 1.03 -17.04 13.04
C ASN E 31 0.14 -15.83 12.76
N SER E 32 -0.70 -15.45 13.73
CA SER E 32 -1.59 -14.32 13.57
C SER E 32 -1.21 -13.21 14.53
N VAL E 33 -0.38 -13.56 15.51
CA VAL E 33 0.12 -12.61 16.49
C VAL E 33 1.07 -11.63 15.79
N LEU E 34 1.83 -12.18 14.83
CA LEU E 34 2.77 -11.38 14.04
C LEU E 34 1.99 -10.52 13.03
N LEU E 35 0.77 -10.96 12.73
CA LEU E 35 -0.11 -10.24 11.80
C LEU E 35 -0.68 -9.00 12.48
N PHE E 36 -0.85 -9.08 13.81
CA PHE E 36 -1.36 -7.96 14.58
C PHE E 36 -0.33 -6.85 14.64
N LEU E 37 0.93 -7.22 14.46
CA LEU E 37 2.04 -6.27 14.47
C LEU E 37 2.04 -5.44 13.20
N ALA E 38 1.76 -6.09 12.07
CA ALA E 38 1.70 -5.42 10.78
C ALA E 38 0.36 -4.73 10.58
N PHE E 39 -0.55 -4.98 11.51
CA PHE E 39 -1.89 -4.41 11.45
C PHE E 39 -1.95 -3.09 12.21
N VAL E 40 -1.11 -2.97 13.24
CA VAL E 40 -1.10 -1.77 14.05
C VAL E 40 -0.21 -0.68 13.44
N VAL E 41 0.81 -1.07 12.70
CA VAL E 41 1.69 -0.10 12.05
C VAL E 41 1.00 0.51 10.83
N PHE E 42 -0.03 -0.19 10.34
CA PHE E 42 -0.81 0.27 9.21
C PHE E 42 -1.97 1.15 9.67
N LEU E 43 -2.19 1.15 10.98
CA LEU E 43 -3.25 1.95 11.58
C LEU E 43 -2.90 3.43 11.54
N LEU E 44 -1.61 3.74 11.66
CA LEU E 44 -1.13 5.11 11.63
C LEU E 44 -1.04 5.63 10.20
N VAL E 45 -1.10 4.71 9.24
CA VAL E 45 -1.03 5.07 7.82
C VAL E 45 -2.36 5.65 7.36
N THR E 46 -3.42 4.87 7.53
CA THR E 46 -4.77 5.29 7.14
C THR E 46 -5.30 6.41 8.04
N LEU E 47 -4.80 6.48 9.28
CA LEU E 47 -5.23 7.53 10.21
C LEU E 47 -4.72 8.89 9.77
N ALA E 48 -3.53 8.91 9.16
CA ALA E 48 -2.93 10.15 8.69
C ALA E 48 -3.64 10.67 7.44
N ILE E 49 -4.55 9.86 6.90
CA ILE E 49 -5.30 10.23 5.70
C ILE E 49 -6.62 10.92 6.07
N LEU E 50 -7.36 10.32 7.01
CA LEU E 50 -8.64 10.88 7.43
C LEU E 50 -8.46 12.12 8.29
N THR E 51 -7.32 12.19 8.97
CA THR E 51 -6.98 13.32 9.82
C THR E 51 -6.52 14.51 8.97
N ALA E 52 -5.91 14.19 7.83
CA ALA E 52 -5.41 15.21 6.93
C ALA E 52 -6.54 15.81 6.08
N LEU E 53 -7.63 15.06 5.96
CA LEU E 53 -8.78 15.52 5.18
C LEU E 53 -9.85 16.13 6.09
N ARG E 54 -9.56 16.17 7.39
CA ARG E 54 -10.46 16.73 8.40
C ARG E 54 -11.78 15.98 8.50
N LEU E 55 -11.73 14.79 9.11
CA LEU E 55 -12.92 13.98 9.32
C LEU E 55 -12.70 12.99 10.45
N ALA E 56 -11.87 13.40 11.42
CA ALA E 56 -11.56 12.58 12.58
C ALA E 56 -12.73 12.52 13.56
N ALA E 57 -13.74 13.35 13.30
CA ALA E 57 -14.94 13.40 14.14
C ALA E 57 -15.83 12.18 13.90
N TYR E 58 -15.82 11.67 12.67
CA TYR E 58 -16.63 10.50 12.32
C TYR E 58 -15.89 9.20 12.64
N ALA E 59 -14.57 9.31 12.81
CA ALA E 59 -13.74 8.15 13.12
C ALA E 59 -13.52 8.01 14.62
N ALA E 60 -13.88 9.05 15.37
CA ALA E 60 -13.72 9.05 16.82
C ALA E 60 -14.64 8.04 17.49
N ASN E 61 -15.88 7.96 17.00
CA ASN E 61 -16.87 7.03 17.55
C ASN E 61 -16.54 5.60 17.15
N ILE E 62 -15.82 5.44 16.03
CA ILE E 62 -15.44 4.10 15.55
C ILE E 62 -14.43 3.46 16.50
N VAL E 63 -13.51 4.28 17.01
CA VAL E 63 -12.49 3.82 17.94
C VAL E 63 -13.08 3.46 19.31
N ASN E 64 -14.20 4.11 19.63
CA ASN E 64 -14.88 3.87 20.91
C ASN E 64 -15.83 2.68 20.83
N VAL E 65 -15.35 1.60 20.21
CA VAL E 65 -16.11 0.35 20.05
C VAL E 65 -17.30 0.53 19.11
N SER E 66 -17.16 0.05 17.88
CA SER E 66 -18.23 0.14 16.89
C SER E 66 -18.46 -1.21 16.23
N LEU E 67 -17.76 -2.23 16.73
CA LEU E 67 -17.87 -3.58 16.20
C LEU E 67 -18.86 -4.42 17.02
N VAL E 68 -20.05 -3.86 17.23
CA VAL E 68 -21.10 -4.54 17.99
C VAL E 68 -22.29 -4.84 17.09
N LYS E 69 -22.37 -4.13 15.97
CA LYS E 69 -23.44 -4.32 15.00
C LYS E 69 -22.95 -5.05 13.75
N PRO E 70 -21.86 -4.57 13.08
CA PRO E 70 -21.33 -5.22 11.89
C PRO E 70 -20.33 -6.32 12.22
N THR E 71 -20.34 -6.76 13.47
CA THR E 71 -19.45 -7.82 13.95
C THR E 71 -19.93 -9.19 13.51
N VAL E 72 -21.22 -9.24 13.13
CA VAL E 72 -21.83 -10.48 12.66
C VAL E 72 -21.28 -10.84 11.26
N TYR E 73 -20.44 -9.98 10.71
CA TYR E 73 -19.84 -10.21 9.39
C TYR E 73 -18.86 -11.39 9.45
N VAL E 74 -18.47 -11.81 10.67
CA VAL E 74 -17.57 -12.95 10.83
C VAL E 74 -18.28 -14.25 10.48
N TYR E 75 -19.58 -14.32 10.78
CA TYR E 75 -20.38 -15.50 10.52
C TYR E 75 -20.57 -15.75 9.02
N SER E 76 -20.47 -14.69 8.23
CA SER E 76 -20.62 -14.81 6.78
C SER E 76 -19.32 -15.31 6.14
N ARG E 77 -18.33 -15.60 6.99
CA ARG E 77 -17.03 -16.09 6.53
C ARG E 77 -16.87 -17.56 6.91
N VAL E 78 -17.61 -17.99 7.93
CA VAL E 78 -17.56 -19.36 8.40
C VAL E 78 -18.32 -20.28 7.45
N LYS E 79 -19.22 -19.70 6.67
CA LYS E 79 -20.00 -20.47 5.70
C LYS E 79 -19.14 -20.87 4.51
N ASN E 80 -18.13 -20.05 4.20
CA ASN E 80 -17.22 -20.33 3.10
C ASN E 80 -16.17 -21.35 3.51
N LEU E 81 -15.42 -21.06 4.58
CA LEU E 81 -14.39 -21.96 5.07
C LEU E 81 -14.89 -22.78 6.25
N GLU A 24 7.11 -29.05 6.03
CA GLU A 24 7.96 -28.40 5.00
C GLU A 24 8.78 -29.44 4.24
N THR A 25 8.22 -30.63 4.08
CA THR A 25 8.90 -31.71 3.38
C THR A 25 8.57 -31.67 1.88
N GLY A 26 9.39 -30.94 1.13
CA GLY A 26 9.18 -30.83 -0.31
C GLY A 26 8.05 -29.88 -0.67
N THR A 27 7.66 -29.03 0.28
CA THR A 27 6.58 -28.08 0.05
C THR A 27 7.09 -26.64 0.02
N LEU A 28 7.33 -26.14 -1.18
CA LEU A 28 7.80 -24.77 -1.38
C LEU A 28 6.63 -23.87 -1.74
N ILE A 29 5.42 -24.45 -1.75
CA ILE A 29 4.20 -23.72 -2.10
C ILE A 29 3.65 -22.93 -0.91
N VAL A 30 4.39 -22.93 0.20
CA VAL A 30 3.98 -22.19 1.40
C VAL A 30 4.27 -20.69 1.23
N ASN A 31 4.98 -20.37 0.14
CA ASN A 31 5.34 -18.99 -0.18
C ASN A 31 4.10 -18.12 -0.41
N SER A 32 3.06 -18.72 -0.97
CA SER A 32 1.84 -18.00 -1.27
C SER A 32 0.84 -18.12 -0.13
N VAL A 33 1.08 -19.07 0.76
CA VAL A 33 0.22 -19.28 1.92
C VAL A 33 0.39 -18.12 2.91
N LEU A 34 1.63 -17.62 2.99
CA LEU A 34 1.94 -16.50 3.86
C LEU A 34 1.51 -15.18 3.21
N LEU A 35 1.34 -15.21 1.89
CA LEU A 35 0.92 -14.03 1.14
C LEU A 35 -0.61 -13.92 1.11
N PHE A 36 -1.28 -15.06 1.27
CA PHE A 36 -2.75 -15.09 1.29
C PHE A 36 -3.25 -14.40 2.55
N LEU A 37 -2.33 -14.23 3.50
CA LEU A 37 -2.61 -13.59 4.76
C LEU A 37 -2.63 -12.07 4.62
N ALA A 38 -1.91 -11.57 3.61
CA ALA A 38 -1.86 -10.15 3.35
C ALA A 38 -3.10 -9.68 2.61
N PHE A 39 -3.98 -10.63 2.29
CA PHE A 39 -5.22 -10.34 1.59
C PHE A 39 -6.38 -10.20 2.58
N VAL A 40 -6.28 -10.92 3.70
CA VAL A 40 -7.31 -10.88 4.73
C VAL A 40 -7.20 -9.58 5.53
N VAL A 41 -6.03 -8.95 5.48
CA VAL A 41 -5.80 -7.71 6.20
C VAL A 41 -6.13 -6.49 5.34
N PHE A 42 -5.82 -6.53 4.03
CA PHE A 42 -6.15 -5.41 3.15
C PHE A 42 -7.65 -5.40 2.89
N LEU A 43 -8.30 -6.50 3.23
CA LEU A 43 -9.74 -6.62 3.07
C LEU A 43 -10.46 -5.77 4.12
N LEU A 44 -9.85 -5.68 5.31
CA LEU A 44 -10.42 -4.89 6.39
C LEU A 44 -10.15 -3.41 6.17
N VAL A 45 -9.19 -3.12 5.30
CA VAL A 45 -8.82 -1.74 4.98
C VAL A 45 -9.65 -1.20 3.82
N THR A 46 -9.69 -1.96 2.72
CA THR A 46 -10.45 -1.56 1.54
C THR A 46 -11.95 -1.55 1.82
N LEU A 47 -12.41 -2.39 2.76
CA LEU A 47 -13.82 -2.44 3.12
C LEU A 47 -14.22 -1.17 3.87
N ALA A 48 -13.29 -0.61 4.63
CA ALA A 48 -13.55 0.61 5.38
C ALA A 48 -13.62 1.84 4.44
N ILE A 49 -13.25 1.65 3.18
CA ILE A 49 -13.29 2.73 2.20
C ILE A 49 -14.65 2.77 1.49
N LEU A 50 -15.07 1.62 0.94
CA LEU A 50 -16.34 1.52 0.24
C LEU A 50 -17.52 1.67 1.19
N THR A 51 -17.30 1.29 2.45
CA THR A 51 -18.34 1.42 3.46
C THR A 51 -18.39 2.86 3.98
N ALA A 52 -17.26 3.56 3.88
CA ALA A 52 -17.19 4.95 4.32
C ALA A 52 -17.84 5.87 3.30
N LEU A 53 -17.93 5.42 2.07
CA LEU A 53 -18.52 6.20 1.00
C LEU A 53 -19.95 5.76 0.71
N ARG A 54 -20.42 4.77 1.46
CA ARG A 54 -21.78 4.22 1.32
C ARG A 54 -22.01 3.61 -0.06
N LEU A 55 -21.41 2.45 -0.30
CA LEU A 55 -21.57 1.75 -1.57
C LEU A 55 -21.27 0.25 -1.40
N ALA A 56 -21.48 -0.24 -0.17
CA ALA A 56 -21.24 -1.64 0.15
C ALA A 56 -22.31 -2.55 -0.47
N ALA A 57 -23.34 -1.93 -1.06
CA ALA A 57 -24.43 -2.66 -1.69
C ALA A 57 -23.98 -3.20 -3.04
N TYR A 58 -23.00 -2.53 -3.65
CA TYR A 58 -22.47 -2.93 -4.94
C TYR A 58 -21.25 -3.82 -4.76
N ALA A 59 -20.70 -3.80 -3.54
CA ALA A 59 -19.54 -4.60 -3.21
C ALA A 59 -19.94 -5.88 -2.47
N ALA A 60 -21.22 -5.96 -2.08
CA ALA A 60 -21.75 -7.12 -1.37
C ALA A 60 -21.78 -8.35 -2.27
N ASN A 61 -22.14 -8.12 -3.54
CA ASN A 61 -22.21 -9.21 -4.52
C ASN A 61 -20.83 -9.68 -4.94
N ILE A 62 -19.84 -8.79 -4.83
CA ILE A 62 -18.47 -9.13 -5.20
C ILE A 62 -17.90 -10.18 -4.23
N VAL A 63 -18.21 -10.03 -2.95
CA VAL A 63 -17.74 -10.96 -1.92
C VAL A 63 -18.55 -12.26 -1.96
N ASN A 64 -19.78 -12.17 -2.44
CA ASN A 64 -20.66 -13.33 -2.54
C ASN A 64 -20.55 -13.97 -3.93
N VAL A 65 -19.37 -13.86 -4.54
CA VAL A 65 -19.09 -14.42 -5.86
C VAL A 65 -19.86 -13.67 -6.95
N SER A 66 -19.14 -12.84 -7.70
CA SER A 66 -19.75 -12.06 -8.78
C SER A 66 -19.00 -12.32 -10.09
N LEU A 67 -18.34 -13.47 -10.16
CA LEU A 67 -17.57 -13.83 -11.35
C LEU A 67 -18.43 -14.63 -12.33
N VAL A 68 -19.26 -13.92 -13.08
CA VAL A 68 -20.12 -14.53 -14.09
C VAL A 68 -19.76 -13.98 -15.47
N LYS A 69 -19.68 -12.66 -15.56
CA LYS A 69 -19.34 -11.99 -16.80
C LYS A 69 -17.83 -11.70 -16.87
N PRO A 70 -17.22 -11.05 -15.84
CA PRO A 70 -15.79 -10.75 -15.84
C PRO A 70 -14.94 -11.95 -15.40
N THR A 71 -15.57 -13.13 -15.38
CA THR A 71 -14.90 -14.36 -14.98
C THR A 71 -13.94 -14.84 -16.07
N VAL A 72 -14.17 -14.36 -17.30
CA VAL A 72 -13.33 -14.72 -18.44
C VAL A 72 -11.92 -14.12 -18.30
N TYR A 73 -11.71 -13.33 -17.24
CA TYR A 73 -10.41 -12.71 -16.99
C TYR A 73 -9.37 -13.78 -16.67
N VAL A 74 -9.83 -14.99 -16.35
CA VAL A 74 -8.94 -16.09 -16.06
C VAL A 74 -8.17 -16.53 -17.31
N TYR A 75 -8.83 -16.44 -18.46
CA TYR A 75 -8.21 -16.82 -19.73
C TYR A 75 -7.28 -15.73 -20.25
N SER A 76 -7.45 -14.51 -19.74
CA SER A 76 -6.60 -13.40 -20.15
C SER A 76 -5.27 -13.45 -19.40
N ARG A 77 -5.15 -14.40 -18.48
CA ARG A 77 -3.94 -14.59 -17.70
C ARG A 77 -3.18 -15.81 -18.17
N VAL A 78 -3.90 -16.75 -18.79
CA VAL A 78 -3.31 -17.99 -19.29
C VAL A 78 -2.33 -17.71 -20.43
N LYS A 79 -2.50 -16.59 -21.11
CA LYS A 79 -1.58 -16.23 -22.19
C LYS A 79 -0.20 -15.90 -21.64
N ASN A 80 -0.16 -15.03 -20.63
CA ASN A 80 1.11 -14.64 -19.99
C ASN A 80 1.84 -15.82 -19.33
N LEU A 81 1.13 -16.60 -18.51
CA LEU A 81 1.73 -17.73 -17.80
C LEU A 81 1.29 -19.05 -18.41
N GLU B 24 11.26 -27.74 -1.35
CA GLU B 24 12.19 -26.62 -1.06
C GLU B 24 13.63 -27.12 -0.98
N THR B 25 14.15 -27.60 -2.12
CA THR B 25 15.51 -28.12 -2.17
C THR B 25 16.37 -27.31 -3.14
N GLY B 26 17.14 -26.37 -2.59
CA GLY B 26 18.00 -25.53 -3.41
C GLY B 26 17.23 -24.52 -4.22
N THR B 27 16.00 -24.22 -3.82
CA THR B 27 15.15 -23.27 -4.52
C THR B 27 14.93 -22.01 -3.70
N LEU B 28 15.70 -20.98 -4.01
CA LEU B 28 15.58 -19.69 -3.33
C LEU B 28 14.73 -18.72 -4.15
N ILE B 29 14.61 -19.00 -5.44
CA ILE B 29 13.83 -18.15 -6.37
C ILE B 29 12.34 -18.08 -6.00
N VAL B 30 11.95 -18.82 -4.97
CA VAL B 30 10.57 -18.84 -4.50
C VAL B 30 10.23 -17.55 -3.74
N ASN B 31 11.25 -16.73 -3.50
CA ASN B 31 11.08 -15.46 -2.78
C ASN B 31 10.30 -14.45 -3.61
N SER B 32 10.34 -14.62 -4.93
CA SER B 32 9.63 -13.73 -5.84
C SER B 32 8.31 -14.36 -6.28
N VAL B 33 8.16 -15.66 -6.04
CA VAL B 33 6.94 -16.37 -6.39
C VAL B 33 5.81 -15.92 -5.49
N LEU B 34 6.16 -15.57 -4.24
CA LEU B 34 5.18 -15.09 -3.27
C LEU B 34 4.79 -13.66 -3.59
N LEU B 35 5.73 -12.93 -4.21
CA LEU B 35 5.48 -11.54 -4.59
C LEU B 35 4.56 -11.47 -5.81
N PHE B 36 4.46 -12.60 -6.52
CA PHE B 36 3.60 -12.69 -7.70
C PHE B 36 2.14 -12.77 -7.29
N LEU B 37 1.90 -13.23 -6.06
CA LEU B 37 0.54 -13.33 -5.55
C LEU B 37 0.02 -11.94 -5.17
N ALA B 38 0.95 -11.04 -4.89
CA ALA B 38 0.61 -9.66 -4.53
C ALA B 38 0.33 -8.84 -5.80
N PHE B 39 0.66 -9.42 -6.95
CA PHE B 39 0.46 -8.77 -8.24
C PHE B 39 -0.94 -9.05 -8.78
N VAL B 40 -1.54 -10.15 -8.35
CA VAL B 40 -2.86 -10.53 -8.82
C VAL B 40 -3.97 -9.87 -7.99
N VAL B 41 -3.69 -9.57 -6.74
CA VAL B 41 -4.67 -8.91 -5.88
C VAL B 41 -4.68 -7.42 -6.11
N PHE B 42 -3.50 -6.86 -6.41
CA PHE B 42 -3.40 -5.43 -6.68
C PHE B 42 -3.92 -5.13 -8.08
N LEU B 43 -4.01 -6.19 -8.90
CA LEU B 43 -4.53 -6.08 -10.25
C LEU B 43 -6.03 -5.86 -10.20
N LEU B 44 -6.68 -6.46 -9.20
CA LEU B 44 -8.13 -6.31 -9.04
C LEU B 44 -8.46 -4.96 -8.44
N VAL B 45 -7.47 -4.34 -7.81
CA VAL B 45 -7.65 -3.03 -7.19
C VAL B 45 -7.49 -1.91 -8.21
N THR B 46 -6.31 -1.91 -8.81
CA THR B 46 -5.97 -0.91 -9.84
C THR B 46 -6.98 -0.93 -10.99
N LEU B 47 -7.51 -2.11 -11.31
CA LEU B 47 -8.50 -2.26 -12.38
C LEU B 47 -9.81 -1.61 -11.99
N ALA B 48 -10.13 -1.67 -10.71
CA ALA B 48 -11.37 -1.08 -10.20
C ALA B 48 -11.35 0.44 -10.29
N ILE B 49 -10.16 1.01 -10.41
CA ILE B 49 -10.03 2.47 -10.52
C ILE B 49 -10.28 2.93 -11.95
N LEU B 50 -9.51 2.37 -12.89
CA LEU B 50 -9.62 2.75 -14.30
C LEU B 50 -10.97 2.38 -14.89
N THR B 51 -11.58 1.31 -14.37
CA THR B 51 -12.88 0.86 -14.86
C THR B 51 -13.99 1.75 -14.31
N ALA B 52 -13.80 2.26 -13.08
CA ALA B 52 -14.79 3.13 -12.44
C ALA B 52 -14.78 4.54 -13.02
N LEU B 53 -13.64 4.92 -13.59
CA LEU B 53 -13.50 6.24 -14.19
C LEU B 53 -13.84 6.20 -15.68
N ARG B 54 -14.18 5.00 -16.16
CA ARG B 54 -14.54 4.77 -17.56
C ARG B 54 -13.39 5.06 -18.51
N LEU B 55 -12.39 4.17 -18.52
CA LEU B 55 -11.23 4.31 -19.38
C LEU B 55 -10.56 2.96 -19.57
N ALA B 56 -11.35 1.89 -19.44
CA ALA B 56 -10.86 0.53 -19.59
C ALA B 56 -10.60 0.20 -21.06
N ALA B 57 -10.93 1.14 -21.94
CA ALA B 57 -10.73 0.95 -23.38
C ALA B 57 -9.26 1.07 -23.75
N TYR B 58 -8.53 1.88 -22.98
CA TYR B 58 -7.10 2.09 -23.23
C TYR B 58 -6.26 1.12 -22.41
N ALA B 59 -6.83 0.64 -21.32
CA ALA B 59 -6.12 -0.29 -20.43
C ALA B 59 -6.28 -1.73 -20.93
N ALA B 60 -7.30 -1.95 -21.77
CA ALA B 60 -7.55 -3.28 -22.30
C ALA B 60 -6.32 -3.83 -23.02
N ASN B 61 -5.83 -3.06 -24.00
CA ASN B 61 -4.67 -3.47 -24.80
C ASN B 61 -3.45 -3.73 -23.91
N ILE B 62 -3.40 -3.12 -22.74
CA ILE B 62 -2.28 -3.32 -21.81
C ILE B 62 -2.26 -4.75 -21.22
N VAL B 63 -3.45 -5.32 -20.99
CA VAL B 63 -3.58 -6.65 -20.44
C VAL B 63 -3.43 -7.69 -21.54
N ASN B 64 -3.72 -7.25 -22.76
CA ASN B 64 -3.63 -8.12 -23.93
C ASN B 64 -2.27 -7.94 -24.60
N VAL B 65 -1.27 -7.54 -23.79
CA VAL B 65 0.10 -7.32 -24.26
C VAL B 65 0.19 -6.08 -25.17
N SER B 66 0.67 -4.98 -24.58
CA SER B 66 0.83 -3.74 -25.32
C SER B 66 2.29 -3.31 -25.30
N LEU B 67 3.17 -4.26 -25.01
CA LEU B 67 4.60 -4.00 -24.95
C LEU B 67 5.23 -4.11 -26.34
N VAL B 68 5.10 -3.05 -27.12
CA VAL B 68 5.67 -3.00 -28.46
C VAL B 68 6.62 -1.82 -28.57
N LYS B 69 6.11 -0.63 -28.27
CA LYS B 69 6.92 0.58 -28.31
C LYS B 69 7.65 0.79 -26.97
N PRO B 70 6.92 0.72 -25.81
CA PRO B 70 7.55 0.89 -24.51
C PRO B 70 8.16 -0.41 -23.96
N THR B 71 8.27 -1.43 -24.82
CA THR B 71 8.81 -2.72 -24.44
C THR B 71 10.33 -2.62 -24.24
N VAL B 72 10.92 -1.56 -24.79
CA VAL B 72 12.35 -1.30 -24.67
C VAL B 72 12.72 -0.89 -23.25
N TYR B 73 11.72 -0.79 -22.38
CA TYR B 73 11.95 -0.42 -20.97
C TYR B 73 12.74 -1.52 -20.27
N VAL B 74 12.79 -2.72 -20.88
CA VAL B 74 13.53 -3.83 -20.31
C VAL B 74 15.03 -3.57 -20.36
N TYR B 75 15.48 -2.93 -21.43
CA TYR B 75 16.89 -2.62 -21.61
C TYR B 75 17.31 -1.45 -20.71
N SER B 76 16.34 -0.63 -20.31
CA SER B 76 16.62 0.52 -19.46
C SER B 76 16.85 0.09 -18.01
N ARG B 77 16.67 -1.21 -17.76
CA ARG B 77 16.88 -1.77 -16.44
C ARG B 77 18.13 -2.64 -16.42
N VAL B 78 18.59 -3.03 -17.61
CA VAL B 78 19.80 -3.86 -17.76
C VAL B 78 21.05 -3.03 -17.48
N LYS B 79 20.94 -1.72 -17.64
CA LYS B 79 22.07 -0.83 -17.38
C LYS B 79 22.39 -0.76 -15.89
N ASN B 80 21.38 -1.02 -15.06
CA ASN B 80 21.56 -1.01 -13.60
C ASN B 80 22.01 -2.37 -13.10
N LEU B 81 21.22 -3.41 -13.41
CA LEU B 81 21.54 -4.76 -12.98
C LEU B 81 22.24 -5.54 -14.09
N GLU C 24 24.33 -16.26 5.60
CA GLU C 24 23.59 -15.89 6.80
C GLU C 24 24.41 -16.15 8.06
N THR C 25 25.73 -15.96 7.94
CA THR C 25 26.64 -16.17 9.05
C THR C 25 27.07 -14.85 9.67
N GLY C 26 26.29 -14.38 10.64
CA GLY C 26 26.60 -13.11 11.29
C GLY C 26 26.10 -11.92 10.50
N THR C 27 25.21 -12.17 9.53
CA THR C 27 24.66 -11.12 8.70
C THR C 27 23.21 -10.84 9.07
N LEU C 28 22.99 -9.69 9.71
CA LEU C 28 21.64 -9.28 10.12
C LEU C 28 21.08 -8.23 9.16
N ILE C 29 21.96 -7.65 8.36
CA ILE C 29 21.58 -6.61 7.40
C ILE C 29 20.66 -7.14 6.29
N VAL C 30 20.37 -8.44 6.33
CA VAL C 30 19.49 -9.07 5.34
C VAL C 30 18.04 -8.60 5.53
N ASN C 31 17.74 -8.09 6.72
CA ASN C 31 16.40 -7.61 7.04
C ASN C 31 16.03 -6.39 6.18
N SER C 32 17.05 -5.63 5.79
CA SER C 32 16.84 -4.45 4.96
C SER C 32 17.06 -4.76 3.49
N VAL C 33 17.71 -5.90 3.22
CA VAL C 33 17.98 -6.34 1.85
C VAL C 33 16.69 -6.85 1.19
N LEU C 34 15.86 -7.50 1.99
CA LEU C 34 14.58 -8.02 1.49
C LEU C 34 13.60 -6.89 1.26
N LEU C 35 13.94 -5.71 1.75
CA LEU C 35 13.11 -4.52 1.59
C LEU C 35 13.44 -3.80 0.30
N PHE C 36 14.64 -4.03 -0.22
CA PHE C 36 15.07 -3.41 -1.47
C PHE C 36 14.28 -4.01 -2.64
N LEU C 37 13.64 -5.15 -2.40
CA LEU C 37 12.83 -5.82 -3.41
C LEU C 37 11.49 -5.08 -3.56
N ALA C 38 11.03 -4.49 -2.46
CA ALA C 38 9.78 -3.74 -2.45
C ALA C 38 9.99 -2.33 -3.00
N PHE C 39 11.26 -1.93 -3.11
CA PHE C 39 11.61 -0.60 -3.62
C PHE C 39 11.59 -0.57 -5.15
N VAL C 40 11.96 -1.69 -5.77
CA VAL C 40 11.99 -1.77 -7.24
C VAL C 40 10.63 -2.17 -7.83
N VAL C 41 9.82 -2.91 -7.09
CA VAL C 41 8.49 -3.33 -7.59
C VAL C 41 7.47 -2.20 -7.50
N PHE C 42 7.59 -1.36 -6.47
CA PHE C 42 6.68 -0.23 -6.30
C PHE C 42 7.15 0.95 -7.13
N LEU C 43 8.36 0.86 -7.67
CA LEU C 43 8.94 1.90 -8.50
C LEU C 43 8.22 1.97 -9.84
N LEU C 44 7.81 0.81 -10.35
CA LEU C 44 7.11 0.74 -11.63
C LEU C 44 5.64 1.14 -11.45
N VAL C 45 5.15 1.05 -10.22
CA VAL C 45 3.77 1.39 -9.91
C VAL C 45 3.59 2.91 -9.82
N THR C 46 4.42 3.55 -9.00
CA THR C 46 4.38 5.00 -8.84
C THR C 46 4.70 5.72 -10.17
N LEU C 47 5.51 5.08 -11.03
CA LEU C 47 5.86 5.65 -12.33
C LEU C 47 4.65 5.61 -13.26
N ALA C 48 3.83 4.58 -13.06
CA ALA C 48 2.61 4.36 -13.84
C ALA C 48 1.59 5.46 -13.59
N ILE C 49 1.74 6.15 -12.46
CA ILE C 49 0.83 7.23 -12.08
C ILE C 49 1.26 8.57 -12.69
N LEU C 50 2.52 8.95 -12.48
CA LEU C 50 3.03 10.22 -13.01
C LEU C 50 3.08 10.21 -14.53
N THR C 51 3.26 9.04 -15.13
CA THR C 51 3.31 8.91 -16.57
C THR C 51 1.90 8.94 -17.16
N ALA C 52 0.91 8.59 -16.33
CA ALA C 52 -0.49 8.56 -16.76
C ALA C 52 -1.11 9.95 -16.81
N LEU C 53 -0.47 10.88 -16.11
CA LEU C 53 -0.94 12.27 -16.07
C LEU C 53 -0.05 13.17 -16.91
N ARG C 54 0.94 12.55 -17.57
CA ARG C 54 1.90 13.25 -18.43
C ARG C 54 2.72 14.27 -17.66
N LEU C 55 3.70 13.79 -16.90
CA LEU C 55 4.58 14.65 -16.12
C LEU C 55 5.88 13.93 -15.79
N ALA C 56 6.24 12.98 -16.65
CA ALA C 56 7.46 12.20 -16.48
C ALA C 56 8.69 13.04 -16.81
N ALA C 57 8.46 14.27 -17.28
CA ALA C 57 9.55 15.18 -17.63
C ALA C 57 10.21 15.75 -16.38
N TYR C 58 9.47 15.75 -15.27
CA TYR C 58 9.98 16.28 -14.01
C TYR C 58 10.50 15.15 -13.13
N ALA C 59 9.99 13.95 -13.35
CA ALA C 59 10.41 12.79 -12.57
C ALA C 59 11.67 12.16 -13.16
N ALA C 60 11.94 12.46 -14.43
CA ALA C 60 13.11 11.92 -15.10
C ALA C 60 14.39 12.26 -14.33
N ASN C 61 14.60 13.55 -14.08
CA ASN C 61 15.80 14.00 -13.37
C ASN C 61 15.94 13.34 -12.00
N ILE C 62 14.83 12.86 -11.45
CA ILE C 62 14.85 12.21 -10.14
C ILE C 62 15.54 10.84 -10.22
N VAL C 63 15.27 10.10 -11.30
CA VAL C 63 15.87 8.78 -11.50
C VAL C 63 17.36 8.92 -11.84
N ASN C 64 17.74 10.05 -12.43
CA ASN C 64 19.13 10.32 -12.80
C ASN C 64 19.83 11.11 -11.70
N VAL C 65 19.34 10.94 -10.46
CA VAL C 65 19.90 11.61 -9.29
C VAL C 65 19.62 13.11 -9.30
N SER C 66 18.69 13.53 -8.45
CA SER C 66 18.32 14.94 -8.35
C SER C 66 18.55 15.44 -6.92
N LEU C 67 19.46 14.77 -6.21
CA LEU C 67 19.78 15.12 -4.83
C LEU C 67 20.95 16.10 -4.77
N VAL C 68 20.66 17.37 -5.04
CA VAL C 68 21.67 18.43 -4.99
C VAL C 68 21.24 19.47 -3.96
N LYS C 69 19.96 19.85 -4.04
CA LYS C 69 19.39 20.84 -3.12
C LYS C 69 18.67 20.14 -1.96
N PRO C 70 17.75 19.18 -2.23
CA PRO C 70 17.02 18.46 -1.17
C PRO C 70 17.83 17.30 -0.58
N THR C 71 19.12 17.23 -0.96
CA THR C 71 20.02 16.18 -0.47
C THR C 71 20.35 16.38 1.00
N VAL C 72 20.18 17.62 1.48
CA VAL C 72 20.43 17.96 2.88
C VAL C 72 19.46 17.24 3.83
N TYR C 73 18.46 16.56 3.25
CA TYR C 73 17.48 15.81 4.02
C TYR C 73 18.14 14.63 4.73
N VAL C 74 19.36 14.29 4.31
CA VAL C 74 20.10 13.20 4.91
C VAL C 74 20.43 13.49 6.38
N TYR C 75 20.70 14.76 6.67
CA TYR C 75 21.03 15.17 8.03
C TYR C 75 19.76 15.39 8.85
N SER C 76 18.70 15.87 8.22
CA SER C 76 17.43 16.09 8.91
C SER C 76 16.86 14.77 9.48
N ARG C 77 17.45 13.65 9.07
CA ARG C 77 17.04 12.33 9.56
C ARG C 77 18.02 11.81 10.60
N VAL C 78 19.22 12.37 10.60
CA VAL C 78 20.27 12.00 11.55
C VAL C 78 19.99 12.67 12.91
N LYS C 79 19.10 13.66 12.91
CA LYS C 79 18.73 14.35 14.14
C LYS C 79 17.99 13.39 15.07
N ASN C 80 17.34 12.37 14.49
CA ASN C 80 16.64 11.38 15.29
C ASN C 80 17.53 10.18 15.57
N LEU C 81 17.98 9.52 14.52
CA LEU C 81 18.84 8.35 14.65
C LEU C 81 20.32 8.75 14.60
N GLU D 24 18.16 -11.25 10.44
CA GLU D 24 17.19 -11.45 11.54
C GLU D 24 17.76 -12.39 12.59
N THR D 25 18.42 -11.81 13.60
CA THR D 25 19.01 -12.58 14.68
C THR D 25 18.30 -12.25 15.99
N GLY D 26 17.02 -12.59 16.07
CA GLY D 26 16.24 -12.33 17.25
C GLY D 26 15.56 -10.97 17.20
N THR D 27 15.54 -10.37 16.01
CA THR D 27 14.93 -9.07 15.81
C THR D 27 13.65 -9.17 14.99
N LEU D 28 12.52 -8.85 15.61
CA LEU D 28 11.24 -8.91 14.93
C LEU D 28 10.71 -7.51 14.64
N ILE D 29 11.54 -6.50 14.91
CA ILE D 29 11.18 -5.12 14.68
C ILE D 29 11.30 -4.73 13.21
N VAL D 30 11.62 -5.71 12.36
CA VAL D 30 11.76 -5.47 10.92
C VAL D 30 10.39 -5.24 10.28
N ASN D 31 9.34 -5.72 10.95
CA ASN D 31 7.97 -5.58 10.45
C ASN D 31 7.53 -4.11 10.47
N SER D 32 8.14 -3.32 11.34
CA SER D 32 7.80 -1.90 11.44
C SER D 32 8.75 -1.07 10.59
N VAL D 33 9.96 -1.58 10.39
CA VAL D 33 10.98 -0.90 9.59
C VAL D 33 10.58 -0.87 8.11
N LEU D 34 9.91 -1.93 7.66
CA LEU D 34 9.46 -2.02 6.28
C LEU D 34 8.27 -1.11 6.01
N LEU D 35 7.53 -0.78 7.06
CA LEU D 35 6.36 0.08 6.95
C LEU D 35 6.78 1.55 6.93
N PHE D 36 8.02 1.82 7.33
CA PHE D 36 8.56 3.16 7.34
C PHE D 36 8.85 3.65 5.92
N LEU D 37 8.92 2.70 4.99
CA LEU D 37 9.16 3.00 3.59
C LEU D 37 7.90 3.64 2.98
N ALA D 38 6.74 3.17 3.41
CA ALA D 38 5.47 3.72 2.95
C ALA D 38 5.27 5.13 3.47
N PHE D 39 6.02 5.47 4.52
CA PHE D 39 5.94 6.79 5.14
C PHE D 39 6.92 7.76 4.49
N VAL D 40 7.90 7.23 3.76
CA VAL D 40 8.89 8.08 3.12
C VAL D 40 8.52 8.40 1.67
N VAL D 41 7.64 7.59 1.08
CA VAL D 41 7.22 7.82 -0.30
C VAL D 41 5.92 8.63 -0.36
N PHE D 42 5.08 8.48 0.66
CA PHE D 42 3.81 9.20 0.73
C PHE D 42 4.00 10.56 1.39
N LEU D 43 5.21 10.77 1.92
CA LEU D 43 5.57 12.01 2.58
C LEU D 43 5.81 13.09 1.53
N LEU D 44 6.31 12.69 0.36
CA LEU D 44 6.57 13.63 -0.71
C LEU D 44 5.29 13.92 -1.52
N VAL D 45 4.32 13.01 -1.40
CA VAL D 45 3.05 13.10 -2.12
C VAL D 45 2.05 14.01 -1.39
N THR D 46 1.93 13.84 -0.07
CA THR D 46 1.02 14.67 0.72
C THR D 46 1.41 16.15 0.61
N LEU D 47 2.72 16.42 0.56
CA LEU D 47 3.27 17.77 0.45
C LEU D 47 2.89 18.39 -0.89
N ALA D 48 2.78 17.55 -1.92
CA ALA D 48 2.43 18.00 -3.26
C ALA D 48 0.98 18.51 -3.34
N ILE D 49 0.18 18.20 -2.32
CA ILE D 49 -1.21 18.65 -2.28
C ILE D 49 -1.32 20.01 -1.62
N LEU D 50 -0.83 20.11 -0.39
CA LEU D 50 -0.88 21.36 0.35
C LEU D 50 -0.11 22.46 -0.38
N THR D 51 1.01 22.07 -0.99
CA THR D 51 1.85 23.02 -1.72
C THR D 51 1.19 23.42 -3.04
N ALA D 52 0.29 22.58 -3.53
CA ALA D 52 -0.40 22.85 -4.79
C ALA D 52 -1.60 23.76 -4.55
N LEU D 53 -2.11 23.78 -3.33
CA LEU D 53 -3.25 24.61 -2.97
C LEU D 53 -2.82 25.88 -2.27
N ARG D 54 -1.49 26.08 -2.17
CA ARG D 54 -0.90 27.26 -1.53
C ARG D 54 -1.27 27.36 -0.05
N LEU D 55 -0.79 26.39 0.74
CA LEU D 55 -1.05 26.38 2.18
C LEU D 55 0.10 25.68 2.90
N ALA D 56 1.27 25.75 2.28
CA ALA D 56 2.49 25.15 2.85
C ALA D 56 3.01 25.95 4.03
N ALA D 57 2.39 27.12 4.28
CA ALA D 57 2.80 27.97 5.38
C ALA D 57 2.27 27.45 6.71
N TYR D 58 1.20 26.66 6.65
CA TYR D 58 0.59 26.09 7.85
C TYR D 58 1.09 24.66 8.08
N ALA D 59 1.50 24.01 7.01
CA ALA D 59 2.01 22.64 7.10
C ALA D 59 3.48 22.61 7.47
N ALA D 60 4.16 23.74 7.26
CA ALA D 60 5.58 23.84 7.58
C ALA D 60 5.84 23.48 9.04
N ASN D 61 5.14 24.17 9.94
CA ASN D 61 5.30 23.93 11.38
C ASN D 61 5.05 22.47 11.75
N ILE D 62 4.28 21.76 10.93
CA ILE D 62 3.97 20.35 11.20
C ILE D 62 5.20 19.47 11.00
N VAL D 63 5.94 19.71 9.91
CA VAL D 63 7.14 18.93 9.60
C VAL D 63 8.28 19.28 10.57
N ASN D 64 8.27 20.51 11.06
CA ASN D 64 9.28 20.97 12.00
C ASN D 64 8.83 20.74 13.44
N VAL D 65 8.02 19.69 13.64
CA VAL D 65 7.49 19.33 14.96
C VAL D 65 6.46 20.34 15.46
N SER D 66 5.20 19.95 15.41
CA SER D 66 4.11 20.81 15.88
C SER D 66 3.29 20.09 16.94
N LEU D 67 3.88 19.04 17.50
CA LEU D 67 3.22 18.24 18.54
C LEU D 67 3.41 18.89 19.91
N VAL D 68 2.63 19.93 20.17
CA VAL D 68 2.68 20.63 21.44
C VAL D 68 1.35 20.48 22.17
N LYS D 69 0.28 20.91 21.53
CA LYS D 69 -1.06 20.81 22.10
C LYS D 69 -1.70 19.46 21.78
N PRO D 70 -1.71 19.01 20.51
CA PRO D 70 -2.27 17.71 20.13
C PRO D 70 -1.31 16.56 20.37
N THR D 71 -0.25 16.83 21.14
CA THR D 71 0.77 15.82 21.46
C THR D 71 0.22 14.79 22.45
N VAL D 72 -0.87 15.16 23.13
CA VAL D 72 -1.52 14.28 24.09
C VAL D 72 -2.22 13.12 23.40
N TYR D 73 -2.19 13.10 22.06
CA TYR D 73 -2.80 12.03 21.29
C TYR D 73 -2.06 10.71 21.53
N VAL D 74 -0.87 10.79 22.11
CA VAL D 74 -0.09 9.59 22.41
C VAL D 74 -0.76 8.77 23.52
N TYR D 75 -1.34 9.46 24.49
CA TYR D 75 -2.01 8.81 25.61
C TYR D 75 -3.38 8.27 25.18
N SER D 76 -3.93 8.84 24.11
CA SER D 76 -5.23 8.41 23.61
C SER D 76 -5.11 7.09 22.83
N ARG D 77 -3.88 6.63 22.67
CA ARG D 77 -3.61 5.38 21.98
C ARG D 77 -3.18 4.30 22.96
N VAL D 78 -2.73 4.74 24.15
CA VAL D 78 -2.30 3.82 25.19
C VAL D 78 -3.49 3.13 25.85
N LYS D 79 -4.67 3.74 25.72
CA LYS D 79 -5.90 3.18 26.30
C LYS D 79 -6.31 1.92 25.53
N ASN D 80 -5.93 1.84 24.26
CA ASN D 80 -6.24 0.68 23.43
C ASN D 80 -5.18 -0.41 23.61
N LEU D 81 -3.91 0.00 23.56
CA LEU D 81 -2.80 -0.93 23.71
C LEU D 81 -2.01 -0.66 24.98
N GLU E 24 7.36 -18.12 19.63
CA GLU E 24 7.10 -19.01 18.46
C GLU E 24 6.95 -20.45 18.93
N THR E 25 6.48 -20.67 20.16
CA THR E 25 6.31 -22.02 20.65
C THR E 25 4.89 -22.53 20.40
N GLY E 26 4.58 -22.77 19.13
CA GLY E 26 3.25 -23.26 18.78
C GLY E 26 2.25 -22.13 18.60
N THR E 27 2.76 -20.94 18.34
CA THR E 27 1.92 -19.78 18.15
C THR E 27 2.09 -19.24 16.73
N LEU E 28 1.19 -19.66 15.83
CA LEU E 28 1.22 -19.20 14.45
C LEU E 28 0.29 -18.02 14.28
N ILE E 29 -0.12 -17.42 15.39
CA ILE E 29 -1.02 -16.28 15.37
C ILE E 29 -0.27 -14.95 15.37
N VAL E 30 1.01 -15.00 15.05
CA VAL E 30 1.83 -13.79 15.01
C VAL E 30 1.76 -13.16 13.62
N ASN E 31 1.07 -13.87 12.73
CA ASN E 31 0.88 -13.46 11.36
C ASN E 31 0.10 -12.14 11.27
N SER E 32 -0.96 -12.04 12.05
CA SER E 32 -1.81 -10.85 12.05
C SER E 32 -1.28 -9.79 13.02
N VAL E 33 -0.42 -10.22 13.95
CA VAL E 33 0.17 -9.31 14.93
C VAL E 33 1.14 -8.33 14.25
N LEU E 34 1.95 -8.85 13.34
CA LEU E 34 2.90 -8.02 12.60
C LEU E 34 2.18 -7.17 11.57
N LEU E 35 0.99 -7.61 11.16
CA LEU E 35 0.19 -6.88 10.18
C LEU E 35 -0.62 -5.78 10.86
N PHE E 36 -0.72 -5.86 12.19
CA PHE E 36 -1.45 -4.85 12.96
C PHE E 36 -0.63 -3.56 13.03
N LEU E 37 0.66 -3.68 12.70
CA LEU E 37 1.57 -2.54 12.69
C LEU E 37 1.22 -1.61 11.54
N ALA E 38 0.74 -2.20 10.45
CA ALA E 38 0.35 -1.44 9.26
C ALA E 38 -0.99 -0.75 9.48
N PHE E 39 -1.71 -1.19 10.50
CA PHE E 39 -3.01 -0.62 10.84
C PHE E 39 -2.87 0.57 11.77
N VAL E 40 -1.77 0.62 12.52
CA VAL E 40 -1.54 1.70 13.45
C VAL E 40 -0.78 2.87 12.81
N VAL E 41 0.04 2.57 11.82
CA VAL E 41 0.81 3.62 11.14
C VAL E 41 -0.05 4.34 10.11
N PHE E 42 -0.94 3.59 9.45
CA PHE E 42 -1.82 4.17 8.44
C PHE E 42 -2.94 4.97 9.10
N LEU E 43 -3.07 4.82 10.41
CA LEU E 43 -4.09 5.53 11.18
C LEU E 43 -3.71 7.00 11.33
N LEU E 44 -2.42 7.29 11.29
CA LEU E 44 -1.93 8.66 11.42
C LEU E 44 -1.95 9.37 10.07
N VAL E 45 -2.07 8.60 8.99
CA VAL E 45 -2.10 9.15 7.64
C VAL E 45 -3.52 9.56 7.25
N THR E 46 -4.47 8.66 7.47
CA THR E 46 -5.87 8.91 7.16
C THR E 46 -6.44 10.08 7.99
N LEU E 47 -5.95 10.23 9.23
CA LEU E 47 -6.42 11.31 10.12
C LEU E 47 -5.98 12.67 9.59
N ALA E 48 -4.84 12.70 8.93
CA ALA E 48 -4.28 13.93 8.35
C ALA E 48 -5.16 14.45 7.22
N ILE E 49 -5.96 13.55 6.64
CA ILE E 49 -6.85 13.90 5.53
C ILE E 49 -8.17 14.48 6.04
N LEU E 50 -8.83 13.77 6.95
CA LEU E 50 -10.11 14.21 7.50
C LEU E 50 -9.95 15.47 8.36
N THR E 51 -8.76 15.66 8.91
CA THR E 51 -8.47 16.81 9.74
C THR E 51 -8.13 18.02 8.88
N ALA E 52 -7.49 17.77 7.73
CA ALA E 52 -7.10 18.84 6.80
C ALA E 52 -8.32 19.37 6.02
N LEU E 53 -9.38 18.58 6.02
CA LEU E 53 -10.61 18.96 5.31
C LEU E 53 -11.66 19.46 6.29
N ARG E 54 -11.32 19.41 7.58
CA ARG E 54 -12.20 19.86 8.67
C ARG E 54 -13.48 19.02 8.77
N LEU E 55 -13.35 17.85 9.41
CA LEU E 55 -14.49 16.96 9.60
C LEU E 55 -14.17 15.92 10.68
N ALA E 56 -13.34 16.33 11.64
CA ALA E 56 -12.94 15.47 12.74
C ALA E 56 -14.08 15.29 13.75
N ALA E 57 -15.12 16.12 13.59
CA ALA E 57 -16.29 16.06 14.46
C ALA E 57 -17.16 14.85 14.14
N TYR E 58 -17.04 14.35 12.92
CA TYR E 58 -17.82 13.19 12.49
C TYR E 58 -17.01 11.91 12.61
N ALA E 59 -15.69 12.05 12.57
CA ALA E 59 -14.80 10.90 12.68
C ALA E 59 -14.54 10.54 14.14
N ALA E 60 -14.78 11.50 15.03
CA ALA E 60 -14.57 11.29 16.45
C ALA E 60 -15.36 10.08 16.95
N ASN E 61 -16.66 10.05 16.69
CA ASN E 61 -17.51 8.95 17.14
C ASN E 61 -17.04 7.59 16.61
N ILE E 62 -16.36 7.60 15.47
CA ILE E 62 -15.85 6.37 14.87
C ILE E 62 -14.71 5.78 15.71
N VAL E 63 -13.80 6.65 16.17
CA VAL E 63 -12.68 6.21 16.98
C VAL E 63 -13.12 5.85 18.41
N ASN E 64 -14.21 6.46 18.85
CA ASN E 64 -14.75 6.21 20.18
C ASN E 64 -15.85 5.14 20.12
N VAL E 65 -15.74 4.24 19.15
CA VAL E 65 -16.70 3.15 18.96
C VAL E 65 -18.04 3.67 18.44
N SER E 66 -18.34 3.36 17.19
CA SER E 66 -19.59 3.77 16.57
C SER E 66 -20.29 2.57 15.93
N LEU E 67 -19.98 1.38 16.44
CA LEU E 67 -20.55 0.16 15.91
C LEU E 67 -21.84 -0.22 16.64
N VAL E 68 -22.93 0.44 16.26
CA VAL E 68 -24.25 0.19 16.85
C VAL E 68 -25.22 -0.26 15.75
N LYS E 69 -25.24 0.50 14.66
CA LYS E 69 -26.10 0.19 13.53
C LYS E 69 -25.36 -0.65 12.47
N PRO E 70 -24.16 -0.22 12.00
CA PRO E 70 -23.39 -0.97 11.01
C PRO E 70 -22.57 -2.11 11.64
N THR E 71 -22.92 -2.46 12.87
CA THR E 71 -22.25 -3.52 13.61
C THR E 71 -22.68 -4.89 13.11
N VAL E 72 -23.83 -4.94 12.43
CA VAL E 72 -24.36 -6.19 11.88
C VAL E 72 -23.44 -6.74 10.77
N TYR E 73 -22.40 -5.97 10.42
CA TYR E 73 -21.44 -6.39 9.41
C TYR E 73 -20.61 -7.57 9.90
N VAL E 74 -20.70 -7.84 11.21
CA VAL E 74 -19.97 -8.96 11.80
C VAL E 74 -20.51 -10.30 11.30
N TYR E 75 -21.82 -10.34 11.05
CA TYR E 75 -22.48 -11.55 10.56
C TYR E 75 -22.42 -11.70 9.05
N SER E 76 -22.22 -10.57 8.35
CA SER E 76 -22.13 -10.58 6.89
C SER E 76 -20.75 -11.05 6.44
N ARG E 77 -19.89 -11.36 7.40
CA ARG E 77 -18.54 -11.84 7.10
C ARG E 77 -18.43 -13.33 7.42
N VAL E 78 -19.27 -13.80 8.35
CA VAL E 78 -19.28 -15.20 8.76
C VAL E 78 -19.91 -16.08 7.68
N LYS E 79 -20.71 -15.47 6.82
CA LYS E 79 -21.37 -16.19 5.73
C LYS E 79 -20.34 -16.75 4.73
N ASN E 80 -19.18 -16.12 4.68
CA ASN E 80 -18.13 -16.55 3.77
C ASN E 80 -17.14 -17.47 4.47
N LEU E 81 -16.71 -17.07 5.68
CA LEU E 81 -15.77 -17.86 6.46
C LEU E 81 -16.44 -18.49 7.67
#